data_8CM9
#
_entry.id   8CM9
#
_cell.length_a   272.970
_cell.length_b   272.970
_cell.length_c   142.593
_cell.angle_alpha   90.000
_cell.angle_beta   90.000
_cell.angle_gamma   120.000
#
_symmetry.space_group_name_H-M   'P 3 2 1'
#
loop_
_entity.id
_entity.type
_entity.pdbx_description
1 polymer 'UDP-N-acetylglucosamine--peptide N-acetylglucosaminyltransferase 110 kDa subunit'
2 polymer PHE-MET-PRO-LYS-TYR-SER-ILE
3 non-polymer "URIDINE-5'-DIPHOSPHATE"
4 water water
#
loop_
_entity_poly.entity_id
_entity_poly.type
_entity_poly.pdbx_seq_one_letter_code
_entity_poly.pdbx_strand_id
1 'polypeptide(L)'
;GPAMCPTHADSLNNLANIKREQGNIEEAVRLYRKALEVFPEFAAAHSNLASVLQQQGKLQEALMHYKEAIRISPTFADAY
SNMGNTLKEMQDVQGALQCYTRAIQINPAFADAHSNLASIHKDSGNIPEAIASYRTALKLKPDFPDAYCNLAHCLQIVCD
WTDYDERMKKLVSIVADQLEKNRLPSVHPHHSMLYPLSHGFRKAIAERHGNLCLDKINVLHKPPYEHPKDLKLSDGRLRV
GYVSSDFGNHPTSHLMQSIPGMHNPDKFEVFCYALSPDDGTNFRVKVMAEANHFIDLSQIPCNGKAADRIHQDGIHILVN
MNGYTKGARNELFALRPAPIQAMWLGYPGTSGALFMDYIITDQETSPAEVAEQYSEKLAYMPHTFFIGDHANMFPHLKKK
AVIDFKSNGHIYDNRIVLNGIDLKAFLDSLPDVKIVKMKCPDGGDNADSSNTALNMPVIPMNTIAEAVIEMINRGQIQIT
INGFSISNGLATTQINNKAATGEEVPRTIIVTTRSQYGLPEDAIVYCNFNQLYKIDPSTLQMWANILKRVPNSVLWLLRF
PAVGEPNIQQYAQNMGLPQNRIIFSPVAPKEEHVRRGQLADVCLDTPLCNGHTTGMDVLWAGTPMVTMPGETLASRVAAS
QLTCLGCLELIAKNRQEYEDIAVKLGTDLEYLKKVRGKVWKQRISSPLFNTKQYTMELERLYLQMWEHYAAGNKPDHMIK
PVE
;
A,B,C,D
2 'polypeptide(L)' FMPKYSI E,F,G,H
#
# COMPACT_ATOMS: atom_id res chain seq x y z
N MET A 4 23.52 -40.66 86.56
CA MET A 4 22.20 -40.46 85.85
C MET A 4 21.58 -39.08 86.17
N CYS A 5 21.51 -38.20 85.18
CA CYS A 5 21.14 -36.76 85.32
C CYS A 5 20.51 -36.25 84.01
N PRO A 6 19.35 -35.54 84.06
CA PRO A 6 18.82 -34.88 82.86
C PRO A 6 19.59 -33.74 82.16
N THR A 7 20.35 -32.86 82.84
CA THR A 7 20.98 -31.67 82.16
C THR A 7 22.40 -32.01 81.71
N HIS A 8 23.05 -32.99 82.39
CA HIS A 8 24.21 -33.74 81.86
C HIS A 8 23.86 -34.18 80.43
N ALA A 9 22.86 -35.05 80.29
CA ALA A 9 22.40 -35.62 78.99
C ALA A 9 21.99 -34.49 78.04
N ASP A 10 21.38 -33.43 78.56
CA ASP A 10 20.88 -32.31 77.72
C ASP A 10 22.08 -31.73 76.98
N SER A 11 23.25 -31.63 77.65
CA SER A 11 24.44 -30.90 77.13
C SER A 11 25.04 -31.70 75.97
N LEU A 12 25.29 -32.99 76.20
CA LEU A 12 25.72 -33.99 75.19
C LEU A 12 24.87 -33.81 73.91
N ASN A 13 23.54 -33.80 74.04
CA ASN A 13 22.62 -33.61 72.87
C ASN A 13 23.02 -32.37 72.06
N ASN A 14 23.47 -31.29 72.69
CA ASN A 14 23.69 -29.99 71.98
C ASN A 14 25.06 -30.03 71.31
N LEU A 15 26.03 -30.60 72.01
CA LEU A 15 27.41 -30.90 71.51
C LEU A 15 27.27 -31.72 70.21
N ALA A 16 26.32 -32.66 70.19
CA ALA A 16 26.13 -33.63 69.10
C ALA A 16 25.35 -33.00 67.94
N ASN A 17 24.36 -32.17 68.23
CA ASN A 17 23.69 -31.47 67.10
C ASN A 17 24.78 -30.62 66.46
N ILE A 18 25.83 -30.32 67.22
CA ILE A 18 26.95 -29.49 66.71
C ILE A 18 27.75 -30.36 65.75
N LYS A 19 28.47 -31.35 66.28
CA LYS A 19 29.22 -32.30 65.43
C LYS A 19 28.34 -32.62 64.21
N ARG A 20 27.05 -32.92 64.44
CA ARG A 20 26.16 -33.33 63.33
C ARG A 20 26.02 -32.16 62.33
N GLU A 21 26.04 -30.92 62.82
CA GLU A 21 25.83 -29.74 61.94
C GLU A 21 27.08 -29.56 61.08
N GLN A 22 28.24 -29.51 61.73
CA GLN A 22 29.57 -29.59 61.07
C GLN A 22 29.43 -30.54 59.88
N GLY A 23 29.12 -31.80 60.15
CA GLY A 23 29.04 -32.87 59.13
C GLY A 23 29.68 -34.17 59.63
N ASN A 24 30.36 -34.17 60.79
CA ASN A 24 30.93 -35.41 61.40
C ASN A 24 29.80 -36.25 62.02
N ILE A 25 29.13 -37.06 61.20
CA ILE A 25 27.99 -37.96 61.57
C ILE A 25 28.47 -38.95 62.65
N GLU A 26 29.72 -39.41 62.57
CA GLU A 26 30.20 -40.57 63.36
C GLU A 26 30.29 -40.18 64.84
N GLU A 27 30.61 -38.91 65.13
CA GLU A 27 30.86 -38.45 66.53
C GLU A 27 29.49 -38.11 67.12
N ALA A 28 28.67 -37.37 66.35
CA ALA A 28 27.23 -37.13 66.67
C ALA A 28 26.66 -38.39 67.36
N VAL A 29 26.79 -39.56 66.73
CA VAL A 29 26.28 -40.84 67.28
C VAL A 29 26.86 -41.09 68.68
N ARG A 30 28.19 -41.02 68.86
CA ARG A 30 28.85 -41.40 70.16
C ARG A 30 28.30 -40.48 71.28
N LEU A 31 28.02 -39.20 70.95
CA LEU A 31 27.52 -38.19 71.91
C LEU A 31 26.09 -38.54 72.33
N TYR A 32 25.18 -38.45 71.36
CA TYR A 32 23.77 -38.90 71.46
C TYR A 32 23.72 -40.15 72.35
N ARG A 33 24.59 -41.14 72.11
CA ARG A 33 24.53 -42.46 72.83
C ARG A 33 24.94 -42.31 74.30
N LYS A 34 25.83 -41.34 74.61
CA LYS A 34 26.30 -41.07 75.99
C LYS A 34 25.13 -40.33 76.67
N ALA A 35 24.52 -39.36 75.97
CA ALA A 35 23.30 -38.64 76.43
C ALA A 35 22.25 -39.65 76.91
N LEU A 36 22.07 -40.75 76.20
CA LEU A 36 20.99 -41.73 76.52
C LEU A 36 21.42 -42.68 77.64
N GLU A 37 22.74 -42.85 77.90
CA GLU A 37 23.22 -43.66 79.05
C GLU A 37 22.98 -42.82 80.32
N VAL A 38 23.15 -41.51 80.16
CA VAL A 38 22.99 -40.48 81.23
C VAL A 38 21.51 -40.27 81.54
N PHE A 39 20.66 -40.06 80.52
CA PHE A 39 19.19 -39.85 80.67
C PHE A 39 18.42 -40.67 79.65
N PRO A 40 18.11 -41.95 79.93
CA PRO A 40 17.37 -42.83 79.01
C PRO A 40 16.07 -42.29 78.37
N GLU A 41 15.24 -41.59 79.17
CA GLU A 41 13.90 -41.10 78.75
C GLU A 41 14.06 -39.74 78.08
N PHE A 42 15.07 -39.56 77.22
CA PHE A 42 15.32 -38.27 76.55
C PHE A 42 14.83 -38.36 75.11
N ALA A 43 13.60 -37.91 74.87
CA ALA A 43 12.92 -38.02 73.57
C ALA A 43 13.82 -37.46 72.45
N ALA A 44 14.23 -36.20 72.57
CA ALA A 44 14.94 -35.51 71.47
C ALA A 44 16.23 -36.27 71.11
N ALA A 45 16.96 -36.81 72.08
CA ALA A 45 18.19 -37.58 71.78
C ALA A 45 17.83 -38.81 70.94
N HIS A 46 16.90 -39.63 71.42
CA HIS A 46 16.41 -40.82 70.69
C HIS A 46 16.09 -40.42 69.25
N SER A 47 15.36 -39.32 69.06
CA SER A 47 14.91 -38.88 67.72
C SER A 47 16.11 -38.51 66.86
N ASN A 48 17.12 -37.87 67.45
CA ASN A 48 18.28 -37.34 66.69
C ASN A 48 19.19 -38.51 66.34
N LEU A 49 19.47 -39.38 67.32
CA LEU A 49 20.27 -40.60 67.07
C LEU A 49 19.64 -41.37 65.90
N ALA A 50 18.30 -41.45 65.92
CA ALA A 50 17.53 -42.21 64.92
C ALA A 50 17.76 -41.57 63.54
N SER A 51 17.69 -40.25 63.51
CA SER A 51 17.82 -39.50 62.24
C SER A 51 19.17 -39.82 61.59
N VAL A 52 20.23 -39.96 62.36
CA VAL A 52 21.59 -40.09 61.76
C VAL A 52 21.86 -41.57 61.48
N LEU A 53 21.26 -42.46 62.28
CA LEU A 53 21.25 -43.92 61.98
C LEU A 53 20.57 -44.14 60.63
N GLN A 54 19.51 -43.37 60.34
CA GLN A 54 18.77 -43.48 59.06
C GLN A 54 19.68 -43.05 57.92
N GLN A 55 20.36 -41.92 58.07
CA GLN A 55 21.36 -41.44 57.08
C GLN A 55 22.43 -42.52 56.84
N GLN A 56 22.82 -43.24 57.89
CA GLN A 56 23.89 -44.27 57.81
C GLN A 56 23.32 -45.56 57.21
N GLY A 57 22.02 -45.59 56.95
CA GLY A 57 21.35 -46.77 56.37
C GLY A 57 21.16 -47.89 57.39
N LYS A 58 21.28 -47.60 58.69
CA LYS A 58 20.95 -48.56 59.79
C LYS A 58 19.47 -48.40 60.18
N LEU A 59 18.57 -48.78 59.28
CA LEU A 59 17.13 -48.47 59.36
C LEU A 59 16.51 -49.21 60.54
N GLN A 60 16.87 -50.47 60.75
CA GLN A 60 16.18 -51.31 61.77
C GLN A 60 16.46 -50.63 63.12
N GLU A 61 17.68 -50.13 63.31
CA GLU A 61 18.09 -49.54 64.60
C GLU A 61 17.45 -48.16 64.77
N ALA A 62 17.42 -47.37 63.68
CA ALA A 62 16.79 -46.04 63.70
C ALA A 62 15.34 -46.20 64.17
N LEU A 63 14.68 -47.18 63.60
CA LEU A 63 13.26 -47.44 63.84
C LEU A 63 13.04 -47.71 65.33
N MET A 64 13.95 -48.44 65.97
CA MET A 64 13.79 -48.75 67.41
C MET A 64 13.80 -47.43 68.22
N HIS A 65 14.69 -46.48 67.87
CA HIS A 65 14.88 -45.22 68.62
C HIS A 65 13.72 -44.27 68.35
N TYR A 66 13.21 -44.24 67.12
CA TYR A 66 11.99 -43.42 66.84
C TYR A 66 10.86 -43.93 67.74
N LYS A 67 10.66 -45.26 67.81
CA LYS A 67 9.59 -45.86 68.63
C LYS A 67 9.72 -45.33 70.06
N GLU A 68 10.95 -45.30 70.61
CA GLU A 68 11.23 -44.83 72.00
C GLU A 68 10.78 -43.37 72.13
N ALA A 69 11.29 -42.51 71.23
CA ALA A 69 10.99 -41.06 71.22
C ALA A 69 9.47 -40.87 71.34
N ILE A 70 8.71 -41.64 70.56
CA ILE A 70 7.23 -41.52 70.49
C ILE A 70 6.64 -41.99 71.83
N ARG A 71 7.16 -43.08 72.39
CA ARG A 71 6.66 -43.63 73.67
C ARG A 71 6.83 -42.56 74.74
N ILE A 72 7.99 -41.93 74.74
CA ILE A 72 8.37 -40.94 75.77
C ILE A 72 7.53 -39.69 75.58
N SER A 73 7.39 -39.20 74.34
CA SER A 73 6.68 -37.94 73.99
C SER A 73 5.62 -38.22 72.93
N PRO A 74 4.37 -38.56 73.31
CA PRO A 74 3.39 -38.98 72.32
C PRO A 74 2.88 -37.86 71.40
N THR A 75 3.14 -36.59 71.74
CA THR A 75 2.74 -35.45 70.87
C THR A 75 3.84 -35.08 69.88
N PHE A 76 4.89 -35.90 69.79
CA PHE A 76 6.12 -35.66 69.00
C PHE A 76 5.86 -35.99 67.53
N ALA A 77 5.10 -35.11 66.87
CA ALA A 77 4.73 -35.25 65.45
C ALA A 77 6.00 -35.48 64.60
N ASP A 78 7.08 -34.79 64.96
CA ASP A 78 8.31 -34.79 64.13
C ASP A 78 8.84 -36.22 64.09
N ALA A 79 8.82 -36.92 65.21
CA ALA A 79 9.39 -38.28 65.29
C ALA A 79 8.48 -39.24 64.50
N TYR A 80 7.17 -39.04 64.51
CA TYR A 80 6.24 -39.87 63.73
C TYR A 80 6.60 -39.70 62.24
N SER A 81 6.81 -38.45 61.82
CA SER A 81 7.11 -38.11 60.40
C SER A 81 8.40 -38.82 59.97
N ASN A 82 9.44 -38.80 60.79
CA ASN A 82 10.75 -39.38 60.37
C ASN A 82 10.72 -40.90 60.52
N MET A 83 9.98 -41.41 61.51
CA MET A 83 9.77 -42.87 61.62
C MET A 83 9.10 -43.32 60.32
N GLY A 84 8.13 -42.55 59.86
CA GLY A 84 7.45 -42.80 58.58
C GLY A 84 8.46 -42.95 57.44
N ASN A 85 9.37 -42.01 57.34
CA ASN A 85 10.39 -42.02 56.27
C ASN A 85 11.25 -43.29 56.38
N THR A 86 11.58 -43.70 57.60
CA THR A 86 12.43 -44.89 57.82
C THR A 86 11.67 -46.10 57.28
N LEU A 87 10.41 -46.23 57.66
CA LEU A 87 9.53 -47.34 57.19
C LEU A 87 9.45 -47.29 55.65
N LYS A 88 9.36 -46.11 55.06
CA LYS A 88 9.25 -45.99 53.58
C LYS A 88 10.51 -46.57 52.94
N GLU A 89 11.70 -46.18 53.42
CA GLU A 89 13.00 -46.68 52.91
C GLU A 89 13.03 -48.20 53.15
N MET A 90 12.40 -48.67 54.22
CA MET A 90 12.33 -50.12 54.53
C MET A 90 11.26 -50.83 53.68
N GLN A 91 10.55 -50.12 52.79
CA GLN A 91 9.54 -50.70 51.85
C GLN A 91 8.21 -51.01 52.56
N ASP A 92 7.99 -50.48 53.77
CA ASP A 92 6.71 -50.64 54.51
C ASP A 92 5.87 -49.36 54.28
N VAL A 93 5.41 -49.15 53.05
CA VAL A 93 4.73 -47.88 52.64
C VAL A 93 3.41 -47.80 53.43
N GLN A 94 2.75 -48.93 53.60
CA GLN A 94 1.63 -49.11 54.57
C GLN A 94 1.97 -48.44 55.91
N GLY A 95 3.07 -48.80 56.55
CA GLY A 95 3.44 -48.29 57.90
C GLY A 95 3.87 -46.85 57.86
N ALA A 96 4.52 -46.42 56.79
CA ALA A 96 4.95 -45.02 56.61
C ALA A 96 3.70 -44.15 56.61
N LEU A 97 2.73 -44.60 55.83
CA LEU A 97 1.45 -43.89 55.63
C LEU A 97 0.76 -43.69 56.97
N GLN A 98 0.81 -44.71 57.82
CA GLN A 98 0.15 -44.65 59.14
C GLN A 98 0.88 -43.62 59.99
N CYS A 99 2.19 -43.55 59.86
CA CYS A 99 3.02 -42.59 60.62
C CYS A 99 2.66 -41.16 60.20
N TYR A 100 2.69 -40.89 58.89
CA TYR A 100 2.42 -39.54 58.35
C TYR A 100 1.03 -39.10 58.80
N THR A 101 0.03 -39.98 58.63
CA THR A 101 -1.37 -39.62 58.99
C THR A 101 -1.47 -39.37 60.50
N ARG A 102 -0.75 -40.14 61.33
CA ARG A 102 -0.88 -40.00 62.81
C ARG A 102 -0.29 -38.65 63.19
N ALA A 103 0.84 -38.28 62.60
CA ALA A 103 1.50 -36.98 62.83
C ALA A 103 0.48 -35.86 62.59
N ILE A 104 -0.24 -35.98 61.48
CA ILE A 104 -1.14 -34.92 60.97
C ILE A 104 -2.35 -34.78 61.90
N GLN A 105 -2.78 -35.89 62.51
CA GLN A 105 -3.97 -35.85 63.40
C GLN A 105 -3.59 -35.15 64.70
N ILE A 106 -2.37 -35.42 65.18
CA ILE A 106 -1.85 -34.91 66.46
C ILE A 106 -1.56 -33.42 66.31
N ASN A 107 -0.99 -33.02 65.17
CA ASN A 107 -0.66 -31.61 64.89
C ASN A 107 -1.05 -31.27 63.46
N PRO A 108 -2.30 -30.80 63.27
CA PRO A 108 -2.80 -30.46 61.95
C PRO A 108 -1.96 -29.42 61.21
N ALA A 109 -1.17 -28.65 61.95
CA ALA A 109 -0.39 -27.49 61.45
C ALA A 109 1.04 -27.90 61.10
N PHE A 110 1.37 -29.19 61.18
CA PHE A 110 2.75 -29.69 61.03
C PHE A 110 3.06 -30.01 59.57
N ALA A 111 3.79 -29.14 58.89
CA ALA A 111 3.97 -29.17 57.43
C ALA A 111 4.71 -30.41 56.94
N ASP A 112 5.70 -30.92 57.66
CA ASP A 112 6.62 -31.95 57.09
C ASP A 112 5.81 -33.21 56.83
N ALA A 113 4.85 -33.53 57.68
CA ALA A 113 4.08 -34.78 57.56
C ALA A 113 3.23 -34.70 56.30
N HIS A 114 2.72 -33.51 56.00
CA HIS A 114 1.91 -33.26 54.78
C HIS A 114 2.80 -33.47 53.56
N SER A 115 4.01 -32.95 53.61
CA SER A 115 5.01 -33.10 52.51
C SER A 115 5.30 -34.58 52.31
N ASN A 116 5.51 -35.32 53.39
CA ASN A 116 5.94 -36.73 53.31
C ASN A 116 4.78 -37.57 52.80
N LEU A 117 3.56 -37.22 53.20
CA LEU A 117 2.34 -37.88 52.68
C LEU A 117 2.29 -37.64 51.17
N ALA A 118 2.63 -36.44 50.72
CA ALA A 118 2.65 -36.09 49.28
C ALA A 118 3.66 -36.98 48.54
N SER A 119 4.84 -37.21 49.11
CA SER A 119 5.91 -38.00 48.46
C SER A 119 5.41 -39.43 48.22
N ILE A 120 4.67 -40.00 49.18
CA ILE A 120 4.11 -41.37 49.02
C ILE A 120 3.17 -41.36 47.83
N HIS A 121 2.31 -40.36 47.76
CA HIS A 121 1.36 -40.21 46.64
C HIS A 121 2.15 -40.08 45.33
N LYS A 122 3.18 -39.24 45.32
CA LYS A 122 3.98 -38.96 44.11
C LYS A 122 4.60 -40.27 43.63
N ASP A 123 5.26 -40.98 44.55
CA ASP A 123 5.91 -42.29 44.27
C ASP A 123 4.88 -43.26 43.69
N SER A 124 3.62 -43.18 44.08
CA SER A 124 2.60 -44.19 43.71
C SER A 124 1.91 -43.78 42.43
N GLY A 125 2.31 -42.67 41.83
CA GLY A 125 1.69 -42.16 40.59
C GLY A 125 0.46 -41.29 40.82
N ASN A 126 0.15 -40.93 42.06
CA ASN A 126 -1.06 -40.14 42.38
C ASN A 126 -0.72 -38.65 42.34
N ILE A 127 -0.58 -38.07 41.16
CA ILE A 127 0.10 -36.75 41.09
C ILE A 127 -0.81 -35.67 41.64
N PRO A 128 -2.13 -35.66 41.34
CA PRO A 128 -3.04 -34.67 41.93
C PRO A 128 -3.07 -34.70 43.46
N GLU A 129 -3.11 -35.91 44.03
CA GLU A 129 -3.14 -36.14 45.51
C GLU A 129 -1.83 -35.60 46.11
N ALA A 130 -0.73 -35.75 45.38
CA ALA A 130 0.58 -35.24 45.79
C ALA A 130 0.57 -33.71 45.78
N ILE A 131 0.11 -33.14 44.68
CA ILE A 131 0.02 -31.66 44.50
C ILE A 131 -0.79 -31.11 45.68
N ALA A 132 -1.93 -31.70 46.00
CA ALA A 132 -2.81 -31.21 47.07
C ALA A 132 -2.00 -31.16 48.38
N SER A 133 -1.32 -32.24 48.74
CA SER A 133 -0.62 -32.32 50.04
C SER A 133 0.60 -31.40 50.02
N TYR A 134 1.31 -31.24 48.91
CA TYR A 134 2.47 -30.32 48.87
C TYR A 134 1.96 -28.89 49.10
N ARG A 135 0.79 -28.59 48.51
CA ARG A 135 0.20 -27.23 48.61
C ARG A 135 -0.14 -26.96 50.08
N THR A 136 -0.71 -27.96 50.77
CA THR A 136 -1.03 -27.86 52.21
C THR A 136 0.25 -27.58 52.98
N ALA A 137 1.32 -28.32 52.71
CA ALA A 137 2.59 -28.17 53.44
C ALA A 137 3.08 -26.73 53.27
N LEU A 138 2.92 -26.16 52.08
CA LEU A 138 3.47 -24.82 51.79
C LEU A 138 2.56 -23.71 52.37
N LYS A 139 1.24 -23.93 52.49
CA LYS A 139 0.34 -22.95 53.20
C LYS A 139 0.85 -22.94 54.65
N LEU A 140 1.16 -24.11 55.20
CA LEU A 140 1.56 -24.26 56.62
C LEU A 140 2.98 -23.77 56.83
N LYS A 141 3.84 -23.79 55.81
CA LYS A 141 5.27 -23.46 55.99
C LYS A 141 5.84 -23.00 54.66
N PRO A 142 5.71 -21.69 54.33
CA PRO A 142 5.96 -21.22 52.97
C PRO A 142 7.43 -21.27 52.56
N ASP A 143 8.36 -21.23 53.52
CA ASP A 143 9.78 -21.52 53.22
C ASP A 143 10.01 -23.00 53.52
N PHE A 144 9.90 -23.84 52.49
CA PHE A 144 9.98 -25.32 52.63
C PHE A 144 10.49 -25.91 51.32
N PRO A 145 11.80 -25.80 51.05
CA PRO A 145 12.39 -26.20 49.78
C PRO A 145 12.07 -27.62 49.28
N ASP A 146 12.10 -28.62 50.17
CA ASP A 146 11.79 -30.01 49.77
C ASP A 146 10.38 -30.03 49.15
N ALA A 147 9.40 -29.46 49.84
CA ALA A 147 8.00 -29.42 49.38
C ALA A 147 7.92 -28.60 48.08
N TYR A 148 8.61 -27.47 48.01
CA TYR A 148 8.50 -26.57 46.85
C TYR A 148 9.04 -27.29 45.61
N CYS A 149 10.19 -27.94 45.72
CA CYS A 149 10.87 -28.53 44.54
C CYS A 149 10.15 -29.82 44.10
N ASN A 150 9.59 -30.58 45.03
CA ASN A 150 8.80 -31.77 44.66
C ASN A 150 7.48 -31.32 44.03
N LEU A 151 6.85 -30.28 44.55
CA LEU A 151 5.64 -29.72 43.90
C LEU A 151 6.01 -29.30 42.48
N ALA A 152 7.19 -28.72 42.29
CA ALA A 152 7.61 -28.19 40.98
C ALA A 152 7.69 -29.33 39.98
N HIS A 153 8.23 -30.46 40.42
CA HIS A 153 8.35 -31.66 39.57
C HIS A 153 6.96 -32.23 39.32
N CYS A 154 6.07 -32.24 40.33
CA CYS A 154 4.67 -32.70 40.12
C CYS A 154 4.04 -31.83 39.03
N LEU A 155 4.21 -30.52 39.14
CA LEU A 155 3.61 -29.57 38.18
C LEU A 155 4.24 -29.81 36.81
N GLN A 156 5.55 -30.07 36.74
CA GLN A 156 6.22 -30.32 35.43
C GLN A 156 5.56 -31.52 34.78
N ILE A 157 5.27 -32.56 35.58
CA ILE A 157 4.77 -33.87 35.09
C ILE A 157 3.42 -33.69 34.43
N VAL A 158 2.56 -32.84 34.99
CA VAL A 158 1.17 -32.66 34.49
C VAL A 158 1.10 -31.42 33.60
N CYS A 159 2.23 -30.79 33.33
CA CYS A 159 2.28 -29.60 32.44
C CYS A 159 1.40 -28.48 32.98
N ASP A 160 1.39 -28.25 34.29
CA ASP A 160 0.84 -27.01 34.91
C ASP A 160 1.95 -25.97 34.89
N TRP A 161 1.86 -25.00 34.01
CA TRP A 161 2.90 -23.96 33.83
C TRP A 161 2.48 -22.64 34.47
N THR A 162 1.54 -22.66 35.42
CA THR A 162 1.21 -21.48 36.25
C THR A 162 2.50 -20.88 36.82
N ASP A 163 2.80 -19.63 36.48
CA ASP A 163 3.96 -18.86 37.00
C ASP A 163 5.27 -19.60 36.67
N TYR A 164 5.35 -20.23 35.51
CA TYR A 164 6.52 -21.06 35.11
C TYR A 164 7.81 -20.26 35.33
N ASP A 165 7.93 -19.05 34.78
CA ASP A 165 9.27 -18.39 34.73
C ASP A 165 9.67 -18.02 36.15
N GLU A 166 8.69 -17.60 36.96
CA GLU A 166 8.95 -17.19 38.35
C GLU A 166 9.40 -18.43 39.14
N ARG A 167 8.77 -19.58 38.86
CA ARG A 167 9.04 -20.87 39.53
C ARG A 167 10.46 -21.31 39.18
N MET A 168 10.82 -21.30 37.90
CA MET A 168 12.20 -21.67 37.48
C MET A 168 13.19 -20.79 38.25
N LYS A 169 12.91 -19.49 38.34
CA LYS A 169 13.80 -18.52 38.99
C LYS A 169 13.98 -18.96 40.45
N LYS A 170 12.90 -19.41 41.08
CA LYS A 170 12.95 -19.76 42.52
C LYS A 170 13.68 -21.10 42.75
N LEU A 171 13.50 -22.09 41.88
CA LEU A 171 14.27 -23.36 41.99
C LEU A 171 15.76 -23.05 41.95
N VAL A 172 16.17 -22.22 41.00
CA VAL A 172 17.60 -21.82 40.88
C VAL A 172 18.02 -21.20 42.21
N SER A 173 17.22 -20.26 42.67
CA SER A 173 17.50 -19.51 43.91
C SER A 173 17.67 -20.50 45.08
N ILE A 174 16.82 -21.52 45.16
CA ILE A 174 16.87 -22.50 46.29
C ILE A 174 18.15 -23.34 46.19
N VAL A 175 18.46 -23.84 45.00
CA VAL A 175 19.67 -24.68 44.79
C VAL A 175 20.88 -23.83 45.18
N ALA A 176 20.91 -22.56 44.78
CA ALA A 176 22.09 -21.68 44.97
C ALA A 176 22.29 -21.50 46.48
N ASP A 177 21.19 -21.23 47.17
CA ASP A 177 21.20 -21.05 48.64
C ASP A 177 21.68 -22.37 49.27
N GLN A 178 21.23 -23.52 48.78
CA GLN A 178 21.49 -24.81 49.47
C GLN A 178 22.94 -25.23 49.25
N LEU A 179 23.50 -24.91 48.08
CA LEU A 179 24.92 -25.25 47.76
C LEU A 179 25.83 -24.35 48.59
N GLU A 180 25.51 -23.05 48.73
CA GLU A 180 26.24 -22.13 49.65
C GLU A 180 26.17 -22.73 51.07
N LYS A 181 24.96 -22.95 51.59
CA LYS A 181 24.70 -23.27 53.03
C LYS A 181 25.04 -24.75 53.29
N ASN A 182 25.55 -25.49 52.29
CA ASN A 182 26.07 -26.87 52.47
C ASN A 182 25.01 -27.85 52.97
N ARG A 183 23.78 -27.76 52.45
CA ARG A 183 22.70 -28.74 52.71
C ARG A 183 22.59 -29.63 51.47
N LEU A 184 21.85 -30.74 51.59
CA LEU A 184 21.50 -31.58 50.42
C LEU A 184 20.47 -30.81 49.60
N PRO A 185 20.75 -30.49 48.32
CA PRO A 185 19.79 -29.74 47.51
C PRO A 185 18.48 -30.51 47.37
N SER A 186 17.37 -29.77 47.44
CA SER A 186 15.99 -30.25 47.26
C SER A 186 15.72 -30.62 45.80
N VAL A 187 16.50 -30.17 44.85
CA VAL A 187 16.32 -30.61 43.45
C VAL A 187 17.08 -31.92 43.29
N HIS A 188 16.39 -32.94 42.79
CA HIS A 188 16.98 -34.26 42.47
C HIS A 188 17.83 -34.14 41.21
N PRO A 189 19.00 -34.81 41.15
CA PRO A 189 19.89 -34.69 39.99
C PRO A 189 19.20 -35.06 38.67
N HIS A 190 18.35 -36.08 38.69
CA HIS A 190 17.64 -36.53 37.46
C HIS A 190 16.72 -35.42 36.96
N HIS A 191 16.13 -34.65 37.88
CA HIS A 191 15.19 -33.56 37.56
C HIS A 191 15.96 -32.32 37.10
N SER A 192 17.19 -32.14 37.56
CA SER A 192 17.95 -30.90 37.35
C SER A 192 18.11 -30.61 35.85
N MET A 193 18.09 -31.63 34.99
CA MET A 193 18.18 -31.44 33.51
C MET A 193 16.99 -30.59 33.01
N LEU A 194 15.89 -30.51 33.75
CA LEU A 194 14.63 -29.89 33.28
C LEU A 194 14.56 -28.40 33.61
N TYR A 195 15.35 -27.96 34.57
CA TYR A 195 15.28 -26.57 35.08
C TYR A 195 16.49 -25.79 34.58
N PRO A 196 16.39 -24.47 34.35
CA PRO A 196 17.52 -23.68 33.86
C PRO A 196 18.62 -23.40 34.88
N LEU A 197 19.11 -24.42 35.57
CA LEU A 197 20.29 -24.32 36.47
C LEU A 197 21.54 -24.22 35.60
N SER A 198 22.65 -23.74 36.18
CA SER A 198 23.98 -23.74 35.52
C SER A 198 24.50 -25.18 35.48
N HIS A 199 25.35 -25.47 34.50
CA HIS A 199 26.05 -26.78 34.43
C HIS A 199 26.75 -27.02 35.77
N GLY A 200 27.32 -25.97 36.36
CA GLY A 200 28.05 -26.08 37.63
C GLY A 200 27.14 -26.60 38.73
N PHE A 201 25.94 -26.04 38.81
CA PHE A 201 24.92 -26.38 39.84
C PHE A 201 24.47 -27.83 39.66
N ARG A 202 24.22 -28.23 38.42
CA ARG A 202 23.72 -29.60 38.13
C ARG A 202 24.76 -30.61 38.60
N LYS A 203 26.01 -30.35 38.23
CA LYS A 203 27.13 -31.23 38.64
C LYS A 203 27.23 -31.23 40.17
N ALA A 204 27.04 -30.08 40.82
CA ALA A 204 27.13 -29.96 42.29
C ALA A 204 25.99 -30.74 42.94
N ILE A 205 24.80 -30.71 42.34
CA ILE A 205 23.62 -31.45 42.85
C ILE A 205 23.96 -32.94 42.78
N ALA A 206 24.46 -33.38 41.65
CA ALA A 206 24.87 -34.79 41.44
C ALA A 206 25.87 -35.18 42.53
N GLU A 207 26.91 -34.37 42.70
CA GLU A 207 28.03 -34.69 43.59
C GLU A 207 27.46 -34.90 45.01
N ARG A 208 26.47 -34.10 45.40
CA ARG A 208 25.92 -34.14 46.77
C ARG A 208 25.06 -35.39 46.96
N HIS A 209 24.39 -35.85 45.90
CA HIS A 209 23.65 -37.13 45.92
C HIS A 209 24.65 -38.30 45.97
N GLY A 210 25.75 -38.23 45.22
CA GLY A 210 26.84 -39.21 45.32
C GLY A 210 27.35 -39.34 46.76
N ASN A 211 27.48 -38.23 47.47
CA ASN A 211 28.07 -38.26 48.83
C ASN A 211 27.14 -38.99 49.78
N LEU A 212 25.85 -39.09 49.50
CA LEU A 212 24.91 -39.85 50.36
C LEU A 212 25.36 -41.31 50.39
N CYS A 213 25.94 -41.81 49.30
CA CYS A 213 26.44 -43.19 49.20
C CYS A 213 27.64 -43.33 50.13
N LEU A 214 28.52 -42.34 50.15
CA LEU A 214 29.74 -42.38 50.99
C LEU A 214 29.33 -42.51 52.47
N ASP A 215 28.36 -41.74 52.96
CA ASP A 215 27.92 -41.87 54.37
C ASP A 215 27.51 -43.32 54.64
N LYS A 216 26.83 -43.98 53.69
CA LYS A 216 26.20 -45.31 53.90
C LYS A 216 27.24 -46.43 53.81
N ILE A 217 28.37 -46.19 53.12
CA ILE A 217 29.45 -47.24 53.01
C ILE A 217 30.55 -47.00 54.05
N ASN A 218 30.66 -45.80 54.62
CA ASN A 218 31.72 -45.51 55.62
C ASN A 218 31.43 -46.31 56.89
N VAL A 219 30.17 -46.56 57.19
CA VAL A 219 29.75 -47.37 58.36
C VAL A 219 30.26 -48.82 58.21
N LEU A 220 30.56 -49.27 57.00
CA LEU A 220 31.01 -50.68 56.77
C LEU A 220 32.50 -50.79 57.07
N HIS A 221 33.21 -49.67 57.02
CA HIS A 221 34.65 -49.57 57.41
C HIS A 221 35.44 -50.59 56.56
N LYS A 222 35.21 -50.65 55.27
CA LYS A 222 35.96 -51.60 54.42
C LYS A 222 37.19 -50.90 53.87
N PRO A 223 38.32 -51.64 53.74
CA PRO A 223 39.51 -51.09 53.11
C PRO A 223 39.35 -51.05 51.59
N PRO A 224 40.25 -50.35 50.89
CA PRO A 224 40.38 -50.48 49.44
C PRO A 224 40.54 -51.93 49.00
N TYR A 225 40.00 -52.25 47.83
CA TYR A 225 40.15 -53.57 47.17
C TYR A 225 41.45 -53.55 46.35
N GLU A 226 42.15 -54.67 46.29
CA GLU A 226 43.29 -54.87 45.35
C GLU A 226 42.71 -55.13 43.96
N HIS A 227 42.95 -54.26 42.98
CA HIS A 227 42.42 -54.49 41.61
C HIS A 227 43.40 -55.28 40.75
N PRO A 228 42.92 -56.05 39.78
CA PRO A 228 43.80 -56.65 38.78
C PRO A 228 44.66 -55.61 38.07
N LYS A 229 45.92 -55.98 37.78
CA LYS A 229 46.90 -55.08 37.10
C LYS A 229 47.14 -55.61 35.67
N ASP A 230 46.61 -56.78 35.36
CA ASP A 230 46.87 -57.48 34.06
C ASP A 230 45.61 -58.28 33.68
N LEU A 231 45.65 -59.04 32.59
CA LEU A 231 44.51 -59.93 32.23
C LEU A 231 44.88 -61.40 32.44
N LYS A 232 45.86 -61.72 33.28
CA LYS A 232 46.44 -63.09 33.27
C LYS A 232 45.48 -64.06 33.95
N LEU A 233 44.83 -63.69 35.06
CA LEU A 233 43.95 -64.68 35.78
C LEU A 233 42.66 -64.93 34.98
N SER A 234 42.35 -64.10 34.00
CA SER A 234 41.11 -64.14 33.17
C SER A 234 41.46 -64.51 31.73
N ASP A 235 42.65 -65.04 31.50
CA ASP A 235 42.98 -65.76 30.25
C ASP A 235 42.95 -64.76 29.07
N GLY A 236 43.45 -63.55 29.29
CA GLY A 236 43.54 -62.50 28.25
C GLY A 236 42.19 -61.86 27.98
N ARG A 237 41.19 -62.22 28.78
CA ARG A 237 39.82 -61.69 28.63
C ARG A 237 39.65 -60.52 29.58
N LEU A 238 39.09 -59.42 29.06
CA LEU A 238 38.68 -58.27 29.89
C LEU A 238 37.33 -58.60 30.51
N ARG A 239 37.22 -58.41 31.81
CA ARG A 239 36.01 -58.77 32.58
C ARG A 239 35.14 -57.53 32.74
N VAL A 240 33.99 -57.55 32.09
CA VAL A 240 33.07 -56.38 32.10
C VAL A 240 31.84 -56.73 32.92
N GLY A 241 31.54 -55.87 33.87
CA GLY A 241 30.42 -56.02 34.82
C GLY A 241 29.36 -54.97 34.53
N TYR A 242 28.22 -55.40 33.98
CA TYR A 242 27.05 -54.53 33.73
C TYR A 242 26.15 -54.57 34.96
N VAL A 243 25.97 -53.43 35.63
CA VAL A 243 25.14 -53.36 36.86
C VAL A 243 23.86 -52.56 36.59
N SER A 244 22.70 -53.24 36.69
CA SER A 244 21.38 -52.62 36.42
C SER A 244 20.30 -53.17 37.33
N SER A 245 19.40 -52.28 37.72
CA SER A 245 18.09 -52.65 38.33
C SER A 245 17.08 -53.00 37.24
N ASP A 246 17.49 -53.04 35.96
CA ASP A 246 16.54 -52.98 34.83
C ASP A 246 16.79 -54.14 33.87
N PHE A 247 17.38 -55.24 34.33
CA PHE A 247 17.40 -56.47 33.52
C PHE A 247 16.02 -57.09 33.68
N GLY A 248 15.13 -56.69 32.80
CA GLY A 248 13.70 -57.03 32.90
C GLY A 248 12.90 -56.20 31.93
N ASN A 249 11.60 -56.10 32.12
CA ASN A 249 10.75 -55.31 31.20
C ASN A 249 10.90 -53.84 31.58
N HIS A 250 11.97 -53.22 31.12
CA HIS A 250 12.27 -51.80 31.36
C HIS A 250 12.98 -51.26 30.14
N PRO A 251 12.81 -49.97 29.78
CA PRO A 251 13.47 -49.38 28.61
C PRO A 251 14.93 -49.78 28.40
N THR A 252 15.72 -49.69 29.45
CA THR A 252 17.15 -50.07 29.41
C THR A 252 17.32 -51.43 28.70
N SER A 253 16.52 -52.41 29.08
CA SER A 253 16.63 -53.78 28.48
C SER A 253 16.15 -53.73 27.02
N HIS A 254 15.16 -52.89 26.71
CA HIS A 254 14.64 -52.73 25.33
C HIS A 254 15.69 -52.07 24.43
N LEU A 255 16.71 -51.46 25.03
CA LEU A 255 17.84 -50.83 24.33
C LEU A 255 18.98 -51.82 24.13
N MET A 256 19.36 -52.57 25.19
CA MET A 256 20.69 -53.23 25.18
C MET A 256 20.61 -54.73 25.50
N GLN A 257 19.45 -55.36 25.48
CA GLN A 257 19.35 -56.82 25.83
C GLN A 257 20.19 -57.69 24.91
N SER A 258 20.48 -57.25 23.68
CA SER A 258 21.24 -58.10 22.73
C SER A 258 22.75 -58.00 22.99
N ILE A 259 23.19 -56.98 23.70
CA ILE A 259 24.63 -56.61 23.73
C ILE A 259 25.45 -57.65 24.51
N PRO A 260 25.12 -58.02 25.75
CA PRO A 260 25.88 -59.04 26.45
C PRO A 260 26.19 -60.26 25.57
N GLY A 261 25.20 -60.68 24.80
CA GLY A 261 25.30 -61.90 23.97
C GLY A 261 26.20 -61.68 22.77
N MET A 262 26.46 -60.44 22.43
CA MET A 262 27.19 -60.11 21.18
C MET A 262 28.66 -59.84 21.49
N HIS A 263 29.02 -59.84 22.77
CA HIS A 263 30.43 -59.67 23.18
C HIS A 263 31.24 -60.87 22.67
N ASN A 264 32.50 -60.61 22.32
CA ASN A 264 33.41 -61.64 21.75
C ASN A 264 34.10 -62.39 22.88
N PRO A 265 33.83 -63.69 23.04
CA PRO A 265 34.37 -64.47 24.16
C PRO A 265 35.90 -64.65 24.16
N ASP A 266 36.54 -64.41 23.02
CA ASP A 266 38.01 -64.52 22.95
C ASP A 266 38.64 -63.42 23.81
N LYS A 267 38.06 -62.22 23.84
CA LYS A 267 38.66 -61.03 24.48
C LYS A 267 37.84 -60.50 25.65
N PHE A 268 36.59 -60.93 25.80
CA PHE A 268 35.70 -60.38 26.85
C PHE A 268 35.02 -61.48 27.64
N GLU A 269 34.81 -61.22 28.93
CA GLU A 269 34.04 -62.10 29.83
C GLU A 269 33.03 -61.20 30.52
N VAL A 270 31.75 -61.45 30.27
CA VAL A 270 30.63 -60.54 30.59
C VAL A 270 29.90 -61.01 31.84
N PHE A 271 29.80 -60.12 32.81
CA PHE A 271 29.08 -60.38 34.08
C PHE A 271 27.90 -59.42 34.11
N CYS A 272 26.67 -59.92 34.21
CA CYS A 272 25.51 -59.06 34.49
C CYS A 272 25.14 -59.18 35.96
N TYR A 273 25.23 -58.05 36.66
CA TYR A 273 24.88 -57.92 38.08
C TYR A 273 23.51 -57.25 38.15
N ALA A 274 22.49 -58.02 38.44
CA ALA A 274 21.09 -57.53 38.53
C ALA A 274 20.80 -57.03 39.93
N LEU A 275 20.20 -55.84 40.04
CA LEU A 275 19.82 -55.25 41.34
C LEU A 275 18.35 -55.50 41.63
N SER A 276 17.66 -56.18 40.73
CA SER A 276 16.20 -56.46 40.74
C SER A 276 15.97 -57.95 40.72
N PRO A 277 14.92 -58.47 41.37
CA PRO A 277 14.55 -59.87 41.22
C PRO A 277 13.98 -60.15 39.84
N ASP A 278 13.99 -61.42 39.43
CA ASP A 278 13.51 -61.88 38.11
C ASP A 278 12.03 -61.55 37.98
N ASP A 279 11.67 -60.68 37.01
CA ASP A 279 10.27 -60.23 36.82
C ASP A 279 9.52 -61.18 35.91
N GLY A 280 10.18 -62.28 35.50
CA GLY A 280 9.53 -63.34 34.71
C GLY A 280 9.54 -63.06 33.22
N THR A 281 9.96 -61.88 32.78
CA THR A 281 9.89 -61.51 31.35
C THR A 281 11.08 -62.08 30.57
N ASN A 282 10.92 -62.13 29.27
CA ASN A 282 11.92 -62.72 28.34
C ASN A 282 13.18 -61.86 28.33
N PHE A 283 13.04 -60.56 28.59
CA PHE A 283 14.19 -59.63 28.66
C PHE A 283 15.18 -60.20 29.68
N ARG A 284 14.66 -60.61 30.83
CA ARG A 284 15.51 -61.14 31.92
C ARG A 284 16.06 -62.50 31.49
N VAL A 285 15.22 -63.31 30.88
CA VAL A 285 15.61 -64.65 30.39
C VAL A 285 16.81 -64.52 29.45
N LYS A 286 16.78 -63.55 28.55
CA LYS A 286 17.78 -63.42 27.48
C LYS A 286 19.10 -62.98 28.08
N VAL A 287 19.07 -61.96 28.93
CA VAL A 287 20.33 -61.47 29.52
C VAL A 287 20.92 -62.61 30.34
N MET A 288 20.08 -63.34 31.09
CA MET A 288 20.53 -64.47 31.94
C MET A 288 21.15 -65.53 31.05
N ALA A 289 20.52 -65.78 29.92
CA ALA A 289 20.92 -66.88 29.02
C ALA A 289 22.22 -66.54 28.31
N GLU A 290 22.49 -65.27 28.00
CA GLU A 290 23.52 -64.88 27.00
C GLU A 290 24.76 -64.28 27.66
N ALA A 291 24.62 -63.64 28.82
CA ALA A 291 25.79 -63.21 29.60
C ALA A 291 26.60 -64.45 29.98
N ASN A 292 27.93 -64.32 29.99
CA ASN A 292 28.84 -65.37 30.49
C ASN A 292 28.46 -65.69 31.94
N HIS A 293 28.04 -64.70 32.72
CA HIS A 293 27.69 -64.87 34.15
C HIS A 293 26.57 -63.90 34.50
N PHE A 294 25.60 -64.38 35.25
CA PHE A 294 24.49 -63.55 35.73
C PHE A 294 24.40 -63.71 37.23
N ILE A 295 24.45 -62.60 37.94
CA ILE A 295 24.48 -62.59 39.43
C ILE A 295 23.32 -61.73 39.89
N ASP A 296 22.43 -62.32 40.67
CA ASP A 296 21.27 -61.61 41.22
C ASP A 296 21.70 -60.92 42.51
N LEU A 297 22.08 -59.65 42.45
CA LEU A 297 22.49 -58.94 43.69
C LEU A 297 21.26 -58.56 44.51
N SER A 298 20.04 -58.72 44.00
CA SER A 298 18.85 -58.43 44.83
C SER A 298 18.85 -59.36 46.04
N GLN A 299 19.50 -60.52 45.92
CA GLN A 299 19.59 -61.56 47.00
C GLN A 299 20.70 -61.20 47.98
N ILE A 300 21.46 -60.13 47.72
CA ILE A 300 22.62 -59.71 48.55
C ILE A 300 22.39 -58.26 48.89
N PRO A 301 21.44 -57.95 49.78
CA PRO A 301 21.11 -56.55 50.09
C PRO A 301 22.26 -55.75 50.71
N CYS A 302 23.20 -56.40 51.42
CA CYS A 302 24.38 -55.70 52.00
C CYS A 302 25.31 -55.21 50.87
N ASN A 303 25.52 -53.90 50.76
CA ASN A 303 26.45 -53.36 49.75
C ASN A 303 27.87 -53.87 49.97
N GLY A 304 28.24 -54.15 51.22
CA GLY A 304 29.55 -54.73 51.53
C GLY A 304 29.72 -56.05 50.80
N LYS A 305 28.79 -56.96 51.03
CA LYS A 305 28.89 -58.35 50.53
C LYS A 305 28.74 -58.33 49.01
N ALA A 306 27.97 -57.40 48.47
CA ALA A 306 27.72 -57.33 47.01
C ALA A 306 28.97 -56.81 46.32
N ALA A 307 29.55 -55.74 46.85
CA ALA A 307 30.83 -55.20 46.35
C ALA A 307 31.88 -56.30 46.43
N ASP A 308 31.90 -57.04 47.53
CA ASP A 308 32.86 -58.16 47.69
C ASP A 308 32.68 -59.13 46.53
N ARG A 309 31.43 -59.45 46.22
CA ARG A 309 31.08 -60.45 45.18
C ARG A 309 31.59 -59.97 43.82
N ILE A 310 31.39 -58.69 43.53
CA ILE A 310 31.90 -58.08 42.28
C ILE A 310 33.41 -58.28 42.26
N HIS A 311 34.06 -57.93 43.35
CA HIS A 311 35.54 -57.94 43.44
C HIS A 311 36.07 -59.36 43.25
N GLN A 312 35.40 -60.36 43.85
CA GLN A 312 35.83 -61.77 43.74
C GLN A 312 35.73 -62.22 42.29
N ASP A 313 34.74 -61.73 41.54
CA ASP A 313 34.52 -62.15 40.13
C ASP A 313 35.67 -61.59 39.28
N GLY A 314 36.42 -60.58 39.78
CA GLY A 314 37.69 -60.10 39.18
C GLY A 314 37.47 -59.07 38.08
N ILE A 315 36.46 -58.21 38.26
CA ILE A 315 35.98 -57.25 37.24
C ILE A 315 37.05 -56.19 37.00
N HIS A 316 37.35 -55.94 35.74
CA HIS A 316 38.23 -54.86 35.25
C HIS A 316 37.42 -53.58 35.04
N ILE A 317 36.32 -53.67 34.32
CA ILE A 317 35.45 -52.48 34.07
C ILE A 317 34.04 -52.76 34.60
N LEU A 318 33.59 -51.94 35.54
CA LEU A 318 32.23 -52.03 36.12
C LEU A 318 31.43 -50.86 35.55
N VAL A 319 30.25 -51.17 35.03
CA VAL A 319 29.46 -50.24 34.20
C VAL A 319 28.16 -49.92 34.93
N ASN A 320 27.95 -48.64 35.21
CA ASN A 320 26.83 -48.13 36.03
C ASN A 320 25.72 -47.75 35.07
N MET A 321 24.67 -48.55 35.03
CA MET A 321 23.57 -48.36 34.07
C MET A 321 22.41 -47.63 34.74
N ASN A 322 22.54 -47.17 35.98
CA ASN A 322 21.38 -46.55 36.69
C ASN A 322 21.60 -45.09 37.00
N GLY A 323 22.82 -44.69 37.38
CA GLY A 323 23.04 -43.35 37.93
C GLY A 323 21.99 -43.06 38.99
N TYR A 324 21.30 -41.93 38.91
CA TYR A 324 20.36 -41.52 39.98
C TYR A 324 18.95 -41.86 39.50
N THR A 325 18.68 -43.14 39.28
CA THR A 325 17.33 -43.63 38.91
C THR A 325 16.84 -44.58 39.99
N LYS A 326 15.54 -44.86 40.00
CA LYS A 326 14.91 -45.86 40.90
C LYS A 326 15.73 -47.15 40.74
N GLY A 327 16.13 -47.75 41.86
CA GLY A 327 16.69 -49.11 41.88
C GLY A 327 18.20 -49.12 41.97
N ALA A 328 18.84 -47.98 41.69
CA ALA A 328 20.30 -47.77 41.81
C ALA A 328 20.81 -48.29 43.14
N ARG A 329 22.05 -48.78 43.11
CA ARG A 329 22.83 -49.06 44.33
C ARG A 329 24.24 -48.52 44.06
N ASN A 330 24.38 -47.20 44.11
CA ASN A 330 25.66 -46.55 43.74
C ASN A 330 26.66 -46.78 44.86
N GLU A 331 26.18 -47.14 46.05
CA GLU A 331 27.03 -47.61 47.16
C GLU A 331 28.04 -48.63 46.59
N LEU A 332 27.58 -49.53 45.70
CA LEU A 332 28.43 -50.59 45.08
C LEU A 332 29.63 -49.92 44.41
N PHE A 333 29.39 -48.85 43.69
CA PHE A 333 30.42 -48.15 42.91
C PHE A 333 31.31 -47.31 43.83
N ALA A 334 30.73 -46.73 44.88
CA ALA A 334 31.48 -45.91 45.85
C ALA A 334 32.53 -46.76 46.56
N LEU A 335 32.29 -48.07 46.68
CA LEU A 335 33.23 -49.01 47.33
C LEU A 335 34.38 -49.36 46.37
N ARG A 336 34.33 -48.89 45.12
CA ARG A 336 35.39 -49.11 44.11
C ARG A 336 35.88 -50.56 44.10
N PRO A 337 35.01 -51.56 43.79
CA PRO A 337 35.45 -52.95 43.65
C PRO A 337 36.19 -53.21 42.33
N ALA A 338 36.07 -52.27 41.39
CA ALA A 338 36.77 -52.39 40.10
C ALA A 338 37.68 -51.19 39.91
N PRO A 339 38.75 -51.38 39.13
CA PRO A 339 39.71 -50.31 38.86
C PRO A 339 39.24 -49.24 37.86
N ILE A 340 38.28 -49.60 37.01
CA ILE A 340 37.66 -48.68 36.01
C ILE A 340 36.14 -48.76 36.17
N GLN A 341 35.47 -47.63 36.34
CA GLN A 341 34.02 -47.59 36.62
C GLN A 341 33.39 -46.52 35.73
N ALA A 342 32.47 -46.93 34.85
CA ALA A 342 31.96 -46.11 33.73
C ALA A 342 30.46 -45.98 33.83
N MET A 343 29.95 -44.77 33.60
CA MET A 343 28.52 -44.50 33.39
C MET A 343 28.17 -44.88 31.95
N TRP A 344 27.04 -45.57 31.75
CA TRP A 344 26.56 -45.96 30.40
C TRP A 344 25.03 -46.07 30.29
N LEU A 345 24.47 -45.34 29.33
CA LEU A 345 23.19 -45.58 28.66
C LEU A 345 21.96 -45.24 29.53
N GLY A 346 21.89 -45.72 30.76
CA GLY A 346 20.65 -45.66 31.56
C GLY A 346 20.39 -44.29 32.17
N TYR A 347 21.44 -43.51 32.49
CA TYR A 347 21.29 -42.19 33.15
C TYR A 347 21.88 -41.10 32.26
N PRO A 348 21.07 -40.12 31.84
CA PRO A 348 21.51 -39.07 30.92
C PRO A 348 22.07 -37.83 31.66
N GLY A 349 23.09 -38.06 32.48
CA GLY A 349 23.75 -37.00 33.23
C GLY A 349 25.00 -37.49 33.93
N THR A 350 25.65 -36.59 34.64
CA THR A 350 26.86 -36.94 35.40
C THR A 350 26.44 -37.48 36.76
N SER A 351 27.24 -38.43 37.27
CA SER A 351 27.21 -38.89 38.67
C SER A 351 27.69 -37.76 39.57
N GLY A 352 28.58 -36.92 39.05
CA GLY A 352 29.22 -35.84 39.82
C GLY A 352 30.20 -36.39 40.84
N ALA A 353 30.47 -37.68 40.79
CA ALA A 353 31.06 -38.41 41.93
C ALA A 353 32.49 -38.84 41.59
N LEU A 354 33.36 -38.79 42.60
CA LEU A 354 34.78 -39.18 42.49
C LEU A 354 34.89 -40.66 42.13
N PHE A 355 33.90 -41.49 42.50
CA PHE A 355 33.97 -42.97 42.36
C PHE A 355 33.61 -43.40 40.93
N MET A 356 33.28 -42.47 40.04
CA MET A 356 33.02 -42.79 38.63
C MET A 356 34.16 -42.24 37.78
N ASP A 357 34.77 -43.06 36.94
CA ASP A 357 35.96 -42.66 36.15
C ASP A 357 35.54 -42.06 34.82
N TYR A 358 34.69 -42.76 34.06
CA TYR A 358 34.33 -42.35 32.69
C TYR A 358 32.81 -42.24 32.53
N ILE A 359 32.36 -41.43 31.58
CA ILE A 359 30.98 -41.51 31.03
C ILE A 359 31.06 -41.88 29.54
N ILE A 360 30.34 -42.91 29.15
CA ILE A 360 30.34 -43.36 27.73
C ILE A 360 29.30 -42.52 27.01
N THR A 361 29.77 -41.73 26.04
CA THR A 361 28.92 -40.80 25.27
C THR A 361 29.54 -40.67 23.88
N ASP A 362 29.41 -39.53 23.23
CA ASP A 362 29.92 -39.33 21.85
C ASP A 362 30.10 -37.83 21.60
N GLN A 363 30.79 -37.49 20.52
CA GLN A 363 31.15 -36.09 20.22
C GLN A 363 29.91 -35.21 20.02
N GLU A 364 28.85 -35.76 19.43
CA GLU A 364 27.61 -34.98 19.17
C GLU A 364 26.84 -34.74 20.47
N THR A 365 26.77 -35.74 21.31
CA THR A 365 26.00 -35.65 22.57
C THR A 365 26.74 -34.79 23.56
N SER A 366 28.04 -35.02 23.70
CA SER A 366 28.85 -34.41 24.78
C SER A 366 30.10 -33.79 24.17
N PRO A 367 29.99 -32.69 23.40
CA PRO A 367 31.17 -32.08 22.79
C PRO A 367 32.08 -31.49 23.85
N ALA A 368 33.36 -31.33 23.49
CA ALA A 368 34.43 -30.97 24.45
C ALA A 368 34.12 -29.59 25.03
N GLU A 369 33.47 -28.71 24.26
CA GLU A 369 33.14 -27.33 24.73
C GLU A 369 32.28 -27.41 26.00
N VAL A 370 31.52 -28.50 26.23
CA VAL A 370 30.61 -28.55 27.42
C VAL A 370 31.05 -29.64 28.40
N ALA A 371 32.27 -30.17 28.29
CA ALA A 371 32.87 -31.18 29.21
C ALA A 371 32.75 -30.75 30.68
N GLU A 372 32.73 -29.46 30.99
CA GLU A 372 32.76 -29.01 32.42
C GLU A 372 31.48 -29.50 33.13
N GLN A 373 30.43 -29.93 32.42
CA GLN A 373 29.16 -30.36 33.09
C GLN A 373 29.33 -31.76 33.65
N TYR A 374 30.30 -32.53 33.17
CA TYR A 374 30.53 -33.93 33.64
C TYR A 374 31.71 -33.93 34.61
N SER A 375 31.61 -34.66 35.71
CA SER A 375 32.73 -34.98 36.62
C SER A 375 33.60 -36.09 36.02
N GLU A 376 33.04 -36.92 35.16
CA GLU A 376 33.75 -38.09 34.58
C GLU A 376 34.59 -37.59 33.41
N LYS A 377 35.51 -38.43 32.95
CA LYS A 377 36.18 -38.19 31.65
C LYS A 377 35.23 -38.68 30.57
N LEU A 378 35.21 -38.01 29.44
CA LEU A 378 34.42 -38.45 28.27
C LEU A 378 35.06 -39.71 27.69
N ALA A 379 34.27 -40.71 27.36
CA ALA A 379 34.71 -41.84 26.54
C ALA A 379 33.79 -41.89 25.33
N TYR A 380 34.31 -41.52 24.16
CA TYR A 380 33.49 -41.35 22.95
C TYR A 380 33.34 -42.70 22.26
N MET A 381 32.09 -43.07 21.97
CA MET A 381 31.78 -44.03 20.90
C MET A 381 31.82 -43.27 19.58
N PRO A 382 32.10 -43.99 18.47
CA PRO A 382 32.36 -43.37 17.18
C PRO A 382 31.18 -42.60 16.57
N HIS A 383 29.96 -43.04 16.82
CA HIS A 383 28.75 -42.47 16.17
C HIS A 383 27.86 -41.88 17.25
N THR A 384 26.96 -42.69 17.81
CA THR A 384 26.20 -42.30 19.01
C THR A 384 26.39 -43.38 20.08
N PHE A 385 26.31 -42.95 21.34
CA PHE A 385 26.37 -43.88 22.49
C PHE A 385 25.04 -44.58 22.54
N PHE A 386 24.02 -43.99 21.92
CA PHE A 386 22.65 -44.53 22.01
C PHE A 386 22.57 -45.78 21.12
N ILE A 387 21.70 -46.69 21.53
CA ILE A 387 21.47 -47.98 20.85
C ILE A 387 20.06 -48.42 21.22
N GLY A 388 19.46 -49.26 20.38
CA GLY A 388 18.15 -49.88 20.65
C GLY A 388 18.11 -51.26 20.08
N ASP A 389 17.24 -52.12 20.61
CA ASP A 389 17.18 -53.54 20.16
C ASP A 389 16.07 -53.70 19.11
N HIS A 390 15.70 -52.64 18.40
CA HIS A 390 14.47 -52.60 17.59
C HIS A 390 14.57 -53.62 16.45
N ALA A 391 15.78 -53.82 15.93
CA ALA A 391 15.99 -54.76 14.80
C ALA A 391 15.61 -56.18 15.26
N ASN A 392 15.81 -56.47 16.54
CA ASN A 392 15.55 -57.82 17.08
C ASN A 392 14.12 -57.92 17.62
N MET A 393 13.64 -56.89 18.30
CA MET A 393 12.35 -56.92 19.04
C MET A 393 11.20 -56.80 18.02
N PHE A 394 11.40 -55.98 16.99
CA PHE A 394 10.33 -55.53 16.08
C PHE A 394 10.72 -55.69 14.61
N PRO A 395 11.22 -56.86 14.18
CA PRO A 395 11.61 -57.05 12.79
C PRO A 395 10.40 -57.01 11.85
N HIS A 396 9.20 -57.13 12.39
CA HIS A 396 7.96 -57.10 11.57
C HIS A 396 7.76 -55.70 10.99
N LEU A 397 8.47 -54.71 11.51
CA LEU A 397 8.37 -53.32 11.00
C LEU A 397 9.53 -53.01 10.05
N LYS A 398 10.36 -53.99 9.66
CA LYS A 398 11.42 -53.77 8.63
C LYS A 398 10.71 -53.44 7.32
N LYS A 399 9.48 -53.91 7.11
CA LYS A 399 8.73 -53.67 5.85
C LYS A 399 7.26 -53.38 6.12
N LYS A 400 6.69 -52.48 5.33
CA LYS A 400 5.24 -52.19 5.38
C LYS A 400 4.61 -52.45 4.03
N ALA A 401 3.29 -52.49 4.04
CA ALA A 401 2.42 -52.38 2.85
C ALA A 401 1.26 -51.47 3.22
N VAL A 402 0.58 -50.90 2.24
CA VAL A 402 -0.60 -50.04 2.54
C VAL A 402 -1.78 -50.51 1.71
N ILE A 403 -2.93 -49.95 2.04
CA ILE A 403 -4.19 -50.09 1.27
C ILE A 403 -4.49 -48.71 0.67
N ASP A 404 -4.79 -48.68 -0.62
CA ASP A 404 -5.26 -47.48 -1.36
C ASP A 404 -6.79 -47.47 -1.33
N PHE A 405 -7.37 -46.54 -0.59
CA PHE A 405 -8.82 -46.55 -0.23
C PHE A 405 -9.49 -45.30 -0.81
N LYS A 406 -8.72 -44.20 -0.92
CA LYS A 406 -9.06 -42.99 -1.72
C LYS A 406 -9.31 -43.48 -3.17
N SER A 407 -8.65 -44.56 -3.59
CA SER A 407 -8.68 -45.09 -4.98
C SER A 407 -8.15 -44.02 -5.95
N ASN A 408 -9.04 -43.35 -6.69
CA ASN A 408 -8.70 -42.16 -7.53
C ASN A 408 -8.40 -41.00 -6.58
N GLY A 409 -7.14 -40.92 -6.13
CA GLY A 409 -6.64 -39.94 -5.14
C GLY A 409 -5.17 -40.21 -4.88
N HIS A 410 -4.76 -40.24 -3.60
CA HIS A 410 -3.33 -40.35 -3.22
C HIS A 410 -3.01 -41.80 -2.79
N ILE A 411 -1.77 -42.24 -3.06
CA ILE A 411 -1.17 -43.48 -2.45
C ILE A 411 -0.30 -43.05 -1.27
N TYR A 412 -0.91 -42.95 -0.10
CA TYR A 412 -0.29 -42.55 1.17
C TYR A 412 0.47 -43.73 1.79
N ASP A 413 1.55 -43.45 2.51
CA ASP A 413 2.40 -44.48 3.17
C ASP A 413 2.02 -44.66 4.64
N ASN A 414 0.97 -44.01 5.12
CA ASN A 414 0.76 -43.92 6.58
C ASN A 414 -0.70 -43.67 6.94
N ARG A 415 -1.67 -44.13 6.15
CA ARG A 415 -3.07 -43.98 6.60
C ARG A 415 -3.62 -45.35 6.96
N ILE A 416 -3.26 -46.35 6.18
CA ILE A 416 -3.60 -47.78 6.46
C ILE A 416 -2.36 -48.60 6.19
N VAL A 417 -1.84 -49.24 7.23
CA VAL A 417 -0.53 -49.93 7.15
C VAL A 417 -0.68 -51.38 7.58
N LEU A 418 -0.02 -52.26 6.83
CA LEU A 418 0.12 -53.68 7.17
C LEU A 418 1.60 -53.93 7.50
N ASN A 419 1.83 -54.69 8.56
CA ASN A 419 3.18 -55.22 8.89
C ASN A 419 3.01 -56.68 9.28
N GLY A 420 4.06 -57.45 9.01
CA GLY A 420 4.01 -58.88 9.33
C GLY A 420 5.23 -59.60 8.80
N ILE A 421 5.69 -60.53 9.61
CA ILE A 421 6.77 -61.46 9.22
C ILE A 421 6.31 -62.21 7.97
N ASP A 422 5.03 -62.54 7.86
CA ASP A 422 4.51 -63.30 6.68
C ASP A 422 3.78 -62.38 5.69
N LEU A 423 4.09 -61.09 5.66
CA LEU A 423 3.34 -60.13 4.79
C LEU A 423 3.54 -60.50 3.32
N LYS A 424 4.80 -60.74 2.89
CA LYS A 424 5.13 -61.08 1.49
C LYS A 424 4.23 -62.22 1.02
N ALA A 425 4.07 -63.28 1.82
CA ALA A 425 3.27 -64.44 1.41
C ALA A 425 1.80 -64.05 1.28
N PHE A 426 1.29 -63.23 2.20
CA PHE A 426 -0.12 -62.79 2.13
C PHE A 426 -0.33 -61.96 0.85
N LEU A 427 0.59 -61.03 0.56
CA LEU A 427 0.54 -60.20 -0.66
C LEU A 427 0.56 -61.09 -1.91
N ASP A 428 1.37 -62.15 -1.93
CA ASP A 428 1.56 -62.99 -3.14
C ASP A 428 0.29 -63.80 -3.37
N SER A 429 -0.61 -63.85 -2.39
CA SER A 429 -1.88 -64.61 -2.50
C SER A 429 -2.94 -63.71 -3.12
N LEU A 430 -2.66 -62.42 -3.20
CA LEU A 430 -3.65 -61.44 -3.68
C LEU A 430 -3.54 -61.35 -5.21
N PRO A 431 -4.66 -61.03 -5.88
CA PRO A 431 -4.66 -60.87 -7.33
C PRO A 431 -3.80 -59.69 -7.80
N ASP A 432 -4.01 -58.49 -7.24
CA ASP A 432 -3.54 -57.23 -7.86
C ASP A 432 -2.83 -56.40 -6.81
N VAL A 433 -1.51 -56.29 -6.89
CA VAL A 433 -0.72 -55.55 -5.89
C VAL A 433 0.25 -54.64 -6.62
N LYS A 434 -0.06 -53.34 -6.69
CA LYS A 434 0.85 -52.30 -7.23
C LYS A 434 2.06 -52.29 -6.29
N ILE A 435 3.25 -52.25 -6.84
CA ILE A 435 4.51 -52.12 -6.08
C ILE A 435 5.07 -50.73 -6.36
N VAL A 436 5.10 -49.84 -5.38
CA VAL A 436 5.63 -48.45 -5.55
C VAL A 436 7.13 -48.42 -5.28
N LYS A 437 7.96 -48.34 -6.34
CA LYS A 437 9.45 -48.16 -6.25
C LYS A 437 9.72 -46.89 -5.43
N MET A 438 10.87 -46.80 -4.75
CA MET A 438 11.11 -45.73 -3.73
C MET A 438 12.32 -44.90 -4.18
N LYS A 439 12.15 -43.98 -5.13
CA LYS A 439 13.26 -43.21 -5.81
C LYS A 439 14.13 -42.49 -4.76
N ALA A 453 16.41 -51.88 -3.92
CA ALA A 453 16.06 -52.89 -2.90
C ALA A 453 14.63 -52.63 -2.38
N LEU A 454 14.18 -51.37 -2.31
CA LEU A 454 13.05 -50.93 -1.43
C LEU A 454 11.82 -50.45 -2.21
N ASN A 455 10.66 -50.68 -1.63
CA ASN A 455 9.40 -50.60 -2.39
C ASN A 455 8.25 -50.79 -1.41
N MET A 456 7.11 -50.23 -1.72
CA MET A 456 5.94 -50.30 -0.82
C MET A 456 4.82 -50.98 -1.59
N PRO A 457 4.48 -52.24 -1.27
CA PRO A 457 3.32 -52.87 -1.89
C PRO A 457 2.05 -52.06 -1.55
N VAL A 458 1.16 -51.97 -2.51
CA VAL A 458 -0.12 -51.24 -2.36
C VAL A 458 -1.25 -52.17 -2.73
N ILE A 459 -2.05 -52.51 -1.74
CA ILE A 459 -3.28 -53.32 -1.94
C ILE A 459 -4.31 -52.33 -2.45
N PRO A 460 -4.91 -52.57 -3.64
CA PRO A 460 -5.95 -51.68 -4.16
C PRO A 460 -7.26 -52.01 -3.44
N MET A 461 -8.28 -51.18 -3.63
CA MET A 461 -9.56 -51.30 -2.91
C MET A 461 -10.41 -52.40 -3.56
N ASN A 462 -10.01 -53.67 -3.46
CA ASN A 462 -10.81 -54.84 -3.90
C ASN A 462 -11.75 -55.19 -2.73
N THR A 463 -12.33 -56.37 -2.70
CA THR A 463 -13.26 -56.76 -1.60
C THR A 463 -12.42 -57.23 -0.40
N ILE A 464 -11.16 -57.61 -0.62
CA ILE A 464 -10.25 -57.99 0.49
C ILE A 464 -9.90 -56.73 1.29
N ALA A 465 -9.51 -55.64 0.64
CA ALA A 465 -9.30 -54.35 1.33
C ALA A 465 -10.56 -54.00 2.14
N GLU A 466 -11.74 -54.21 1.58
CA GLU A 466 -13.02 -53.84 2.24
C GLU A 466 -13.17 -54.65 3.52
N ALA A 467 -12.79 -55.93 3.50
CA ALA A 467 -12.91 -56.87 4.67
C ALA A 467 -11.97 -56.40 5.78
N VAL A 468 -10.77 -55.98 5.41
CA VAL A 468 -9.75 -55.47 6.36
C VAL A 468 -10.32 -54.20 7.01
N ILE A 469 -10.78 -53.29 6.18
CA ILE A 469 -11.36 -52.00 6.62
C ILE A 469 -12.58 -52.28 7.51
N GLU A 470 -13.43 -53.22 7.10
CA GLU A 470 -14.64 -53.66 7.84
C GLU A 470 -14.18 -54.04 9.26
N MET A 471 -13.15 -54.87 9.37
CA MET A 471 -12.63 -55.34 10.69
C MET A 471 -12.28 -54.12 11.53
N ILE A 472 -11.51 -53.20 10.95
CA ILE A 472 -11.03 -52.00 11.67
C ILE A 472 -12.24 -51.21 12.15
N ASN A 473 -13.26 -51.08 11.31
CA ASN A 473 -14.40 -50.16 11.54
C ASN A 473 -15.38 -50.80 12.52
N ARG A 474 -15.62 -52.10 12.42
CA ARG A 474 -16.53 -52.81 13.36
C ARG A 474 -15.78 -53.05 14.69
N GLY A 475 -14.46 -52.83 14.73
CA GLY A 475 -13.65 -53.05 15.94
C GLY A 475 -13.50 -54.53 16.31
N GLN A 476 -13.51 -55.42 15.32
CA GLN A 476 -13.26 -56.86 15.54
C GLN A 476 -11.76 -57.05 15.83
N ILE A 477 -11.46 -58.10 16.60
CA ILE A 477 -10.10 -58.49 17.05
C ILE A 477 -9.24 -58.82 15.84
N GLN A 478 -9.78 -59.62 14.93
CA GLN A 478 -8.99 -60.22 13.83
C GLN A 478 -9.93 -60.84 12.79
N ILE A 479 -9.38 -61.12 11.62
CA ILE A 479 -10.07 -61.89 10.55
C ILE A 479 -9.07 -62.86 9.92
N THR A 480 -9.57 -63.62 8.96
CA THR A 480 -8.76 -64.57 8.18
C THR A 480 -8.94 -64.25 6.71
N ILE A 481 -7.87 -64.20 5.94
CA ILE A 481 -7.94 -63.94 4.48
C ILE A 481 -6.97 -64.90 3.78
N ASN A 482 -7.50 -65.83 3.00
CA ASN A 482 -6.68 -66.80 2.24
C ASN A 482 -5.80 -67.59 3.22
N GLY A 483 -6.33 -67.85 4.42
CA GLY A 483 -5.67 -68.66 5.46
C GLY A 483 -4.72 -67.86 6.35
N PHE A 484 -4.42 -66.61 6.01
CA PHE A 484 -3.47 -65.76 6.76
C PHE A 484 -4.18 -65.06 7.90
N SER A 485 -3.53 -64.94 9.07
CA SER A 485 -4.19 -64.26 10.21
C SER A 485 -3.93 -62.77 10.15
N ILE A 486 -5.02 -61.99 10.16
CA ILE A 486 -5.01 -60.52 10.06
C ILE A 486 -5.57 -59.96 11.36
N SER A 487 -4.72 -59.22 12.07
CA SER A 487 -4.98 -58.75 13.45
C SER A 487 -5.27 -57.24 13.40
N ASN A 488 -6.29 -56.84 14.14
CA ASN A 488 -6.54 -55.43 14.49
C ASN A 488 -5.41 -54.97 15.41
N GLY A 489 -4.68 -53.94 15.01
CA GLY A 489 -3.53 -53.41 15.77
C GLY A 489 -3.89 -52.85 17.14
N LEU A 490 -5.18 -52.73 17.47
CA LEU A 490 -5.63 -52.25 18.79
C LEU A 490 -5.78 -53.42 19.76
N ALA A 491 -5.75 -54.66 19.26
CA ALA A 491 -6.07 -55.86 20.04
C ALA A 491 -4.84 -56.76 20.27
N THR A 492 -3.62 -56.29 20.05
CA THR A 492 -2.42 -57.17 20.07
C THR A 492 -2.41 -57.91 21.41
N THR A 493 -2.77 -57.20 22.46
CA THR A 493 -2.73 -57.67 23.87
C THR A 493 -3.63 -58.90 24.02
N GLN A 494 -4.80 -58.95 23.40
CA GLN A 494 -5.70 -60.12 23.51
C GLN A 494 -5.18 -61.29 22.66
N ILE A 495 -4.49 -61.01 21.57
CA ILE A 495 -4.06 -62.04 20.59
C ILE A 495 -2.77 -62.70 21.10
N ASN A 496 -1.84 -61.90 21.61
CA ASN A 496 -0.55 -62.40 22.15
C ASN A 496 0.07 -61.36 23.08
N ASN A 497 -0.25 -61.41 24.38
CA ASN A 497 0.36 -60.51 25.41
C ASN A 497 1.88 -60.39 25.20
N LYS A 498 2.57 -61.46 24.84
CA LYS A 498 4.05 -61.43 24.79
C LYS A 498 4.49 -60.60 23.60
N ALA A 499 3.75 -60.66 22.50
CA ALA A 499 4.01 -59.84 21.29
C ALA A 499 3.75 -58.35 21.60
N ALA A 500 2.71 -58.08 22.41
CA ALA A 500 2.34 -56.71 22.81
C ALA A 500 3.47 -56.02 23.58
N THR A 501 4.14 -56.72 24.48
CA THR A 501 5.17 -56.15 25.37
C THR A 501 6.52 -56.07 24.65
N GLY A 502 6.70 -56.75 23.52
CA GLY A 502 8.00 -56.80 22.81
C GLY A 502 8.82 -58.03 23.20
N GLU A 503 8.28 -58.87 24.08
CA GLU A 503 8.93 -60.13 24.52
C GLU A 503 8.92 -61.17 23.39
N GLU A 504 7.93 -61.10 22.50
CA GLU A 504 7.87 -61.99 21.32
C GLU A 504 7.68 -61.13 20.09
N VAL A 505 8.13 -61.65 18.97
CA VAL A 505 7.81 -61.08 17.65
C VAL A 505 6.42 -61.55 17.28
N PRO A 506 5.53 -60.65 16.86
CA PRO A 506 4.17 -61.06 16.48
C PRO A 506 4.19 -62.09 15.34
N ARG A 507 3.33 -63.11 15.48
CA ARG A 507 3.22 -64.22 14.49
C ARG A 507 2.00 -64.03 13.58
N THR A 508 1.36 -62.87 13.65
CA THR A 508 0.21 -62.49 12.80
C THR A 508 0.58 -61.26 11.99
N ILE A 509 -0.26 -60.94 11.02
CA ILE A 509 -0.15 -59.68 10.24
C ILE A 509 -0.99 -58.62 10.92
N ILE A 510 -0.42 -57.48 11.19
CA ILE A 510 -1.14 -56.46 12.00
C ILE A 510 -1.50 -55.27 11.11
N VAL A 511 -2.76 -54.83 11.23
CA VAL A 511 -3.28 -53.64 10.51
C VAL A 511 -3.27 -52.46 11.47
N THR A 512 -2.67 -51.36 11.05
CA THR A 512 -2.61 -50.11 11.83
C THR A 512 -3.17 -48.97 10.98
N THR A 513 -4.07 -48.17 11.51
CA THR A 513 -4.74 -47.11 10.72
C THR A 513 -4.90 -45.81 11.51
N ARG A 514 -4.97 -44.69 10.80
CA ARG A 514 -5.19 -43.38 11.43
C ARG A 514 -6.59 -43.38 12.02
N SER A 515 -7.54 -44.05 11.37
CA SER A 515 -8.93 -44.11 11.89
C SER A 515 -8.94 -44.66 13.33
N GLN A 516 -8.01 -45.55 13.70
CA GLN A 516 -7.99 -46.18 15.06
C GLN A 516 -7.73 -45.12 16.14
N TYR A 517 -7.00 -44.07 15.82
CA TYR A 517 -6.50 -43.11 16.83
C TYR A 517 -7.21 -41.76 16.66
N GLY A 518 -8.14 -41.66 15.71
CA GLY A 518 -8.88 -40.42 15.41
C GLY A 518 -8.01 -39.38 14.73
N LEU A 519 -6.97 -39.82 14.02
CA LEU A 519 -6.11 -38.91 13.25
C LEU A 519 -6.80 -38.63 11.93
N PRO A 520 -6.81 -37.37 11.45
CA PRO A 520 -7.38 -37.04 10.14
C PRO A 520 -6.66 -37.71 8.97
N GLU A 521 -7.44 -38.22 8.02
CA GLU A 521 -6.94 -38.99 6.87
C GLU A 521 -6.29 -38.05 5.87
N ASP A 522 -6.57 -36.75 5.90
CA ASP A 522 -6.17 -35.80 4.83
C ASP A 522 -5.28 -34.69 5.40
N ALA A 523 -4.39 -35.01 6.33
CA ALA A 523 -3.67 -33.99 7.12
C ALA A 523 -2.29 -34.45 7.54
N ILE A 524 -1.42 -33.49 7.76
CA ILE A 524 -0.06 -33.75 8.29
C ILE A 524 -0.20 -34.08 9.77
N VAL A 525 0.39 -35.20 10.19
CA VAL A 525 0.42 -35.58 11.62
C VAL A 525 1.83 -35.39 12.17
N TYR A 526 1.97 -34.44 13.09
CA TYR A 526 3.19 -34.18 13.88
C TYR A 526 3.06 -34.92 15.21
N CYS A 527 3.93 -35.89 15.50
CA CYS A 527 3.81 -36.68 16.74
C CYS A 527 4.89 -36.26 17.74
N ASN A 528 4.58 -36.47 19.01
CA ASN A 528 5.57 -36.58 20.10
C ASN A 528 5.01 -37.53 21.16
N PHE A 529 5.64 -38.69 21.30
CA PHE A 529 5.14 -39.76 22.18
C PHE A 529 5.91 -39.78 23.49
N ASN A 530 6.60 -38.70 23.82
CA ASN A 530 7.30 -38.63 25.11
C ASN A 530 6.30 -38.38 26.21
N GLN A 531 6.77 -38.59 27.42
CA GLN A 531 6.12 -38.15 28.66
C GLN A 531 6.03 -36.64 28.63
N LEU A 532 4.90 -36.11 29.09
CA LEU A 532 4.56 -34.69 28.89
C LEU A 532 5.53 -33.81 29.70
N TYR A 533 6.21 -34.35 30.71
CA TYR A 533 7.11 -33.55 31.58
C TYR A 533 8.22 -32.91 30.74
N LYS A 534 8.52 -33.45 29.55
CA LYS A 534 9.60 -32.94 28.67
C LYS A 534 9.16 -31.70 27.88
N ILE A 535 7.90 -31.35 27.98
CA ILE A 535 7.35 -30.13 27.32
C ILE A 535 7.43 -28.96 28.28
N ASP A 536 7.88 -27.81 27.78
CA ASP A 536 7.83 -26.50 28.50
C ASP A 536 6.99 -25.54 27.66
N PRO A 537 6.60 -24.37 28.21
CA PRO A 537 5.81 -23.40 27.45
C PRO A 537 6.41 -23.01 26.10
N SER A 538 7.73 -22.87 26.06
CA SER A 538 8.44 -22.46 24.82
C SER A 538 8.25 -23.54 23.75
N THR A 539 8.33 -24.81 24.13
CA THR A 539 8.19 -25.92 23.18
C THR A 539 6.78 -25.87 22.61
N LEU A 540 5.76 -25.64 23.42
CA LEU A 540 4.36 -25.68 22.92
C LEU A 540 4.12 -24.48 22.00
N GLN A 541 4.73 -23.34 22.31
CA GLN A 541 4.69 -22.15 21.44
C GLN A 541 5.27 -22.55 20.07
N MET A 542 6.48 -23.08 20.04
CA MET A 542 7.12 -23.54 18.79
C MET A 542 6.14 -24.40 18.00
N TRP A 543 5.49 -25.34 18.67
CA TRP A 543 4.59 -26.32 18.02
C TRP A 543 3.38 -25.56 17.49
N ALA A 544 2.86 -24.61 18.26
CA ALA A 544 1.71 -23.79 17.86
C ALA A 544 2.09 -23.00 16.61
N ASN A 545 3.30 -22.44 16.55
CA ASN A 545 3.74 -21.66 15.38
C ASN A 545 3.70 -22.55 14.15
N ILE A 546 4.14 -23.80 14.29
CA ILE A 546 4.22 -24.78 13.17
C ILE A 546 2.80 -25.08 12.72
N LEU A 547 1.91 -25.37 13.65
CA LEU A 547 0.52 -25.75 13.35
C LEU A 547 -0.19 -24.59 12.65
N LYS A 548 0.09 -23.34 13.06
CA LYS A 548 -0.56 -22.14 12.50
C LYS A 548 -0.09 -22.00 11.04
N ARG A 549 1.13 -22.44 10.71
CA ARG A 549 1.72 -22.25 9.37
C ARG A 549 1.40 -23.44 8.47
N VAL A 550 0.81 -24.49 9.01
CA VAL A 550 0.52 -25.72 8.21
C VAL A 550 -0.92 -26.09 8.44
N PRO A 551 -1.85 -25.42 7.75
CA PRO A 551 -3.26 -25.58 8.08
C PRO A 551 -3.75 -27.04 7.96
N ASN A 552 -4.56 -27.44 8.93
CA ASN A 552 -5.22 -28.77 9.03
C ASN A 552 -4.27 -29.83 9.62
N SER A 553 -2.95 -29.62 9.59
CA SER A 553 -2.00 -30.41 10.41
C SER A 553 -2.52 -30.58 11.85
N VAL A 554 -2.12 -31.66 12.49
CA VAL A 554 -2.42 -31.92 13.92
C VAL A 554 -1.15 -32.35 14.64
N LEU A 555 -1.17 -32.15 15.94
CA LEU A 555 -0.12 -32.60 16.87
C LEU A 555 -0.66 -33.81 17.63
N TRP A 556 0.11 -34.89 17.64
CA TRP A 556 -0.32 -36.18 18.25
C TRP A 556 0.45 -36.38 19.55
N LEU A 557 -0.21 -36.39 20.70
CA LEU A 557 0.46 -36.52 22.01
C LEU A 557 -0.16 -37.68 22.77
N LEU A 558 0.46 -38.05 23.90
CA LEU A 558 -0.07 -39.17 24.70
C LEU A 558 -0.55 -38.63 26.05
N ARG A 559 -1.54 -39.31 26.58
CA ARG A 559 -2.03 -39.08 27.96
C ARG A 559 -0.98 -39.66 28.91
N PHE A 560 0.11 -38.95 29.12
CA PHE A 560 1.35 -39.51 29.71
C PHE A 560 1.92 -38.50 30.71
N PRO A 561 1.18 -38.19 31.79
CA PRO A 561 -0.12 -38.78 32.10
C PRO A 561 -1.37 -38.02 31.66
N ALA A 562 -2.52 -38.64 31.84
CA ALA A 562 -3.81 -38.15 31.31
C ALA A 562 -4.13 -36.76 31.86
N VAL A 563 -3.81 -36.50 33.13
CA VAL A 563 -4.27 -35.22 33.74
C VAL A 563 -3.48 -34.08 33.10
N GLY A 564 -2.43 -34.38 32.34
CA GLY A 564 -1.69 -33.37 31.55
C GLY A 564 -2.49 -32.81 30.38
N GLU A 565 -3.40 -33.59 29.84
CA GLU A 565 -4.12 -33.25 28.57
C GLU A 565 -4.86 -31.92 28.75
N PRO A 566 -5.76 -31.79 29.74
CA PRO A 566 -6.56 -30.57 29.88
C PRO A 566 -5.67 -29.32 30.01
N ASN A 567 -4.55 -29.47 30.71
CA ASN A 567 -3.57 -28.38 30.92
C ASN A 567 -3.01 -27.94 29.57
N ILE A 568 -2.56 -28.89 28.77
CA ILE A 568 -1.94 -28.56 27.45
C ILE A 568 -3.04 -27.94 26.56
N GLN A 569 -4.24 -28.48 26.59
CA GLN A 569 -5.33 -27.98 25.70
C GLN A 569 -5.65 -26.54 26.07
N GLN A 570 -5.60 -26.24 27.36
CA GLN A 570 -5.83 -24.86 27.84
C GLN A 570 -4.71 -23.96 27.30
N TYR A 571 -3.43 -24.30 27.49
CA TYR A 571 -2.32 -23.42 27.02
C TYR A 571 -2.44 -23.23 25.50
N ALA A 572 -2.93 -24.25 24.81
CA ALA A 572 -3.07 -24.24 23.34
C ALA A 572 -4.19 -23.27 22.93
N GLN A 573 -5.30 -23.25 23.66
CA GLN A 573 -6.44 -22.34 23.36
C GLN A 573 -5.95 -20.90 23.53
N ASN A 574 -5.21 -20.62 24.58
CA ASN A 574 -4.65 -19.27 24.84
C ASN A 574 -3.67 -18.90 23.73
N MET A 575 -3.15 -19.85 22.97
CA MET A 575 -2.24 -19.59 21.83
C MET A 575 -3.06 -19.43 20.53
N GLY A 576 -4.39 -19.62 20.62
CA GLY A 576 -5.35 -19.47 19.51
C GLY A 576 -5.59 -20.72 18.68
N LEU A 577 -5.26 -21.92 19.18
CA LEU A 577 -5.49 -23.20 18.47
C LEU A 577 -6.84 -23.78 18.87
N PRO A 578 -7.72 -24.10 17.89
CA PRO A 578 -8.92 -24.88 18.18
C PRO A 578 -8.60 -26.24 18.82
N GLN A 579 -9.56 -26.88 19.49
CA GLN A 579 -9.22 -28.04 20.37
C GLN A 579 -8.75 -29.21 19.51
N ASN A 580 -9.35 -29.36 18.35
CA ASN A 580 -9.13 -30.50 17.43
C ASN A 580 -7.72 -30.46 16.83
N ARG A 581 -6.90 -29.44 17.10
CA ARG A 581 -5.55 -29.36 16.48
C ARG A 581 -4.57 -30.26 17.24
N ILE A 582 -4.87 -30.55 18.50
CA ILE A 582 -4.02 -31.47 19.31
C ILE A 582 -4.84 -32.74 19.62
N ILE A 583 -4.33 -33.88 19.20
CA ILE A 583 -5.03 -35.18 19.40
C ILE A 583 -4.25 -36.02 20.41
N PHE A 584 -4.93 -36.43 21.47
CA PHE A 584 -4.34 -37.25 22.54
C PHE A 584 -4.77 -38.70 22.36
N SER A 585 -3.81 -39.61 22.53
CA SER A 585 -4.06 -41.07 22.54
C SER A 585 -3.53 -41.62 23.85
N PRO A 586 -4.13 -42.72 24.35
CA PRO A 586 -3.61 -43.36 25.55
C PRO A 586 -2.22 -43.96 25.28
N VAL A 587 -1.44 -44.06 26.34
CA VAL A 587 -0.21 -44.88 26.30
C VAL A 587 -0.64 -46.28 25.91
N ALA A 588 0.19 -46.95 25.10
CA ALA A 588 -0.08 -48.29 24.59
C ALA A 588 1.03 -49.26 24.96
N PRO A 589 0.83 -50.58 24.77
CA PRO A 589 1.93 -51.53 24.89
C PRO A 589 3.12 -51.22 23.97
N LYS A 590 4.33 -51.71 24.29
CA LYS A 590 5.55 -51.36 23.51
C LYS A 590 5.28 -51.50 22.01
N GLU A 591 4.76 -52.63 21.58
CA GLU A 591 4.75 -52.93 20.13
C GLU A 591 3.75 -52.00 19.43
N GLU A 592 2.57 -51.77 20.00
CA GLU A 592 1.57 -50.84 19.39
C GLU A 592 2.19 -49.44 19.33
N HIS A 593 2.87 -49.05 20.40
CA HIS A 593 3.52 -47.72 20.51
C HIS A 593 4.51 -47.48 19.37
N VAL A 594 5.30 -48.50 19.02
CA VAL A 594 6.40 -48.33 18.04
C VAL A 594 5.77 -48.35 16.65
N ARG A 595 4.86 -49.29 16.45
CA ARG A 595 4.15 -49.57 15.19
C ARG A 595 3.32 -48.36 14.78
N ARG A 596 2.61 -47.71 15.71
CA ARG A 596 1.62 -46.66 15.34
C ARG A 596 2.36 -45.36 14.99
N GLY A 597 3.64 -45.28 15.31
CA GLY A 597 4.53 -44.22 14.78
C GLY A 597 4.51 -44.18 13.27
N GLN A 598 4.18 -45.30 12.64
CA GLN A 598 4.15 -45.39 11.16
C GLN A 598 3.06 -44.47 10.60
N LEU A 599 2.09 -44.07 11.43
CA LEU A 599 0.95 -43.22 11.03
C LEU A 599 1.36 -41.75 10.97
N ALA A 600 2.41 -41.34 11.65
CA ALA A 600 2.81 -39.93 11.66
C ALA A 600 3.51 -39.56 10.35
N ASP A 601 3.51 -38.27 10.02
CA ASP A 601 4.34 -37.73 8.92
C ASP A 601 5.69 -37.35 9.52
N VAL A 602 5.69 -36.64 10.62
CA VAL A 602 6.91 -36.08 11.23
C VAL A 602 6.78 -36.11 12.75
N CYS A 603 7.90 -36.23 13.43
CA CYS A 603 7.92 -36.19 14.90
C CYS A 603 8.68 -34.93 15.34
N LEU A 604 8.05 -34.18 16.23
CA LEU A 604 8.62 -32.93 16.79
C LEU A 604 9.22 -33.25 18.14
N ASP A 605 10.54 -33.33 18.20
CA ASP A 605 11.28 -33.66 19.44
C ASP A 605 11.22 -32.50 20.43
N THR A 606 11.20 -32.83 21.70
CA THR A 606 11.21 -31.87 22.82
C THR A 606 12.64 -31.42 23.04
N PRO A 607 12.96 -30.12 22.81
CA PRO A 607 14.28 -29.59 23.09
C PRO A 607 14.68 -29.58 24.57
N LEU A 608 13.74 -29.50 25.49
CA LEU A 608 14.11 -29.32 26.92
C LEU A 608 14.87 -30.56 27.36
N CYS A 609 14.24 -31.71 27.15
CA CYS A 609 14.81 -33.07 27.32
C CYS A 609 14.32 -33.89 26.13
N ASN A 610 15.23 -34.40 25.30
CA ASN A 610 14.90 -35.05 24.03
C ASN A 610 14.18 -36.37 24.33
N GLY A 611 13.52 -36.90 23.32
CA GLY A 611 13.23 -38.34 23.25
C GLY A 611 14.52 -39.12 23.27
N HIS A 612 14.65 -40.14 24.11
CA HIS A 612 15.85 -41.02 24.13
C HIS A 612 15.43 -42.37 23.55
N THR A 613 14.91 -43.25 24.38
CA THR A 613 14.24 -44.47 23.89
C THR A 613 13.20 -44.04 22.85
N THR A 614 12.44 -42.99 23.16
CA THR A 614 11.32 -42.52 22.33
C THR A 614 11.84 -42.13 20.93
N GLY A 615 13.04 -41.55 20.88
CA GLY A 615 13.68 -41.17 19.61
C GLY A 615 13.94 -42.40 18.77
N MET A 616 14.52 -43.44 19.35
CA MET A 616 14.84 -44.68 18.63
C MET A 616 13.52 -45.31 18.18
N ASP A 617 12.46 -45.20 18.99
CA ASP A 617 11.14 -45.76 18.65
C ASP A 617 10.55 -45.10 17.37
N VAL A 618 10.62 -43.77 17.21
CA VAL A 618 9.98 -43.12 16.02
C VAL A 618 10.85 -43.40 14.80
N LEU A 619 12.18 -43.36 14.96
CA LEU A 619 13.09 -43.59 13.80
C LEU A 619 12.90 -45.02 13.28
N TRP A 620 12.55 -45.98 14.14
CA TRP A 620 12.38 -47.39 13.68
C TRP A 620 11.16 -47.49 12.78
N ALA A 621 10.20 -46.57 12.88
CA ALA A 621 8.98 -46.61 12.05
C ALA A 621 9.20 -45.82 10.75
N GLY A 622 10.39 -45.23 10.60
CA GLY A 622 10.76 -44.44 9.41
C GLY A 622 10.20 -43.04 9.49
N THR A 623 9.98 -42.54 10.70
CA THR A 623 9.32 -41.25 10.92
C THR A 623 10.40 -40.22 11.19
N PRO A 624 10.57 -39.23 10.30
CA PRO A 624 11.59 -38.22 10.47
C PRO A 624 11.33 -37.46 11.76
N MET A 625 12.39 -37.10 12.46
CA MET A 625 12.29 -36.40 13.75
C MET A 625 13.08 -35.10 13.68
N VAL A 626 12.45 -33.99 14.02
CA VAL A 626 13.06 -32.64 14.04
C VAL A 626 13.48 -32.34 15.47
N THR A 627 14.74 -31.98 15.70
CA THR A 627 15.25 -31.74 17.07
C THR A 627 16.05 -30.44 17.06
N MET A 628 16.15 -29.81 18.22
CA MET A 628 17.02 -28.64 18.45
C MET A 628 17.91 -28.95 19.65
N PRO A 629 19.14 -29.45 19.42
CA PRO A 629 20.01 -29.84 20.52
C PRO A 629 20.34 -28.64 21.41
N GLY A 630 20.27 -28.81 22.72
CA GLY A 630 20.63 -27.77 23.71
C GLY A 630 22.06 -27.97 24.19
N GLU A 631 22.28 -27.80 25.50
CA GLU A 631 23.64 -27.89 26.09
C GLU A 631 23.76 -29.15 26.94
N THR A 632 22.69 -29.55 27.64
CA THR A 632 22.68 -30.76 28.49
C THR A 632 22.80 -32.01 27.62
N LEU A 633 23.39 -33.08 28.16
CA LEU A 633 23.40 -34.41 27.51
C LEU A 633 21.96 -34.73 27.07
N ALA A 634 21.01 -34.59 27.98
CA ALA A 634 19.62 -35.04 27.77
C ALA A 634 19.01 -34.29 26.59
N SER A 635 19.48 -33.08 26.29
CA SER A 635 18.93 -32.23 25.21
C SER A 635 19.66 -32.48 23.89
N ARG A 636 20.57 -33.43 23.80
CA ARG A 636 21.41 -33.55 22.59
C ARG A 636 21.34 -34.95 21.98
N VAL A 637 20.58 -35.84 22.60
CA VAL A 637 20.60 -37.28 22.24
C VAL A 637 19.96 -37.42 20.86
N ALA A 638 18.86 -36.71 20.63
CA ALA A 638 18.11 -36.88 19.38
C ALA A 638 18.98 -36.42 18.21
N ALA A 639 19.73 -35.33 18.38
CA ALA A 639 20.66 -34.86 17.32
C ALA A 639 21.72 -35.93 17.06
N SER A 640 22.27 -36.51 18.13
CA SER A 640 23.29 -37.59 18.07
C SER A 640 22.70 -38.78 17.30
N GLN A 641 21.45 -39.14 17.61
CA GLN A 641 20.75 -40.23 16.91
C GLN A 641 20.68 -39.87 15.43
N LEU A 642 20.29 -38.64 15.13
CA LEU A 642 20.03 -38.20 13.75
C LEU A 642 21.34 -38.09 12.99
N THR A 643 22.45 -37.67 13.62
CA THR A 643 23.71 -37.53 12.82
C THR A 643 24.18 -38.95 12.49
N CYS A 644 23.99 -39.91 13.39
CA CYS A 644 24.38 -41.31 13.12
C CYS A 644 23.49 -41.88 12.00
N LEU A 645 22.20 -41.55 12.03
CA LEU A 645 21.23 -41.98 11.00
C LEU A 645 21.66 -41.41 9.64
N GLY A 646 22.15 -40.17 9.63
CA GLY A 646 22.62 -39.47 8.42
C GLY A 646 21.57 -38.50 7.89
N CYS A 647 20.85 -37.84 8.80
CA CYS A 647 19.80 -36.86 8.45
C CYS A 647 20.12 -35.53 9.11
N LEU A 648 21.17 -34.85 8.67
CA LEU A 648 21.62 -33.58 9.32
C LEU A 648 20.61 -32.47 9.05
N GLU A 649 19.72 -32.66 8.07
CA GLU A 649 18.72 -31.62 7.68
C GLU A 649 17.58 -31.55 8.71
N LEU A 650 17.55 -32.45 9.71
CA LEU A 650 16.47 -32.50 10.72
C LEU A 650 16.96 -31.89 12.04
N ILE A 651 18.19 -31.35 12.05
CA ILE A 651 18.78 -30.73 13.27
C ILE A 651 18.76 -29.21 13.15
N ALA A 652 18.11 -28.55 14.11
CA ALA A 652 17.92 -27.10 14.09
C ALA A 652 18.92 -26.40 15.01
N LYS A 653 19.55 -25.32 14.54
CA LYS A 653 20.48 -24.46 15.33
C LYS A 653 19.67 -23.59 16.30
N ASN A 654 18.39 -23.31 16.04
CA ASN A 654 17.54 -22.46 16.92
C ASN A 654 16.06 -22.69 16.65
N ARG A 655 15.19 -21.99 17.39
CA ARG A 655 13.72 -22.21 17.34
C ARG A 655 13.21 -21.87 15.94
N GLN A 656 13.72 -20.79 15.34
CA GLN A 656 13.28 -20.35 14.01
C GLN A 656 13.54 -21.52 13.04
N GLU A 657 14.74 -22.11 13.12
CA GLU A 657 15.18 -23.14 12.14
C GLU A 657 14.32 -24.39 12.32
N TYR A 658 14.00 -24.73 13.58
CA TYR A 658 13.14 -25.88 13.94
C TYR A 658 11.79 -25.70 13.25
N GLU A 659 11.15 -24.56 13.49
CA GLU A 659 9.80 -24.25 12.98
C GLU A 659 9.87 -24.35 11.46
N ASP A 660 10.96 -23.86 10.86
CA ASP A 660 11.04 -23.77 9.38
C ASP A 660 11.11 -25.18 8.80
N ILE A 661 11.93 -26.04 9.40
CA ILE A 661 12.13 -27.44 8.92
C ILE A 661 10.80 -28.17 9.03
N ALA A 662 10.15 -28.07 10.19
CA ALA A 662 8.85 -28.70 10.45
C ALA A 662 7.85 -28.24 9.38
N VAL A 663 7.80 -26.93 9.17
CA VAL A 663 6.77 -26.35 8.26
C VAL A 663 7.09 -26.78 6.84
N LYS A 664 8.37 -26.82 6.49
CA LYS A 664 8.75 -27.27 5.13
C LYS A 664 8.23 -28.71 4.92
N LEU A 665 8.44 -29.60 5.90
CA LEU A 665 8.06 -31.04 5.81
C LEU A 665 6.54 -31.14 5.71
N GLY A 666 5.81 -30.23 6.33
CA GLY A 666 4.33 -30.26 6.29
C GLY A 666 3.75 -29.65 5.01
N THR A 667 4.48 -28.76 4.33
CA THR A 667 3.93 -28.03 3.16
C THR A 667 4.43 -28.66 1.86
N ASP A 668 5.69 -29.08 1.81
CA ASP A 668 6.34 -29.60 0.58
C ASP A 668 6.30 -31.14 0.57
N LEU A 669 5.19 -31.71 0.11
CA LEU A 669 4.97 -33.18 0.17
C LEU A 669 6.03 -33.94 -0.62
N GLU A 670 6.72 -33.33 -1.58
CA GLU A 670 7.81 -33.99 -2.35
C GLU A 670 9.02 -34.12 -1.42
N TYR A 671 9.37 -33.06 -0.68
CA TYR A 671 10.49 -33.06 0.30
C TYR A 671 10.18 -34.08 1.41
N LEU A 672 8.94 -34.11 1.90
CA LEU A 672 8.54 -35.06 2.96
C LEU A 672 8.81 -36.48 2.47
N LYS A 673 8.34 -36.81 1.28
CA LYS A 673 8.52 -38.15 0.69
C LYS A 673 10.03 -38.45 0.67
N LYS A 674 10.86 -37.50 0.28
CA LYS A 674 12.32 -37.76 0.13
C LYS A 674 12.88 -38.06 1.52
N VAL A 675 12.56 -37.22 2.53
CA VAL A 675 13.16 -37.35 3.89
C VAL A 675 12.63 -38.61 4.58
N ARG A 676 11.36 -38.92 4.46
CA ARG A 676 10.79 -40.17 5.02
C ARG A 676 11.52 -41.36 4.41
N GLY A 677 11.76 -41.34 3.10
CA GLY A 677 12.46 -42.45 2.42
C GLY A 677 13.90 -42.57 2.91
N LYS A 678 14.49 -41.45 3.29
CA LYS A 678 15.90 -41.42 3.78
C LYS A 678 15.95 -42.17 5.12
N VAL A 679 15.05 -41.80 6.02
CA VAL A 679 14.94 -42.38 7.38
C VAL A 679 14.62 -43.87 7.24
N TRP A 680 13.70 -44.21 6.34
CA TRP A 680 13.24 -45.61 6.15
C TRP A 680 14.39 -46.48 5.68
N LYS A 681 15.24 -45.96 4.81
CA LYS A 681 16.41 -46.72 4.32
C LYS A 681 17.44 -46.78 5.44
N GLN A 682 17.70 -45.65 6.08
CA GLN A 682 18.96 -45.50 6.85
C GLN A 682 18.82 -46.12 8.23
N ARG A 683 17.60 -46.40 8.69
CA ARG A 683 17.39 -47.12 9.97
C ARG A 683 18.07 -48.48 9.83
N ILE A 684 18.04 -49.06 8.63
CA ILE A 684 18.73 -50.35 8.36
C ILE A 684 20.19 -50.08 8.01
N SER A 685 20.42 -49.16 7.06
CA SER A 685 21.73 -49.05 6.37
C SER A 685 22.76 -48.35 7.28
N SER A 686 22.33 -47.53 8.23
CA SER A 686 23.27 -46.78 9.10
C SER A 686 23.62 -47.63 10.30
N PRO A 687 24.58 -47.18 11.14
CA PRO A 687 24.93 -47.90 12.37
C PRO A 687 23.90 -47.87 13.51
N LEU A 688 22.91 -46.98 13.44
CA LEU A 688 22.04 -46.58 14.58
C LEU A 688 21.42 -47.78 15.28
N PHE A 689 20.86 -48.73 14.52
CA PHE A 689 20.16 -49.89 15.09
C PHE A 689 21.00 -51.17 15.04
N ASN A 690 22.29 -51.05 14.70
CA ASN A 690 23.20 -52.21 14.51
C ASN A 690 23.89 -52.55 15.84
N THR A 691 23.33 -53.50 16.56
CA THR A 691 23.78 -53.93 17.89
C THR A 691 25.17 -54.58 17.77
N LYS A 692 25.42 -55.34 16.72
CA LYS A 692 26.71 -56.05 16.56
C LYS A 692 27.84 -55.01 16.39
N GLN A 693 27.66 -54.08 15.47
CA GLN A 693 28.63 -52.97 15.26
C GLN A 693 28.77 -52.20 16.58
N TYR A 694 27.67 -51.80 17.20
CA TYR A 694 27.70 -51.05 18.48
C TYR A 694 28.59 -51.83 19.46
N THR A 695 28.35 -53.13 19.63
CA THR A 695 29.03 -53.92 20.66
C THR A 695 30.52 -53.90 20.36
N MET A 696 30.87 -54.07 19.09
CA MET A 696 32.28 -54.16 18.66
C MET A 696 32.97 -52.82 18.93
N GLU A 697 32.27 -51.68 18.76
CA GLU A 697 32.82 -50.32 19.02
C GLU A 697 33.01 -50.14 20.52
N LEU A 698 32.04 -50.58 21.30
CA LEU A 698 32.09 -50.55 22.77
C LEU A 698 33.30 -51.37 23.23
N GLU A 699 33.60 -52.46 22.52
CA GLU A 699 34.73 -53.34 22.86
C GLU A 699 36.04 -52.59 22.57
N ARG A 700 36.16 -51.96 21.40
CA ARG A 700 37.33 -51.12 21.00
C ARG A 700 37.56 -50.09 22.12
N LEU A 701 36.48 -49.49 22.62
CA LEU A 701 36.55 -48.44 23.65
C LEU A 701 36.95 -49.06 24.99
N TYR A 702 36.42 -50.24 25.34
CA TYR A 702 36.74 -50.85 26.65
C TYR A 702 38.25 -51.08 26.69
N LEU A 703 38.82 -51.53 25.56
CA LEU A 703 40.24 -51.91 25.50
C LEU A 703 41.12 -50.66 25.63
N GLN A 704 40.74 -49.54 25.01
CA GLN A 704 41.45 -48.24 25.23
C GLN A 704 41.50 -47.95 26.72
N MET A 705 40.35 -47.98 27.38
CA MET A 705 40.21 -47.64 28.81
C MET A 705 41.20 -48.47 29.62
N TRP A 706 41.27 -49.75 29.25
CA TRP A 706 42.07 -50.76 29.99
C TRP A 706 43.56 -50.55 29.71
N GLU A 707 43.97 -50.48 28.45
CA GLU A 707 45.39 -50.25 28.07
C GLU A 707 45.89 -49.02 28.83
N HIS A 708 45.08 -47.98 28.87
CA HIS A 708 45.42 -46.71 29.57
C HIS A 708 45.70 -47.02 31.05
N TYR A 709 44.87 -47.83 31.67
CA TYR A 709 45.00 -48.18 33.11
C TYR A 709 46.22 -49.10 33.30
N ALA A 710 46.47 -50.01 32.37
CA ALA A 710 47.50 -51.06 32.51
C ALA A 710 48.87 -50.38 32.44
N ALA A 711 48.98 -49.36 31.60
CA ALA A 711 50.19 -48.52 31.46
C ALA A 711 50.35 -47.61 32.70
N GLY A 712 49.49 -47.74 33.71
CA GLY A 712 49.64 -47.08 35.01
C GLY A 712 49.17 -45.63 35.01
N ASN A 713 48.22 -45.28 34.16
CA ASN A 713 47.65 -43.90 34.10
C ASN A 713 46.32 -43.83 34.84
N LYS A 714 46.09 -42.71 35.54
CA LYS A 714 44.75 -42.28 35.99
C LYS A 714 43.92 -42.01 34.73
N PRO A 715 42.57 -42.13 34.82
CA PRO A 715 41.71 -41.95 33.65
C PRO A 715 41.84 -40.55 33.01
N ASP A 716 41.70 -40.49 31.69
CA ASP A 716 41.73 -39.22 30.91
C ASP A 716 40.77 -39.36 29.71
N HIS A 717 40.31 -38.24 29.13
CA HIS A 717 39.34 -38.23 28.03
C HIS A 717 39.80 -39.20 26.92
N MET A 718 38.89 -40.00 26.39
CA MET A 718 39.15 -40.96 25.29
C MET A 718 38.38 -40.50 24.05
N ILE A 719 39.04 -39.79 23.14
CA ILE A 719 38.44 -39.08 21.97
C ILE A 719 39.01 -39.64 20.65
N LYS A 720 39.73 -40.77 20.68
CA LYS A 720 40.50 -41.26 19.49
C LYS A 720 40.63 -42.79 19.58
N MET B 4 13.59 14.83 25.56
CA MET B 4 13.37 15.34 24.15
C MET B 4 14.61 15.06 23.28
N CYS B 5 14.59 14.01 22.46
CA CYS B 5 15.71 13.55 21.59
C CYS B 5 15.17 12.81 20.36
N PRO B 6 15.60 13.15 19.11
CA PRO B 6 15.25 12.34 17.93
C PRO B 6 15.72 10.87 17.80
N THR B 7 16.91 10.45 18.26
CA THR B 7 17.42 9.06 17.98
C THR B 7 17.04 8.13 19.13
N HIS B 8 16.84 8.67 20.34
CA HIS B 8 16.07 8.03 21.43
C HIS B 8 14.76 7.51 20.82
N ALA B 9 13.89 8.41 20.36
CA ALA B 9 12.57 8.10 19.75
C ALA B 9 12.74 7.15 18.56
N ASP B 10 13.81 7.32 17.77
CA ASP B 10 14.02 6.49 16.57
C ASP B 10 14.11 5.03 17.02
N SER B 11 14.76 4.76 18.17
CA SER B 11 15.10 3.38 18.62
C SER B 11 13.81 2.68 19.06
N LEU B 12 13.03 3.33 19.94
CA LEU B 12 11.67 2.92 20.36
C LEU B 12 10.86 2.48 19.13
N ASN B 13 10.81 3.29 18.07
CA ASN B 13 10.07 2.95 16.82
C ASN B 13 10.49 1.56 16.31
N ASN B 14 11.76 1.19 16.41
CA ASN B 14 12.28 -0.06 15.77
C ASN B 14 11.95 -1.25 16.67
N LEU B 15 12.10 -1.04 17.99
CA LEU B 15 11.70 -1.98 19.07
C LEU B 15 10.23 -2.34 18.88
N ALA B 16 9.40 -1.36 18.50
CA ALA B 16 7.93 -1.49 18.40
C ALA B 16 7.54 -2.13 17.08
N ASN B 17 8.23 -1.82 15.99
CA ASN B 17 7.95 -2.55 14.73
C ASN B 17 8.26 -4.00 15.07
N ILE B 18 9.13 -4.22 16.05
CA ILE B 18 9.52 -5.60 16.49
C ILE B 18 8.31 -6.22 17.19
N LYS B 19 8.01 -5.75 18.40
CA LYS B 19 6.85 -6.26 19.16
C LYS B 19 5.70 -6.43 18.17
N ARG B 20 5.50 -5.46 17.28
CA ARG B 20 4.35 -5.53 16.33
C ARG B 20 4.55 -6.75 15.41
N GLU B 21 5.79 -7.03 15.01
CA GLU B 21 6.07 -8.09 14.01
C GLU B 21 5.81 -9.45 14.66
N GLN B 22 6.43 -9.68 15.82
CA GLN B 22 6.14 -10.83 16.72
C GLN B 22 4.63 -11.09 16.64
N GLY B 23 3.82 -10.11 17.06
CA GLY B 23 2.36 -10.24 17.09
C GLY B 23 1.76 -9.53 18.30
N ASN B 24 2.57 -9.13 19.27
CA ASN B 24 2.13 -8.39 20.49
C ASN B 24 1.81 -6.92 20.12
N ILE B 25 0.58 -6.69 19.63
CA ILE B 25 0.02 -5.36 19.22
C ILE B 25 0.04 -4.41 20.43
N GLU B 26 -0.21 -4.92 21.63
CA GLU B 26 -0.49 -4.07 22.82
C GLU B 26 0.80 -3.35 23.25
N GLU B 27 1.96 -3.97 23.06
CA GLU B 27 3.27 -3.42 23.53
C GLU B 27 3.73 -2.44 22.44
N ALA B 28 3.67 -2.86 21.17
CA ALA B 28 3.88 -1.97 20.00
C ALA B 28 3.35 -0.57 20.33
N VAL B 29 2.09 -0.47 20.74
CA VAL B 29 1.43 0.82 21.09
C VAL B 29 2.24 1.54 22.17
N ARG B 30 2.57 0.90 23.30
CA ARG B 30 3.23 1.56 24.47
C ARG B 30 4.57 2.14 24.00
N LEU B 31 5.28 1.45 23.09
CA LEU B 31 6.62 1.85 22.58
C LEU B 31 6.47 3.09 21.70
N TYR B 32 5.79 2.92 20.55
CA TYR B 32 5.36 4.01 19.64
C TYR B 32 5.01 5.25 20.47
N ARG B 33 4.24 5.10 21.55
CA ARG B 33 3.71 6.25 22.34
C ARG B 33 4.82 6.91 23.14
N LYS B 34 5.84 6.14 23.55
CA LYS B 34 7.02 6.66 24.30
C LYS B 34 7.88 7.40 23.26
N ALA B 35 8.07 6.79 22.07
CA ALA B 35 8.76 7.41 20.91
C ALA B 35 8.20 8.82 20.66
N LEU B 36 6.90 9.00 20.75
CA LEU B 36 6.25 10.30 20.41
C LEU B 36 6.34 11.28 21.60
N GLU B 37 6.54 10.79 22.82
CA GLU B 37 6.74 11.70 23.99
C GLU B 37 8.16 12.24 23.90
N VAL B 38 9.06 11.39 23.41
CA VAL B 38 10.50 11.66 23.21
C VAL B 38 10.69 12.60 22.01
N PHE B 39 10.09 12.30 20.85
CA PHE B 39 10.18 13.12 19.60
C PHE B 39 8.80 13.30 18.96
N PRO B 40 8.00 14.30 19.40
CA PRO B 40 6.65 14.54 18.85
C PRO B 40 6.50 14.62 17.31
N GLU B 41 7.45 15.25 16.61
CA GLU B 41 7.40 15.48 15.16
C GLU B 41 7.97 14.27 14.41
N PHE B 42 7.66 13.05 14.86
CA PHE B 42 8.19 11.82 14.24
C PHE B 42 7.10 11.21 13.35
N ALA B 43 7.14 11.50 12.06
CA ALA B 43 6.10 11.10 11.08
C ALA B 43 5.88 9.58 11.14
N ALA B 44 6.93 8.80 10.98
CA ALA B 44 6.81 7.34 10.83
C ALA B 44 6.15 6.74 12.10
N ALA B 45 6.48 7.25 13.28
CA ALA B 45 5.87 6.76 14.53
C ALA B 45 4.38 7.02 14.49
N HIS B 46 3.98 8.27 14.26
CA HIS B 46 2.55 8.65 14.16
C HIS B 46 1.86 7.68 13.20
N SER B 47 2.45 7.42 12.04
CA SER B 47 1.84 6.55 11.00
C SER B 47 1.69 5.12 11.53
N ASN B 48 2.67 4.63 12.27
CA ASN B 48 2.70 3.23 12.75
C ASN B 48 1.71 3.08 13.89
N LEU B 49 1.73 4.01 14.85
CA LEU B 49 0.77 4.01 15.97
C LEU B 49 -0.63 3.99 15.37
N ALA B 50 -0.85 4.78 14.32
CA ALA B 50 -2.18 4.93 13.68
C ALA B 50 -2.58 3.59 13.09
N SER B 51 -1.65 2.94 12.41
CA SER B 51 -1.90 1.66 11.73
C SER B 51 -2.40 0.63 12.74
N VAL B 52 -1.87 0.62 13.95
CA VAL B 52 -2.20 -0.46 14.92
C VAL B 52 -3.43 -0.03 15.71
N LEU B 53 -3.64 1.26 15.91
CA LEU B 53 -4.92 1.79 16.45
C LEU B 53 -6.06 1.41 15.50
N GLN B 54 -5.80 1.41 14.19
CA GLN B 54 -6.82 1.05 13.18
C GLN B 54 -7.16 -0.43 13.33
N GLN B 55 -6.16 -1.28 13.43
CA GLN B 55 -6.32 -2.73 13.70
C GLN B 55 -7.16 -2.93 14.97
N GLN B 56 -6.95 -2.10 15.99
CA GLN B 56 -7.61 -2.24 17.31
C GLN B 56 -9.02 -1.68 17.22
N GLY B 57 -9.37 -1.10 16.08
CA GLY B 57 -10.72 -0.53 15.87
C GLY B 57 -10.90 0.81 16.59
N LYS B 58 -9.80 1.46 17.00
CA LYS B 58 -9.82 2.82 17.57
C LYS B 58 -9.65 3.84 16.44
N LEU B 59 -10.65 3.97 15.57
CA LEU B 59 -10.52 4.66 14.27
C LEU B 59 -10.38 6.17 14.50
N GLN B 60 -11.12 6.73 15.45
CA GLN B 60 -11.15 8.20 15.67
C GLN B 60 -9.71 8.58 16.05
N GLU B 61 -9.07 7.77 16.89
CA GLU B 61 -7.71 8.09 17.41
C GLU B 61 -6.68 7.86 16.30
N ALA B 62 -6.84 6.79 15.52
CA ALA B 62 -5.92 6.46 14.40
C ALA B 62 -5.88 7.65 13.47
N LEU B 63 -7.07 8.16 13.19
CA LEU B 63 -7.26 9.25 12.22
C LEU B 63 -6.49 10.47 12.70
N MET B 64 -6.48 10.74 14.00
CA MET B 64 -5.75 11.92 14.54
C MET B 64 -4.25 11.77 14.23
N HIS B 65 -3.69 10.57 14.38
CA HIS B 65 -2.24 10.33 14.22
C HIS B 65 -1.87 10.32 12.74
N TYR B 66 -2.73 9.80 11.86
CA TYR B 66 -2.49 9.88 10.41
C TYR B 66 -2.40 11.37 10.06
N LYS B 67 -3.36 12.19 10.52
CA LYS B 67 -3.38 13.63 10.22
C LYS B 67 -2.02 14.24 10.59
N GLU B 68 -1.48 13.89 11.77
CA GLU B 68 -0.17 14.41 12.26
C GLU B 68 0.92 14.01 11.27
N ALA B 69 1.01 12.70 10.96
CA ALA B 69 2.05 12.15 10.05
C ALA B 69 2.08 12.98 8.77
N ILE B 70 0.90 13.28 8.24
CA ILE B 70 0.75 14.02 6.96
C ILE B 70 1.22 15.47 7.17
N ARG B 71 0.86 16.08 8.30
CA ARG B 71 1.25 17.49 8.59
C ARG B 71 2.77 17.56 8.63
N ILE B 72 3.38 16.60 9.29
CA ILE B 72 4.84 16.55 9.50
C ILE B 72 5.53 16.27 8.17
N SER B 73 5.04 15.30 7.40
CA SER B 73 5.64 14.86 6.11
C SER B 73 4.59 14.91 5.01
N PRO B 74 4.42 16.03 4.29
CA PRO B 74 3.32 16.18 3.36
C PRO B 74 3.41 15.32 2.10
N THR B 75 4.58 14.77 1.80
CA THR B 75 4.81 13.88 0.64
C THR B 75 4.56 12.41 1.01
N PHE B 76 4.02 12.14 2.19
CA PHE B 76 3.84 10.79 2.79
C PHE B 76 2.59 10.14 2.18
N ALA B 77 2.68 9.72 0.92
CA ALA B 77 1.58 9.06 0.18
C ALA B 77 1.01 7.90 0.99
N ASP B 78 1.90 7.15 1.66
CA ASP B 78 1.50 5.91 2.37
C ASP B 78 0.51 6.30 3.47
N ALA B 79 0.75 7.40 4.16
CA ALA B 79 -0.11 7.80 5.29
C ALA B 79 -1.46 8.26 4.74
N TYR B 80 -1.48 8.93 3.58
CA TYR B 80 -2.76 9.34 2.95
C TYR B 80 -3.56 8.08 2.63
N SER B 81 -2.92 7.07 2.05
CA SER B 81 -3.57 5.80 1.67
C SER B 81 -4.20 5.12 2.90
N ASN B 82 -3.50 5.06 4.03
CA ASN B 82 -4.02 4.35 5.22
C ASN B 82 -5.03 5.23 5.96
N MET B 83 -4.84 6.54 5.94
CA MET B 83 -5.86 7.47 6.49
C MET B 83 -7.15 7.23 5.70
N GLY B 84 -7.01 7.07 4.39
CA GLY B 84 -8.16 6.75 3.52
C GLY B 84 -8.89 5.53 4.00
N ASN B 85 -8.15 4.45 4.27
CA ASN B 85 -8.75 3.17 4.72
C ASN B 85 -9.48 3.39 6.04
N THR B 86 -8.92 4.23 6.93
CA THR B 86 -9.53 4.48 8.25
C THR B 86 -10.88 5.14 8.01
N LEU B 87 -10.89 6.18 7.17
CA LEU B 87 -12.13 6.92 6.83
C LEU B 87 -13.14 5.95 6.20
N LYS B 88 -12.68 5.02 5.37
CA LYS B 88 -13.59 4.06 4.71
C LYS B 88 -14.26 3.19 5.78
N GLU B 89 -13.49 2.63 6.72
CA GLU B 89 -14.02 1.81 7.83
C GLU B 89 -14.97 2.69 8.66
N MET B 90 -14.70 4.00 8.73
CA MET B 90 -15.58 4.94 9.47
C MET B 90 -16.82 5.30 8.65
N GLN B 91 -16.96 4.83 7.40
CA GLN B 91 -18.14 5.09 6.52
C GLN B 91 -18.10 6.51 5.94
N ASP B 92 -16.94 7.15 5.92
CA ASP B 92 -16.73 8.45 5.22
C ASP B 92 -16.08 8.16 3.85
N VAL B 93 -16.83 7.54 2.95
CA VAL B 93 -16.27 7.02 1.66
C VAL B 93 -15.84 8.25 0.84
N GLN B 94 -16.62 9.30 0.92
CA GLN B 94 -16.25 10.66 0.41
C GLN B 94 -14.80 11.00 0.82
N GLY B 95 -14.47 10.97 2.10
CA GLY B 95 -13.16 11.38 2.61
C GLY B 95 -12.07 10.38 2.28
N ALA B 96 -12.41 9.09 2.24
CA ALA B 96 -11.45 8.03 1.88
C ALA B 96 -10.97 8.31 0.46
N LEU B 97 -11.96 8.58 -0.41
CA LEU B 97 -11.75 8.82 -1.85
C LEU B 97 -10.77 9.99 -2.01
N GLN B 98 -10.95 11.03 -1.22
CA GLN B 98 -10.10 12.23 -1.33
C GLN B 98 -8.67 11.86 -0.92
N CYS B 99 -8.53 11.00 0.08
CA CYS B 99 -7.21 10.54 0.56
C CYS B 99 -6.50 9.77 -0.55
N TYR B 100 -7.17 8.76 -1.11
CA TYR B 100 -6.58 7.90 -2.15
C TYR B 100 -6.16 8.77 -3.34
N THR B 101 -7.04 9.67 -3.79
CA THR B 101 -6.73 10.50 -4.98
C THR B 101 -5.56 11.44 -4.66
N ARG B 102 -5.47 11.95 -3.43
CA ARG B 102 -4.40 12.91 -3.07
C ARG B 102 -3.08 12.15 -3.07
N ALA B 103 -3.06 10.93 -2.56
CA ALA B 103 -1.88 10.05 -2.56
C ALA B 103 -1.36 9.93 -3.99
N ILE B 104 -2.28 9.69 -4.92
CA ILE B 104 -1.96 9.39 -6.34
C ILE B 104 -1.40 10.65 -7.02
N GLN B 105 -1.87 11.83 -6.63
CA GLN B 105 -1.36 13.11 -7.20
C GLN B 105 0.07 13.35 -6.76
N ILE B 106 0.34 13.06 -5.50
CA ILE B 106 1.66 13.30 -4.84
C ILE B 106 2.66 12.29 -5.38
N ASN B 107 2.24 11.04 -5.55
CA ASN B 107 3.12 9.97 -6.07
C ASN B 107 2.35 9.13 -7.07
N PRO B 108 2.41 9.50 -8.35
CA PRO B 108 1.73 8.76 -9.41
C PRO B 108 2.07 7.27 -9.48
N ALA B 109 3.23 6.90 -8.96
CA ALA B 109 3.83 5.54 -9.04
C ALA B 109 3.46 4.69 -7.81
N PHE B 110 2.61 5.21 -6.92
CA PHE B 110 2.30 4.57 -5.61
C PHE B 110 1.14 3.60 -5.75
N ALA B 111 1.41 2.31 -5.80
CA ALA B 111 0.42 1.28 -6.22
C ALA B 111 -0.73 1.13 -5.21
N ASP B 112 -0.48 1.25 -3.92
CA ASP B 112 -1.48 0.87 -2.90
C ASP B 112 -2.67 1.82 -3.02
N ALA B 113 -2.44 3.09 -3.33
CA ALA B 113 -3.54 4.08 -3.39
C ALA B 113 -4.43 3.72 -4.57
N HIS B 114 -3.83 3.25 -5.68
CA HIS B 114 -4.60 2.82 -6.87
C HIS B 114 -5.46 1.62 -6.48
N SER B 115 -4.89 0.68 -5.73
CA SER B 115 -5.62 -0.52 -5.26
C SER B 115 -6.80 -0.08 -4.39
N ASN B 116 -6.57 0.85 -3.48
CA ASN B 116 -7.61 1.25 -2.50
C ASN B 116 -8.69 2.04 -3.22
N LEU B 117 -8.32 2.84 -4.24
CA LEU B 117 -9.30 3.54 -5.10
C LEU B 117 -10.17 2.48 -5.78
N ALA B 118 -9.56 1.39 -6.24
CA ALA B 118 -10.29 0.29 -6.89
C ALA B 118 -11.30 -0.32 -5.92
N SER B 119 -10.92 -0.51 -4.66
CA SER B 119 -11.80 -1.16 -3.66
C SER B 119 -13.05 -0.30 -3.45
N ILE B 120 -12.91 1.02 -3.45
CA ILE B 120 -14.06 1.94 -3.28
C ILE B 120 -14.99 1.72 -4.47
N HIS B 121 -14.42 1.69 -5.67
CA HIS B 121 -15.21 1.45 -6.91
C HIS B 121 -15.92 0.10 -6.79
N LYS B 122 -15.19 -0.93 -6.35
CA LYS B 122 -15.72 -2.32 -6.27
C LYS B 122 -16.92 -2.31 -5.33
N ASP B 123 -16.71 -1.73 -4.13
CA ASP B 123 -17.75 -1.67 -3.07
C ASP B 123 -18.97 -0.94 -3.63
N SER B 124 -18.79 0.01 -4.54
CA SER B 124 -19.91 0.88 -5.00
C SER B 124 -20.58 0.27 -6.22
N GLY B 125 -20.16 -0.91 -6.62
CA GLY B 125 -20.73 -1.61 -7.80
C GLY B 125 -20.08 -1.24 -9.12
N ASN B 126 -19.02 -0.45 -9.13
CA ASN B 126 -18.40 0.04 -10.39
C ASN B 126 -17.31 -0.93 -10.82
N ILE B 127 -17.69 -2.05 -11.42
CA ILE B 127 -16.72 -3.17 -11.51
C ILE B 127 -15.67 -2.83 -12.56
N PRO B 128 -16.05 -2.28 -13.73
CA PRO B 128 -15.05 -1.90 -14.74
C PRO B 128 -14.01 -0.90 -14.23
N GLU B 129 -14.48 0.10 -13.48
CA GLU B 129 -13.63 1.18 -12.91
C GLU B 129 -12.68 0.55 -11.90
N ALA B 130 -13.14 -0.45 -11.18
CA ALA B 130 -12.32 -1.20 -10.19
C ALA B 130 -11.24 -1.99 -10.93
N ILE B 131 -11.66 -2.73 -11.96
CA ILE B 131 -10.73 -3.53 -12.78
C ILE B 131 -9.61 -2.60 -13.28
N ALA B 132 -9.97 -1.44 -13.82
CA ALA B 132 -9.00 -0.49 -14.40
C ALA B 132 -7.96 -0.12 -13.33
N SER B 133 -8.42 0.28 -12.14
CA SER B 133 -7.51 0.78 -11.08
C SER B 133 -6.69 -0.40 -10.52
N TYR B 134 -7.24 -1.61 -10.40
CA TYR B 134 -6.45 -2.77 -9.93
C TYR B 134 -5.34 -3.04 -10.94
N ARG B 135 -5.66 -2.91 -12.23
CA ARG B 135 -4.69 -3.20 -13.32
C ARG B 135 -3.55 -2.20 -13.21
N THR B 136 -3.87 -0.93 -12.95
CA THR B 136 -2.85 0.13 -12.77
C THR B 136 -1.95 -0.25 -11.59
N ALA B 137 -2.54 -0.65 -10.47
CA ALA B 137 -1.78 -1.01 -9.26
C ALA B 137 -0.78 -2.11 -9.61
N LEU B 138 -1.22 -3.07 -10.40
CA LEU B 138 -0.39 -4.25 -10.72
C LEU B 138 0.68 -3.92 -11.79
N LYS B 139 0.42 -2.97 -12.70
CA LYS B 139 1.47 -2.49 -13.65
C LYS B 139 2.55 -1.86 -12.77
N LEU B 140 2.14 -1.08 -11.75
CA LEU B 140 3.07 -0.34 -10.88
C LEU B 140 3.78 -1.30 -9.92
N LYS B 141 3.16 -2.41 -9.56
CA LYS B 141 3.71 -3.30 -8.50
C LYS B 141 3.20 -4.70 -8.71
N PRO B 142 3.89 -5.49 -9.56
CA PRO B 142 3.33 -6.75 -10.06
C PRO B 142 3.19 -7.83 -8.99
N ASP B 143 4.00 -7.77 -7.92
CA ASP B 143 3.77 -8.65 -6.76
C ASP B 143 2.94 -7.87 -5.75
N PHE B 144 1.62 -8.04 -5.80
CA PHE B 144 0.65 -7.26 -4.99
C PHE B 144 -0.60 -8.09 -4.76
N PRO B 145 -0.52 -9.08 -3.83
CA PRO B 145 -1.61 -10.02 -3.58
C PRO B 145 -3.01 -9.43 -3.32
N ASP B 146 -3.11 -8.38 -2.51
CA ASP B 146 -4.44 -7.76 -2.24
C ASP B 146 -5.06 -7.34 -3.57
N ALA B 147 -4.31 -6.61 -4.40
CA ALA B 147 -4.78 -6.13 -5.70
C ALA B 147 -5.10 -7.32 -6.61
N TYR B 148 -4.25 -8.34 -6.62
CA TYR B 148 -4.42 -9.50 -7.52
C TYR B 148 -5.72 -10.22 -7.19
N CYS B 149 -5.96 -10.47 -5.91
CA CYS B 149 -7.09 -11.31 -5.46
C CYS B 149 -8.40 -10.53 -5.58
N ASN B 150 -8.38 -9.22 -5.37
CA ASN B 150 -9.60 -8.39 -5.58
C ASN B 150 -9.87 -8.27 -7.08
N LEU B 151 -8.84 -8.11 -7.90
CA LEU B 151 -9.05 -8.14 -9.37
C LEU B 151 -9.70 -9.47 -9.76
N ALA B 152 -9.25 -10.57 -9.15
CA ALA B 152 -9.73 -11.91 -9.51
C ALA B 152 -11.23 -12.00 -9.24
N HIS B 153 -11.65 -11.45 -8.11
CA HIS B 153 -13.08 -11.43 -7.71
C HIS B 153 -13.85 -10.51 -8.66
N CYS B 154 -13.27 -9.36 -9.05
CA CYS B 154 -13.92 -8.45 -10.02
C CYS B 154 -14.17 -9.24 -11.30
N LEU B 155 -13.13 -9.93 -11.76
CA LEU B 155 -13.22 -10.68 -13.03
C LEU B 155 -14.25 -11.81 -12.86
N GLN B 156 -14.32 -12.44 -11.69
CA GLN B 156 -15.32 -13.52 -11.47
C GLN B 156 -16.71 -12.94 -11.65
N ILE B 157 -16.92 -11.74 -11.12
CA ILE B 157 -18.27 -11.09 -11.05
C ILE B 157 -18.79 -10.86 -12.46
N VAL B 158 -17.93 -10.45 -13.38
CA VAL B 158 -18.33 -10.08 -14.76
C VAL B 158 -18.04 -11.24 -15.71
N CYS B 159 -17.60 -12.38 -15.20
CA CYS B 159 -17.37 -13.58 -16.02
C CYS B 159 -16.31 -13.30 -17.08
N ASP B 160 -15.25 -12.57 -16.74
CA ASP B 160 -14.02 -12.47 -17.57
C ASP B 160 -13.14 -13.66 -17.18
N TRP B 161 -13.06 -14.66 -18.05
CA TRP B 161 -12.30 -15.91 -17.76
C TRP B 161 -10.97 -15.92 -18.52
N THR B 162 -10.47 -14.77 -18.92
CA THR B 162 -9.11 -14.65 -19.51
C THR B 162 -8.11 -15.33 -18.57
N ASP B 163 -7.41 -16.35 -19.07
CA ASP B 163 -6.35 -17.09 -18.34
C ASP B 163 -6.91 -17.68 -17.04
N TYR B 164 -8.15 -18.15 -17.05
CA TYR B 164 -8.85 -18.64 -15.84
C TYR B 164 -7.95 -19.64 -15.11
N ASP B 165 -7.46 -20.68 -15.79
CA ASP B 165 -6.80 -21.81 -15.08
C ASP B 165 -5.51 -21.30 -14.46
N GLU B 166 -4.80 -20.42 -15.16
CA GLU B 166 -3.51 -19.87 -14.69
C GLU B 166 -3.81 -19.00 -13.44
N ARG B 167 -4.90 -18.26 -13.49
CA ARG B 167 -5.32 -17.35 -12.39
C ARG B 167 -5.68 -18.18 -11.15
N MET B 168 -6.50 -19.21 -11.31
CA MET B 168 -6.84 -20.09 -10.18
C MET B 168 -5.55 -20.66 -9.56
N LYS B 169 -4.61 -21.08 -10.41
CA LYS B 169 -3.32 -21.67 -9.96
C LYS B 169 -2.62 -20.62 -9.08
N LYS B 170 -2.68 -19.36 -9.49
CA LYS B 170 -1.93 -18.30 -8.79
C LYS B 170 -2.62 -17.91 -7.48
N LEU B 171 -3.96 -17.86 -7.44
CA LEU B 171 -4.67 -17.60 -6.17
C LEU B 171 -4.25 -18.63 -5.13
N VAL B 172 -4.25 -19.90 -5.52
CA VAL B 172 -3.85 -20.99 -4.61
C VAL B 172 -2.41 -20.70 -4.14
N SER B 173 -1.54 -20.42 -5.09
CA SER B 173 -0.12 -20.14 -4.81
C SER B 173 0.01 -19.00 -3.80
N ILE B 174 -0.80 -17.94 -3.94
CA ILE B 174 -0.72 -16.74 -3.06
C ILE B 174 -1.17 -17.13 -1.64
N VAL B 175 -2.31 -17.81 -1.54
CA VAL B 175 -2.87 -18.18 -0.23
C VAL B 175 -1.85 -19.11 0.46
N ALA B 176 -1.24 -20.02 -0.29
CA ALA B 176 -0.32 -21.04 0.25
C ALA B 176 0.88 -20.33 0.83
N ASP B 177 1.41 -19.38 0.08
CA ASP B 177 2.57 -18.58 0.52
C ASP B 177 2.16 -17.80 1.77
N GLN B 178 0.96 -17.23 1.79
CA GLN B 178 0.56 -16.32 2.90
C GLN B 178 0.33 -17.14 4.18
N LEU B 179 -0.23 -18.34 4.06
CA LEU B 179 -0.51 -19.21 5.24
C LEU B 179 0.81 -19.78 5.77
N GLU B 180 1.72 -20.20 4.87
CA GLU B 180 3.09 -20.68 5.22
C GLU B 180 3.74 -19.54 6.01
N LYS B 181 3.82 -18.32 5.45
CA LYS B 181 4.51 -17.16 6.10
C LYS B 181 3.63 -16.61 7.25
N ASN B 182 2.48 -17.23 7.55
CA ASN B 182 1.58 -16.87 8.69
C ASN B 182 1.03 -15.43 8.56
N ARG B 183 0.66 -15.00 7.34
CA ARG B 183 0.11 -13.65 7.09
C ARG B 183 -1.39 -13.76 6.81
N LEU B 184 -2.11 -12.63 6.86
CA LEU B 184 -3.57 -12.59 6.56
C LEU B 184 -3.74 -12.81 5.06
N PRO B 185 -4.44 -13.87 4.64
CA PRO B 185 -4.60 -14.13 3.23
C PRO B 185 -5.41 -13.01 2.56
N SER B 186 -4.99 -12.68 1.34
CA SER B 186 -5.65 -11.73 0.42
C SER B 186 -6.98 -12.26 -0.09
N VAL B 187 -7.24 -13.56 -0.02
CA VAL B 187 -8.56 -14.08 -0.43
C VAL B 187 -9.50 -13.97 0.76
N HIS B 188 -10.65 -13.35 0.54
CA HIS B 188 -11.75 -13.19 1.52
C HIS B 188 -12.43 -14.54 1.71
N PRO B 189 -12.81 -14.90 2.95
CA PRO B 189 -13.44 -16.18 3.21
C PRO B 189 -14.68 -16.45 2.36
N HIS B 190 -15.49 -15.43 2.14
CA HIS B 190 -16.77 -15.57 1.38
C HIS B 190 -16.43 -15.92 -0.07
N HIS B 191 -15.33 -15.40 -0.59
CA HIS B 191 -14.86 -15.62 -1.98
C HIS B 191 -14.19 -16.99 -2.11
N SER B 192 -13.62 -17.51 -1.03
CA SER B 192 -12.78 -18.73 -1.08
C SER B 192 -13.59 -19.91 -1.62
N MET B 193 -14.92 -19.91 -1.43
N MET B 193 -14.91 -19.91 -1.43
CA MET B 193 -15.81 -20.98 -1.97
CA MET B 193 -15.83 -20.95 -1.96
C MET B 193 -15.68 -21.09 -3.49
C MET B 193 -15.69 -21.08 -3.49
N LEU B 194 -15.23 -20.03 -4.18
CA LEU B 194 -15.29 -19.93 -5.67
C LEU B 194 -14.01 -20.46 -6.31
N TYR B 195 -12.93 -20.53 -5.57
CA TYR B 195 -11.61 -20.89 -6.11
C TYR B 195 -11.25 -22.30 -5.67
N PRO B 196 -10.48 -23.07 -6.46
CA PRO B 196 -10.09 -24.43 -6.07
C PRO B 196 -9.03 -24.51 -4.97
N LEU B 197 -9.22 -23.82 -3.85
CA LEU B 197 -8.35 -23.98 -2.66
C LEU B 197 -8.71 -25.32 -1.97
N SER B 198 -7.81 -25.81 -1.11
CA SER B 198 -8.10 -26.97 -0.23
C SER B 198 -9.09 -26.56 0.86
N HIS B 199 -9.87 -27.51 1.35
CA HIS B 199 -10.76 -27.29 2.52
C HIS B 199 -9.91 -26.71 3.66
N GLY B 200 -8.69 -27.21 3.81
CA GLY B 200 -7.81 -26.75 4.89
C GLY B 200 -7.54 -25.26 4.78
N PHE B 201 -7.22 -24.83 3.57
CA PHE B 201 -6.90 -23.41 3.26
C PHE B 201 -8.13 -22.52 3.52
N ARG B 202 -9.30 -22.95 3.08
CA ARG B 202 -10.54 -22.14 3.23
C ARG B 202 -10.81 -21.93 4.72
N LYS B 203 -10.72 -23.00 5.49
CA LYS B 203 -10.93 -22.92 6.95
C LYS B 203 -9.85 -22.01 7.55
N ALA B 204 -8.61 -22.09 7.08
CA ALA B 204 -7.49 -21.28 7.61
C ALA B 204 -7.74 -19.80 7.28
N ILE B 205 -8.28 -19.53 6.08
CA ILE B 205 -8.62 -18.15 5.64
C ILE B 205 -9.66 -17.61 6.63
N ALA B 206 -10.71 -18.39 6.86
CA ALA B 206 -11.80 -18.00 7.77
C ALA B 206 -11.20 -17.68 9.14
N GLU B 207 -10.38 -18.60 9.66
CA GLU B 207 -9.84 -18.50 11.03
C GLU B 207 -9.10 -17.16 11.16
N ARG B 208 -8.38 -16.77 10.13
CA ARG B 208 -7.51 -15.56 10.20
C ARG B 208 -8.40 -14.30 10.16
N HIS B 209 -9.52 -14.35 9.44
CA HIS B 209 -10.51 -13.25 9.43
C HIS B 209 -11.19 -13.17 10.79
N GLY B 210 -11.55 -14.30 11.39
CA GLY B 210 -12.10 -14.31 12.75
C GLY B 210 -11.15 -13.64 13.74
N ASN B 211 -9.86 -13.87 13.58
CA ASN B 211 -8.89 -13.35 14.58
C ASN B 211 -8.82 -11.83 14.50
N LEU B 212 -9.24 -11.22 13.40
CA LEU B 212 -9.24 -9.73 13.32
C LEU B 212 -10.23 -9.18 14.34
N CYS B 213 -11.29 -9.93 14.66
CA CYS B 213 -12.26 -9.53 15.70
C CYS B 213 -11.58 -9.55 17.06
N LEU B 214 -10.73 -10.55 17.31
CA LEU B 214 -10.05 -10.67 18.63
C LEU B 214 -9.19 -9.43 18.89
N ASP B 215 -8.41 -8.95 17.93
CA ASP B 215 -7.63 -7.70 18.16
C ASP B 215 -8.55 -6.56 18.61
N LYS B 216 -9.74 -6.46 18.02
CA LYS B 216 -10.65 -5.29 18.21
C LYS B 216 -11.41 -5.40 19.53
N ILE B 217 -11.55 -6.60 20.10
CA ILE B 217 -12.26 -6.77 21.40
C ILE B 217 -11.25 -6.84 22.55
N ASN B 218 -9.99 -7.17 22.30
CA ASN B 218 -8.99 -7.29 23.40
C ASN B 218 -8.77 -5.91 24.03
N VAL B 219 -8.88 -4.86 23.22
CA VAL B 219 -8.73 -3.45 23.64
C VAL B 219 -9.79 -3.09 24.67
N LEU B 220 -10.92 -3.81 24.71
CA LEU B 220 -12.03 -3.45 25.63
C LEU B 220 -11.70 -3.99 27.02
N HIS B 221 -10.84 -5.01 27.08
CA HIS B 221 -10.32 -5.59 28.36
C HIS B 221 -11.53 -6.06 29.16
N LYS B 222 -12.46 -6.76 28.53
CA LYS B 222 -13.64 -7.26 29.26
C LYS B 222 -13.32 -8.65 29.77
N PRO B 223 -13.81 -9.00 30.98
CA PRO B 223 -13.65 -10.35 31.48
C PRO B 223 -14.65 -11.27 30.79
N PRO B 224 -14.49 -12.60 30.95
CA PRO B 224 -15.52 -13.55 30.55
C PRO B 224 -16.85 -13.22 31.23
N TYR B 225 -17.95 -13.49 30.55
CA TYR B 225 -19.32 -13.31 31.09
C TYR B 225 -19.69 -14.59 31.86
N GLU B 226 -20.42 -14.46 32.96
CA GLU B 226 -21.00 -15.64 33.67
C GLU B 226 -22.25 -16.03 32.87
N HIS B 227 -22.27 -17.22 32.29
CA HIS B 227 -23.43 -17.66 31.50
C HIS B 227 -24.43 -18.40 32.39
N PRO B 228 -25.73 -18.36 32.07
CA PRO B 228 -26.69 -19.24 32.71
C PRO B 228 -26.26 -20.72 32.64
N LYS B 229 -26.48 -21.48 33.72
CA LYS B 229 -26.22 -22.94 33.79
C LYS B 229 -27.58 -23.65 33.85
N ASP B 230 -28.69 -22.90 33.90
CA ASP B 230 -30.05 -23.47 34.03
C ASP B 230 -31.04 -22.57 33.27
N LEU B 231 -32.34 -22.88 33.32
CA LEU B 231 -33.38 -22.01 32.72
C LEU B 231 -34.22 -21.33 33.81
N LYS B 232 -33.68 -21.15 35.01
CA LYS B 232 -34.47 -20.69 36.18
C LYS B 232 -34.89 -19.23 35.97
N LEU B 233 -33.97 -18.35 35.57
CA LEU B 233 -34.29 -16.89 35.51
C LEU B 233 -35.23 -16.59 34.34
N SER B 234 -35.40 -17.52 33.41
CA SER B 234 -36.20 -17.39 32.16
C SER B 234 -37.42 -18.29 32.20
N ASP B 235 -37.77 -18.80 33.38
CA ASP B 235 -39.10 -19.44 33.59
C ASP B 235 -39.21 -20.69 32.68
N GLY B 236 -38.12 -21.46 32.56
CA GLY B 236 -38.10 -22.72 31.79
C GLY B 236 -38.05 -22.50 30.30
N ARG B 237 -37.91 -21.23 29.88
CA ARG B 237 -37.83 -20.87 28.45
C ARG B 237 -36.36 -20.76 28.07
N LEU B 238 -36.02 -21.35 26.92
CA LEU B 238 -34.69 -21.21 26.31
C LEU B 238 -34.66 -19.88 25.56
N ARG B 239 -33.64 -19.08 25.81
CA ARG B 239 -33.56 -17.70 25.26
C ARG B 239 -32.69 -17.74 24.01
N VAL B 240 -33.32 -17.49 22.87
CA VAL B 240 -32.61 -17.57 21.57
C VAL B 240 -32.45 -16.17 21.03
N GLY B 241 -31.22 -15.84 20.67
CA GLY B 241 -30.84 -14.53 20.13
C GLY B 241 -30.43 -14.66 18.68
N TYR B 242 -31.26 -14.16 17.78
CA TYR B 242 -30.99 -14.09 16.34
C TYR B 242 -30.30 -12.75 16.05
N VAL B 243 -29.05 -12.78 15.58
CA VAL B 243 -28.27 -11.55 15.28
C VAL B 243 -28.06 -11.40 13.78
N SER B 244 -28.64 -10.36 13.18
CA SER B 244 -28.57 -10.09 11.73
C SER B 244 -28.48 -8.60 11.42
N SER B 245 -27.71 -8.30 10.38
CA SER B 245 -27.76 -6.98 9.69
C SER B 245 -28.91 -6.95 8.68
N ASP B 246 -29.75 -7.96 8.63
CA ASP B 246 -30.62 -8.19 7.44
C ASP B 246 -32.08 -8.37 7.87
N PHE B 247 -32.46 -7.86 9.04
CA PHE B 247 -33.90 -7.76 9.35
C PHE B 247 -34.41 -6.57 8.58
N GLY B 248 -34.87 -6.83 7.37
CA GLY B 248 -35.24 -5.79 6.40
C GLY B 248 -35.43 -6.38 5.03
N ASN B 249 -35.45 -5.56 3.99
CA ASN B 249 -35.61 -6.09 2.62
C ASN B 249 -34.28 -6.68 2.16
N HIS B 250 -33.99 -7.90 2.60
CA HIS B 250 -32.76 -8.63 2.25
C HIS B 250 -33.11 -10.12 2.18
N PRO B 251 -32.45 -10.92 1.30
CA PRO B 251 -32.73 -12.34 1.18
C PRO B 251 -32.95 -13.12 2.48
N THR B 252 -32.07 -12.91 3.46
CA THR B 252 -32.18 -13.55 4.79
C THR B 252 -33.62 -13.41 5.30
N SER B 253 -34.20 -12.23 5.25
CA SER B 253 -35.57 -11.98 5.78
C SER B 253 -36.58 -12.69 4.87
N HIS B 254 -36.32 -12.75 3.56
CA HIS B 254 -37.19 -13.45 2.59
C HIS B 254 -37.18 -14.97 2.84
N LEU B 255 -36.20 -15.45 3.59
CA LEU B 255 -36.07 -16.88 3.96
C LEU B 255 -36.76 -17.13 5.31
N MET B 256 -36.51 -16.31 6.33
CA MET B 256 -36.82 -16.72 7.73
C MET B 256 -37.68 -15.70 8.49
N GLN B 257 -38.32 -14.73 7.84
CA GLN B 257 -39.12 -13.70 8.56
C GLN B 257 -40.26 -14.34 9.36
N SER B 258 -40.73 -15.53 8.99
CA SER B 258 -41.88 -16.14 9.69
C SER B 258 -41.43 -16.89 10.95
N ILE B 259 -40.14 -17.18 11.05
CA ILE B 259 -39.65 -18.15 12.07
C ILE B 259 -39.78 -17.60 13.48
N PRO B 260 -39.26 -16.39 13.81
CA PRO B 260 -39.41 -15.85 15.16
C PRO B 260 -40.85 -16.00 15.67
N GLY B 261 -41.81 -15.71 14.82
CA GLY B 261 -43.25 -15.71 15.22
C GLY B 261 -43.78 -17.11 15.44
N MET B 262 -43.08 -18.11 14.93
CA MET B 262 -43.57 -19.50 14.92
C MET B 262 -42.96 -20.26 16.09
N HIS B 263 -42.05 -19.65 16.82
CA HIS B 263 -41.44 -20.26 18.02
C HIS B 263 -42.53 -20.45 19.09
N ASN B 264 -42.41 -21.52 19.86
CA ASN B 264 -43.40 -21.88 20.91
C ASN B 264 -43.05 -21.15 22.20
N PRO B 265 -43.93 -20.23 22.67
CA PRO B 265 -43.65 -19.41 23.84
C PRO B 265 -43.54 -20.19 25.15
N ASP B 266 -44.03 -21.42 25.20
CA ASP B 266 -43.95 -22.23 26.44
C ASP B 266 -42.48 -22.58 26.69
N LYS B 267 -41.69 -22.83 25.65
CA LYS B 267 -40.30 -23.34 25.77
C LYS B 267 -39.24 -22.35 25.26
N PHE B 268 -39.65 -21.34 24.49
CA PHE B 268 -38.66 -20.45 23.83
C PHE B 268 -39.03 -18.98 24.07
N GLU B 269 -37.99 -18.17 24.22
CA GLU B 269 -38.13 -16.71 24.31
C GLU B 269 -37.15 -16.12 23.28
N VAL B 270 -37.70 -15.43 22.30
CA VAL B 270 -37.00 -15.06 21.05
C VAL B 270 -36.56 -13.60 21.10
N PHE B 271 -35.27 -13.37 20.91
CA PHE B 271 -34.68 -12.02 20.90
C PHE B 271 -34.09 -11.80 19.52
N CYS B 272 -34.55 -10.78 18.80
CA CYS B 272 -33.92 -10.40 17.53
C CYS B 272 -33.05 -9.18 17.76
N TYR B 273 -31.76 -9.35 17.52
CA TYR B 273 -30.73 -8.31 17.66
C TYR B 273 -30.39 -7.81 16.26
N ALA B 274 -30.90 -6.65 15.90
CA ALA B 274 -30.69 -6.03 14.57
C ALA B 274 -29.40 -5.20 14.56
N LEU B 275 -28.56 -5.42 13.56
CA LEU B 275 -27.29 -4.68 13.38
C LEU B 275 -27.48 -3.57 12.35
N SER B 276 -28.69 -3.43 11.82
CA SER B 276 -29.07 -2.46 10.76
C SER B 276 -30.21 -1.58 11.29
N PRO B 277 -30.25 -0.29 10.89
CA PRO B 277 -31.41 0.53 11.23
C PRO B 277 -32.63 0.09 10.41
N ASP B 278 -33.81 0.49 10.88
CA ASP B 278 -35.11 0.13 10.25
C ASP B 278 -35.17 0.72 8.85
N ASP B 279 -35.29 -0.10 7.81
CA ASP B 279 -35.33 0.36 6.40
C ASP B 279 -36.77 0.67 5.99
N GLY B 280 -37.71 0.57 6.92
CA GLY B 280 -39.12 0.94 6.68
C GLY B 280 -39.93 -0.17 6.04
N THR B 281 -39.33 -1.29 5.69
CA THR B 281 -40.06 -2.36 4.96
C THR B 281 -40.85 -3.24 5.92
N ASN B 282 -41.79 -3.99 5.37
CA ASN B 282 -42.69 -4.87 6.15
C ASN B 282 -41.92 -6.02 6.76
N PHE B 283 -40.82 -6.41 6.13
CA PHE B 283 -39.94 -7.49 6.65
C PHE B 283 -39.54 -7.11 8.06
N ARG B 284 -39.13 -5.85 8.23
CA ARG B 284 -38.63 -5.35 9.54
C ARG B 284 -39.83 -5.26 10.49
N VAL B 285 -40.94 -4.77 9.99
CA VAL B 285 -42.20 -4.65 10.77
C VAL B 285 -42.56 -6.00 11.38
N LYS B 286 -42.48 -7.06 10.58
CA LYS B 286 -42.99 -8.39 10.98
C LYS B 286 -42.08 -8.97 12.07
N VAL B 287 -40.77 -8.91 11.84
CA VAL B 287 -39.84 -9.51 12.83
C VAL B 287 -40.01 -8.71 14.13
N MET B 288 -40.13 -7.38 14.03
CA MET B 288 -40.30 -6.51 15.22
C MET B 288 -41.60 -6.89 15.93
N ALA B 289 -42.64 -7.15 15.17
CA ALA B 289 -43.97 -7.40 15.74
C ALA B 289 -44.04 -8.78 16.38
N GLU B 290 -43.29 -9.77 15.88
CA GLU B 290 -43.57 -11.20 16.19
C GLU B 290 -42.50 -11.79 17.11
N ALA B 291 -41.29 -11.27 17.10
CA ALA B 291 -40.28 -11.63 18.12
C ALA B 291 -40.81 -11.20 19.48
N ASN B 292 -40.53 -12.00 20.50
CA ASN B 292 -40.80 -11.64 21.91
C ASN B 292 -40.08 -10.33 22.22
N HIS B 293 -38.89 -10.11 21.66
CA HIS B 293 -38.05 -8.90 21.92
C HIS B 293 -37.26 -8.56 20.68
N PHE B 294 -37.23 -7.29 20.35
CA PHE B 294 -36.45 -6.77 19.20
C PHE B 294 -35.56 -5.65 19.70
N ILE B 295 -34.26 -5.77 19.46
CA ILE B 295 -33.24 -4.84 20.00
C ILE B 295 -32.45 -4.31 18.83
N ASP B 296 -32.46 -2.99 18.65
CA ASP B 296 -31.73 -2.33 17.55
C ASP B 296 -30.30 -2.06 18.02
N LEU B 297 -29.39 -2.97 17.74
CA LEU B 297 -27.97 -2.76 18.15
C LEU B 297 -27.31 -1.74 17.22
N SER B 298 -27.94 -1.33 16.11
CA SER B 298 -27.32 -0.32 15.23
C SER B 298 -27.13 0.97 16.04
N GLN B 299 -27.96 1.16 17.09
CA GLN B 299 -27.92 2.36 17.97
C GLN B 299 -26.87 2.19 19.07
N ILE B 300 -26.18 1.06 19.11
CA ILE B 300 -25.17 0.74 20.15
C ILE B 300 -23.92 0.32 19.40
N PRO B 301 -23.21 1.28 18.79
CA PRO B 301 -22.04 0.94 17.98
C PRO B 301 -20.89 0.28 18.75
N CYS B 302 -20.74 0.53 20.07
CA CYS B 302 -19.65 -0.12 20.86
C CYS B 302 -19.96 -1.61 21.04
N ASN B 303 -19.07 -2.47 20.56
CA ASN B 303 -19.25 -3.94 20.69
C ASN B 303 -19.30 -4.35 22.16
N GLY B 304 -18.60 -3.62 23.02
CA GLY B 304 -18.64 -3.87 24.48
C GLY B 304 -20.05 -3.75 24.98
N LYS B 305 -20.68 -2.60 24.72
CA LYS B 305 -22.01 -2.28 25.30
C LYS B 305 -23.04 -3.20 24.66
N ALA B 306 -22.86 -3.58 23.39
CA ALA B 306 -23.84 -4.39 22.66
C ALA B 306 -23.77 -5.82 23.20
N ALA B 307 -22.56 -6.37 23.33
CA ALA B 307 -22.35 -7.68 23.96
C ALA B 307 -22.95 -7.67 25.36
N ASP B 308 -22.73 -6.60 26.11
CA ASP B 308 -23.29 -6.47 27.47
C ASP B 308 -24.83 -6.61 27.39
N ARG B 309 -25.43 -5.94 26.43
CA ARG B 309 -26.90 -5.91 26.25
C ARG B 309 -27.41 -7.33 26.00
N ILE B 310 -26.71 -8.06 25.13
CA ILE B 310 -27.05 -9.48 24.83
C ILE B 310 -26.99 -10.24 26.16
N HIS B 311 -25.90 -10.07 26.89
CA HIS B 311 -25.65 -10.85 28.13
C HIS B 311 -26.73 -10.55 29.17
N GLN B 312 -27.13 -9.28 29.29
CA GLN B 312 -28.16 -8.87 30.28
C GLN B 312 -29.49 -9.52 29.91
N ASP B 313 -29.77 -9.70 28.62
CA ASP B 313 -31.06 -10.28 28.18
C ASP B 313 -31.08 -11.77 28.55
N GLY B 314 -29.91 -12.37 28.85
CA GLY B 314 -29.78 -13.71 29.45
C GLY B 314 -29.82 -14.83 28.43
N ILE B 315 -29.25 -14.58 27.25
CA ILE B 315 -29.33 -15.45 26.06
C ILE B 315 -28.54 -16.73 26.33
N HIS B 316 -29.20 -17.85 26.03
CA HIS B 316 -28.62 -19.22 26.10
C HIS B 316 -27.96 -19.53 24.76
N ILE B 317 -28.68 -19.32 23.66
CA ILE B 317 -28.14 -19.63 22.31
C ILE B 317 -28.16 -18.36 21.47
N LEU B 318 -26.98 -17.91 21.03
CA LEU B 318 -26.83 -16.74 20.17
C LEU B 318 -26.49 -17.23 18.76
N VAL B 319 -27.21 -16.74 17.77
CA VAL B 319 -27.22 -17.32 16.41
C VAL B 319 -26.69 -16.27 15.45
N ASN B 320 -25.62 -16.64 14.76
CA ASN B 320 -24.85 -15.73 13.89
C ASN B 320 -25.38 -15.90 12.48
N MET B 321 -26.12 -14.90 12.01
CA MET B 321 -26.80 -14.99 10.72
C MET B 321 -25.97 -14.26 9.64
N ASN B 322 -24.76 -13.80 9.94
CA ASN B 322 -24.00 -13.00 8.95
C ASN B 322 -22.71 -13.69 8.54
N GLY B 323 -22.02 -14.34 9.47
CA GLY B 323 -20.65 -14.81 9.18
C GLY B 323 -19.84 -13.69 8.58
N TYR B 324 -19.17 -13.92 7.46
CA TYR B 324 -18.29 -12.89 6.85
C TYR B 324 -19.05 -12.23 5.70
N THR B 325 -20.17 -11.57 6.02
CA THR B 325 -20.96 -10.81 5.02
C THR B 325 -21.01 -9.34 5.42
N LYS B 326 -21.43 -8.48 4.49
CA LYS B 326 -21.67 -7.04 4.75
C LYS B 326 -22.57 -6.96 5.98
N GLY B 327 -22.18 -6.14 6.95
CA GLY B 327 -23.01 -5.76 8.10
C GLY B 327 -22.73 -6.57 9.35
N ALA B 328 -21.95 -7.64 9.22
CA ALA B 328 -21.49 -8.49 10.33
C ALA B 328 -20.88 -7.64 11.44
N ARG B 329 -21.07 -8.09 12.68
CA ARG B 329 -20.34 -7.60 13.87
C ARG B 329 -19.94 -8.83 14.68
N ASN B 330 -18.93 -9.55 14.20
CA ASN B 330 -18.56 -10.85 14.81
C ASN B 330 -17.84 -10.57 16.12
N GLU B 331 -17.34 -9.35 16.30
CA GLU B 331 -16.81 -8.89 17.61
C GLU B 331 -17.82 -9.29 18.70
N LEU B 332 -19.12 -9.12 18.44
CA LEU B 332 -20.19 -9.47 19.43
C LEU B 332 -20.05 -10.94 19.84
N PHE B 333 -19.80 -11.81 18.88
CA PHE B 333 -19.68 -13.27 19.13
C PHE B 333 -18.34 -13.60 19.77
N ALA B 334 -17.28 -12.88 19.40
CA ALA B 334 -15.92 -13.11 19.95
C ALA B 334 -15.93 -12.82 21.45
N LEU B 335 -16.82 -11.94 21.90
CA LEU B 335 -16.92 -11.57 23.34
C LEU B 335 -17.67 -12.66 24.11
N ARG B 336 -18.23 -13.65 23.41
CA ARG B 336 -18.90 -14.83 24.03
C ARG B 336 -19.87 -14.36 25.12
N PRO B 337 -20.90 -13.55 24.81
CA PRO B 337 -21.93 -13.20 25.79
C PRO B 337 -22.91 -14.34 26.06
N ALA B 338 -22.91 -15.34 25.19
CA ALA B 338 -23.76 -16.53 25.38
C ALA B 338 -22.91 -17.77 25.48
N PRO B 339 -23.42 -18.79 26.20
CA PRO B 339 -22.70 -20.05 26.37
C PRO B 339 -22.68 -20.97 25.15
N ILE B 340 -23.65 -20.81 24.25
CA ILE B 340 -23.75 -21.58 22.98
C ILE B 340 -23.92 -20.58 21.83
N GLN B 341 -23.08 -20.69 20.81
CA GLN B 341 -23.08 -19.71 19.70
C GLN B 341 -23.00 -20.49 18.38
N ALA B 342 -24.04 -20.33 17.55
CA ALA B 342 -24.24 -21.17 16.34
C ALA B 342 -24.26 -20.29 15.08
N MET B 343 -23.62 -20.76 14.03
CA MET B 343 -23.78 -20.22 12.66
C MET B 343 -25.08 -20.76 12.06
N TRP B 344 -25.89 -19.91 11.43
CA TRP B 344 -27.18 -20.30 10.80
C TRP B 344 -27.55 -19.43 9.58
N LEU B 345 -27.76 -20.11 8.46
CA LEU B 345 -28.58 -19.70 7.29
C LEU B 345 -27.92 -18.63 6.43
N GLY B 346 -27.42 -17.54 7.00
CA GLY B 346 -26.98 -16.37 6.22
C GLY B 346 -25.62 -16.55 5.56
N TYR B 347 -24.72 -17.35 6.12
CA TYR B 347 -23.33 -17.51 5.61
C TYR B 347 -23.08 -18.96 5.26
N PRO B 348 -22.76 -19.26 3.98
CA PRO B 348 -22.57 -20.65 3.53
C PRO B 348 -21.11 -21.10 3.62
N GLY B 349 -20.58 -21.06 4.84
CA GLY B 349 -19.21 -21.49 5.12
C GLY B 349 -18.92 -21.52 6.61
N THR B 350 -17.70 -21.89 6.96
CA THR B 350 -17.28 -21.93 8.37
C THR B 350 -16.78 -20.54 8.73
N SER B 351 -17.01 -20.17 9.99
CA SER B 351 -16.38 -19.00 10.67
C SER B 351 -14.88 -19.28 10.83
N GLY B 352 -14.52 -20.54 10.98
CA GLY B 352 -13.13 -20.96 11.25
C GLY B 352 -12.70 -20.55 12.66
N ALA B 353 -13.61 -20.07 13.47
CA ALA B 353 -13.27 -19.24 14.64
C ALA B 353 -13.56 -20.00 15.92
N LEU B 354 -12.71 -19.80 16.93
CA LEU B 354 -12.84 -20.41 18.28
C LEU B 354 -14.19 -20.07 18.91
N PHE B 355 -14.71 -18.87 18.63
CA PHE B 355 -15.85 -18.27 19.35
C PHE B 355 -17.18 -18.78 18.79
N MET B 356 -17.14 -19.64 17.78
CA MET B 356 -18.38 -20.25 17.24
C MET B 356 -18.39 -21.73 17.61
N ASP B 357 -19.46 -22.21 18.23
CA ASP B 357 -19.53 -23.59 18.75
C ASP B 357 -20.09 -24.53 17.68
N TYR B 358 -21.21 -24.20 17.08
CA TYR B 358 -21.93 -25.09 16.14
C TYR B 358 -22.16 -24.40 14.80
N ILE B 359 -22.30 -25.16 13.73
CA ILE B 359 -22.93 -24.70 12.46
C ILE B 359 -24.20 -25.52 12.22
N ILE B 360 -25.30 -24.84 11.99
CA ILE B 360 -26.59 -25.51 11.71
C ILE B 360 -26.63 -25.84 10.23
N THR B 361 -26.64 -27.12 9.91
CA THR B 361 -26.60 -27.62 8.53
C THR B 361 -27.40 -28.92 8.50
N ASP B 362 -27.03 -29.87 7.64
CA ASP B 362 -27.77 -31.16 7.51
C ASP B 362 -26.85 -32.20 6.88
N GLN B 363 -27.24 -33.47 6.92
CA GLN B 363 -26.38 -34.60 6.46
C GLN B 363 -26.13 -34.46 4.94
N GLU B 364 -27.08 -33.97 4.16
CA GLU B 364 -26.90 -33.81 2.70
C GLU B 364 -25.92 -32.69 2.38
N THR B 365 -26.05 -31.58 3.09
CA THR B 365 -25.23 -30.38 2.82
C THR B 365 -23.81 -30.62 3.35
N SER B 366 -23.71 -31.15 4.55
CA SER B 366 -22.43 -31.23 5.30
C SER B 366 -22.25 -32.64 5.81
N PRO B 367 -22.03 -33.65 4.94
CA PRO B 367 -21.87 -35.03 5.41
C PRO B 367 -20.56 -35.18 6.20
N ALA B 368 -20.53 -36.19 7.07
CA ALA B 368 -19.47 -36.40 8.06
C ALA B 368 -18.12 -36.54 7.36
N GLU B 369 -18.08 -37.13 6.16
CA GLU B 369 -16.78 -37.32 5.45
C GLU B 369 -16.12 -35.96 5.18
N VAL B 370 -16.87 -34.85 5.11
CA VAL B 370 -16.25 -33.53 4.77
C VAL B 370 -16.33 -32.56 5.96
N ALA B 371 -16.64 -33.02 7.17
CA ALA B 371 -16.58 -32.25 8.44
C ALA B 371 -15.27 -31.47 8.60
N GLU B 372 -14.14 -31.92 8.05
CA GLU B 372 -12.83 -31.27 8.30
C GLU B 372 -12.86 -29.83 7.74
N GLN B 373 -13.81 -29.47 6.89
CA GLN B 373 -13.84 -28.09 6.30
C GLN B 373 -14.41 -27.10 7.31
N TYR B 374 -15.14 -27.57 8.32
CA TYR B 374 -15.77 -26.68 9.33
C TYR B 374 -14.95 -26.73 10.62
N SER B 375 -14.75 -25.58 11.24
CA SER B 375 -14.20 -25.45 12.61
C SER B 375 -15.29 -25.79 13.64
N GLU B 376 -16.55 -25.59 13.30
CA GLU B 376 -17.68 -25.76 14.25
C GLU B 376 -18.02 -27.24 14.34
N LYS B 377 -18.82 -27.61 15.32
CA LYS B 377 -19.45 -28.94 15.35
C LYS B 377 -20.67 -28.86 14.46
N LEU B 378 -20.97 -29.93 13.76
CA LEU B 378 -22.16 -30.00 12.89
C LEU B 378 -23.38 -30.11 13.80
N ALA B 379 -24.42 -29.36 13.51
CA ALA B 379 -25.74 -29.54 14.14
C ALA B 379 -26.73 -29.77 13.02
N TYR B 380 -27.19 -30.99 12.87
CA TYR B 380 -27.99 -31.40 11.70
C TYR B 380 -29.45 -31.10 11.99
N MET B 381 -30.08 -30.41 11.05
CA MET B 381 -31.55 -30.44 10.90
C MET B 381 -31.90 -31.73 10.15
N PRO B 382 -33.12 -32.24 10.34
CA PRO B 382 -33.51 -33.56 9.83
C PRO B 382 -33.56 -33.67 8.30
N HIS B 383 -33.88 -32.59 7.60
CA HIS B 383 -34.10 -32.59 6.14
C HIS B 383 -33.07 -31.65 5.51
N THR B 384 -33.40 -30.37 5.38
CA THR B 384 -32.39 -29.36 4.97
C THR B 384 -32.38 -28.23 6.00
N PHE B 385 -31.22 -27.59 6.16
CA PHE B 385 -31.09 -26.40 7.02
C PHE B 385 -31.75 -25.24 6.29
N PHE B 386 -31.89 -25.37 4.98
CA PHE B 386 -32.40 -24.28 4.16
C PHE B 386 -33.91 -24.18 4.38
N ILE B 387 -34.43 -22.96 4.23
CA ILE B 387 -35.86 -22.63 4.42
C ILE B 387 -36.13 -21.36 3.63
N GLY B 388 -37.39 -21.13 3.27
CA GLY B 388 -37.83 -19.92 2.57
C GLY B 388 -39.25 -19.56 2.97
N ASP B 389 -39.62 -18.29 2.85
CA ASP B 389 -40.93 -17.82 3.34
C ASP B 389 -41.93 -17.76 2.18
N HIS B 390 -41.70 -18.54 1.13
CA HIS B 390 -42.41 -18.39 -0.16
C HIS B 390 -43.90 -18.67 0.04
N ALA B 391 -44.24 -19.57 0.94
CA ALA B 391 -45.65 -19.95 1.19
C ALA B 391 -46.40 -18.73 1.71
N ASN B 392 -45.71 -17.88 2.45
CA ASN B 392 -46.34 -16.70 3.08
C ASN B 392 -46.26 -15.48 2.15
N MET B 393 -45.11 -15.29 1.50
CA MET B 393 -44.83 -14.08 0.70
C MET B 393 -45.58 -14.15 -0.62
N PHE B 394 -45.69 -15.34 -1.20
CA PHE B 394 -46.14 -15.56 -2.61
C PHE B 394 -47.20 -16.65 -2.68
N PRO B 395 -48.26 -16.61 -1.87
CA PRO B 395 -49.30 -17.63 -1.92
C PRO B 395 -50.09 -17.61 -3.23
N HIS B 396 -49.98 -16.52 -3.98
CA HIS B 396 -50.69 -16.38 -5.27
C HIS B 396 -50.09 -17.34 -6.29
N LEU B 397 -48.92 -17.89 -6.02
CA LEU B 397 -48.28 -18.86 -6.93
C LEU B 397 -48.54 -20.31 -6.48
N LYS B 398 -49.39 -20.54 -5.47
CA LYS B 398 -49.78 -21.91 -5.05
C LYS B 398 -50.53 -22.53 -6.23
N LYS B 399 -51.21 -21.76 -7.06
CA LYS B 399 -52.03 -22.29 -8.18
C LYS B 399 -51.85 -21.44 -9.44
N LYS B 400 -51.83 -22.09 -10.60
CA LYS B 400 -51.77 -21.38 -11.89
C LYS B 400 -52.98 -21.76 -12.72
N ALA B 401 -53.19 -20.97 -13.77
CA ALA B 401 -54.02 -21.32 -14.94
C ALA B 401 -53.29 -20.87 -16.19
N VAL B 402 -53.64 -21.42 -17.34
CA VAL B 402 -52.99 -20.97 -18.61
C VAL B 402 -54.06 -20.61 -19.62
N ILE B 403 -53.62 -19.98 -20.70
CA ILE B 403 -54.42 -19.69 -21.90
C ILE B 403 -53.88 -20.55 -23.05
N ASP B 404 -54.76 -21.26 -23.74
CA ASP B 404 -54.43 -22.16 -24.87
C ASP B 404 -54.65 -21.37 -26.17
N PHE B 405 -53.57 -21.06 -26.88
CA PHE B 405 -53.55 -20.01 -27.93
C PHE B 405 -53.15 -20.57 -29.31
N HIS B 410 -51.11 -27.91 -28.68
CA HIS B 410 -50.43 -28.27 -27.40
C HIS B 410 -51.05 -27.46 -26.25
N ILE B 411 -51.31 -28.08 -25.09
CA ILE B 411 -51.69 -27.38 -23.82
C ILE B 411 -50.44 -27.29 -22.96
N TYR B 412 -49.70 -26.19 -23.12
CA TYR B 412 -48.45 -25.90 -22.37
C TYR B 412 -48.76 -25.32 -20.98
N ASP B 413 -47.90 -25.59 -20.00
CA ASP B 413 -48.09 -25.10 -18.61
C ASP B 413 -47.31 -23.81 -18.32
N ASN B 414 -46.66 -23.23 -19.32
CA ASN B 414 -45.65 -22.18 -19.03
C ASN B 414 -45.44 -21.24 -20.21
N ARG B 415 -46.46 -20.99 -21.04
CA ARG B 415 -46.25 -19.99 -22.13
C ARG B 415 -47.05 -18.74 -21.80
N ILE B 416 -48.28 -18.96 -21.32
CA ILE B 416 -49.15 -17.86 -20.81
C ILE B 416 -49.73 -18.32 -19.48
N VAL B 417 -49.40 -17.62 -18.41
CA VAL B 417 -49.76 -18.07 -17.03
C VAL B 417 -50.53 -16.96 -16.33
N LEU B 418 -51.58 -17.39 -15.62
CA LEU B 418 -52.36 -16.53 -14.71
C LEU B 418 -52.07 -17.03 -13.29
N ASN B 419 -51.85 -16.09 -12.38
CA ASN B 419 -51.82 -16.36 -10.93
C ASN B 419 -52.64 -15.30 -10.22
N GLY B 420 -53.27 -15.69 -9.13
CA GLY B 420 -54.15 -14.75 -8.43
C GLY B 420 -54.85 -15.42 -7.29
N ILE B 421 -54.91 -14.71 -6.17
CA ILE B 421 -55.68 -15.15 -4.98
C ILE B 421 -57.13 -15.34 -5.41
N ASP B 422 -57.64 -14.52 -6.33
CA ASP B 422 -59.05 -14.55 -6.79
C ASP B 422 -59.17 -15.27 -8.15
N LEU B 423 -58.21 -16.09 -8.54
CA LEU B 423 -58.22 -16.74 -9.89
C LEU B 423 -59.44 -17.66 -10.02
N LYS B 424 -59.71 -18.51 -9.03
CA LYS B 424 -60.86 -19.47 -9.06
C LYS B 424 -62.12 -18.69 -9.41
N ALA B 425 -62.38 -17.55 -8.77
CA ALA B 425 -63.62 -16.77 -9.02
C ALA B 425 -63.63 -16.23 -10.45
N PHE B 426 -62.50 -15.77 -10.95
CA PHE B 426 -62.39 -15.25 -12.34
C PHE B 426 -62.68 -16.38 -13.32
N LEU B 427 -62.05 -17.54 -13.12
CA LEU B 427 -62.28 -18.74 -13.98
C LEU B 427 -63.78 -19.12 -13.95
N ASP B 428 -64.44 -19.07 -12.79
CA ASP B 428 -65.84 -19.55 -12.64
C ASP B 428 -66.76 -18.57 -13.34
N SER B 429 -66.29 -17.39 -13.72
CA SER B 429 -67.09 -16.38 -14.45
C SER B 429 -67.00 -16.65 -15.95
N LEU B 430 -66.08 -17.50 -16.36
CA LEU B 430 -65.82 -17.74 -17.80
C LEU B 430 -66.74 -18.86 -18.27
N PRO B 431 -67.13 -18.83 -19.56
CA PRO B 431 -68.03 -19.84 -20.13
C PRO B 431 -67.41 -21.25 -20.17
N ASP B 432 -66.20 -21.37 -20.74
CA ASP B 432 -65.63 -22.69 -21.12
C ASP B 432 -64.22 -22.79 -20.58
N VAL B 433 -63.98 -23.64 -19.59
CA VAL B 433 -62.62 -23.79 -19.00
C VAL B 433 -62.31 -25.28 -18.90
N LYS B 434 -61.45 -25.79 -19.77
CA LYS B 434 -60.93 -27.19 -19.68
C LYS B 434 -60.12 -27.26 -18.38
N ILE B 435 -60.32 -28.30 -17.58
CA ILE B 435 -59.55 -28.53 -16.34
C ILE B 435 -58.65 -29.74 -16.58
N VAL B 436 -57.34 -29.54 -16.69
CA VAL B 436 -56.40 -30.65 -17.02
C VAL B 436 -55.91 -31.33 -15.73
N LYS B 437 -56.44 -32.51 -15.39
CA LYS B 437 -55.98 -33.37 -14.26
C LYS B 437 -54.48 -33.66 -14.48
N MET B 438 -53.71 -33.94 -13.43
CA MET B 438 -52.21 -33.86 -13.48
C MET B 438 -51.50 -35.23 -13.37
N ALA B 453 -56.85 -33.84 -5.34
CA ALA B 453 -55.52 -33.62 -5.95
C ALA B 453 -55.55 -32.36 -6.84
N LEU B 454 -54.63 -32.27 -7.81
CA LEU B 454 -54.19 -31.03 -8.51
C LEU B 454 -54.56 -31.03 -9.99
N ASN B 455 -54.53 -29.86 -10.60
CA ASN B 455 -55.18 -29.67 -11.91
C ASN B 455 -54.83 -28.27 -12.41
N MET B 456 -54.81 -28.09 -13.70
CA MET B 456 -54.44 -26.81 -14.32
C MET B 456 -55.62 -26.35 -15.15
N PRO B 457 -56.39 -25.33 -14.72
CA PRO B 457 -57.42 -24.77 -15.58
C PRO B 457 -56.79 -24.22 -16.86
N VAL B 458 -57.51 -24.38 -17.97
CA VAL B 458 -57.06 -23.90 -19.29
C VAL B 458 -58.16 -23.04 -19.90
N ILE B 459 -57.89 -21.76 -20.02
CA ILE B 459 -58.78 -20.79 -20.70
C ILE B 459 -58.55 -21.00 -22.19
N PRO B 460 -59.60 -21.31 -22.96
CA PRO B 460 -59.46 -21.48 -24.40
C PRO B 460 -59.43 -20.09 -25.05
N MET B 461 -59.07 -20.05 -26.33
CA MET B 461 -58.85 -18.79 -27.07
C MET B 461 -60.21 -18.20 -27.49
N ASN B 462 -61.02 -17.73 -26.54
CA ASN B 462 -62.29 -16.98 -26.80
C ASN B 462 -61.91 -15.51 -27.00
N THR B 463 -62.84 -14.56 -26.88
CA THR B 463 -62.51 -13.12 -27.07
C THR B 463 -61.91 -12.57 -25.76
N ILE B 464 -62.17 -13.24 -24.63
CA ILE B 464 -61.55 -12.85 -23.33
C ILE B 464 -60.06 -13.14 -23.37
N ALA B 465 -59.65 -14.33 -23.80
CA ALA B 465 -58.23 -14.64 -24.01
C ALA B 465 -57.61 -13.58 -24.93
N GLU B 466 -58.31 -13.17 -25.98
CA GLU B 466 -57.77 -12.22 -26.97
C GLU B 466 -57.49 -10.88 -26.29
N ALA B 467 -58.38 -10.46 -25.39
CA ALA B 467 -58.28 -9.17 -24.64
C ALA B 467 -57.04 -9.21 -23.74
N VAL B 468 -56.82 -10.35 -23.07
CA VAL B 468 -55.66 -10.56 -22.16
C VAL B 468 -54.39 -10.45 -23.01
N ILE B 469 -54.36 -11.20 -24.11
CA ILE B 469 -53.19 -11.25 -25.02
C ILE B 469 -52.96 -9.84 -25.58
N GLU B 470 -54.05 -9.16 -25.98
CA GLU B 470 -54.03 -7.77 -26.49
C GLU B 470 -53.28 -6.91 -25.47
N MET B 471 -53.68 -6.97 -24.20
CA MET B 471 -53.06 -6.16 -23.11
C MET B 471 -51.55 -6.42 -23.11
N ILE B 472 -51.17 -7.69 -23.14
CA ILE B 472 -49.73 -8.08 -23.06
C ILE B 472 -49.00 -7.47 -24.26
N ASN B 473 -49.62 -7.53 -25.44
CA ASN B 473 -48.98 -7.18 -26.73
C ASN B 473 -48.93 -5.66 -26.89
N ARG B 474 -50.00 -4.96 -26.50
CA ARG B 474 -50.05 -3.47 -26.59
C ARG B 474 -49.25 -2.89 -25.41
N GLY B 475 -48.85 -3.71 -24.43
CA GLY B 475 -48.04 -3.24 -23.29
C GLY B 475 -48.84 -2.39 -22.31
N GLN B 476 -50.16 -2.57 -22.21
CA GLN B 476 -50.98 -1.90 -21.20
C GLN B 476 -50.66 -2.45 -19.80
N ILE B 477 -50.85 -1.60 -18.80
CA ILE B 477 -50.68 -1.88 -17.36
C ILE B 477 -51.63 -3.01 -16.96
N GLN B 478 -52.89 -2.91 -17.33
CA GLN B 478 -53.96 -3.78 -16.76
C GLN B 478 -55.26 -3.60 -17.53
N ILE B 479 -56.18 -4.54 -17.35
CA ILE B 479 -57.55 -4.45 -17.92
C ILE B 479 -58.55 -4.97 -16.88
N THR B 480 -59.82 -4.96 -17.27
CA THR B 480 -60.93 -5.45 -16.44
C THR B 480 -61.70 -6.47 -17.26
N ILE B 481 -62.04 -7.60 -16.66
CA ILE B 481 -62.82 -8.66 -17.36
C ILE B 481 -63.82 -9.20 -16.37
N ASN B 482 -65.11 -9.00 -16.62
CA ASN B 482 -66.19 -9.51 -15.73
C ASN B 482 -65.97 -8.97 -14.33
N GLY B 483 -65.45 -7.73 -14.23
CA GLY B 483 -65.25 -7.02 -12.95
C GLY B 483 -63.95 -7.35 -12.24
N PHE B 484 -63.21 -8.36 -12.70
CA PHE B 484 -61.94 -8.80 -12.07
C PHE B 484 -60.78 -7.96 -12.60
N SER B 485 -59.82 -7.64 -11.75
CA SER B 485 -58.65 -6.84 -12.22
CA SER B 485 -58.64 -6.84 -12.17
C SER B 485 -57.56 -7.79 -12.72
N ILE B 486 -57.16 -7.56 -13.97
CA ILE B 486 -56.15 -8.37 -14.70
C ILE B 486 -54.93 -7.50 -14.98
N SER B 487 -53.80 -7.88 -14.41
CA SER B 487 -52.57 -7.05 -14.35
C SER B 487 -51.53 -7.63 -15.28
N ASN B 488 -50.89 -6.78 -16.06
CA ASN B 488 -49.67 -7.12 -16.81
C ASN B 488 -48.55 -7.37 -15.80
N GLY B 489 -47.96 -8.56 -15.85
CA GLY B 489 -46.89 -8.98 -14.92
C GLY B 489 -45.61 -8.15 -15.03
N LEU B 490 -45.52 -7.25 -16.00
CA LEU B 490 -44.34 -6.37 -16.17
C LEU B 490 -44.55 -5.06 -15.43
N ALA B 491 -45.76 -4.80 -14.96
CA ALA B 491 -46.15 -3.51 -14.37
C ALA B 491 -46.45 -3.63 -12.87
N THR B 492 -46.07 -4.70 -12.18
CA THR B 492 -46.55 -4.93 -10.78
C THR B 492 -46.19 -3.69 -9.96
N THR B 493 -45.00 -3.17 -10.21
CA THR B 493 -44.39 -2.03 -9.49
C THR B 493 -45.29 -0.78 -9.63
N GLN B 494 -45.91 -0.51 -10.77
CA GLN B 494 -46.85 0.64 -10.92
C GLN B 494 -48.17 0.40 -10.21
N ILE B 495 -48.61 -0.84 -10.12
CA ILE B 495 -49.95 -1.20 -9.59
C ILE B 495 -49.86 -1.26 -8.07
N ASN B 496 -48.77 -1.84 -7.54
CA ASN B 496 -48.55 -1.97 -6.08
C ASN B 496 -47.07 -2.26 -5.77
N ASN B 497 -46.25 -1.22 -5.59
CA ASN B 497 -44.82 -1.35 -5.20
C ASN B 497 -44.65 -2.39 -4.09
N LYS B 498 -45.55 -2.47 -3.11
CA LYS B 498 -45.35 -3.35 -1.95
C LYS B 498 -45.52 -4.80 -2.38
N ALA B 499 -46.42 -5.07 -3.33
CA ALA B 499 -46.61 -6.42 -3.92
C ALA B 499 -45.36 -6.81 -4.71
N ALA B 500 -44.76 -5.86 -5.41
CA ALA B 500 -43.58 -6.09 -6.26
C ALA B 500 -42.39 -6.55 -5.43
N THR B 501 -42.19 -5.98 -4.24
CA THR B 501 -41.02 -6.28 -3.37
C THR B 501 -41.24 -7.56 -2.58
N GLY B 502 -42.47 -8.05 -2.47
CA GLY B 502 -42.78 -9.22 -1.63
C GLY B 502 -43.33 -8.83 -0.27
N GLU B 503 -43.42 -7.53 -0.01
CA GLU B 503 -43.91 -6.97 1.27
C GLU B 503 -45.42 -7.16 1.38
N GLU B 504 -46.13 -7.21 0.26
CA GLU B 504 -47.58 -7.50 0.27
C GLU B 504 -47.85 -8.64 -0.70
N VAL B 505 -48.93 -9.36 -0.46
CA VAL B 505 -49.46 -10.32 -1.45
C VAL B 505 -50.27 -9.53 -2.46
N PRO B 506 -50.03 -9.74 -3.76
CA PRO B 506 -50.78 -9.03 -4.79
C PRO B 506 -52.29 -9.28 -4.68
N ARG B 507 -53.07 -8.21 -4.86
CA ARG B 507 -54.55 -8.21 -4.72
C ARG B 507 -55.22 -8.23 -6.11
N THR B 508 -54.44 -8.42 -7.17
CA THR B 508 -54.94 -8.53 -8.56
C THR B 508 -54.53 -9.87 -9.13
N ILE B 509 -55.07 -10.19 -10.28
CA ILE B 509 -54.68 -11.39 -11.05
C ILE B 509 -53.58 -10.99 -12.03
N ILE B 510 -52.48 -11.70 -12.02
CA ILE B 510 -51.29 -11.29 -12.80
C ILE B 510 -51.08 -12.26 -13.96
N VAL B 511 -50.85 -11.69 -15.14
CA VAL B 511 -50.56 -12.46 -16.38
C VAL B 511 -49.06 -12.41 -16.63
N THR B 512 -48.47 -13.57 -16.82
CA THR B 512 -47.02 -13.74 -17.07
C THR B 512 -46.85 -14.55 -18.35
N THR B 513 -46.00 -14.10 -19.26
CA THR B 513 -45.89 -14.76 -20.59
C THR B 513 -44.45 -14.80 -21.08
N ARG B 514 -44.15 -15.80 -21.91
CA ARG B 514 -42.82 -15.93 -22.51
C ARG B 514 -42.59 -14.73 -23.43
N SER B 515 -43.65 -14.27 -24.08
CA SER B 515 -43.55 -13.13 -25.02
C SER B 515 -42.96 -11.91 -24.29
N GLN B 516 -43.23 -11.74 -22.98
CA GLN B 516 -42.76 -10.56 -22.21
C GLN B 516 -41.23 -10.53 -22.13
N TYR B 517 -40.57 -11.69 -22.15
CA TYR B 517 -39.12 -11.76 -21.87
C TYR B 517 -38.36 -12.13 -23.13
N GLY B 518 -39.07 -12.30 -24.26
CA GLY B 518 -38.47 -12.67 -25.55
C GLY B 518 -38.05 -14.13 -25.57
N LEU B 519 -38.73 -14.96 -24.77
CA LEU B 519 -38.48 -16.42 -24.78
C LEU B 519 -39.28 -17.01 -25.94
N PRO B 520 -38.70 -17.96 -26.71
CA PRO B 520 -39.45 -18.64 -27.76
C PRO B 520 -40.64 -19.47 -27.25
N GLU B 521 -41.76 -19.38 -27.95
CA GLU B 521 -43.07 -20.02 -27.63
C GLU B 521 -42.94 -21.55 -27.71
N ASP B 522 -42.03 -22.04 -28.55
CA ASP B 522 -42.04 -23.46 -29.02
C ASP B 522 -40.68 -24.09 -28.72
N ALA B 523 -40.15 -23.83 -27.54
CA ALA B 523 -38.77 -24.25 -27.18
C ALA B 523 -38.68 -24.63 -25.71
N ILE B 524 -37.73 -25.49 -25.40
CA ILE B 524 -37.33 -25.80 -24.01
C ILE B 524 -36.56 -24.58 -23.49
N VAL B 525 -36.97 -24.09 -22.33
CA VAL B 525 -36.27 -22.98 -21.66
C VAL B 525 -35.55 -23.53 -20.43
N TYR B 526 -34.22 -23.49 -20.47
CA TYR B 526 -33.31 -23.78 -19.34
C TYR B 526 -32.97 -22.45 -18.66
N CYS B 527 -33.31 -22.28 -17.38
CA CYS B 527 -33.02 -21.02 -16.68
C CYS B 527 -31.86 -21.18 -15.68
N ASN B 528 -31.19 -20.09 -15.42
CA ASN B 528 -30.39 -19.87 -14.19
C ASN B 528 -30.44 -18.39 -13.83
N PHE B 529 -31.10 -18.07 -12.72
CA PHE B 529 -31.35 -16.68 -12.30
C PHE B 529 -30.34 -16.25 -11.21
N ASN B 530 -29.25 -16.97 -11.09
CA ASN B 530 -28.20 -16.55 -10.13
C ASN B 530 -27.43 -15.40 -10.71
N GLN B 531 -26.69 -14.77 -9.82
CA GLN B 531 -25.62 -13.83 -10.16
C GLN B 531 -24.56 -14.58 -10.95
N LEU B 532 -24.02 -13.92 -11.95
CA LEU B 532 -23.16 -14.57 -12.97
C LEU B 532 -21.86 -15.04 -12.30
N TYR B 533 -21.47 -14.50 -11.14
CA TYR B 533 -20.17 -14.87 -10.50
C TYR B 533 -20.15 -16.38 -10.18
N LYS B 534 -21.31 -17.03 -10.09
CA LYS B 534 -21.40 -18.47 -9.75
C LYS B 534 -21.08 -19.37 -10.96
N ILE B 535 -20.96 -18.77 -12.13
CA ILE B 535 -20.61 -19.50 -13.37
C ILE B 535 -19.10 -19.49 -13.55
N ASP B 536 -18.54 -20.64 -13.89
CA ASP B 536 -17.12 -20.80 -14.31
C ASP B 536 -17.12 -21.39 -15.72
N PRO B 537 -15.97 -21.42 -16.41
CA PRO B 537 -15.91 -21.98 -17.76
C PRO B 537 -16.46 -23.42 -17.86
N SER B 538 -16.21 -24.25 -16.86
CA SER B 538 -16.66 -25.66 -16.85
C SER B 538 -18.19 -25.71 -16.85
N THR B 539 -18.81 -24.83 -16.07
CA THR B 539 -20.29 -24.80 -15.99
C THR B 539 -20.84 -24.42 -17.37
N LEU B 540 -20.24 -23.45 -18.05
CA LEU B 540 -20.82 -23.01 -19.34
C LEU B 540 -20.58 -24.09 -20.40
N GLN B 541 -19.47 -24.82 -20.30
CA GLN B 541 -19.21 -25.99 -21.17
C GLN B 541 -20.36 -26.99 -20.99
N MET B 542 -20.62 -27.39 -19.75
CA MET B 542 -21.72 -28.31 -19.43
C MET B 542 -23.01 -27.83 -20.12
N TRP B 543 -23.29 -26.54 -19.99
CA TRP B 543 -24.56 -25.97 -20.49
C TRP B 543 -24.54 -26.01 -22.01
N ALA B 544 -23.39 -25.73 -22.62
CA ALA B 544 -23.22 -25.78 -24.08
C ALA B 544 -23.50 -27.19 -24.55
N ASN B 545 -22.98 -28.20 -23.85
CA ASN B 545 -23.20 -29.62 -24.25
C ASN B 545 -24.70 -29.91 -24.25
N ILE B 546 -25.43 -29.41 -23.26
CA ILE B 546 -26.88 -29.67 -23.09
C ILE B 546 -27.61 -29.00 -24.25
N LEU B 547 -27.29 -27.74 -24.51
CA LEU B 547 -27.99 -26.96 -25.56
C LEU B 547 -27.72 -27.61 -26.93
N LYS B 548 -26.51 -28.13 -27.15
CA LYS B 548 -26.13 -28.75 -28.44
C LYS B 548 -26.92 -30.05 -28.60
N ARG B 549 -27.29 -30.71 -27.52
CA ARG B 549 -28.02 -32.02 -27.58
C ARG B 549 -29.52 -31.81 -27.54
N VAL B 550 -29.99 -30.58 -27.35
CA VAL B 550 -31.46 -30.31 -27.30
C VAL B 550 -31.74 -29.14 -28.22
N PRO B 551 -31.74 -29.33 -29.54
CA PRO B 551 -31.50 -28.19 -30.42
C PRO B 551 -32.61 -27.14 -30.32
N ASN B 552 -33.85 -27.46 -29.90
CA ASN B 552 -34.89 -26.41 -29.80
C ASN B 552 -34.93 -25.95 -28.34
N SER B 553 -33.78 -25.56 -27.82
CA SER B 553 -33.67 -25.10 -26.41
C SER B 553 -32.90 -23.78 -26.35
N VAL B 554 -33.23 -22.99 -25.33
CA VAL B 554 -32.47 -21.76 -25.00
C VAL B 554 -32.12 -21.78 -23.50
N LEU B 555 -31.11 -21.01 -23.18
CA LEU B 555 -30.65 -20.78 -21.79
C LEU B 555 -31.06 -19.36 -21.42
N TRP B 556 -31.74 -19.22 -20.30
CA TRP B 556 -32.27 -17.93 -19.80
C TRP B 556 -31.39 -17.46 -18.62
N LEU B 557 -30.71 -16.33 -18.77
CA LEU B 557 -29.78 -15.81 -17.74
C LEU B 557 -30.17 -14.35 -17.45
N LEU B 558 -29.59 -13.80 -16.39
CA LEU B 558 -29.91 -12.41 -16.01
C LEU B 558 -28.68 -11.53 -16.21
N ARG B 559 -28.94 -10.26 -16.52
CA ARG B 559 -27.89 -9.23 -16.56
C ARG B 559 -27.52 -8.90 -15.13
N PHE B 560 -26.69 -9.73 -14.53
CA PHE B 560 -26.53 -9.79 -13.06
C PHE B 560 -25.05 -9.99 -12.76
N PRO B 561 -24.18 -9.03 -13.13
CA PRO B 561 -24.59 -7.78 -13.77
C PRO B 561 -24.51 -7.72 -15.30
N ALA B 562 -24.99 -6.63 -15.86
CA ALA B 562 -25.17 -6.51 -17.32
C ALA B 562 -23.81 -6.66 -18.04
N VAL B 563 -22.72 -6.18 -17.46
CA VAL B 563 -21.43 -6.16 -18.23
C VAL B 563 -20.96 -7.61 -18.37
N GLY B 564 -21.55 -8.54 -17.62
CA GLY B 564 -21.24 -9.98 -17.76
C GLY B 564 -21.77 -10.59 -19.05
N GLU B 565 -22.86 -10.05 -19.59
CA GLU B 565 -23.58 -10.63 -20.75
C GLU B 565 -22.62 -10.77 -21.94
N PRO B 566 -21.96 -9.71 -22.43
CA PRO B 566 -21.08 -9.80 -23.59
C PRO B 566 -19.99 -10.85 -23.41
N ASN B 567 -19.46 -10.94 -22.18
CA ASN B 567 -18.40 -11.90 -21.82
C ASN B 567 -18.94 -13.33 -21.98
N ILE B 568 -20.12 -13.61 -21.45
CA ILE B 568 -20.71 -14.97 -21.53
C ILE B 568 -21.02 -15.27 -22.99
N GLN B 569 -21.58 -14.31 -23.74
CA GLN B 569 -21.99 -14.54 -25.14
C GLN B 569 -20.73 -14.88 -25.94
N GLN B 570 -19.61 -14.21 -25.63
CA GLN B 570 -18.34 -14.46 -26.33
C GLN B 570 -17.89 -15.89 -26.03
N TYR B 571 -17.79 -16.31 -24.78
CA TYR B 571 -17.30 -17.68 -24.45
C TYR B 571 -18.25 -18.71 -25.06
N ALA B 572 -19.52 -18.38 -25.18
CA ALA B 572 -20.55 -19.30 -25.71
C ALA B 572 -20.35 -19.47 -27.22
N GLN B 573 -20.04 -18.39 -27.93
CA GLN B 573 -19.82 -18.42 -29.40
C GLN B 573 -18.58 -19.29 -29.66
N ASN B 574 -17.52 -19.12 -28.88
CA ASN B 574 -16.27 -19.90 -28.98
C ASN B 574 -16.57 -21.39 -28.72
N MET B 575 -17.67 -21.72 -28.05
CA MET B 575 -18.05 -23.12 -27.77
C MET B 575 -18.98 -23.62 -28.89
N GLY B 576 -19.37 -22.74 -29.82
CA GLY B 576 -20.19 -23.06 -31.01
C GLY B 576 -21.69 -22.94 -30.76
N LEU B 577 -22.11 -22.14 -29.79
CA LEU B 577 -23.53 -21.72 -29.65
C LEU B 577 -23.72 -20.39 -30.35
N PRO B 578 -24.63 -20.27 -31.34
CA PRO B 578 -25.04 -18.96 -31.85
C PRO B 578 -25.62 -18.08 -30.74
N GLN B 579 -25.71 -16.78 -31.01
CA GLN B 579 -26.09 -15.74 -30.02
C GLN B 579 -27.49 -16.03 -29.51
N ASN B 580 -28.40 -16.46 -30.37
CA ASN B 580 -29.83 -16.55 -30.02
C ASN B 580 -30.08 -17.74 -29.10
N ARG B 581 -29.07 -18.52 -28.75
CA ARG B 581 -29.27 -19.70 -27.86
C ARG B 581 -29.30 -19.25 -26.40
N ILE B 582 -28.70 -18.12 -26.09
CA ILE B 582 -28.71 -17.57 -24.71
C ILE B 582 -29.53 -16.28 -24.68
N ILE B 583 -30.57 -16.24 -23.87
CA ILE B 583 -31.43 -15.05 -23.74
C ILE B 583 -31.22 -14.43 -22.36
N PHE B 584 -30.90 -13.14 -22.36
CA PHE B 584 -30.67 -12.36 -21.14
C PHE B 584 -31.92 -11.53 -20.83
N SER B 585 -32.30 -11.51 -19.56
CA SER B 585 -33.34 -10.60 -19.02
C SER B 585 -32.73 -9.73 -17.93
N PRO B 586 -33.29 -8.53 -17.71
CA PRO B 586 -32.84 -7.71 -16.59
C PRO B 586 -33.25 -8.36 -15.26
N VAL B 587 -32.50 -8.05 -14.22
CA VAL B 587 -32.94 -8.32 -12.83
C VAL B 587 -34.31 -7.66 -12.66
N ALA B 588 -35.22 -8.31 -11.95
CA ALA B 588 -36.59 -7.81 -11.71
C ALA B 588 -36.89 -7.73 -10.21
N PRO B 589 -37.96 -7.04 -9.81
CA PRO B 589 -38.43 -7.11 -8.42
C PRO B 589 -38.70 -8.52 -7.91
N LYS B 590 -38.67 -8.75 -6.58
CA LYS B 590 -38.78 -10.11 -5.99
C LYS B 590 -39.94 -10.86 -6.65
N GLU B 591 -41.11 -10.26 -6.69
CA GLU B 591 -42.32 -11.07 -7.02
C GLU B 591 -42.29 -11.42 -8.50
N GLU B 592 -41.91 -10.51 -9.39
CA GLU B 592 -41.80 -10.81 -10.83
C GLU B 592 -40.73 -11.90 -11.02
N HIS B 593 -39.62 -11.79 -10.31
CA HIS B 593 -38.49 -12.76 -10.39
C HIS B 593 -38.94 -14.18 -10.05
N VAL B 594 -39.81 -14.33 -9.06
CA VAL B 594 -40.19 -15.68 -8.57
C VAL B 594 -41.24 -16.23 -9.54
N ARG B 595 -42.17 -15.36 -9.89
CA ARG B 595 -43.34 -15.64 -10.76
C ARG B 595 -42.86 -16.06 -12.16
N ARG B 596 -41.87 -15.37 -12.73
CA ARG B 596 -41.49 -15.59 -14.14
C ARG B 596 -40.67 -16.87 -14.27
N GLY B 597 -40.22 -17.44 -13.16
CA GLY B 597 -39.69 -18.81 -13.14
C GLY B 597 -40.69 -19.82 -13.65
N GLN B 598 -41.97 -19.49 -13.59
CA GLN B 598 -43.04 -20.40 -14.07
C GLN B 598 -42.93 -20.60 -15.58
N LEU B 599 -42.23 -19.71 -16.29
CA LEU B 599 -42.06 -19.76 -17.76
C LEU B 599 -40.99 -20.77 -18.14
N ALA B 600 -40.07 -21.10 -17.25
CA ALA B 600 -38.98 -22.04 -17.61
C ALA B 600 -39.51 -23.49 -17.63
N ASP B 601 -38.81 -24.36 -18.34
CA ASP B 601 -39.08 -25.81 -18.29
C ASP B 601 -38.21 -26.40 -17.19
N VAL B 602 -36.93 -26.04 -17.18
CA VAL B 602 -35.94 -26.63 -16.25
C VAL B 602 -34.94 -25.56 -15.86
N CYS B 603 -34.40 -25.68 -14.66
CA CYS B 603 -33.35 -24.77 -14.18
C CYS B 603 -32.04 -25.56 -14.02
N LEU B 604 -30.97 -25.02 -14.59
CA LEU B 604 -29.62 -25.62 -14.54
C LEU B 604 -28.85 -24.92 -13.44
N ASP B 605 -28.71 -25.59 -12.30
CA ASP B 605 -27.99 -25.05 -11.11
C ASP B 605 -26.50 -24.98 -11.38
N THR B 606 -25.87 -23.96 -10.80
CA THR B 606 -24.41 -23.74 -10.89
C THR B 606 -23.72 -24.64 -9.88
N PRO B 607 -22.91 -25.61 -10.33
CA PRO B 607 -22.18 -26.48 -9.41
C PRO B 607 -21.10 -25.76 -8.59
N LEU B 608 -20.52 -24.67 -9.09
CA LEU B 608 -19.35 -24.08 -8.39
C LEU B 608 -19.85 -23.57 -7.04
N CYS B 609 -20.89 -22.75 -7.07
CA CYS B 609 -21.67 -22.26 -5.92
C CYS B 609 -23.14 -22.32 -6.32
N ASN B 610 -23.95 -23.10 -5.60
CA ASN B 610 -25.35 -23.41 -5.99
C ASN B 610 -26.17 -22.14 -5.85
N GLY B 611 -27.34 -22.13 -6.46
CA GLY B 611 -28.45 -21.27 -6.04
C GLY B 611 -28.82 -21.61 -4.60
N HIS B 612 -28.95 -20.62 -3.73
CA HIS B 612 -29.41 -20.83 -2.33
C HIS B 612 -30.83 -20.29 -2.25
N THR B 613 -30.96 -18.98 -1.98
CA THR B 613 -32.26 -18.30 -2.11
C THR B 613 -32.80 -18.63 -3.51
N THR B 614 -31.95 -18.52 -4.52
CA THR B 614 -32.35 -18.67 -5.95
C THR B 614 -32.94 -20.07 -6.16
N GLY B 615 -32.39 -21.08 -5.49
CA GLY B 615 -32.91 -22.46 -5.53
C GLY B 615 -34.34 -22.52 -5.03
N MET B 616 -34.59 -21.93 -3.87
CA MET B 616 -35.94 -21.95 -3.25
C MET B 616 -36.88 -21.18 -4.16
N ASP B 617 -36.39 -20.12 -4.82
CA ASP B 617 -37.22 -19.29 -5.75
C ASP B 617 -37.71 -20.14 -6.95
N VAL B 618 -36.85 -20.95 -7.59
CA VAL B 618 -37.29 -21.69 -8.81
C VAL B 618 -38.20 -22.83 -8.37
N LEU B 619 -37.87 -23.50 -7.27
CA LEU B 619 -38.71 -24.65 -6.81
C LEU B 619 -40.12 -24.15 -6.45
N TRP B 620 -40.28 -22.91 -5.99
CA TRP B 620 -41.62 -22.41 -5.60
C TRP B 620 -42.49 -22.26 -6.86
N ALA B 621 -41.90 -22.11 -8.03
CA ALA B 621 -42.63 -21.94 -9.30
C ALA B 621 -42.93 -23.31 -9.93
N GLY B 622 -42.45 -24.38 -9.30
CA GLY B 622 -42.64 -25.75 -9.76
C GLY B 622 -41.65 -26.09 -10.85
N THR B 623 -40.50 -25.45 -10.83
CA THR B 623 -39.53 -25.57 -11.93
C THR B 623 -38.45 -26.54 -11.45
N PRO B 624 -38.34 -27.72 -12.09
CA PRO B 624 -37.33 -28.70 -11.70
C PRO B 624 -35.95 -28.09 -11.87
N MET B 625 -35.07 -28.44 -10.96
CA MET B 625 -33.72 -27.87 -10.92
C MET B 625 -32.74 -29.04 -10.89
N VAL B 626 -31.78 -29.01 -11.81
CA VAL B 626 -30.73 -30.04 -11.95
C VAL B 626 -29.46 -29.52 -11.26
N THR B 627 -28.89 -30.27 -10.34
CA THR B 627 -27.69 -29.83 -9.59
C THR B 627 -26.66 -30.97 -9.57
N MET B 628 -25.40 -30.61 -9.41
CA MET B 628 -24.29 -31.55 -9.21
C MET B 628 -23.55 -31.14 -7.94
N PRO B 629 -23.90 -31.72 -6.77
CA PRO B 629 -23.33 -31.28 -5.50
C PRO B 629 -21.82 -31.52 -5.49
N GLY B 630 -21.05 -30.53 -5.03
CA GLY B 630 -19.60 -30.63 -4.93
C GLY B 630 -19.20 -31.01 -3.51
N GLU B 631 -18.16 -30.38 -2.97
CA GLU B 631 -17.63 -30.75 -1.62
C GLU B 631 -17.93 -29.62 -0.62
N THR B 632 -17.89 -28.36 -1.06
CA THR B 632 -18.15 -27.18 -0.19
C THR B 632 -19.63 -27.17 0.21
N LEU B 633 -19.92 -26.61 1.37
CA LEU B 633 -21.32 -26.31 1.78
C LEU B 633 -22.03 -25.63 0.61
N ALA B 634 -21.42 -24.57 0.07
CA ALA B 634 -22.09 -23.68 -0.92
C ALA B 634 -22.47 -24.50 -2.16
N SER B 635 -21.75 -25.60 -2.43
CA SER B 635 -21.97 -26.41 -3.64
C SER B 635 -22.96 -27.53 -3.39
N ARG B 636 -23.60 -27.60 -2.23
CA ARG B 636 -24.38 -28.81 -1.88
C ARG B 636 -25.80 -28.43 -1.45
N VAL B 637 -26.11 -27.14 -1.46
CA VAL B 637 -27.38 -26.65 -0.87
C VAL B 637 -28.52 -27.10 -1.77
N ALA B 638 -28.33 -26.99 -3.08
CA ALA B 638 -29.41 -27.30 -4.03
C ALA B 638 -29.75 -28.78 -3.93
N ALA B 639 -28.75 -29.65 -3.79
CA ALA B 639 -29.02 -31.11 -3.60
C ALA B 639 -29.82 -31.32 -2.32
N SER B 640 -29.42 -30.64 -1.25
CA SER B 640 -30.11 -30.71 0.07
C SER B 640 -31.57 -30.27 -0.11
N GLN B 641 -31.78 -29.18 -0.84
CA GLN B 641 -33.15 -28.68 -1.15
C GLN B 641 -33.91 -29.78 -1.88
N LEU B 642 -33.28 -30.38 -2.88
CA LEU B 642 -33.94 -31.38 -3.76
C LEU B 642 -34.18 -32.68 -2.99
N THR B 643 -33.29 -33.11 -2.08
CA THR B 643 -33.56 -34.39 -1.38
C THR B 643 -34.73 -34.15 -0.43
N CYS B 644 -34.86 -32.96 0.15
CA CYS B 644 -35.98 -32.63 1.06
C CYS B 644 -37.27 -32.60 0.24
N LEU B 645 -37.20 -32.03 -0.97
CA LEU B 645 -38.35 -31.95 -1.89
C LEU B 645 -38.80 -33.37 -2.25
N GLY B 646 -37.85 -34.29 -2.43
CA GLY B 646 -38.10 -35.70 -2.78
C GLY B 646 -37.92 -35.94 -4.28
N CYS B 647 -36.92 -35.30 -4.87
CA CYS B 647 -36.61 -35.42 -6.31
C CYS B 647 -35.16 -35.84 -6.46
N LEU B 648 -34.82 -37.07 -6.09
CA LEU B 648 -33.42 -37.56 -6.14
C LEU B 648 -32.99 -37.69 -7.60
N GLU B 649 -33.94 -37.70 -8.55
CA GLU B 649 -33.62 -37.91 -9.99
C GLU B 649 -33.05 -36.62 -10.59
N LEU B 650 -32.99 -35.52 -9.83
CA LEU B 650 -32.47 -34.22 -10.35
C LEU B 650 -31.04 -33.97 -9.82
N ILE B 651 -30.47 -34.95 -9.12
CA ILE B 651 -29.13 -34.82 -8.49
C ILE B 651 -28.11 -35.66 -9.26
N ALA B 652 -27.07 -35.02 -9.76
CA ALA B 652 -26.06 -35.67 -10.61
C ALA B 652 -24.81 -36.01 -9.80
N LYS B 653 -24.30 -37.25 -9.96
CA LYS B 653 -23.03 -37.72 -9.35
C LYS B 653 -21.84 -37.10 -10.09
N ASN B 654 -21.99 -36.66 -11.35
CA ASN B 654 -20.88 -36.03 -12.14
C ASN B 654 -21.42 -35.23 -13.33
N ARG B 655 -20.52 -34.62 -14.11
CA ARG B 655 -20.92 -33.69 -15.21
C ARG B 655 -21.71 -34.48 -16.26
N GLN B 656 -21.29 -35.70 -16.56
CA GLN B 656 -21.96 -36.52 -17.58
C GLN B 656 -23.42 -36.70 -17.14
N GLU B 657 -23.64 -37.02 -15.87
CA GLU B 657 -24.98 -37.38 -15.35
C GLU B 657 -25.86 -36.12 -15.37
N TYR B 658 -25.26 -34.95 -15.07
CA TYR B 658 -25.94 -33.65 -15.09
C TYR B 658 -26.48 -33.41 -16.51
N GLU B 659 -25.56 -33.48 -17.48
CA GLU B 659 -25.88 -33.22 -18.90
C GLU B 659 -26.99 -34.20 -19.31
N ASP B 660 -26.90 -35.45 -18.85
CA ASP B 660 -27.85 -36.49 -19.31
C ASP B 660 -29.26 -36.17 -18.77
N ILE B 661 -29.34 -35.78 -17.51
CA ILE B 661 -30.63 -35.50 -16.83
C ILE B 661 -31.27 -34.29 -17.53
N ALA B 662 -30.47 -33.24 -17.74
CA ALA B 662 -30.93 -32.01 -18.38
C ALA B 662 -31.48 -32.37 -19.76
N VAL B 663 -30.70 -33.14 -20.51
CA VAL B 663 -31.03 -33.47 -21.92
C VAL B 663 -32.29 -34.32 -21.93
N LYS B 664 -32.41 -35.23 -20.98
CA LYS B 664 -33.60 -36.09 -20.93
C LYS B 664 -34.83 -35.21 -20.74
N LEU B 665 -34.77 -34.23 -19.83
CA LEU B 665 -35.92 -33.35 -19.49
C LEU B 665 -36.27 -32.50 -20.70
N GLY B 666 -35.28 -32.16 -21.51
CA GLY B 666 -35.52 -31.35 -22.73
C GLY B 666 -36.05 -32.16 -23.91
N THR B 667 -35.78 -33.46 -23.97
CA THR B 667 -36.12 -34.30 -25.15
C THR B 667 -37.39 -35.12 -24.87
N ASP B 668 -37.57 -35.62 -23.65
CA ASP B 668 -38.69 -36.55 -23.30
C ASP B 668 -39.83 -35.76 -22.64
N LEU B 669 -40.71 -35.16 -23.44
CA LEU B 669 -41.77 -34.25 -22.92
C LEU B 669 -42.71 -34.97 -21.96
N GLU B 670 -42.82 -36.30 -22.00
CA GLU B 670 -43.69 -37.06 -21.07
C GLU B 670 -42.98 -37.09 -19.70
N TYR B 671 -41.67 -37.33 -19.68
CA TYR B 671 -40.84 -37.33 -18.44
C TYR B 671 -40.85 -35.92 -17.84
N LEU B 672 -40.71 -34.89 -18.66
CA LEU B 672 -40.71 -33.49 -18.17
C LEU B 672 -42.04 -33.24 -17.45
N LYS B 673 -43.15 -33.57 -18.08
CA LYS B 673 -44.50 -33.37 -17.48
C LYS B 673 -44.51 -34.08 -16.12
N LYS B 674 -43.99 -35.30 -16.03
CA LYS B 674 -44.04 -36.08 -14.77
C LYS B 674 -43.23 -35.33 -13.70
N VAL B 675 -42.00 -34.94 -14.01
CA VAL B 675 -41.06 -34.33 -13.02
C VAL B 675 -41.57 -32.94 -12.62
N ARG B 676 -42.03 -32.13 -13.57
CA ARG B 676 -42.61 -30.81 -13.25
C ARG B 676 -43.79 -31.00 -12.27
N GLY B 677 -44.65 -31.98 -12.53
CA GLY B 677 -45.81 -32.23 -11.66
C GLY B 677 -45.35 -32.67 -10.27
N LYS B 678 -44.21 -33.33 -10.19
CA LYS B 678 -43.65 -33.84 -8.91
C LYS B 678 -43.25 -32.63 -8.07
N VAL B 679 -42.48 -31.72 -8.67
CA VAL B 679 -41.97 -30.49 -8.02
C VAL B 679 -43.16 -29.62 -7.62
N TRP B 680 -44.14 -29.51 -8.49
CA TRP B 680 -45.33 -28.67 -8.26
C TRP B 680 -46.12 -29.17 -7.05
N LYS B 681 -46.22 -30.49 -6.91
CA LYS B 681 -46.95 -31.09 -5.78
C LYS B 681 -46.08 -30.96 -4.54
N GLN B 682 -44.79 -31.25 -4.66
CA GLN B 682 -43.98 -31.54 -3.46
C GLN B 682 -43.52 -30.26 -2.80
N ARG B 683 -43.57 -29.12 -3.50
CA ARG B 683 -43.25 -27.81 -2.88
C ARG B 683 -44.23 -27.61 -1.73
N ILE B 684 -45.46 -28.07 -1.90
CA ILE B 684 -46.49 -28.02 -0.82
C ILE B 684 -46.34 -29.23 0.11
N SER B 685 -46.25 -30.43 -0.44
CA SER B 685 -46.47 -31.69 0.33
C SER B 685 -45.21 -32.02 1.13
N SER B 686 -44.03 -31.55 0.73
CA SER B 686 -42.77 -31.89 1.42
C SER B 686 -42.54 -30.89 2.53
N PRO B 687 -41.51 -31.10 3.38
CA PRO B 687 -41.13 -30.12 4.40
C PRO B 687 -40.50 -28.80 3.93
N LEU B 688 -40.06 -28.73 2.67
CA LEU B 688 -39.09 -27.70 2.17
C LEU B 688 -39.57 -26.28 2.46
N PHE B 689 -40.83 -25.98 2.21
CA PHE B 689 -41.38 -24.62 2.39
C PHE B 689 -42.27 -24.53 3.63
N ASN B 690 -42.21 -25.53 4.51
CA ASN B 690 -43.02 -25.58 5.76
C ASN B 690 -42.23 -24.93 6.90
N THR B 691 -42.50 -23.65 7.14
CA THR B 691 -41.80 -22.83 8.14
C THR B 691 -42.16 -23.35 9.53
N LYS B 692 -43.40 -23.78 9.77
CA LYS B 692 -43.81 -24.23 11.13
C LYS B 692 -43.02 -25.51 11.48
N GLN B 693 -43.00 -26.49 10.58
CA GLN B 693 -42.24 -27.74 10.78
C GLN B 693 -40.76 -27.36 10.95
N TYR B 694 -40.20 -26.54 10.06
CA TYR B 694 -38.79 -26.12 10.16
C TYR B 694 -38.55 -25.59 11.56
N THR B 695 -39.39 -24.67 12.05
CA THR B 695 -39.15 -23.99 13.34
C THR B 695 -39.14 -25.05 14.43
N MET B 696 -40.09 -25.99 14.38
CA MET B 696 -40.24 -27.04 15.40
C MET B 696 -38.99 -27.93 15.41
N GLU B 697 -38.40 -28.21 14.25
CA GLU B 697 -37.17 -29.05 14.13
C GLU B 697 -35.97 -28.28 14.69
N LEU B 698 -35.92 -27.00 14.38
CA LEU B 698 -34.86 -26.09 14.90
C LEU B 698 -34.97 -26.06 16.43
N GLU B 699 -36.19 -26.12 16.95
CA GLU B 699 -36.44 -26.08 18.41
C GLU B 699 -35.90 -27.38 19.01
N ARG B 700 -36.22 -28.55 18.41
CA ARG B 700 -35.76 -29.90 18.83
C ARG B 700 -34.22 -29.81 18.92
N LEU B 701 -33.59 -29.20 17.91
CA LEU B 701 -32.12 -29.13 17.83
C LEU B 701 -31.60 -28.15 18.88
N TYR B 702 -32.28 -27.02 19.11
CA TYR B 702 -31.80 -26.03 20.11
C TYR B 702 -31.72 -26.75 21.46
N LEU B 703 -32.72 -27.56 21.76
CA LEU B 703 -32.83 -28.20 23.10
C LEU B 703 -31.75 -29.26 23.27
N GLN B 704 -31.42 -30.03 22.22
CA GLN B 704 -30.25 -30.95 22.26
C GLN B 704 -29.02 -30.15 22.66
N MET B 705 -28.74 -29.06 21.95
CA MET B 705 -27.55 -28.19 22.16
C MET B 705 -27.49 -27.79 23.63
N TRP B 706 -28.64 -27.41 24.17
CA TRP B 706 -28.77 -26.86 25.54
C TRP B 706 -28.59 -27.98 26.57
N GLU B 707 -29.34 -29.08 26.45
CA GLU B 707 -29.26 -30.23 27.40
C GLU B 707 -27.79 -30.63 27.50
N HIS B 708 -27.12 -30.69 26.35
CA HIS B 708 -25.70 -31.09 26.26
C HIS B 708 -24.86 -30.14 27.10
N TYR B 709 -25.12 -28.85 27.01
CA TYR B 709 -24.37 -27.81 27.76
C TYR B 709 -24.71 -27.89 29.25
N ALA B 710 -25.97 -28.16 29.59
CA ALA B 710 -26.48 -28.09 30.98
C ALA B 710 -25.87 -29.27 31.75
N ALA B 711 -25.69 -30.40 31.07
CA ALA B 711 -25.04 -31.61 31.62
C ALA B 711 -23.53 -31.37 31.74
N GLY B 712 -23.04 -30.18 31.42
CA GLY B 712 -21.65 -29.75 31.66
C GLY B 712 -20.67 -30.23 30.60
N ASN B 713 -21.15 -30.44 29.37
CA ASN B 713 -20.29 -30.87 28.23
C ASN B 713 -19.94 -29.68 27.35
N LYS B 714 -18.70 -29.67 26.86
CA LYS B 714 -18.27 -28.82 25.72
C LYS B 714 -19.03 -29.31 24.49
N PRO B 715 -19.24 -28.44 23.48
CA PRO B 715 -19.99 -28.82 22.29
C PRO B 715 -19.41 -30.02 21.54
N ASP B 716 -20.29 -30.83 20.96
CA ASP B 716 -19.94 -32.00 20.12
C ASP B 716 -20.99 -32.14 19.01
N HIS B 717 -20.67 -32.87 17.92
CA HIS B 717 -21.56 -33.03 16.75
C HIS B 717 -22.96 -33.48 17.21
N MET B 718 -24.01 -32.88 16.68
CA MET B 718 -25.42 -33.21 17.02
C MET B 718 -26.09 -33.83 15.78
N ILE B 719 -26.15 -35.16 15.71
CA ILE B 719 -26.53 -35.97 14.52
C ILE B 719 -27.77 -36.85 14.84
N LYS B 720 -28.44 -36.68 15.99
CA LYS B 720 -29.52 -37.62 16.43
C LYS B 720 -30.56 -37.82 15.31
N MET C 4 -42.86 5.80 1.56
CA MET C 4 -41.39 5.72 1.23
C MET C 4 -40.99 4.28 0.81
N CYS C 5 -40.52 4.10 -0.43
CA CYS C 5 -40.08 2.81 -1.02
C CYS C 5 -39.01 3.04 -2.10
N PRO C 6 -37.87 2.30 -2.10
CA PRO C 6 -36.90 2.35 -3.21
C PRO C 6 -37.29 1.91 -4.65
N THR C 7 -38.16 0.91 -4.87
CA THR C 7 -38.41 0.41 -6.27
C THR C 7 -39.63 1.11 -6.87
N HIS C 8 -40.55 1.59 -6.03
CA HIS C 8 -41.54 2.64 -6.38
C HIS C 8 -40.77 3.77 -7.09
N ALA C 9 -39.86 4.44 -6.38
CA ALA C 9 -39.03 5.57 -6.88
C ALA C 9 -38.24 5.14 -8.12
N ASP C 10 -37.76 3.90 -8.14
CA ASP C 10 -36.92 3.41 -9.25
C ASP C 10 -37.74 3.50 -10.53
N SER C 11 -39.05 3.17 -10.45
CA SER C 11 -39.93 3.01 -11.66
C SER C 11 -40.18 4.39 -12.27
N LEU C 12 -40.62 5.35 -11.44
CA LEU C 12 -40.76 6.79 -11.78
C LEU C 12 -39.53 7.27 -12.57
N ASN C 13 -38.32 7.02 -12.07
CA ASN C 13 -37.06 7.42 -12.75
C ASN C 13 -37.05 6.92 -14.22
N ASN C 14 -37.58 5.73 -14.49
CA ASN C 14 -37.44 5.11 -15.85
C ASN C 14 -38.50 5.68 -16.77
N LEU C 15 -39.72 5.86 -16.23
CA LEU C 15 -40.87 6.55 -16.87
C LEU C 15 -40.39 7.93 -17.34
N ALA C 16 -39.59 8.61 -16.51
CA ALA C 16 -39.15 10.00 -16.70
C ALA C 16 -37.99 10.07 -17.68
N ASN C 17 -37.07 9.13 -17.64
CA ASN C 17 -35.98 9.13 -18.65
C ASN C 17 -36.67 8.93 -19.99
N ILE C 18 -37.92 8.47 -19.97
CA ILE C 18 -38.71 8.25 -21.20
C ILE C 18 -39.31 9.59 -21.62
N LYS C 19 -40.26 10.10 -20.84
CA LYS C 19 -40.84 11.45 -21.10
C LYS C 19 -39.68 12.36 -21.54
N ARG C 20 -38.53 12.26 -20.87
CA ARG C 20 -37.38 13.12 -21.21
C ARG C 20 -36.90 12.76 -22.62
N GLU C 21 -36.90 11.47 -22.98
CA GLU C 21 -36.31 11.01 -24.25
C GLU C 21 -37.19 11.49 -25.41
N GLN C 22 -38.48 11.16 -25.31
CA GLN C 22 -39.55 11.73 -26.19
C GLN C 22 -39.18 13.18 -26.48
N GLY C 23 -39.10 14.02 -25.44
CA GLY C 23 -38.80 15.46 -25.57
C GLY C 23 -39.62 16.31 -24.62
N ASN C 24 -40.63 15.74 -23.95
CA ASN C 24 -41.45 16.44 -22.92
C ASN C 24 -40.62 16.61 -21.62
N ILE C 25 -39.80 17.66 -21.57
CA ILE C 25 -38.92 18.05 -20.41
C ILE C 25 -39.79 18.30 -19.18
N GLU C 26 -40.98 18.86 -19.35
CA GLU C 26 -41.77 19.40 -18.21
C GLU C 26 -42.30 18.26 -17.35
N GLU C 27 -42.59 17.11 -17.96
CA GLU C 27 -43.21 15.96 -17.24
C GLU C 27 -42.06 15.18 -16.59
N ALA C 28 -40.99 14.91 -17.36
CA ALA C 28 -39.72 14.37 -16.82
C ALA C 28 -39.49 14.92 -15.39
N VAL C 29 -39.51 16.24 -15.23
CA VAL C 29 -39.29 16.92 -13.92
C VAL C 29 -40.30 16.38 -12.90
N ARG C 30 -41.61 16.38 -13.18
CA ARG C 30 -42.67 16.04 -12.19
C ARG C 30 -42.46 14.59 -11.74
N LEU C 31 -42.01 13.70 -12.63
CA LEU C 31 -41.76 12.26 -12.36
C LEU C 31 -40.58 12.12 -11.39
N TYR C 32 -39.40 12.48 -11.90
CA TYR C 32 -38.13 12.61 -11.11
C TYR C 32 -38.47 13.13 -9.70
N ARG C 33 -39.31 14.16 -9.59
CA ARG C 33 -39.58 14.84 -8.28
C ARG C 33 -40.44 13.95 -7.38
N LYS C 34 -41.29 13.11 -7.97
CA LYS C 34 -42.16 12.15 -7.23
C LYS C 34 -41.23 11.02 -6.77
N ALA C 35 -40.33 10.56 -7.67
CA ALA C 35 -39.28 9.56 -7.37
C ALA C 35 -38.52 9.97 -6.11
N LEU C 36 -38.20 11.25 -5.96
CA LEU C 36 -37.37 11.73 -4.82
C LEU C 36 -38.22 11.93 -3.57
N GLU C 37 -39.53 12.07 -3.68
CA GLU C 37 -40.41 12.17 -2.48
C GLU C 37 -40.56 10.74 -1.93
N VAL C 38 -40.57 9.79 -2.85
CA VAL C 38 -40.69 8.33 -2.58
C VAL C 38 -39.38 7.80 -2.00
N PHE C 39 -38.22 8.08 -2.63
CA PHE C 39 -36.87 7.64 -2.18
C PHE C 39 -35.87 8.79 -2.23
N PRO C 40 -35.78 9.65 -1.19
CA PRO C 40 -34.85 10.78 -1.15
C PRO C 40 -33.38 10.53 -1.51
N GLU C 41 -32.80 9.41 -1.07
CA GLU C 41 -31.36 9.09 -1.25
C GLU C 41 -31.16 8.40 -2.60
N PHE C 42 -31.85 8.83 -3.66
CA PHE C 42 -31.74 8.22 -5.00
C PHE C 42 -30.82 9.07 -5.90
N ALA C 43 -29.55 8.71 -5.95
CA ALA C 43 -28.50 9.48 -6.65
C ALA C 43 -28.92 9.76 -8.09
N ALA C 44 -29.26 8.73 -8.86
CA ALA C 44 -29.52 8.87 -10.31
C ALA C 44 -30.68 9.85 -10.53
N ALA C 45 -31.71 9.82 -9.70
CA ALA C 45 -32.85 10.75 -9.85
C ALA C 45 -32.35 12.19 -9.66
N HIS C 46 -31.70 12.46 -8.54
CA HIS C 46 -31.11 13.80 -8.25
C HIS C 46 -30.31 14.26 -9.48
N SER C 47 -29.47 13.39 -10.03
CA SER C 47 -28.58 13.76 -11.15
C SER C 47 -29.39 14.08 -12.40
N ASN C 48 -30.47 13.34 -12.63
CA ASN C 48 -31.29 13.49 -13.86
C ASN C 48 -32.14 14.75 -13.73
N LEU C 49 -32.78 14.93 -12.57
CA LEU C 49 -33.58 16.15 -12.30
C LEU C 49 -32.66 17.36 -12.51
N ALA C 50 -31.42 17.26 -12.05
CA ALA C 50 -30.44 18.36 -12.11
C ALA C 50 -30.15 18.66 -13.59
N SER C 51 -29.95 17.62 -14.36
CA SER C 51 -29.61 17.75 -15.80
C SER C 51 -30.71 18.55 -16.50
N VAL C 52 -31.97 18.33 -16.16
CA VAL C 52 -33.08 18.96 -16.95
C VAL C 52 -33.38 20.34 -16.35
N LEU C 53 -33.14 20.52 -15.05
CA LEU C 53 -33.17 21.85 -14.42
C LEU C 53 -32.10 22.75 -15.09
N GLN C 54 -30.96 22.16 -15.45
CA GLN C 54 -29.86 22.89 -16.11
C GLN C 54 -30.33 23.33 -17.50
N GLN C 55 -30.93 22.42 -18.26
CA GLN C 55 -31.54 22.73 -19.57
C GLN C 55 -32.54 23.88 -19.43
N GLN C 56 -33.31 23.90 -18.33
CA GLN C 56 -34.40 24.88 -18.09
C GLN C 56 -33.77 26.19 -17.60
N GLY C 57 -32.45 26.21 -17.41
CA GLY C 57 -31.72 27.42 -16.99
C GLY C 57 -31.95 27.73 -15.52
N LYS C 58 -32.44 26.76 -14.73
CA LYS C 58 -32.59 26.89 -13.27
C LYS C 58 -31.32 26.35 -12.60
N LEU C 59 -30.21 27.08 -12.77
CA LEU C 59 -28.85 26.60 -12.45
C LEU C 59 -28.69 26.46 -10.95
N GLN C 60 -29.21 27.40 -10.17
CA GLN C 60 -28.97 27.40 -8.71
C GLN C 60 -29.60 26.10 -8.19
N GLU C 61 -30.77 25.74 -8.70
CA GLU C 61 -31.51 24.55 -8.20
C GLU C 61 -30.82 23.28 -8.70
N ALA C 62 -30.38 23.27 -9.96
CA ALA C 62 -29.68 22.12 -10.57
C ALA C 62 -28.48 21.79 -9.68
N LEU C 63 -27.76 22.83 -9.34
CA LEU C 63 -26.49 22.71 -8.58
C LEU C 63 -26.78 22.04 -7.24
N MET C 64 -27.90 22.35 -6.61
CA MET C 64 -28.22 21.75 -5.30
C MET C 64 -28.41 20.24 -5.46
N HIS C 65 -29.05 19.78 -6.54
CA HIS C 65 -29.37 18.35 -6.77
C HIS C 65 -28.10 17.61 -7.19
N TYR C 66 -27.22 18.24 -7.98
CA TYR C 66 -25.93 17.60 -8.31
C TYR C 66 -25.20 17.35 -6.98
N LYS C 67 -25.14 18.35 -6.10
CA LYS C 67 -24.43 18.24 -4.80
C LYS C 67 -24.98 17.01 -4.05
N GLU C 68 -26.31 16.83 -4.03
CA GLU C 68 -26.97 15.67 -3.34
C GLU C 68 -26.47 14.36 -3.97
N ALA C 69 -26.59 14.25 -5.30
CA ALA C 69 -26.18 13.04 -6.05
C ALA C 69 -24.77 12.64 -5.61
N ILE C 70 -23.87 13.61 -5.54
CA ILE C 70 -22.45 13.39 -5.21
C ILE C 70 -22.34 12.94 -3.74
N ARG C 71 -23.11 13.56 -2.85
CA ARG C 71 -23.08 13.19 -1.42
C ARG C 71 -23.49 11.73 -1.27
N ILE C 72 -24.54 11.36 -1.99
CA ILE C 72 -25.14 10.01 -1.90
C ILE C 72 -24.18 9.00 -2.55
N SER C 73 -23.61 9.32 -3.71
CA SER C 73 -22.71 8.43 -4.50
C SER C 73 -21.40 9.14 -4.79
N PRO C 74 -20.39 9.07 -3.91
CA PRO C 74 -19.19 9.92 -4.08
C PRO C 74 -18.29 9.57 -5.26
N THR C 75 -18.49 8.39 -5.84
CA THR C 75 -17.75 7.87 -7.01
C THR C 75 -18.42 8.29 -8.33
N PHE C 76 -19.43 9.17 -8.26
CA PHE C 76 -20.33 9.53 -9.38
C PHE C 76 -19.65 10.58 -10.26
N ALA C 77 -18.64 10.16 -11.02
CA ALA C 77 -17.87 11.05 -11.92
C ALA C 77 -18.81 11.88 -12.80
N ASP C 78 -19.88 11.26 -13.27
CA ASP C 78 -20.77 11.88 -14.28
C ASP C 78 -21.41 13.10 -13.62
N ALA C 79 -21.81 13.00 -12.36
CA ALA C 79 -22.48 14.12 -11.68
C ALA C 79 -21.48 15.26 -11.46
N TYR C 80 -20.22 14.94 -11.16
CA TYR C 80 -19.18 15.96 -10.99
C TYR C 80 -19.02 16.71 -12.32
N SER C 81 -18.98 15.99 -13.42
CA SER C 81 -18.79 16.57 -14.78
C SER C 81 -19.94 17.53 -15.09
N ASN C 82 -21.17 17.17 -14.80
CA ASN C 82 -22.32 18.02 -15.17
C ASN C 82 -22.47 19.15 -14.16
N MET C 83 -22.14 18.91 -12.90
CA MET C 83 -22.11 20.00 -11.89
C MET C 83 -21.09 21.03 -12.39
N GLY C 84 -19.96 20.56 -12.90
CA GLY C 84 -18.95 21.44 -13.52
C GLY C 84 -19.55 22.34 -14.59
N ASN C 85 -20.31 21.74 -15.50
CA ASN C 85 -20.92 22.50 -16.61
C ASN C 85 -21.90 23.53 -16.04
N THR C 86 -22.63 23.18 -14.98
CA THR C 86 -23.61 24.11 -14.37
C THR C 86 -22.83 25.31 -13.85
N LEU C 87 -21.75 25.06 -13.09
CA LEU C 87 -20.89 26.14 -12.55
C LEU C 87 -20.33 26.98 -13.71
N LYS C 88 -19.97 26.36 -14.83
CA LYS C 88 -19.42 27.13 -15.98
C LYS C 88 -20.48 28.11 -16.51
N GLU C 89 -21.71 27.63 -16.73
CA GLU C 89 -22.84 28.47 -17.21
C GLU C 89 -23.09 29.55 -16.14
N MET C 90 -22.84 29.25 -14.86
CA MET C 90 -23.01 30.22 -13.76
C MET C 90 -21.80 31.17 -13.67
N GLN C 91 -20.80 31.06 -14.56
CA GLN C 91 -19.62 31.97 -14.64
C GLN C 91 -18.59 31.65 -13.57
N ASP C 92 -18.67 30.49 -12.90
CA ASP C 92 -17.71 30.07 -11.84
C ASP C 92 -16.73 29.08 -12.48
N VAL C 93 -15.85 29.59 -13.35
CA VAL C 93 -14.96 28.75 -14.19
C VAL C 93 -13.98 28.05 -13.24
N GLN C 94 -13.51 28.78 -12.23
CA GLN C 94 -12.78 28.22 -11.07
C GLN C 94 -13.45 26.94 -10.56
N GLY C 95 -14.74 26.98 -10.21
CA GLY C 95 -15.45 25.84 -9.59
C GLY C 95 -15.71 24.73 -10.59
N ALA C 96 -15.95 25.08 -11.85
CA ALA C 96 -16.19 24.10 -12.92
C ALA C 96 -14.93 23.26 -13.05
N LEU C 97 -13.81 23.96 -13.10
CA LEU C 97 -12.47 23.37 -13.29
C LEU C 97 -12.21 22.34 -12.20
N GLN C 98 -12.59 22.67 -10.96
CA GLN C 98 -12.35 21.77 -9.82
C GLN C 98 -13.22 20.53 -9.99
N CYS C 99 -14.44 20.71 -10.52
CA CYS C 99 -15.37 19.57 -10.73
C CYS C 99 -14.78 18.63 -11.78
N TYR C 100 -14.37 19.17 -12.93
CA TYR C 100 -13.84 18.37 -14.05
C TYR C 100 -12.62 17.59 -13.54
N THR C 101 -11.69 18.27 -12.87
CA THR C 101 -10.46 17.61 -12.40
C THR C 101 -10.80 16.55 -11.36
N ARG C 102 -11.80 16.76 -10.50
CA ARG C 102 -12.14 15.78 -9.43
C ARG C 102 -12.70 14.53 -10.12
N ALA C 103 -13.54 14.71 -11.14
CA ALA C 103 -14.11 13.58 -11.93
C ALA C 103 -12.97 12.72 -12.44
N ILE C 104 -11.94 13.37 -12.97
CA ILE C 104 -10.81 12.71 -13.68
C ILE C 104 -9.97 11.93 -12.67
N GLN C 105 -9.88 12.40 -11.43
CA GLN C 105 -9.07 11.71 -10.40
C GLN C 105 -9.79 10.45 -9.94
N ILE C 106 -11.10 10.55 -9.83
CA ILE C 106 -11.99 9.45 -9.35
C ILE C 106 -12.06 8.38 -10.42
N ASN C 107 -12.16 8.78 -11.69
CA ASN C 107 -12.23 7.84 -12.82
C ASN C 107 -11.35 8.34 -13.95
N PRO C 108 -10.08 7.93 -13.97
CA PRO C 108 -9.15 8.35 -15.02
C PRO C 108 -9.60 8.05 -16.45
N ALA C 109 -10.50 7.07 -16.59
CA ALA C 109 -10.99 6.56 -17.90
C ALA C 109 -12.26 7.27 -18.36
N PHE C 110 -12.73 8.28 -17.63
CA PHE C 110 -14.02 8.97 -17.86
C PHE C 110 -13.83 10.11 -18.86
N ALA C 111 -14.24 9.90 -20.10
CA ALA C 111 -13.90 10.79 -21.24
C ALA C 111 -14.56 12.17 -21.13
N ASP C 112 -15.79 12.26 -20.60
CA ASP C 112 -16.58 13.50 -20.71
C ASP C 112 -15.87 14.60 -19.92
N ALA C 113 -15.27 14.25 -18.79
CA ALA C 113 -14.63 15.26 -17.92
C ALA C 113 -13.42 15.83 -18.66
N HIS C 114 -12.71 14.99 -19.40
CA HIS C 114 -11.54 15.42 -20.19
C HIS C 114 -12.02 16.41 -21.26
N SER C 115 -13.14 16.09 -21.91
CA SER C 115 -13.73 16.95 -22.96
C SER C 115 -14.09 18.30 -22.34
N ASN C 116 -14.72 18.28 -21.18
CA ASN C 116 -15.22 19.51 -20.54
C ASN C 116 -14.04 20.36 -20.09
N LEU C 117 -12.98 19.72 -19.61
CA LEU C 117 -11.73 20.42 -19.23
C LEU C 117 -11.18 21.11 -20.48
N ALA C 118 -11.26 20.44 -21.63
CA ALA C 118 -10.77 20.99 -22.91
C ALA C 118 -11.58 22.25 -23.27
N SER C 119 -12.89 22.23 -23.05
CA SER C 119 -13.77 23.36 -23.44
C SER C 119 -13.36 24.58 -22.64
N ILE C 120 -13.04 24.42 -21.36
CA ILE C 120 -12.63 25.56 -20.51
C ILE C 120 -11.34 26.14 -21.11
N HIS C 121 -10.39 25.28 -21.45
CA HIS C 121 -9.12 25.71 -22.08
C HIS C 121 -9.44 26.44 -23.38
N LYS C 122 -10.33 25.90 -24.20
CA LYS C 122 -10.65 26.45 -25.54
C LYS C 122 -11.21 27.84 -25.34
N ASP C 123 -12.20 27.96 -24.45
CA ASP C 123 -12.88 29.25 -24.13
C ASP C 123 -11.83 30.26 -23.66
N SER C 124 -10.76 29.84 -23.01
CA SER C 124 -9.78 30.75 -22.38
C SER C 124 -8.67 31.08 -23.35
N GLY C 125 -8.75 30.59 -24.58
CA GLY C 125 -7.71 30.84 -25.60
C GLY C 125 -6.56 29.85 -25.58
N ASN C 126 -6.62 28.79 -24.75
CA ASN C 126 -5.50 27.83 -24.63
C ASN C 126 -5.68 26.71 -25.63
N ILE C 127 -5.40 26.93 -26.90
CA ILE C 127 -5.88 26.01 -27.95
C ILE C 127 -5.10 24.70 -27.88
N PRO C 128 -3.76 24.74 -27.73
CA PRO C 128 -2.98 23.50 -27.60
C PRO C 128 -3.42 22.63 -26.42
N GLU C 129 -3.67 23.26 -25.27
CA GLU C 129 -4.11 22.58 -24.02
C GLU C 129 -5.48 21.94 -24.26
N ALA C 130 -6.32 22.60 -25.05
CA ALA C 130 -7.65 22.10 -25.42
C ALA C 130 -7.49 20.88 -26.33
N ILE C 131 -6.67 21.02 -27.37
CA ILE C 131 -6.42 19.91 -28.33
C ILE C 131 -5.96 18.69 -27.54
N ALA C 132 -5.03 18.86 -26.60
CA ALA C 132 -4.48 17.75 -25.82
C ALA C 132 -5.64 17.03 -25.10
N SER C 133 -6.47 17.78 -24.39
CA SER C 133 -7.54 17.17 -23.56
C SER C 133 -8.62 16.56 -24.47
N TYR C 134 -8.93 17.17 -25.62
CA TYR C 134 -9.93 16.57 -26.54
C TYR C 134 -9.39 15.23 -27.03
N ARG C 135 -8.09 15.18 -27.33
CA ARG C 135 -7.45 13.97 -27.86
C ARG C 135 -7.52 12.86 -26.80
N THR C 136 -7.28 13.20 -25.54
CA THR C 136 -7.41 12.25 -24.41
C THR C 136 -8.84 11.71 -24.37
N ALA C 137 -9.83 12.59 -24.47
CA ALA C 137 -11.25 12.18 -24.40
C ALA C 137 -11.53 11.17 -25.52
N LEU C 138 -10.95 11.39 -26.69
CA LEU C 138 -11.23 10.55 -27.88
C LEU C 138 -10.43 9.22 -27.81
N LYS C 139 -9.24 9.18 -27.18
CA LYS C 139 -8.52 7.90 -26.91
C LYS C 139 -9.44 7.10 -25.99
N LEU C 140 -10.03 7.75 -25.00
CA LEU C 140 -10.87 7.08 -23.98
C LEU C 140 -12.22 6.69 -24.56
N LYS C 141 -12.70 7.41 -25.58
CA LYS C 141 -14.10 7.18 -26.08
C LYS C 141 -14.17 7.66 -27.51
N PRO C 142 -13.79 6.80 -28.48
CA PRO C 142 -13.54 7.26 -29.85
C PRO C 142 -14.81 7.71 -30.59
N ASP C 143 -15.98 7.19 -30.18
CA ASP C 143 -17.27 7.74 -30.67
C ASP C 143 -17.73 8.78 -29.65
N PHE C 144 -17.39 10.04 -29.88
CA PHE C 144 -17.66 11.15 -28.94
C PHE C 144 -17.81 12.42 -29.75
N PRO C 145 -18.98 12.64 -30.38
CA PRO C 145 -19.23 13.78 -31.26
C PRO C 145 -18.88 15.17 -30.72
N ASP C 146 -19.27 15.46 -29.47
CA ASP C 146 -18.97 16.77 -28.83
C ASP C 146 -17.47 17.00 -28.90
N ALA C 147 -16.68 16.02 -28.42
CA ALA C 147 -15.21 16.13 -28.39
C ALA C 147 -14.67 16.23 -29.80
N TYR C 148 -15.20 15.45 -30.74
CA TYR C 148 -14.67 15.40 -32.11
C TYR C 148 -14.84 16.76 -32.76
N CYS C 149 -16.03 17.34 -32.63
CA CYS C 149 -16.39 18.58 -33.36
C CYS C 149 -15.68 19.78 -32.72
N ASN C 150 -15.50 19.78 -31.41
CA ASN C 150 -14.73 20.87 -30.75
C ASN C 150 -13.24 20.74 -31.09
N LEU C 151 -12.72 19.52 -31.15
CA LEU C 151 -11.32 19.34 -31.60
C LEU C 151 -11.21 19.89 -33.03
N ALA C 152 -12.21 19.65 -33.86
CA ALA C 152 -12.17 20.04 -35.29
C ALA C 152 -12.07 21.56 -35.38
N HIS C 153 -12.82 22.25 -34.53
CA HIS C 153 -12.80 23.74 -34.48
C HIS C 153 -11.44 24.20 -33.96
N CYS C 154 -10.89 23.52 -32.94
CA CYS C 154 -9.54 23.88 -32.43
C CYS C 154 -8.56 23.76 -33.60
N LEU C 155 -8.63 22.65 -34.33
CA LEU C 155 -7.71 22.41 -35.45
C LEU C 155 -7.93 23.48 -36.52
N GLN C 156 -9.17 23.87 -36.77
CA GLN C 156 -9.45 24.93 -37.79
C GLN C 156 -8.73 26.21 -37.37
N ILE C 157 -8.77 26.52 -36.08
CA ILE C 157 -8.27 27.79 -35.52
C ILE C 157 -6.77 27.91 -35.75
N VAL C 158 -6.05 26.80 -35.60
CA VAL C 158 -4.56 26.81 -35.69
C VAL C 158 -4.14 26.34 -37.07
N CYS C 159 -5.08 26.10 -37.97
CA CYS C 159 -4.78 25.68 -39.36
C CYS C 159 -3.99 24.38 -39.38
N ASP C 160 -4.35 23.42 -38.52
CA ASP C 160 -3.90 22.01 -38.63
C ASP C 160 -4.86 21.31 -39.58
N TRP C 161 -4.42 21.04 -40.81
CA TRP C 161 -5.29 20.44 -41.85
C TRP C 161 -4.96 18.95 -42.03
N THR C 162 -4.34 18.30 -41.05
CA THR C 162 -4.16 16.84 -41.02
C THR C 162 -5.51 16.17 -41.32
N ASP C 163 -5.57 15.37 -42.38
CA ASP C 163 -6.76 14.56 -42.77
C ASP C 163 -7.96 15.48 -42.98
N TYR C 164 -7.77 16.68 -43.53
CA TYR C 164 -8.83 17.72 -43.65
C TYR C 164 -10.07 17.09 -44.28
N ASP C 165 -9.92 16.46 -45.46
CA ASP C 165 -11.11 16.09 -46.28
C ASP C 165 -11.87 14.99 -45.53
N GLU C 166 -11.13 14.09 -44.87
CA GLU C 166 -11.75 12.95 -44.14
C GLU C 166 -12.52 13.54 -42.95
N ARG C 167 -11.93 14.54 -42.31
CA ARG C 167 -12.52 15.21 -41.12
C ARG C 167 -13.80 15.94 -41.53
N MET C 168 -13.76 16.73 -42.60
CA MET C 168 -14.98 17.41 -43.10
C MET C 168 -16.07 16.37 -43.34
N LYS C 169 -15.71 15.25 -43.97
CA LYS C 169 -16.68 14.19 -44.33
C LYS C 169 -17.31 13.69 -43.03
N LYS C 170 -16.52 13.56 -41.97
CA LYS C 170 -17.02 12.99 -40.70
C LYS C 170 -17.89 14.00 -39.95
N LEU C 171 -17.55 15.30 -39.95
CA LEU C 171 -18.42 16.34 -39.33
C LEU C 171 -19.80 16.26 -39.99
N VAL C 172 -19.84 16.19 -41.32
CA VAL C 172 -21.13 16.11 -42.05
C VAL C 172 -21.86 14.86 -41.55
N SER C 173 -21.15 13.75 -41.52
CA SER C 173 -21.72 12.45 -41.13
C SER C 173 -22.32 12.57 -39.72
N ILE C 174 -21.61 13.23 -38.80
CA ILE C 174 -22.07 13.35 -37.38
C ILE C 174 -23.33 14.22 -37.32
N VAL C 175 -23.32 15.37 -38.00
CA VAL C 175 -24.50 16.28 -37.98
C VAL C 175 -25.69 15.52 -38.55
N ALA C 176 -25.49 14.77 -39.62
CA ALA C 176 -26.59 14.09 -40.35
C ALA C 176 -27.21 13.07 -39.40
N ASP C 177 -26.34 12.32 -38.73
CA ASP C 177 -26.77 11.29 -37.76
C ASP C 177 -27.51 12.00 -36.62
N GLN C 178 -27.01 13.13 -36.14
CA GLN C 178 -27.59 13.78 -34.94
C GLN C 178 -28.94 14.42 -35.26
N LEU C 179 -29.11 14.95 -36.48
CA LEU C 179 -30.38 15.59 -36.89
C LEU C 179 -31.43 14.48 -37.09
N GLU C 180 -31.04 13.34 -37.68
CA GLU C 180 -31.97 12.18 -37.79
C GLU C 180 -32.35 11.78 -36.37
N LYS C 181 -31.38 11.47 -35.50
CA LYS C 181 -31.61 10.83 -34.17
C LYS C 181 -32.11 11.89 -33.16
N ASN C 182 -32.37 13.12 -33.59
CA ASN C 182 -33.05 14.17 -32.79
C ASN C 182 -32.27 14.55 -31.52
N ARG C 183 -30.94 14.65 -31.60
CA ARG C 183 -30.09 15.18 -30.50
C ARG C 183 -29.69 16.63 -30.86
N LEU C 184 -29.15 17.39 -29.90
CA LEU C 184 -28.55 18.71 -30.17
C LEU C 184 -27.25 18.48 -30.93
N PRO C 185 -27.09 19.00 -32.17
CA PRO C 185 -25.88 18.78 -32.94
C PRO C 185 -24.65 19.33 -32.23
N SER C 186 -23.57 18.59 -32.32
CA SER C 186 -22.22 18.91 -31.79
C SER C 186 -21.57 20.02 -32.58
N VAL C 187 -22.02 20.33 -33.79
CA VAL C 187 -21.46 21.52 -34.50
C VAL C 187 -22.24 22.74 -34.04
N HIS C 188 -21.53 23.76 -33.59
CA HIS C 188 -22.10 25.08 -33.22
C HIS C 188 -22.53 25.84 -34.47
N PRO C 189 -23.67 26.53 -34.46
CA PRO C 189 -24.15 27.25 -35.63
C PRO C 189 -23.15 28.23 -36.22
N HIS C 190 -22.40 28.91 -35.37
CA HIS C 190 -21.41 29.93 -35.80
C HIS C 190 -20.30 29.23 -36.59
N HIS C 191 -19.96 28.01 -36.19
CA HIS C 191 -18.86 27.21 -36.80
C HIS C 191 -19.35 26.57 -38.09
N SER C 192 -20.64 26.30 -38.21
CA SER C 192 -21.20 25.53 -39.33
C SER C 192 -20.86 26.19 -40.68
N MET C 193 -20.69 27.51 -40.71
N MET C 193 -20.67 27.52 -40.72
CA MET C 193 -20.29 28.26 -41.95
CA MET C 193 -20.30 28.23 -41.97
C MET C 193 -18.95 27.73 -42.49
C MET C 193 -18.95 27.73 -42.50
N LEU C 194 -18.12 27.10 -41.67
CA LEU C 194 -16.73 26.73 -42.03
C LEU C 194 -16.62 25.35 -42.66
N TYR C 195 -17.63 24.52 -42.45
CA TYR C 195 -17.60 23.12 -42.90
C TYR C 195 -18.52 22.97 -44.10
N PRO C 196 -18.26 22.03 -45.03
CA PRO C 196 -19.16 21.76 -46.15
C PRO C 196 -20.48 21.06 -45.79
N LEU C 197 -21.21 21.55 -44.80
CA LEU C 197 -22.59 21.06 -44.53
C LEU C 197 -23.54 21.61 -45.60
N SER C 198 -24.72 21.01 -45.74
CA SER C 198 -25.80 21.56 -46.60
C SER C 198 -26.41 22.80 -45.95
N HIS C 199 -26.95 23.71 -46.75
CA HIS C 199 -27.73 24.86 -46.23
C HIS C 199 -28.80 24.33 -45.27
N GLY C 200 -29.42 23.21 -45.61
CA GLY C 200 -30.51 22.66 -44.81
C GLY C 200 -30.03 22.30 -43.42
N PHE C 201 -28.85 21.68 -43.35
CA PHE C 201 -28.22 21.23 -42.09
C PHE C 201 -27.87 22.43 -41.22
N ARG C 202 -27.29 23.46 -41.83
CA ARG C 202 -26.84 24.66 -41.09
C ARG C 202 -28.05 25.30 -40.45
N LYS C 203 -29.11 25.46 -41.23
CA LYS C 203 -30.37 26.05 -40.71
C LYS C 203 -30.93 25.15 -39.60
N ALA C 204 -30.86 23.84 -39.75
CA ALA C 204 -31.38 22.88 -38.74
C ALA C 204 -30.54 22.98 -37.46
N ILE C 205 -29.23 23.16 -37.60
CA ILE C 205 -28.31 23.34 -36.44
C ILE C 205 -28.74 24.59 -35.70
N ALA C 206 -28.91 25.70 -36.43
CA ALA C 206 -29.35 26.98 -35.85
C ALA C 206 -30.66 26.77 -35.09
N GLU C 207 -31.64 26.12 -35.75
CA GLU C 207 -33.00 25.97 -35.20
C GLU C 207 -32.90 25.24 -33.87
N ARG C 208 -32.01 24.27 -33.76
CA ARG C 208 -31.90 23.43 -32.55
C ARG C 208 -31.26 24.23 -31.42
N HIS C 209 -30.33 25.13 -31.75
CA HIS C 209 -29.73 26.06 -30.76
C HIS C 209 -30.79 27.07 -30.32
N GLY C 210 -31.59 27.60 -31.23
CA GLY C 210 -32.73 28.46 -30.86
C GLY C 210 -33.67 27.78 -29.90
N ASN C 211 -33.93 26.48 -30.07
CA ASN C 211 -34.92 25.78 -29.20
C ASN C 211 -34.38 25.68 -27.78
N LEU C 212 -33.07 25.79 -27.57
CA LEU C 212 -32.53 25.78 -26.18
C LEU C 212 -33.07 27.00 -25.43
N CYS C 213 -33.30 28.12 -26.12
CA CYS C 213 -33.87 29.35 -25.51
C CYS C 213 -35.32 29.07 -25.11
N LEU C 214 -36.07 28.35 -25.95
CA LEU C 214 -37.49 28.06 -25.67
C LEU C 214 -37.59 27.26 -24.37
N ASP C 215 -36.77 26.24 -24.16
CA ASP C 215 -36.83 25.45 -22.89
C ASP C 215 -36.66 26.41 -21.70
N LYS C 216 -35.76 27.39 -21.83
CA LYS C 216 -35.35 28.27 -20.72
C LYS C 216 -36.38 29.36 -20.44
N ILE C 217 -37.23 29.72 -21.41
CA ILE C 217 -38.29 30.75 -21.19
C ILE C 217 -39.63 30.09 -20.89
N ASN C 218 -39.85 28.81 -21.25
CA ASN C 218 -41.16 28.18 -21.03
C ASN C 218 -41.41 28.04 -19.53
N VAL C 219 -40.34 27.85 -18.78
CA VAL C 219 -40.36 27.73 -17.30
C VAL C 219 -40.89 29.02 -16.67
N LEU C 220 -40.83 30.16 -17.36
CA LEU C 220 -41.26 31.45 -16.77
C LEU C 220 -42.78 31.55 -16.87
N HIS C 221 -43.38 30.81 -17.79
CA HIS C 221 -44.86 30.69 -17.94
C HIS C 221 -45.43 32.09 -18.14
N LYS C 222 -44.83 32.87 -19.02
CA LYS C 222 -45.36 34.22 -19.31
C LYS C 222 -46.30 34.10 -20.50
N PRO C 223 -47.39 34.88 -20.51
CA PRO C 223 -48.28 34.94 -21.66
C PRO C 223 -47.65 35.75 -22.78
N PRO C 224 -48.23 35.70 -23.99
CA PRO C 224 -47.83 36.61 -25.06
C PRO C 224 -47.99 38.07 -24.62
N TYR C 225 -47.13 38.94 -25.13
CA TYR C 225 -47.20 40.40 -24.85
C TYR C 225 -48.17 41.03 -25.84
N GLU C 226 -48.94 42.04 -25.42
CA GLU C 226 -49.76 42.85 -26.36
C GLU C 226 -48.81 43.84 -27.05
N HIS C 227 -48.66 43.74 -28.36
CA HIS C 227 -47.78 44.66 -29.11
C HIS C 227 -48.54 45.88 -29.58
N PRO C 228 -47.86 47.04 -29.72
CA PRO C 228 -48.48 48.19 -30.38
C PRO C 228 -49.01 47.84 -31.78
N LYS C 229 -50.14 48.43 -32.16
CA LYS C 229 -50.80 48.26 -33.48
C LYS C 229 -50.62 49.55 -34.31
N ASP C 230 -50.12 50.61 -33.68
CA ASP C 230 -50.04 51.96 -34.30
C ASP C 230 -48.80 52.68 -33.74
N LEU C 231 -48.57 53.93 -34.14
CA LEU C 231 -47.47 54.74 -33.57
C LEU C 231 -48.03 55.86 -32.68
N LYS C 232 -49.26 55.74 -32.17
CA LYS C 232 -49.92 56.90 -31.51
C LYS C 232 -49.24 57.18 -30.15
N LEU C 233 -48.92 56.15 -29.34
CA LEU C 233 -48.37 56.40 -27.98
C LEU C 233 -46.95 56.95 -28.05
N SER C 234 -46.29 56.85 -29.20
CA SER C 234 -44.86 57.24 -29.43
C SER C 234 -44.80 58.42 -30.39
N ASP C 235 -45.92 59.12 -30.59
CA ASP C 235 -45.92 60.46 -31.24
C ASP C 235 -45.47 60.32 -32.71
N GLY C 236 -45.90 59.25 -33.38
CA GLY C 236 -45.58 59.01 -34.80
C GLY C 236 -44.16 58.51 -34.99
N ARG C 237 -43.49 58.20 -33.89
CA ARG C 237 -42.11 57.71 -33.93
C ARG C 237 -42.15 56.19 -33.84
N LEU C 238 -41.35 55.55 -34.69
CA LEU C 238 -41.10 54.10 -34.61
C LEU C 238 -40.02 53.87 -33.56
N ARG C 239 -40.29 52.94 -32.65
CA ARG C 239 -39.39 52.66 -31.51
C ARG C 239 -38.49 51.47 -31.88
N VAL C 240 -37.22 51.74 -32.04
CA VAL C 240 -36.25 50.70 -32.45
C VAL C 240 -35.34 50.39 -31.28
N GLY C 241 -35.26 49.09 -30.99
CA GLY C 241 -34.46 48.53 -29.90
C GLY C 241 -33.29 47.77 -30.45
N TYR C 242 -32.08 48.30 -30.29
CA TYR C 242 -30.82 47.65 -30.64
C TYR C 242 -30.33 46.86 -29.44
N VAL C 243 -30.23 45.53 -29.53
CA VAL C 243 -29.80 44.66 -28.40
C VAL C 243 -28.44 44.04 -28.70
N SER C 244 -27.42 44.39 -27.91
CA SER C 244 -26.03 43.90 -28.11
C SER C 244 -25.32 43.69 -26.78
N SER C 245 -24.50 42.65 -26.74
CA SER C 245 -23.45 42.47 -25.70
C SER C 245 -22.21 43.28 -26.05
N ASP C 246 -22.24 44.10 -27.09
CA ASP C 246 -21.00 44.64 -27.71
C ASP C 246 -21.06 46.17 -27.83
N PHE C 247 -21.86 46.83 -27.00
CA PHE C 247 -21.75 48.30 -26.90
C PHE C 247 -20.54 48.58 -26.02
N GLY C 248 -19.38 48.66 -26.65
CA GLY C 248 -18.08 48.72 -25.96
C GLY C 248 -16.96 48.52 -26.96
N ASN C 249 -15.75 48.20 -26.49
CA ASN C 249 -14.61 48.02 -27.43
C ASN C 249 -14.73 46.65 -28.09
N HIS C 250 -15.58 46.54 -29.08
CA HIS C 250 -15.82 45.28 -29.83
C HIS C 250 -16.12 45.65 -31.29
N PRO C 251 -15.73 44.81 -32.26
CA PRO C 251 -15.98 45.09 -33.68
C PRO C 251 -17.35 45.68 -34.03
N THR C 252 -18.41 45.09 -33.49
CA THR C 252 -19.78 45.57 -33.71
C THR C 252 -19.83 47.08 -33.50
N SER C 253 -19.28 47.58 -32.40
CA SER C 253 -19.31 49.03 -32.09
C SER C 253 -18.43 49.79 -33.08
N HIS C 254 -17.33 49.19 -33.54
CA HIS C 254 -16.41 49.81 -34.53
C HIS C 254 -17.09 49.92 -35.89
N LEU C 255 -18.19 49.19 -36.09
CA LEU C 255 -18.99 49.23 -37.32
C LEU C 255 -20.13 50.25 -37.18
N MET C 256 -20.88 50.23 -36.08
CA MET C 256 -22.19 50.93 -36.05
C MET C 256 -22.35 51.94 -34.90
N GLN C 257 -21.29 52.34 -34.19
CA GLN C 257 -21.43 53.29 -33.06
C GLN C 257 -22.03 54.63 -33.51
N SER C 258 -21.92 55.01 -34.77
CA SER C 258 -22.43 56.33 -35.22
C SER C 258 -23.93 56.27 -35.55
N ILE C 259 -24.47 55.07 -35.69
CA ILE C 259 -25.82 54.91 -36.28
C ILE C 259 -26.92 55.39 -35.34
N PRO C 260 -26.98 54.95 -34.07
CA PRO C 260 -28.04 55.42 -33.19
C PRO C 260 -28.15 56.95 -33.25
N GLY C 261 -27.01 57.65 -33.29
CA GLY C 261 -26.97 59.11 -33.23
C GLY C 261 -27.47 59.74 -34.51
N MET C 262 -27.51 58.97 -35.58
CA MET C 262 -27.79 59.52 -36.94
C MET C 262 -29.25 59.25 -37.30
N HIS C 263 -29.98 58.57 -36.43
CA HIS C 263 -31.43 58.34 -36.62
C HIS C 263 -32.14 59.69 -36.57
N ASN C 264 -33.22 59.83 -37.35
CA ASN C 264 -34.05 61.05 -37.44
C ASN C 264 -35.09 61.03 -36.33
N PRO C 265 -35.00 61.98 -35.37
CA PRO C 265 -35.90 62.02 -34.22
C PRO C 265 -37.38 62.26 -34.55
N ASP C 266 -37.67 62.77 -35.76
CA ASP C 266 -39.07 63.05 -36.14
C ASP C 266 -39.80 61.71 -36.30
N LYS C 267 -39.13 60.68 -36.79
CA LYS C 267 -39.76 59.38 -37.17
C LYS C 267 -39.24 58.20 -36.34
N PHE C 268 -38.13 58.36 -35.63
CA PHE C 268 -37.52 57.22 -34.90
C PHE C 268 -37.21 57.60 -33.46
N GLU C 269 -37.39 56.64 -32.56
CA GLU C 269 -36.98 56.73 -31.15
C GLU C 269 -36.14 55.51 -30.85
N VAL C 270 -34.87 55.73 -30.54
CA VAL C 270 -33.81 54.70 -30.51
C VAL C 270 -33.51 54.28 -29.08
N PHE C 271 -33.63 52.99 -28.82
CA PHE C 271 -33.35 52.37 -27.50
C PHE C 271 -32.18 51.42 -27.69
N CYS C 272 -31.09 51.64 -26.98
CA CYS C 272 -29.98 50.66 -26.94
C CYS C 272 -30.07 49.84 -25.66
N TYR C 273 -30.26 48.54 -25.82
CA TYR C 273 -30.34 47.56 -24.73
C TYR C 273 -29.00 46.83 -24.67
N ALA C 274 -28.17 47.18 -23.69
CA ALA C 274 -26.83 46.59 -23.51
C ALA C 274 -26.92 45.32 -22.66
N LEU C 275 -26.28 44.25 -23.12
CA LEU C 275 -26.22 42.96 -22.42
C LEU C 275 -24.89 42.83 -21.69
N SER C 276 -24.05 43.85 -21.77
CA SER C 276 -22.69 43.90 -21.17
C SER C 276 -22.62 45.09 -20.23
N PRO C 277 -21.86 44.97 -19.13
CA PRO C 277 -21.60 46.15 -18.30
C PRO C 277 -20.67 47.13 -19.03
N ASP C 278 -20.65 48.37 -18.56
CA ASP C 278 -19.84 49.46 -19.13
C ASP C 278 -18.36 49.10 -18.98
N ASP C 279 -17.64 48.98 -20.08
CA ASP C 279 -16.20 48.62 -20.09
C ASP C 279 -15.35 49.89 -20.00
N GLY C 280 -15.97 51.05 -19.84
CA GLY C 280 -15.27 52.33 -19.67
C GLY C 280 -14.85 52.98 -20.98
N THR C 281 -15.01 52.32 -22.13
CA THR C 281 -14.45 52.85 -23.39
C THR C 281 -15.38 53.89 -24.02
N ASN C 282 -14.84 54.65 -24.96
CA ASN C 282 -15.57 55.76 -25.62
C ASN C 282 -16.70 55.21 -26.49
N PHE C 283 -16.55 53.99 -26.99
CA PHE C 283 -17.59 53.33 -27.80
C PHE C 283 -18.87 53.32 -26.99
N ARG C 284 -18.75 52.94 -25.71
CA ARG C 284 -19.94 52.82 -24.81
C ARG C 284 -20.43 54.23 -24.50
N VAL C 285 -19.52 55.15 -24.27
CA VAL C 285 -19.84 56.57 -24.01
C VAL C 285 -20.74 57.12 -25.11
N LYS C 286 -20.34 56.86 -26.36
CA LYS C 286 -20.98 57.48 -27.54
C LYS C 286 -22.39 56.91 -27.70
N VAL C 287 -22.52 55.60 -27.64
CA VAL C 287 -23.85 54.98 -27.85
C VAL C 287 -24.75 55.48 -26.71
N MET C 288 -24.24 55.54 -25.48
CA MET C 288 -25.03 55.98 -24.29
C MET C 288 -25.44 57.44 -24.52
N ALA C 289 -24.53 58.24 -25.05
CA ALA C 289 -24.76 59.69 -25.20
C ALA C 289 -25.76 59.97 -26.32
N GLU C 290 -25.78 59.16 -27.38
CA GLU C 290 -26.43 59.54 -28.67
C GLU C 290 -27.74 58.78 -28.88
N ALA C 291 -27.90 57.59 -28.31
CA ALA C 291 -29.19 56.91 -28.28
C ALA C 291 -30.18 57.79 -27.52
N ASN C 292 -31.44 57.81 -27.96
CA ASN C 292 -32.55 58.44 -27.21
C ASN C 292 -32.63 57.80 -25.82
N HIS C 293 -32.35 56.51 -25.69
CA HIS C 293 -32.48 55.74 -24.42
C HIS C 293 -31.43 54.65 -24.39
N PHE C 294 -30.79 54.49 -23.25
CA PHE C 294 -29.78 53.42 -23.07
C PHE C 294 -30.14 52.65 -21.82
N ILE C 295 -30.30 51.34 -21.96
CA ILE C 295 -30.78 50.46 -20.87
C ILE C 295 -29.74 49.38 -20.66
N ASP C 296 -29.19 49.30 -19.46
CA ASP C 296 -28.17 48.28 -19.12
C ASP C 296 -28.90 47.03 -18.67
N LEU C 297 -29.14 46.08 -19.57
CA LEU C 297 -29.83 44.83 -19.19
C LEU C 297 -28.87 43.92 -18.44
N SER C 298 -27.57 44.21 -18.40
CA SER C 298 -26.63 43.35 -17.65
C SER C 298 -27.04 43.37 -16.17
N GLN C 299 -27.73 44.42 -15.74
CA GLN C 299 -28.20 44.62 -14.33
C GLN C 299 -29.53 43.87 -14.11
N ILE C 300 -30.09 43.26 -15.14
CA ILE C 300 -31.41 42.57 -15.07
C ILE C 300 -31.20 41.18 -15.61
N PRO C 301 -30.54 40.29 -14.85
CA PRO C 301 -30.21 38.96 -15.35
C PRO C 301 -31.45 38.09 -15.66
N CYS C 302 -32.61 38.30 -15.01
CA CYS C 302 -33.84 37.51 -15.33
C CYS C 302 -34.35 37.88 -16.74
N ASN C 303 -34.41 36.92 -17.65
CA ASN C 303 -34.91 37.19 -19.02
C ASN C 303 -36.37 37.65 -18.99
N GLY C 304 -37.14 37.19 -18.01
CA GLY C 304 -38.53 37.62 -17.86
C GLY C 304 -38.57 39.11 -17.63
N LYS C 305 -37.84 39.59 -16.64
CA LYS C 305 -37.91 41.01 -16.19
C LYS C 305 -37.31 41.90 -17.29
N ALA C 306 -36.32 41.39 -18.03
CA ALA C 306 -35.64 42.16 -19.08
C ALA C 306 -36.58 42.29 -20.28
N ALA C 307 -37.18 41.18 -20.69
CA ALA C 307 -38.20 41.18 -21.76
C ALA C 307 -39.30 42.15 -21.36
N ASP C 308 -39.73 42.11 -20.11
CA ASP C 308 -40.79 43.01 -19.61
C ASP C 308 -40.35 44.46 -19.83
N ARG C 309 -39.10 44.75 -19.52
CA ARG C 309 -38.54 46.12 -19.63
C ARG C 309 -38.59 46.59 -21.08
N ILE C 310 -38.21 45.71 -22.01
CA ILE C 310 -38.26 46.02 -23.47
C ILE C 310 -39.71 46.35 -23.79
N HIS C 311 -40.61 45.49 -23.35
CA HIS C 311 -42.05 45.62 -23.71
C HIS C 311 -42.62 46.92 -23.15
N GLN C 312 -42.25 47.30 -21.92
CA GLN C 312 -42.74 48.55 -21.29
C GLN C 312 -42.24 49.76 -22.09
N ASP C 313 -41.06 49.68 -22.69
CA ASP C 313 -40.49 50.81 -23.45
C ASP C 313 -41.31 51.00 -24.74
N GLY C 314 -42.08 49.97 -25.14
CA GLY C 314 -43.07 50.02 -26.25
C GLY C 314 -42.43 49.84 -27.62
N ILE C 315 -41.42 48.98 -27.70
CA ILE C 315 -40.58 48.74 -28.90
C ILE C 315 -41.44 48.12 -29.99
N HIS C 316 -41.33 48.69 -31.19
CA HIS C 316 -41.95 48.20 -32.43
C HIS C 316 -40.99 47.21 -33.11
N ILE C 317 -39.73 47.57 -33.28
CA ILE C 317 -38.74 46.69 -33.93
C ILE C 317 -37.57 46.44 -32.98
N LEU C 318 -37.35 45.17 -32.64
CA LEU C 318 -36.23 44.74 -31.76
C LEU C 318 -35.18 44.07 -32.64
N VAL C 319 -33.95 44.49 -32.51
CA VAL C 319 -32.87 44.16 -33.46
C VAL C 319 -31.80 43.34 -32.73
N ASN C 320 -31.57 42.13 -33.23
CA ASN C 320 -30.71 41.12 -32.58
C ASN C 320 -29.32 41.26 -33.22
N MET C 321 -28.39 41.80 -32.47
CA MET C 321 -27.04 42.08 -32.98
C MET C 321 -26.07 40.98 -32.54
N ASN C 322 -26.54 39.89 -31.93
CA ASN C 322 -25.60 38.85 -31.44
C ASN C 322 -25.78 37.52 -32.16
N GLY C 323 -27.01 37.12 -32.46
CA GLY C 323 -27.28 35.75 -32.89
C GLY C 323 -26.56 34.77 -31.97
N TYR C 324 -25.79 33.83 -32.49
CA TYR C 324 -25.17 32.78 -31.66
C TYR C 324 -23.71 33.17 -31.42
N THR C 325 -23.49 34.30 -30.75
CA THR C 325 -22.14 34.77 -30.38
C THR C 325 -22.05 34.87 -28.85
N LYS C 326 -20.82 34.98 -28.34
CA LYS C 326 -20.56 35.21 -26.89
C LYS C 326 -21.43 36.40 -26.49
N GLY C 327 -22.19 36.27 -25.40
CA GLY C 327 -22.87 37.40 -24.74
C GLY C 327 -24.33 37.50 -25.11
N ALA C 328 -24.76 36.78 -26.14
CA ALA C 328 -26.17 36.69 -26.57
C ALA C 328 -27.11 36.40 -25.41
N ARG C 329 -28.32 36.91 -25.49
CA ARG C 329 -29.45 36.51 -24.62
C ARG C 329 -30.69 36.38 -25.52
N ASN C 330 -30.74 35.33 -26.30
CA ASN C 330 -31.79 35.19 -27.35
C ASN C 330 -33.10 34.81 -26.67
N GLU C 331 -33.02 34.35 -25.44
CA GLU C 331 -34.21 34.19 -24.55
C GLU C 331 -35.07 35.46 -24.67
N LEU C 332 -34.45 36.64 -24.68
CA LEU C 332 -35.14 37.94 -24.78
C LEU C 332 -36.05 37.95 -26.01
N PHE C 333 -35.50 37.47 -27.13
CA PHE C 333 -36.20 37.48 -28.42
C PHE C 333 -37.25 36.37 -28.45
N ALA C 334 -36.97 35.23 -27.82
CA ALA C 334 -37.90 34.08 -27.80
C ALA C 334 -39.19 34.49 -27.07
N LEU C 335 -39.10 35.43 -26.15
CA LEU C 335 -40.28 35.91 -25.38
C LEU C 335 -41.10 36.88 -26.23
N ARG C 336 -40.63 37.25 -27.42
CA ARG C 336 -41.37 38.12 -28.39
C ARG C 336 -41.94 39.34 -27.67
N PRO C 337 -41.12 40.22 -27.05
CA PRO C 337 -41.61 41.47 -26.46
C PRO C 337 -41.96 42.53 -27.51
N ALA C 338 -41.48 42.34 -28.73
CA ALA C 338 -41.76 43.24 -29.84
C ALA C 338 -42.46 42.48 -30.96
N PRO C 339 -43.28 43.21 -31.75
CA PRO C 339 -44.01 42.60 -32.87
C PRO C 339 -43.17 42.26 -34.09
N ILE C 340 -42.04 42.92 -34.25
CA ILE C 340 -41.09 42.72 -35.38
C ILE C 340 -39.70 42.57 -34.80
N GLN C 341 -39.00 41.50 -35.17
CA GLN C 341 -37.71 41.14 -34.56
C GLN C 341 -36.75 40.76 -35.69
N ALA C 342 -35.65 41.49 -35.83
CA ALA C 342 -34.73 41.42 -36.97
C ALA C 342 -33.33 41.06 -36.52
N MET C 343 -32.67 40.16 -37.25
CA MET C 343 -31.22 39.91 -37.17
C MET C 343 -30.52 41.02 -37.94
N TRP C 344 -29.42 41.56 -37.38
CA TRP C 344 -28.65 42.66 -37.99
C TRP C 344 -27.18 42.66 -37.56
N LEU C 345 -26.32 42.56 -38.57
CA LEU C 345 -24.90 43.02 -38.57
C LEU C 345 -23.97 42.09 -37.79
N GLY C 346 -24.29 41.73 -36.55
CA GLY C 346 -23.34 41.08 -35.64
C GLY C 346 -23.12 39.60 -35.93
N TYR C 347 -24.15 38.89 -36.43
CA TYR C 347 -24.08 37.43 -36.68
C TYR C 347 -24.29 37.14 -38.15
N PRO C 348 -23.30 36.51 -38.82
CA PRO C 348 -23.36 36.24 -40.26
C PRO C 348 -24.01 34.87 -40.58
N GLY C 349 -25.24 34.71 -40.13
CA GLY C 349 -26.01 33.48 -40.39
C GLY C 349 -27.45 33.57 -39.91
N THR C 350 -28.19 32.48 -40.09
CA THR C 350 -29.60 32.46 -39.67
C THR C 350 -29.65 32.05 -38.21
N SER C 351 -30.61 32.62 -37.49
CA SER C 351 -31.07 32.16 -36.15
C SER C 351 -31.71 30.79 -36.27
N GLY C 352 -32.32 30.51 -37.42
CA GLY C 352 -33.09 29.28 -37.66
C GLY C 352 -34.35 29.24 -36.81
N ALA C 353 -34.68 30.32 -36.13
CA ALA C 353 -35.64 30.31 -35.01
C ALA C 353 -36.92 31.03 -35.40
N LEU C 354 -38.06 30.50 -34.93
CA LEU C 354 -39.41 31.04 -35.23
C LEU C 354 -39.55 32.45 -34.68
N PHE C 355 -38.82 32.79 -33.62
CA PHE C 355 -38.96 34.06 -32.87
C PHE C 355 -38.22 35.20 -33.57
N MET C 356 -37.52 34.94 -34.67
CA MET C 356 -36.86 36.02 -35.45
C MET C 356 -37.62 36.16 -36.78
N ASP C 357 -38.06 37.37 -37.12
CA ASP C 357 -38.95 37.61 -38.27
C ASP C 357 -38.12 37.88 -39.52
N TYR C 358 -37.15 38.77 -39.46
CA TYR C 358 -36.38 39.23 -40.64
C TYR C 358 -34.89 39.08 -40.38
N ILE C 359 -34.11 38.94 -41.45
CA ILE C 359 -32.65 39.17 -41.43
C ILE C 359 -32.33 40.35 -42.36
N ILE C 360 -31.59 41.31 -41.85
CA ILE C 360 -31.25 42.52 -42.64
C ILE C 360 -29.99 42.14 -43.41
N THR C 361 -30.10 42.15 -44.72
CA THR C 361 -29.00 41.76 -45.62
C THR C 361 -29.18 42.56 -46.91
N ASP C 362 -28.77 42.01 -48.05
CA ASP C 362 -28.84 42.71 -49.36
C ASP C 362 -28.82 41.70 -50.48
N GLN C 363 -29.12 42.14 -51.71
CA GLN C 363 -29.27 41.24 -52.87
C GLN C 363 -27.92 40.55 -53.17
N GLU C 364 -26.79 41.25 -53.00
CA GLU C 364 -25.47 40.65 -53.30
C GLU C 364 -25.09 39.60 -52.24
N THR C 365 -25.35 39.88 -50.98
CA THR C 365 -24.98 38.98 -49.88
C THR C 365 -25.93 37.77 -49.87
N SER C 366 -27.22 38.02 -50.01
CA SER C 366 -28.26 36.98 -49.79
C SER C 366 -29.22 37.00 -50.97
N PRO C 367 -28.78 36.59 -52.18
CA PRO C 367 -29.67 36.57 -53.34
C PRO C 367 -30.80 35.55 -53.17
N ALA C 368 -31.87 35.74 -53.92
CA ALA C 368 -33.14 35.01 -53.77
C ALA C 368 -32.86 33.51 -54.00
N GLU C 369 -31.90 33.18 -54.88
CA GLU C 369 -31.60 31.76 -55.20
C GLU C 369 -31.20 31.03 -53.91
N VAL C 370 -30.68 31.70 -52.88
CA VAL C 370 -30.18 31.00 -51.66
C VAL C 370 -31.01 31.36 -50.43
N ALA C 371 -32.20 31.96 -50.59
CA ALA C 371 -33.15 32.29 -49.48
C ALA C 371 -33.40 31.08 -48.56
N GLU C 372 -33.38 29.86 -49.08
CA GLU C 372 -33.80 28.67 -48.29
C GLU C 372 -32.84 28.49 -47.11
N GLN C 373 -31.65 29.11 -47.11
CA GLN C 373 -30.65 28.91 -46.02
C GLN C 373 -31.06 29.71 -44.78
N TYR C 374 -31.92 30.71 -44.93
CA TYR C 374 -32.38 31.55 -43.81
C TYR C 374 -33.79 31.10 -43.40
N SER C 375 -34.06 31.04 -42.11
CA SER C 375 -35.44 30.88 -41.54
C SER C 375 -36.17 32.23 -41.59
N GLU C 376 -35.45 33.34 -41.58
CA GLU C 376 -36.04 34.68 -41.53
C GLU C 376 -36.48 35.06 -42.95
N LYS C 377 -37.31 36.09 -43.07
CA LYS C 377 -37.54 36.73 -44.38
C LYS C 377 -36.36 37.66 -44.64
N LEU C 378 -35.97 37.78 -45.90
CA LEU C 378 -34.91 38.72 -46.31
C LEU C 378 -35.47 40.15 -46.18
N ALA C 379 -34.69 41.05 -45.62
CA ALA C 379 -34.97 42.49 -45.67
C ALA C 379 -33.75 43.13 -46.31
N TYR C 380 -33.89 43.57 -47.55
CA TYR C 380 -32.74 44.06 -48.35
C TYR C 380 -32.52 45.53 -48.04
N MET C 381 -31.28 45.87 -47.70
CA MET C 381 -30.75 47.23 -47.84
C MET C 381 -30.37 47.40 -49.30
N PRO C 382 -30.37 48.65 -49.80
CA PRO C 382 -30.16 48.95 -51.21
C PRO C 382 -28.77 48.60 -51.75
N HIS C 383 -27.74 48.68 -50.94
CA HIS C 383 -26.35 48.48 -51.43
C HIS C 383 -25.74 47.29 -50.71
N THR C 384 -25.11 47.52 -49.56
CA THR C 384 -24.70 46.41 -48.66
C THR C 384 -25.29 46.63 -47.27
N PHE C 385 -25.56 45.55 -46.55
CA PHE C 385 -26.04 45.63 -45.16
C PHE C 385 -24.83 46.00 -44.31
N PHE C 386 -23.64 45.78 -44.84
CA PHE C 386 -22.40 46.02 -44.09
C PHE C 386 -22.17 47.52 -44.00
N ILE C 387 -21.51 47.94 -42.92
CA ILE C 387 -21.22 49.36 -42.61
C ILE C 387 -20.02 49.36 -41.67
N GLY C 388 -19.31 50.48 -41.64
CA GLY C 388 -18.18 50.67 -40.72
C GLY C 388 -18.09 52.13 -40.32
N ASP C 389 -17.47 52.39 -39.18
CA ASP C 389 -17.40 53.78 -38.66
C ASP C 389 -16.06 54.40 -39.03
N HIS C 390 -15.41 53.93 -40.09
CA HIS C 390 -13.99 54.24 -40.35
C HIS C 390 -13.85 55.74 -40.64
N ALA C 391 -14.87 56.34 -41.25
CA ALA C 391 -14.82 57.78 -41.60
C ALA C 391 -14.71 58.60 -40.31
N ASN C 392 -15.33 58.12 -39.23
CA ASN C 392 -15.35 58.85 -37.95
C ASN C 392 -14.14 58.46 -37.08
N MET C 393 -13.80 57.16 -37.04
CA MET C 393 -12.77 56.64 -36.10
C MET C 393 -11.39 57.01 -36.63
N PHE C 394 -11.20 56.98 -37.95
CA PHE C 394 -9.89 57.06 -38.62
C PHE C 394 -9.87 58.10 -39.74
N PRO C 395 -10.32 59.35 -39.48
CA PRO C 395 -10.29 60.38 -40.52
C PRO C 395 -8.87 60.77 -40.93
N HIS C 396 -7.89 60.40 -40.12
CA HIS C 396 -6.48 60.74 -40.40
C HIS C 396 -6.00 59.92 -41.59
N LEU C 397 -6.74 58.90 -41.99
CA LEU C 397 -6.37 58.06 -43.16
C LEU C 397 -7.17 58.51 -44.40
N LYS C 398 -7.94 59.60 -44.34
CA LYS C 398 -8.63 60.15 -45.55
C LYS C 398 -7.54 60.60 -46.54
N LYS C 399 -6.34 60.97 -46.07
CA LYS C 399 -5.28 61.48 -46.98
C LYS C 399 -3.92 60.96 -46.55
N LYS C 400 -3.07 60.64 -47.53
CA LYS C 400 -1.69 60.20 -47.24
C LYS C 400 -0.72 61.15 -47.92
N ALA C 401 0.54 61.05 -47.50
CA ALA C 401 1.72 61.57 -48.21
C ALA C 401 2.79 60.49 -48.15
N VAL C 402 3.76 60.53 -49.04
CA VAL C 402 4.88 59.55 -48.98
C VAL C 402 6.19 60.31 -48.98
N ILE C 403 7.25 59.56 -48.71
CA ILE C 403 8.65 60.03 -48.89
C ILE C 403 9.26 59.25 -50.06
N ASP C 404 9.89 59.96 -50.99
CA ASP C 404 10.64 59.40 -52.14
C ASP C 404 12.10 59.20 -51.71
N PHE C 405 12.52 57.96 -51.57
CA PHE C 405 13.78 57.59 -50.88
C PHE C 405 14.70 56.86 -51.88
N LYS C 406 14.09 56.10 -52.81
CA LYS C 406 14.77 55.56 -54.02
C LYS C 406 15.33 56.77 -54.81
N SER C 407 14.70 57.95 -54.66
CA SER C 407 15.15 59.25 -55.24
C SER C 407 15.07 59.15 -56.77
N ASN C 408 16.21 59.00 -57.47
CA ASN C 408 16.21 58.70 -58.93
C ASN C 408 15.76 57.24 -59.10
N GLY C 409 14.46 56.97 -59.12
CA GLY C 409 13.85 55.62 -59.03
C GLY C 409 12.33 55.69 -59.11
N HIS C 410 11.62 54.98 -58.23
CA HIS C 410 10.13 54.91 -58.28
C HIS C 410 9.52 55.81 -57.19
N ILE C 411 8.36 56.42 -57.47
CA ILE C 411 7.49 57.12 -56.49
C ILE C 411 6.36 56.17 -56.08
N TYR C 412 6.60 55.38 -55.04
CA TYR C 412 5.67 54.38 -54.50
C TYR C 412 4.63 55.03 -53.58
N ASP C 413 3.42 54.47 -53.53
CA ASP C 413 2.32 55.00 -52.68
C ASP C 413 2.24 54.24 -51.34
N ASN C 414 3.16 53.32 -51.06
CA ASN C 414 2.93 52.38 -49.93
C ASN C 414 4.24 51.83 -49.36
N ARG C 415 5.35 52.56 -49.43
CA ARG C 415 6.58 52.06 -48.79
C ARG C 415 6.90 52.90 -47.56
N ILE C 416 6.70 54.20 -47.66
CA ILE C 416 6.79 55.14 -46.52
C ILE C 416 5.58 56.06 -46.60
N VAL C 417 4.74 56.00 -45.58
CA VAL C 417 3.44 56.72 -45.59
C VAL C 417 3.34 57.63 -44.36
N LEU C 418 2.85 58.85 -44.61
CA LEU C 418 2.51 59.81 -43.55
C LEU C 418 0.99 59.96 -43.56
N ASN C 419 0.39 59.96 -42.38
CA ASN C 419 -1.02 60.34 -42.19
C ASN C 419 -1.10 61.28 -40.99
N GLY C 420 -2.07 62.17 -41.03
CA GLY C 420 -2.20 63.17 -39.96
C GLY C 420 -3.28 64.16 -40.24
N ILE C 421 -4.04 64.50 -39.21
CA ILE C 421 -5.08 65.54 -39.30
C ILE C 421 -4.41 66.86 -39.74
N ASP C 422 -3.20 67.11 -39.25
CA ASP C 422 -2.45 68.36 -39.56
C ASP C 422 -1.36 68.09 -40.61
N LEU C 423 -1.53 67.10 -41.50
CA LEU C 423 -0.49 66.75 -42.49
C LEU C 423 -0.29 67.92 -43.46
N LYS C 424 -1.40 68.48 -43.99
CA LYS C 424 -1.37 69.63 -44.95
C LYS C 424 -0.47 70.72 -44.36
N ALA C 425 -0.64 71.09 -43.10
CA ALA C 425 0.15 72.18 -42.48
C ALA C 425 1.63 71.78 -42.42
N PHE C 426 1.94 70.54 -42.07
CA PHE C 426 3.34 70.07 -41.99
C PHE C 426 3.97 70.13 -43.39
N LEU C 427 3.26 69.64 -44.40
CA LEU C 427 3.74 69.69 -45.81
C LEU C 427 3.98 71.15 -46.25
N ASP C 428 3.11 72.08 -45.86
CA ASP C 428 3.21 73.49 -46.34
C ASP C 428 4.40 74.16 -45.67
N SER C 429 4.98 73.53 -44.65
CA SER C 429 6.15 74.08 -43.92
C SER C 429 7.43 73.62 -44.63
N LEU C 430 7.31 72.67 -45.54
CA LEU C 430 8.49 72.08 -46.21
C LEU C 430 8.82 72.90 -47.43
N PRO C 431 10.11 72.95 -47.82
CA PRO C 431 10.53 73.69 -49.02
C PRO C 431 9.94 73.09 -50.32
N ASP C 432 10.09 71.79 -50.53
CA ASP C 432 9.92 71.19 -51.88
C ASP C 432 9.03 69.97 -51.76
N VAL C 433 7.80 70.06 -52.26
CA VAL C 433 6.84 68.92 -52.15
C VAL C 433 6.22 68.70 -53.53
N LYS C 434 6.66 67.67 -54.25
CA LYS C 434 6.03 67.22 -55.53
C LYS C 434 4.61 66.78 -55.17
N ILE C 435 3.64 67.21 -55.93
CA ILE C 435 2.21 66.84 -55.73
C ILE C 435 1.83 65.97 -56.91
N VAL C 436 1.61 64.67 -56.73
CA VAL C 436 1.33 63.74 -57.84
C VAL C 436 -0.19 63.66 -58.07
N LYS C 437 -0.70 64.32 -59.13
CA LYS C 437 -2.11 64.25 -59.59
C LYS C 437 -2.46 62.76 -59.83
N MET C 438 -3.73 62.38 -59.72
CA MET C 438 -4.13 60.94 -59.61
C MET C 438 -4.85 60.42 -60.88
N LYS C 439 -5.43 61.30 -61.70
CA LYS C 439 -5.90 61.04 -63.11
C LYS C 439 -7.44 61.11 -63.12
N ALA C 453 -9.43 67.19 -56.87
CA ALA C 453 -9.51 67.04 -55.40
C ALA C 453 -8.34 66.17 -54.90
N LEU C 454 -7.94 65.14 -55.66
CA LEU C 454 -7.11 64.00 -55.13
C LEU C 454 -5.71 63.97 -55.76
N ASN C 455 -4.75 63.69 -54.92
CA ASN C 455 -3.33 63.95 -55.21
C ASN C 455 -2.54 63.39 -54.04
N MET C 456 -1.30 62.98 -54.29
CA MET C 456 -0.44 62.38 -53.27
C MET C 456 0.78 63.25 -53.13
N PRO C 457 0.91 64.02 -52.04
CA PRO C 457 2.13 64.78 -51.81
C PRO C 457 3.31 63.81 -51.68
N VAL C 458 4.46 64.23 -52.20
CA VAL C 458 5.71 63.44 -52.17
C VAL C 458 6.79 64.30 -51.57
N ILE C 459 7.23 63.93 -50.39
CA ILE C 459 8.37 64.59 -49.70
C ILE C 459 9.61 64.01 -50.37
N PRO C 460 10.49 64.85 -50.94
CA PRO C 460 11.72 64.36 -51.55
C PRO C 460 12.72 64.06 -50.44
N MET C 461 13.83 63.42 -50.79
CA MET C 461 14.83 62.95 -49.82
C MET C 461 15.73 64.15 -49.41
N ASN C 462 15.19 65.13 -48.69
CA ASN C 462 15.98 66.25 -48.09
C ASN C 462 16.51 65.74 -46.74
N THR C 463 16.95 66.61 -45.85
CA THR C 463 17.50 66.17 -44.52
C THR C 463 16.31 65.92 -43.57
N ILE C 464 15.15 66.48 -43.86
CA ILE C 464 13.91 66.23 -43.07
C ILE C 464 13.47 64.78 -43.30
N ALA C 465 13.38 64.34 -44.54
CA ALA C 465 13.11 62.91 -44.84
C ALA C 465 14.11 62.04 -44.09
N GLU C 466 15.39 62.42 -44.06
CA GLU C 466 16.44 61.61 -43.43
C GLU C 466 16.15 61.46 -41.93
N ALA C 467 15.69 62.54 -41.28
CA ALA C 467 15.39 62.59 -39.83
C ALA C 467 14.22 61.64 -39.53
N VAL C 468 13.22 61.64 -40.39
CA VAL C 468 12.01 60.78 -40.25
C VAL C 468 12.48 59.34 -40.36
N ILE C 469 13.24 59.04 -41.40
CA ILE C 469 13.73 57.67 -41.66
C ILE C 469 14.64 57.24 -40.50
N GLU C 470 15.50 58.15 -40.04
CA GLU C 470 16.40 57.95 -38.87
C GLU C 470 15.53 57.45 -37.70
N MET C 471 14.45 58.18 -37.39
CA MET C 471 13.54 57.84 -36.26
C MET C 471 13.05 56.40 -36.44
N ILE C 472 12.57 56.09 -37.64
CA ILE C 472 11.99 54.75 -37.93
C ILE C 472 13.07 53.69 -37.69
N ASN C 473 14.31 53.98 -38.14
CA ASN C 473 15.40 52.98 -38.20
C ASN C 473 16.00 52.80 -36.81
N ARG C 474 16.17 53.89 -36.05
CA ARG C 474 16.70 53.79 -34.67
C ARG C 474 15.58 53.30 -33.73
N GLY C 475 14.33 53.26 -34.19
CA GLY C 475 13.19 52.79 -33.38
C GLY C 475 12.79 53.77 -32.29
N GLN C 476 13.04 55.07 -32.47
CA GLN C 476 12.59 56.12 -31.52
C GLN C 476 11.07 56.28 -31.62
N ILE C 477 10.47 56.71 -30.51
CA ILE C 477 9.01 56.92 -30.34
C ILE C 477 8.53 58.00 -31.32
N GLN C 478 9.23 59.12 -31.38
CA GLN C 478 8.74 60.33 -32.08
C GLN C 478 9.83 61.39 -32.21
N ILE C 479 9.62 62.34 -33.09
CA ILE C 479 10.52 63.52 -33.25
C ILE C 479 9.67 64.76 -33.46
N THR C 480 10.34 65.90 -33.62
CA THR C 480 9.72 67.21 -33.87
C THR C 480 10.36 67.79 -35.12
N ILE C 481 9.57 68.33 -36.03
CA ILE C 481 10.09 68.95 -37.28
C ILE C 481 9.25 70.19 -37.53
N ASN C 482 9.87 71.37 -37.47
CA ASN C 482 9.15 72.65 -37.72
C ASN C 482 7.99 72.78 -36.74
N GLY C 483 8.15 72.24 -35.53
CA GLY C 483 7.17 72.34 -34.44
C GLY C 483 6.08 71.27 -34.48
N PHE C 484 5.99 70.49 -35.56
CA PHE C 484 4.94 69.46 -35.74
C PHE C 484 5.38 68.17 -35.05
N SER C 485 4.47 67.44 -34.42
CA SER C 485 4.85 66.14 -33.79
CA SER C 485 4.81 66.15 -33.78
C SER C 485 4.74 65.01 -34.83
N ILE C 486 5.85 64.29 -34.99
CA ILE C 486 6.01 63.15 -35.93
C ILE C 486 6.21 61.88 -35.11
N SER C 487 5.28 60.95 -35.23
CA SER C 487 5.16 59.75 -34.38
C SER C 487 5.56 58.53 -35.20
N ASN C 488 6.36 57.66 -34.59
CA ASN C 488 6.63 56.30 -35.10
C ASN C 488 5.32 55.51 -34.98
N GLY C 489 4.84 54.97 -36.11
CA GLY C 489 3.56 54.21 -36.16
C GLY C 489 3.57 52.93 -35.33
N LEU C 490 4.72 52.52 -34.79
CA LEU C 490 4.81 51.29 -33.96
C LEU C 490 4.61 51.65 -32.49
N ALA C 491 4.62 52.94 -32.15
CA ALA C 491 4.58 53.42 -30.76
C ALA C 491 3.25 54.11 -30.41
N THR C 492 2.18 53.98 -31.20
CA THR C 492 0.96 54.80 -31.00
C THR C 492 0.49 54.60 -29.56
N THR C 493 0.58 53.38 -29.09
CA THR C 493 0.11 52.94 -27.76
C THR C 493 0.83 53.74 -26.65
N GLN C 494 2.12 54.03 -26.77
CA GLN C 494 2.83 54.83 -25.75
C GLN C 494 2.47 56.31 -25.81
N ILE C 495 2.16 56.80 -27.00
CA ILE C 495 1.92 58.25 -27.24
C ILE C 495 0.47 58.58 -26.85
N ASN C 496 -0.48 57.72 -27.19
CA ASN C 496 -1.91 57.93 -26.85
C ASN C 496 -2.68 56.61 -26.95
N ASN C 497 -2.75 55.84 -25.85
CA ASN C 497 -3.53 54.57 -25.77
C ASN C 497 -4.90 54.75 -26.46
N LYS C 498 -5.58 55.88 -26.28
CA LYS C 498 -6.97 56.04 -26.75
C LYS C 498 -6.96 56.14 -28.28
N ALA C 499 -5.95 56.77 -28.86
CA ALA C 499 -5.78 56.84 -30.32
C ALA C 499 -5.49 55.44 -30.90
N ALA C 500 -4.72 54.64 -30.17
CA ALA C 500 -4.33 53.29 -30.59
C ALA C 500 -5.55 52.38 -30.71
N THR C 501 -6.50 52.48 -29.79
CA THR C 501 -7.69 51.60 -29.74
C THR C 501 -8.77 52.08 -30.70
N GLY C 502 -8.68 53.31 -31.21
CA GLY C 502 -9.71 53.88 -32.10
C GLY C 502 -10.72 54.73 -31.33
N GLU C 503 -10.56 54.84 -30.01
CA GLU C 503 -11.41 55.64 -29.13
C GLU C 503 -11.16 57.14 -29.35
N GLU C 504 -9.97 57.52 -29.80
CA GLU C 504 -9.66 58.92 -30.13
C GLU C 504 -9.05 58.94 -31.52
N VAL C 505 -9.19 60.08 -32.17
CA VAL C 505 -8.45 60.35 -33.43
C VAL C 505 -7.08 60.83 -33.01
N PRO C 506 -6.01 60.27 -33.60
CA PRO C 506 -4.65 60.69 -33.30
C PRO C 506 -4.46 62.19 -33.54
N ARG C 507 -3.77 62.84 -32.61
CA ARG C 507 -3.48 64.30 -32.66
C ARG C 507 -2.04 64.54 -33.14
N THR C 508 -1.34 63.50 -33.57
CA THR C 508 0.03 63.60 -34.12
C THR C 508 0.04 63.13 -35.56
N ILE C 509 1.16 63.36 -36.23
CA ILE C 509 1.39 62.84 -37.59
C ILE C 509 2.08 61.50 -37.46
N ILE C 510 1.55 60.48 -38.10
CA ILE C 510 2.09 59.11 -37.90
C ILE C 510 2.80 58.64 -39.17
N VAL C 511 4.00 58.10 -39.00
CA VAL C 511 4.81 57.50 -40.10
C VAL C 511 4.64 55.99 -40.06
N THR C 512 4.28 55.40 -41.19
CA THR C 512 4.10 53.94 -41.34
C THR C 512 4.97 53.47 -42.49
N THR C 513 5.73 52.40 -42.32
CA THR C 513 6.70 51.95 -43.36
C THR C 513 6.75 50.43 -43.49
N ARG C 514 7.12 49.96 -44.68
CA ARG C 514 7.29 48.52 -44.92
C ARG C 514 8.45 48.01 -44.08
N SER C 515 9.48 48.84 -43.90
CA SER C 515 10.65 48.45 -43.08
C SER C 515 10.19 48.03 -41.67
N GLN C 516 9.12 48.61 -41.12
CA GLN C 516 8.66 48.32 -39.74
C GLN C 516 8.22 46.87 -39.61
N TYR C 517 7.70 46.26 -40.68
CA TYR C 517 7.04 44.95 -40.58
C TYR C 517 7.86 43.90 -41.33
N GLY C 518 9.02 44.28 -41.87
CA GLY C 518 9.92 43.38 -42.63
C GLY C 518 9.36 43.05 -44.00
N LEU C 519 8.55 43.94 -44.56
CA LEU C 519 8.02 43.76 -45.92
C LEU C 519 9.06 44.26 -46.91
N PRO C 520 9.30 43.55 -48.03
CA PRO C 520 10.26 44.01 -49.03
C PRO C 520 9.91 45.34 -49.71
N GLU C 521 10.91 46.22 -49.88
CA GLU C 521 10.73 47.59 -50.43
C GLU C 521 10.43 47.49 -51.93
N ASP C 522 10.76 46.39 -52.61
CA ASP C 522 10.79 46.33 -54.10
C ASP C 522 9.85 45.23 -54.61
N ALA C 523 8.78 44.92 -53.91
CA ALA C 523 7.95 43.73 -54.21
C ALA C 523 6.47 43.98 -53.97
N ILE C 524 5.65 43.20 -54.63
CA ILE C 524 4.19 43.18 -54.43
C ILE C 524 3.89 42.53 -53.07
N VAL C 525 3.08 43.20 -52.26
CA VAL C 525 2.63 42.65 -50.96
C VAL C 525 1.14 42.31 -51.06
N TYR C 526 0.84 41.03 -50.97
CA TYR C 526 -0.54 40.48 -50.86
C TYR C 526 -0.86 40.29 -49.37
N CYS C 527 -1.89 40.94 -48.85
CA CYS C 527 -2.21 40.83 -47.42
C CYS C 527 -3.49 40.01 -47.21
N ASN C 528 -3.59 39.39 -46.04
CA ASN C 528 -4.87 38.98 -45.42
C ASN C 528 -4.73 39.05 -43.90
N PHE C 529 -5.47 39.96 -43.27
CA PHE C 529 -5.33 40.24 -41.82
C PHE C 529 -6.45 39.55 -41.03
N ASN C 530 -7.11 38.57 -41.63
CA ASN C 530 -8.16 37.83 -40.90
C ASN C 530 -7.51 36.89 -39.92
N GLN C 531 -8.33 36.42 -39.00
CA GLN C 531 -8.03 35.25 -38.16
C GLN C 531 -7.84 34.02 -39.06
N LEU C 532 -6.84 33.21 -38.74
CA LEU C 532 -6.35 32.15 -39.64
C LEU C 532 -7.45 31.09 -39.83
N TYR C 533 -8.43 30.97 -38.94
CA TYR C 533 -9.47 29.91 -39.02
C TYR C 533 -10.24 30.03 -40.35
N LYS C 534 -10.23 31.18 -41.00
CA LYS C 534 -10.97 31.43 -42.27
C LYS C 534 -10.21 30.86 -43.48
N ILE C 535 -8.98 30.40 -43.26
CA ILE C 535 -8.16 29.77 -44.32
C ILE C 535 -8.42 28.26 -44.31
N ASP C 536 -8.62 27.68 -45.48
CA ASP C 536 -8.65 26.21 -45.71
C ASP C 536 -7.54 25.83 -46.68
N PRO C 537 -7.23 24.53 -46.85
CA PRO C 537 -6.17 24.13 -47.77
C PRO C 537 -6.32 24.68 -49.20
N SER C 538 -7.56 24.76 -49.69
CA SER C 538 -7.85 25.23 -51.06
C SER C 538 -7.44 26.70 -51.18
N THR C 539 -7.75 27.49 -50.15
CA THR C 539 -7.42 28.93 -50.15
C THR C 539 -5.90 29.08 -50.23
N LEU C 540 -5.15 28.29 -49.47
CA LEU C 540 -3.68 28.50 -49.43
C LEU C 540 -3.09 28.04 -50.77
N GLN C 541 -3.67 27.02 -51.39
CA GLN C 541 -3.29 26.57 -52.75
C GLN C 541 -3.43 27.77 -53.70
N MET C 542 -4.63 28.36 -53.74
CA MET C 542 -4.91 29.54 -54.58
C MET C 542 -3.80 30.58 -54.37
N TRP C 543 -3.47 30.86 -53.12
CA TRP C 543 -2.50 31.92 -52.77
C TRP C 543 -1.11 31.51 -53.27
N ALA C 544 -0.78 30.24 -53.12
CA ALA C 544 0.51 29.70 -53.59
C ALA C 544 0.60 29.87 -55.11
N ASN C 545 -0.49 29.59 -55.82
CA ASN C 545 -0.51 29.71 -57.31
C ASN C 545 -0.20 31.15 -57.68
N ILE C 546 -0.78 32.11 -56.96
CA ILE C 546 -0.62 33.56 -57.25
C ILE C 546 0.84 33.93 -57.00
N LEU C 547 1.38 33.52 -55.86
CA LEU C 547 2.77 33.88 -55.49
C LEU C 547 3.75 33.29 -56.51
N LYS C 548 3.47 32.09 -57.00
CA LYS C 548 4.37 31.39 -57.97
C LYS C 548 4.34 32.15 -59.29
N ARG C 549 3.22 32.81 -59.62
CA ARG C 549 3.07 33.51 -60.92
C ARG C 549 3.52 34.98 -60.80
N VAL C 550 3.86 35.44 -59.61
CA VAL C 550 4.22 36.88 -59.42
C VAL C 550 5.54 36.91 -58.68
N PRO C 551 6.63 36.88 -59.45
CA PRO C 551 7.97 36.83 -58.88
C PRO C 551 8.24 37.95 -57.85
N ASN C 552 8.83 37.55 -56.72
CA ASN C 552 9.28 38.43 -55.61
C ASN C 552 8.14 38.78 -54.66
N SER C 553 6.89 38.72 -55.11
CA SER C 553 5.70 39.00 -54.28
C SER C 553 5.79 38.23 -52.96
N VAL C 554 5.15 38.77 -51.92
CA VAL C 554 5.03 38.10 -50.61
C VAL C 554 3.56 38.15 -50.16
N LEU C 555 3.23 37.24 -49.27
CA LEU C 555 1.91 37.16 -48.60
C LEU C 555 2.11 37.62 -47.16
N TRP C 556 1.28 38.55 -46.71
CA TRP C 556 1.35 39.15 -45.36
C TRP C 556 0.21 38.59 -44.51
N LEU C 557 0.51 37.84 -43.46
CA LEU C 557 -0.53 37.24 -42.58
C LEU C 557 -0.27 37.65 -41.14
N LEU C 558 -1.20 37.36 -40.26
CA LEU C 558 -1.03 37.72 -38.84
C LEU C 558 -0.94 36.45 -38.00
N ARG C 559 -0.20 36.57 -36.91
CA ARG C 559 -0.12 35.54 -35.87
C ARG C 559 -1.43 35.55 -35.11
N PHE C 560 -2.46 34.96 -35.69
CA PHE C 560 -3.86 35.19 -35.27
C PHE C 560 -4.60 33.86 -35.29
N PRO C 561 -4.18 32.88 -34.48
CA PRO C 561 -3.10 33.04 -33.51
C PRO C 561 -1.71 32.56 -33.92
N ALA C 562 -0.72 32.82 -33.08
CA ALA C 562 0.70 32.60 -33.42
C ALA C 562 0.95 31.12 -33.72
N VAL C 563 0.28 30.20 -33.01
CA VAL C 563 0.61 28.76 -33.17
C VAL C 563 0.17 28.32 -34.57
N GLY C 564 -0.62 29.12 -35.27
CA GLY C 564 -1.03 28.83 -36.65
C GLY C 564 0.10 29.01 -37.65
N GLU C 565 1.07 29.88 -37.34
CA GLU C 565 2.12 30.29 -38.29
C GLU C 565 2.90 29.06 -38.76
N PRO C 566 3.52 28.26 -37.85
CA PRO C 566 4.35 27.14 -38.28
C PRO C 566 3.56 26.15 -39.15
N ASN C 567 2.28 25.97 -38.83
CA ASN C 567 1.37 25.06 -39.57
C ASN C 567 1.22 25.57 -41.00
N ILE C 568 0.96 26.86 -41.17
CA ILE C 568 0.77 27.45 -42.52
C ILE C 568 2.09 27.36 -43.27
N GLN C 569 3.21 27.67 -42.61
CA GLN C 569 4.53 27.68 -43.29
C GLN C 569 4.82 26.25 -43.77
N GLN C 570 4.46 25.25 -42.98
CA GLN C 570 4.67 23.85 -43.39
C GLN C 570 3.84 23.55 -44.64
N TYR C 571 2.53 23.81 -44.64
CA TYR C 571 1.67 23.49 -45.81
C TYR C 571 2.19 24.27 -47.03
N ALA C 572 2.75 25.45 -46.81
CA ALA C 572 3.24 26.33 -47.88
C ALA C 572 4.50 25.74 -48.50
N GLN C 573 5.39 25.18 -47.68
CA GLN C 573 6.65 24.56 -48.17
C GLN C 573 6.28 23.36 -49.05
N ASN C 574 5.33 22.55 -48.62
CA ASN C 574 4.84 21.38 -49.39
C ASN C 574 4.21 21.85 -50.71
N MET C 575 3.82 23.10 -50.83
CA MET C 575 3.24 23.66 -52.07
C MET C 575 4.36 24.27 -52.93
N GLY C 576 5.59 24.30 -52.41
CA GLY C 576 6.80 24.78 -53.09
C GLY C 576 7.09 26.26 -52.90
N LEU C 577 6.54 26.90 -51.86
CA LEU C 577 6.92 28.28 -51.47
C LEU C 577 8.02 28.21 -50.41
N PRO C 578 9.20 28.82 -50.61
CA PRO C 578 10.15 29.03 -49.51
C PRO C 578 9.51 29.81 -48.34
N GLN C 579 10.16 29.76 -47.18
CA GLN C 579 9.67 30.39 -45.93
C GLN C 579 9.51 31.89 -46.14
N ASN C 580 10.46 32.53 -46.83
CA ASN C 580 10.50 34.02 -46.90
C ASN C 580 9.36 34.55 -47.79
N ARG C 581 8.56 33.69 -48.43
CA ARG C 581 7.47 34.19 -49.32
C ARG C 581 6.25 34.58 -48.49
N ILE C 582 6.12 34.03 -47.27
CA ILE C 582 5.02 34.42 -46.35
C ILE C 582 5.61 35.15 -45.15
N ILE C 583 5.15 36.37 -44.91
CA ILE C 583 5.62 37.19 -43.77
C ILE C 583 4.50 37.31 -42.74
N PHE C 584 4.80 36.96 -41.52
CA PHE C 584 3.85 37.03 -40.39
C PHE C 584 4.17 38.26 -39.54
N SER C 585 3.12 38.97 -39.16
CA SER C 585 3.20 40.10 -38.20
C SER C 585 2.29 39.82 -37.03
N PRO C 586 2.63 40.35 -35.84
CA PRO C 586 1.74 40.23 -34.69
C PRO C 586 0.44 41.01 -34.92
N VAL C 587 -0.62 40.56 -34.26
CA VAL C 587 -1.86 41.36 -34.17
C VAL C 587 -1.47 42.71 -33.56
N ALA C 588 -2.07 43.79 -34.01
CA ALA C 588 -1.77 45.18 -33.53
C ALA C 588 -3.03 45.85 -32.98
N PRO C 589 -2.91 46.99 -32.28
CA PRO C 589 -4.09 47.77 -31.92
C PRO C 589 -4.92 48.23 -33.13
N LYS C 590 -6.22 48.54 -32.95
CA LYS C 590 -7.12 48.88 -34.09
C LYS C 590 -6.43 49.84 -35.06
N GLU C 591 -5.90 50.95 -34.57
CA GLU C 591 -5.52 52.04 -35.49
C GLU C 591 -4.28 51.62 -36.29
N GLU C 592 -3.29 50.98 -35.66
CA GLU C 592 -2.09 50.48 -36.38
C GLU C 592 -2.54 49.45 -37.43
N HIS C 593 -3.46 48.58 -37.05
CA HIS C 593 -3.98 47.50 -37.93
C HIS C 593 -4.60 48.08 -39.21
N VAL C 594 -5.33 49.17 -39.10
CA VAL C 594 -6.09 49.71 -40.26
C VAL C 594 -5.09 50.49 -41.12
N ARG C 595 -4.25 51.27 -40.45
CA ARG C 595 -3.22 52.17 -41.02
C ARG C 595 -2.20 51.35 -41.81
N ARG C 596 -1.74 50.22 -41.29
CA ARG C 596 -0.61 49.48 -41.91
C ARG C 596 -1.11 48.72 -43.15
N GLY C 597 -2.42 48.59 -43.32
CA GLY C 597 -3.02 48.14 -44.59
C GLY C 597 -2.57 49.00 -45.76
N GLN C 598 -2.17 50.24 -45.48
CA GLN C 598 -1.74 51.18 -46.54
C GLN C 598 -0.46 50.66 -47.21
N LEU C 599 0.27 49.75 -46.54
CA LEU C 599 1.56 49.20 -47.03
C LEU C 599 1.31 48.09 -48.05
N ALA C 600 0.14 47.47 -48.07
CA ALA C 600 -0.11 46.35 -49.00
C ALA C 600 -0.37 46.89 -50.41
N ASP C 601 -0.17 46.05 -51.42
CA ASP C 601 -0.58 46.36 -52.81
C ASP C 601 -2.00 45.84 -52.98
N VAL C 602 -2.24 44.61 -52.59
CA VAL C 602 -3.54 43.93 -52.80
C VAL C 602 -3.83 43.05 -51.60
N CYS C 603 -5.11 42.86 -51.33
CA CYS C 603 -5.55 41.96 -50.26
C CYS C 603 -6.29 40.79 -50.89
N LEU C 604 -5.89 39.58 -50.50
CA LEU C 604 -6.51 38.32 -50.95
C LEU C 604 -7.51 37.86 -49.89
N ASP C 605 -8.80 38.05 -50.18
CA ASP C 605 -9.90 37.66 -49.26
C ASP C 605 -10.04 36.13 -49.19
N THR C 606 -10.41 35.65 -48.03
CA THR C 606 -10.66 34.22 -47.74
C THR C 606 -12.06 33.86 -48.25
N PRO C 607 -12.17 32.98 -49.25
CA PRO C 607 -13.47 32.57 -49.77
C PRO C 607 -14.31 31.74 -48.78
N LEU C 608 -13.67 31.03 -47.85
CA LEU C 608 -14.46 30.07 -47.02
C LEU C 608 -15.43 30.87 -46.17
N CYS C 609 -14.86 31.84 -45.46
CA CYS C 609 -15.54 32.89 -44.68
C CYS C 609 -14.78 34.18 -44.95
N ASN C 610 -15.45 35.18 -45.53
CA ASN C 610 -14.80 36.43 -46.01
C ASN C 610 -14.30 37.21 -44.79
N GLY C 611 -13.42 38.16 -45.04
CA GLY C 611 -13.25 39.32 -44.15
C GLY C 611 -14.55 40.09 -44.05
N HIS C 612 -15.02 40.42 -42.86
CA HIS C 612 -16.23 41.25 -42.67
C HIS C 612 -15.78 42.62 -42.20
N THR C 613 -15.60 42.79 -40.89
CA THR C 613 -14.91 43.98 -40.35
C THR C 613 -13.59 44.14 -41.10
N THR C 614 -12.86 43.04 -41.27
CA THR C 614 -11.50 43.04 -41.85
C THR C 614 -11.57 43.58 -43.28
N GLY C 615 -12.65 43.27 -44.01
CA GLY C 615 -12.87 43.79 -45.36
C GLY C 615 -12.96 45.31 -45.36
N MET C 616 -13.77 45.85 -44.46
CA MET C 616 -13.98 47.31 -44.37
C MET C 616 -12.65 47.94 -43.96
N ASP C 617 -11.86 47.25 -43.12
CA ASP C 617 -10.55 47.79 -42.67
C ASP C 617 -9.58 47.96 -43.86
N VAL C 618 -9.47 47.00 -44.78
CA VAL C 618 -8.46 47.11 -45.88
C VAL C 618 -8.97 48.14 -46.89
N LEU C 619 -10.27 48.15 -47.18
CA LEU C 619 -10.83 49.11 -48.16
C LEU C 619 -10.63 50.54 -47.66
N TRP C 620 -10.63 50.78 -46.35
CA TRP C 620 -10.45 52.14 -45.82
C TRP C 620 -9.04 52.65 -46.10
N ALA C 621 -8.09 51.75 -46.30
CA ALA C 621 -6.68 52.13 -46.56
C ALA C 621 -6.44 52.29 -48.06
N GLY C 622 -7.47 52.03 -48.86
CA GLY C 622 -7.42 52.14 -50.33
C GLY C 622 -6.80 50.90 -50.94
N THR C 623 -6.92 49.78 -50.25
CA THR C 623 -6.22 48.54 -50.66
C THR C 623 -7.25 47.67 -51.36
N PRO C 624 -7.06 47.41 -52.67
CA PRO C 624 -8.00 46.60 -53.43
C PRO C 624 -8.03 45.20 -52.84
N MET C 625 -9.20 44.61 -52.82
CA MET C 625 -9.41 43.29 -52.20
C MET C 625 -10.06 42.39 -53.24
N VAL C 626 -9.47 41.23 -53.47
CA VAL C 626 -9.95 40.21 -54.43
C VAL C 626 -10.75 39.16 -53.66
N THR C 627 -11.98 38.88 -54.06
CA THR C 627 -12.86 37.94 -53.32
C THR C 627 -13.50 36.99 -54.32
N MET C 628 -13.87 35.81 -53.85
CA MET C 628 -14.64 34.82 -54.62
C MET C 628 -15.87 34.43 -53.80
N PRO C 629 -17.03 35.07 -54.03
CA PRO C 629 -18.20 34.84 -53.20
C PRO C 629 -18.66 33.39 -53.32
N GLY C 630 -19.01 32.76 -52.20
CA GLY C 630 -19.59 31.41 -52.18
C GLY C 630 -21.11 31.48 -52.13
N GLU C 631 -21.74 30.63 -51.33
CA GLU C 631 -23.22 30.56 -51.22
C GLU C 631 -23.67 31.04 -49.84
N THR C 632 -22.88 30.82 -48.78
CA THR C 632 -23.21 31.25 -47.40
C THR C 632 -23.16 32.77 -47.32
N LEU C 633 -23.97 33.36 -46.45
CA LEU C 633 -23.88 34.81 -46.14
C LEU C 633 -22.40 35.15 -45.90
N ALA C 634 -21.74 34.39 -45.03
CA ALA C 634 -20.40 34.73 -44.54
C ALA C 634 -19.42 34.76 -45.71
N SER C 635 -19.70 34.03 -46.79
CA SER C 635 -18.77 33.92 -47.94
C SER C 635 -19.08 34.99 -48.99
N ARG C 636 -20.00 35.91 -48.74
CA ARG C 636 -20.45 36.81 -49.84
C ARG C 636 -20.34 38.28 -49.43
N VAL C 637 -19.87 38.54 -48.22
CA VAL C 637 -19.91 39.91 -47.64
C VAL C 637 -18.91 40.77 -48.41
N ALA C 638 -17.73 40.23 -48.69
CA ALA C 638 -16.68 41.01 -49.32
C ALA C 638 -17.13 41.42 -50.73
N ALA C 639 -17.81 40.53 -51.46
CA ALA C 639 -18.35 40.86 -52.80
C ALA C 639 -19.38 41.99 -52.65
N SER C 640 -20.26 41.89 -51.66
CA SER C 640 -21.29 42.90 -51.35
C SER C 640 -20.59 44.24 -51.06
N GLN C 641 -19.52 44.21 -50.27
CA GLN C 641 -18.73 45.42 -49.95
C GLN C 641 -18.21 46.00 -51.26
N LEU C 642 -17.66 45.15 -52.11
CA LEU C 642 -16.98 45.59 -53.35
C LEU C 642 -18.02 46.08 -54.35
N THR C 643 -19.22 45.50 -54.43
CA THR C 643 -20.20 46.00 -55.44
C THR C 643 -20.66 47.38 -54.98
N CYS C 644 -20.79 47.61 -53.67
CA CYS C 644 -21.19 48.93 -53.14
C CYS C 644 -20.07 49.94 -53.42
N LEU C 645 -18.83 49.51 -53.26
CA LEU C 645 -17.64 50.36 -53.53
C LEU C 645 -17.64 50.75 -55.01
N GLY C 646 -18.03 49.82 -55.88
CA GLY C 646 -18.05 49.99 -57.34
C GLY C 646 -16.83 49.41 -58.02
N CYS C 647 -16.33 48.29 -57.53
CA CYS C 647 -15.16 47.60 -58.10
C CYS C 647 -15.54 46.17 -58.45
N LEU C 648 -16.38 45.97 -59.46
CA LEU C 648 -16.87 44.61 -59.84
C LEU C 648 -15.70 43.81 -60.42
N GLU C 649 -14.59 44.46 -60.81
CA GLU C 649 -13.42 43.78 -61.41
C GLU C 649 -12.60 43.03 -60.37
N LEU C 650 -12.95 43.13 -59.08
CA LEU C 650 -12.23 42.45 -57.98
C LEU C 650 -13.02 41.24 -57.51
N ILE C 651 -14.14 40.92 -58.16
CA ILE C 651 -15.03 39.79 -57.76
C ILE C 651 -14.87 38.64 -58.75
N ALA C 652 -14.46 37.48 -58.25
CA ALA C 652 -14.14 36.31 -59.09
C ALA C 652 -15.30 35.32 -59.08
N LYS C 653 -15.68 34.83 -60.28
CA LYS C 653 -16.76 33.81 -60.45
C LYS C 653 -16.19 32.43 -60.05
N ASN C 654 -14.86 32.24 -60.05
CA ASN C 654 -14.24 30.95 -59.63
C ASN C 654 -12.76 31.13 -59.25
N ARG C 655 -12.09 30.03 -58.87
CA ARG C 655 -10.70 30.09 -58.34
C ARG C 655 -9.77 30.58 -59.46
N GLN C 656 -9.99 30.13 -60.68
CA GLN C 656 -9.12 30.50 -61.81
C GLN C 656 -9.17 32.04 -61.92
N GLU C 657 -10.38 32.61 -61.86
CA GLU C 657 -10.59 34.06 -62.12
C GLU C 657 -9.95 34.86 -60.98
N TYR C 658 -10.04 34.34 -59.75
CA TYR C 658 -9.43 34.95 -58.54
C TYR C 658 -7.93 35.06 -58.78
N GLU C 659 -7.30 33.92 -59.09
CA GLU C 659 -5.83 33.84 -59.28
C GLU C 659 -5.46 34.82 -60.40
N ASP C 660 -6.28 34.90 -61.45
CA ASP C 660 -5.92 35.71 -62.63
C ASP C 660 -5.94 37.20 -62.25
N ILE C 661 -6.97 37.61 -61.51
CA ILE C 661 -7.15 39.03 -61.09
C ILE C 661 -5.97 39.41 -60.19
N ALA C 662 -5.68 38.56 -59.22
CA ALA C 662 -4.58 38.78 -58.27
C ALA C 662 -3.29 38.96 -59.06
N VAL C 663 -3.05 38.03 -59.98
CA VAL C 663 -1.76 37.97 -60.73
C VAL C 663 -1.69 39.22 -61.62
N LYS C 664 -2.81 39.60 -62.22
CA LYS C 664 -2.81 40.79 -63.08
C LYS C 664 -2.38 42.00 -62.25
N LEU C 665 -2.94 42.16 -61.04
CA LEU C 665 -2.69 43.33 -60.17
C LEU C 665 -1.21 43.33 -59.73
N GLY C 666 -0.62 42.14 -59.60
CA GLY C 666 0.79 42.02 -59.18
C GLY C 666 1.77 42.21 -60.32
N THR C 667 1.36 41.98 -61.57
CA THR C 667 2.30 42.03 -62.72
C THR C 667 2.14 43.36 -63.46
N ASP C 668 0.92 43.86 -63.60
CA ASP C 668 0.61 45.04 -64.43
C ASP C 668 0.54 46.30 -63.56
N LEU C 669 1.68 46.93 -63.28
CA LEU C 669 1.77 48.07 -62.34
C LEU C 669 0.89 49.23 -62.79
N GLU C 670 0.54 49.33 -64.08
CA GLU C 670 -0.33 50.42 -64.57
C GLU C 670 -1.77 50.11 -64.13
N TYR C 671 -2.19 48.86 -64.27
CA TYR C 671 -3.54 48.38 -63.83
C TYR C 671 -3.65 48.54 -62.31
N LEU C 672 -2.61 48.16 -61.58
CA LEU C 672 -2.61 48.28 -60.11
C LEU C 672 -2.85 49.75 -59.73
N LYS C 673 -2.09 50.65 -60.31
CA LYS C 673 -2.22 52.10 -60.02
C LYS C 673 -3.68 52.50 -60.27
N LYS C 674 -4.27 52.05 -61.37
CA LYS C 674 -5.66 52.45 -61.74
C LYS C 674 -6.61 51.96 -60.64
N VAL C 675 -6.53 50.67 -60.28
CA VAL C 675 -7.49 50.02 -59.34
C VAL C 675 -7.29 50.58 -57.92
N ARG C 676 -6.05 50.75 -57.48
CA ARG C 676 -5.79 51.36 -56.16
C ARG C 676 -6.41 52.76 -56.11
N GLY C 677 -6.24 53.54 -57.17
CA GLY C 677 -6.81 54.91 -57.21
C GLY C 677 -8.34 54.87 -57.18
N LYS C 678 -8.93 53.82 -57.73
CA LYS C 678 -10.40 53.65 -57.80
C LYS C 678 -10.90 53.44 -56.37
N VAL C 679 -10.27 52.52 -55.65
CA VAL C 679 -10.63 52.15 -54.25
C VAL C 679 -10.42 53.38 -53.38
N TRP C 680 -9.31 54.08 -53.59
CA TRP C 680 -8.95 55.25 -52.75
C TRP C 680 -10.00 56.35 -52.91
N LYS C 681 -10.51 56.53 -54.13
CA LYS C 681 -11.53 57.57 -54.38
C LYS C 681 -12.85 57.05 -53.81
N GLN C 682 -13.17 55.80 -54.06
CA GLN C 682 -14.57 55.35 -53.93
C GLN C 682 -14.90 55.03 -52.47
N ARG C 683 -13.89 54.86 -51.62
CA ARG C 683 -14.14 54.68 -50.17
C ARG C 683 -14.89 55.92 -49.67
N ILE C 684 -14.54 57.08 -50.22
CA ILE C 684 -15.23 58.36 -49.89
C ILE C 684 -16.48 58.51 -50.76
N SER C 685 -16.36 58.32 -52.06
CA SER C 685 -17.40 58.77 -53.03
C SER C 685 -18.57 57.78 -53.03
N SER C 686 -18.37 56.53 -52.64
CA SER C 686 -19.44 55.50 -52.68
C SER C 686 -20.22 55.54 -51.39
N PRO C 687 -21.33 54.80 -51.29
CA PRO C 687 -22.08 54.67 -50.04
C PRO C 687 -21.42 53.89 -48.89
N LEU C 688 -20.37 53.12 -49.18
CA LEU C 688 -19.87 52.03 -48.30
C LEU C 688 -19.59 52.49 -46.88
N PHE C 689 -18.92 53.62 -46.73
CA PHE C 689 -18.49 54.17 -45.42
C PHE C 689 -19.37 55.34 -44.98
N ASN C 690 -20.49 55.57 -45.66
CA ASN C 690 -21.41 56.70 -45.40
C ASN C 690 -22.48 56.25 -44.40
N THR C 691 -22.25 56.55 -43.14
CA THR C 691 -23.12 56.17 -42.01
C THR C 691 -24.46 56.91 -42.14
N LYS C 692 -24.48 58.16 -42.59
CA LYS C 692 -25.75 58.94 -42.65
C LYS C 692 -26.64 58.29 -43.72
N GLN C 693 -26.11 58.05 -44.92
CA GLN C 693 -26.86 57.35 -45.99
C GLN C 693 -27.29 55.99 -45.47
N TYR C 694 -26.37 55.19 -44.92
CA TYR C 694 -26.72 53.86 -44.38
C TYR C 694 -27.92 54.01 -43.45
N THR C 695 -27.85 54.94 -42.51
CA THR C 695 -28.88 55.05 -41.45
C THR C 695 -30.21 55.35 -42.12
N MET C 696 -30.19 56.26 -43.10
CA MET C 696 -31.43 56.71 -43.79
C MET C 696 -32.02 55.51 -44.56
N GLU C 697 -31.20 54.64 -45.15
CA GLU C 697 -31.66 53.42 -45.89
C GLU C 697 -32.27 52.43 -44.90
N LEU C 698 -31.61 52.25 -43.77
CA LEU C 698 -32.08 51.39 -42.67
C LEU C 698 -33.44 51.91 -42.18
N GLU C 699 -33.61 53.23 -42.20
CA GLU C 699 -34.88 53.87 -41.76
C GLU C 699 -35.98 53.56 -42.78
N ARG C 700 -35.67 53.70 -44.08
CA ARG C 700 -36.60 53.39 -45.22
C ARG C 700 -37.04 51.93 -45.00
N LEU C 701 -36.10 51.05 -44.67
CA LEU C 701 -36.37 49.60 -44.50
C LEU C 701 -37.20 49.38 -43.23
N TYR C 702 -36.90 50.08 -42.14
CA TYR C 702 -37.65 49.85 -40.88
C TYR C 702 -39.12 50.16 -41.16
N LEU C 703 -39.38 51.24 -41.92
CA LEU C 703 -40.76 51.72 -42.15
C LEU C 703 -41.50 50.73 -43.06
N GLN C 704 -40.85 50.13 -44.06
CA GLN C 704 -41.45 49.02 -44.85
C GLN C 704 -41.94 47.93 -43.90
N MET C 705 -41.04 47.45 -43.05
CA MET C 705 -41.32 46.35 -42.09
C MET C 705 -42.57 46.70 -41.27
N TRP C 706 -42.62 47.95 -40.84
CA TRP C 706 -43.67 48.45 -39.93
C TRP C 706 -45.00 48.61 -40.69
N GLU C 707 -45.00 49.32 -41.82
CA GLU C 707 -46.23 49.53 -42.64
C GLU C 707 -46.86 48.15 -42.88
N HIS C 708 -46.01 47.18 -43.23
CA HIS C 708 -46.45 45.79 -43.54
C HIS C 708 -47.18 45.22 -42.32
N TYR C 709 -46.63 45.43 -41.13
CA TYR C 709 -47.21 44.91 -39.87
C TYR C 709 -48.49 45.67 -39.52
N ALA C 710 -48.52 46.97 -39.76
CA ALA C 710 -49.63 47.87 -39.35
C ALA C 710 -50.86 47.51 -40.16
N ALA C 711 -50.65 47.17 -41.43
CA ALA C 711 -51.70 46.70 -42.34
C ALA C 711 -52.16 45.29 -41.96
N GLY C 712 -51.62 44.71 -40.89
CA GLY C 712 -52.10 43.43 -40.33
C GLY C 712 -51.52 42.20 -41.03
N ASN C 713 -50.34 42.32 -41.64
CA ASN C 713 -49.66 41.19 -42.31
C ASN C 713 -48.57 40.59 -41.43
N LYS C 714 -48.47 39.26 -41.43
CA LYS C 714 -47.30 38.50 -40.92
C LYS C 714 -46.12 38.86 -41.85
N PRO C 715 -44.89 38.72 -41.38
CA PRO C 715 -43.71 39.13 -42.15
C PRO C 715 -43.56 38.43 -43.50
N ASP C 716 -43.02 39.15 -44.47
CA ASP C 716 -42.74 38.65 -45.86
C ASP C 716 -41.48 39.31 -46.38
N HIS C 717 -40.83 38.74 -47.39
CA HIS C 717 -39.55 39.26 -47.95
C HIS C 717 -39.75 40.74 -48.31
N MET C 718 -38.78 41.60 -47.98
CA MET C 718 -38.81 43.04 -48.30
C MET C 718 -37.73 43.36 -49.33
N ILE C 719 -38.10 43.40 -50.62
CA ILE C 719 -37.18 43.48 -51.78
C ILE C 719 -37.43 44.75 -52.62
N LYS C 720 -38.39 45.65 -52.33
CA LYS C 720 -38.74 46.75 -53.29
C LYS C 720 -37.47 47.60 -53.50
N MET D 4 -8.34 54.31 -16.83
CA MET D 4 -8.47 52.79 -16.89
C MET D 4 -8.65 52.30 -18.34
N CYS D 5 -7.67 51.55 -18.87
CA CYS D 5 -7.64 51.01 -20.27
C CYS D 5 -6.85 49.70 -20.34
N PRO D 6 -7.37 48.62 -20.97
CA PRO D 6 -6.58 47.40 -21.21
C PRO D 6 -5.30 47.41 -22.09
N THR D 7 -5.20 48.21 -23.17
CA THR D 7 -4.02 48.10 -24.10
C THR D 7 -2.94 49.11 -23.71
N HIS D 8 -3.35 50.21 -23.05
CA HIS D 8 -2.45 51.05 -22.21
C HIS D 8 -1.62 50.11 -21.31
N ALA D 9 -2.29 49.39 -20.39
CA ALA D 9 -1.66 48.45 -19.43
C ALA D 9 -0.87 47.38 -20.17
N ASP D 10 -1.36 46.93 -21.33
CA ASP D 10 -0.69 45.85 -22.08
C ASP D 10 0.70 46.35 -22.45
N SER D 11 0.85 47.64 -22.81
CA SER D 11 2.10 48.25 -23.34
C SER D 11 3.19 48.22 -22.25
N LEU D 12 2.82 48.82 -21.10
CA LEU D 12 3.63 48.84 -19.86
C LEU D 12 4.18 47.42 -19.59
N ASN D 13 3.33 46.39 -19.60
CA ASN D 13 3.76 44.99 -19.37
C ASN D 13 4.94 44.60 -20.29
N ASN D 14 4.96 45.09 -21.53
CA ASN D 14 5.98 44.64 -22.53
C ASN D 14 7.27 45.40 -22.31
N LEU D 15 7.13 46.71 -22.03
CA LEU D 15 8.23 47.63 -21.62
C LEU D 15 8.97 47.00 -20.43
N ALA D 16 8.21 46.41 -19.50
CA ALA D 16 8.70 45.87 -18.20
C ALA D 16 9.32 44.49 -18.38
N ASN D 17 8.75 43.65 -19.24
CA ASN D 17 9.42 42.35 -19.49
C ASN D 17 10.76 42.71 -20.12
N ILE D 18 10.88 43.94 -20.65
CA ILE D 18 12.14 44.43 -21.26
C ILE D 18 13.09 44.81 -20.14
N LYS D 19 12.80 45.90 -19.43
CA LYS D 19 13.61 46.32 -18.26
C LYS D 19 13.99 45.04 -17.49
N ARG D 20 13.05 44.10 -17.34
CA ARG D 20 13.33 42.88 -16.55
C ARG D 20 14.35 42.05 -17.31
N GLU D 21 14.27 42.00 -18.64
CA GLU D 21 15.13 41.09 -19.45
C GLU D 21 16.56 41.60 -19.41
N GLN D 22 16.73 42.88 -19.76
CA GLN D 22 17.99 43.64 -19.56
C GLN D 22 18.62 43.15 -18.25
N GLY D 23 17.93 43.34 -17.12
CA GLY D 23 18.42 42.96 -15.79
C GLY D 23 18.05 43.97 -14.73
N ASN D 24 17.53 45.14 -15.11
CA ASN D 24 17.03 46.17 -14.15
C ASN D 24 15.68 45.72 -13.55
N ILE D 25 15.75 44.90 -12.49
CA ILE D 25 14.59 44.36 -11.71
C ILE D 25 13.77 45.53 -11.15
N GLU D 26 14.41 46.62 -10.73
CA GLU D 26 13.77 47.68 -9.89
C GLU D 26 12.76 48.44 -10.75
N GLU D 27 13.03 48.59 -12.05
CA GLU D 27 12.17 49.43 -12.95
C GLU D 27 11.03 48.53 -13.41
N ALA D 28 11.35 47.31 -13.85
CA ALA D 28 10.35 46.25 -14.13
C ALA D 28 9.17 46.39 -13.15
N VAL D 29 9.44 46.41 -11.85
CA VAL D 29 8.40 46.54 -10.79
C VAL D 29 7.56 47.80 -11.04
N ARG D 30 8.18 48.97 -11.19
CA ARG D 30 7.44 50.28 -11.27
C ARG D 30 6.50 50.22 -12.49
N LEU D 31 6.93 49.57 -13.59
CA LEU D 31 6.16 49.46 -14.85
C LEU D 31 4.93 48.57 -14.63
N TYR D 32 5.18 47.28 -14.37
CA TYR D 32 4.19 46.27 -13.93
C TYR D 32 3.14 46.96 -13.05
N ARG D 33 3.57 47.76 -12.07
CA ARG D 33 2.65 48.35 -11.05
C ARG D 33 1.78 49.45 -11.67
N LYS D 34 2.30 50.14 -12.70
CA LYS D 34 1.54 51.20 -13.44
C LYS D 34 0.53 50.45 -14.32
N ALA D 35 0.98 49.37 -14.99
CA ALA D 35 0.12 48.47 -15.78
C ALA D 35 -1.11 48.05 -14.95
N LEU D 36 -0.94 47.75 -13.67
CA LEU D 36 -2.05 47.25 -12.81
C LEU D 36 -2.92 48.41 -12.29
N GLU D 37 -2.42 49.64 -12.26
CA GLU D 37 -3.24 50.82 -11.87
C GLU D 37 -4.16 51.12 -13.06
N VAL D 38 -3.61 50.91 -14.26
CA VAL D 38 -4.28 51.12 -15.57
C VAL D 38 -5.32 50.02 -15.81
N PHE D 39 -4.95 48.73 -15.66
CA PHE D 39 -5.86 47.57 -15.87
C PHE D 39 -5.70 46.55 -14.74
N PRO D 40 -6.41 46.73 -13.61
CA PRO D 40 -6.34 45.80 -12.47
C PRO D 40 -6.48 44.28 -12.75
N GLU D 41 -7.38 43.88 -13.65
CA GLU D 41 -7.68 42.44 -13.93
C GLU D 41 -6.73 41.93 -14.99
N PHE D 42 -5.44 42.28 -14.93
CA PHE D 42 -4.45 41.86 -15.94
C PHE D 42 -3.61 40.70 -15.38
N ALA D 43 -4.00 39.47 -15.69
CA ALA D 43 -3.40 38.25 -15.12
C ALA D 43 -1.88 38.26 -15.31
N ALA D 44 -1.42 38.42 -16.55
CA ALA D 44 0.03 38.29 -16.87
C ALA D 44 0.84 39.31 -16.05
N ALA D 45 0.35 40.53 -15.87
CA ALA D 45 1.07 41.55 -15.09
C ALA D 45 1.20 41.07 -13.64
N HIS D 46 0.08 40.72 -13.01
CA HIS D 46 0.07 40.19 -11.63
C HIS D 46 1.13 39.08 -11.52
N SER D 47 1.16 38.16 -12.47
CA SER D 47 2.06 36.98 -12.42
C SER D 47 3.51 37.45 -12.51
N ASN D 48 3.77 38.45 -13.34
CA ASN D 48 5.16 38.91 -13.62
C ASN D 48 5.64 39.72 -12.42
N LEU D 49 4.81 40.64 -11.93
CA LEU D 49 5.14 41.44 -10.72
C LEU D 49 5.47 40.46 -9.61
N ALA D 50 4.69 39.38 -9.48
CA ALA D 50 4.84 38.39 -8.40
C ALA D 50 6.19 37.72 -8.55
N SER D 51 6.53 37.35 -9.76
CA SER D 51 7.80 36.64 -10.06
C SER D 51 8.98 37.47 -9.59
N VAL D 52 8.94 38.79 -9.75
CA VAL D 52 10.13 39.64 -9.46
C VAL D 52 10.09 40.03 -7.99
N LEU D 53 8.91 40.14 -7.40
CA LEU D 53 8.76 40.28 -5.93
C LEU D 53 9.37 39.04 -5.24
N GLN D 54 9.22 37.87 -5.84
CA GLN D 54 9.78 36.61 -5.30
C GLN D 54 11.31 36.70 -5.34
N GLN D 55 11.86 37.10 -6.47
CA GLN D 55 13.32 37.35 -6.61
C GLN D 55 13.80 38.34 -5.54
N GLN D 56 13.00 39.35 -5.24
CA GLN D 56 13.37 40.44 -4.30
C GLN D 56 13.17 39.94 -2.86
N GLY D 57 12.64 38.73 -2.70
CA GLY D 57 12.43 38.13 -1.38
C GLY D 57 11.24 38.72 -0.64
N LYS D 58 10.36 39.42 -1.35
CA LYS D 58 9.07 39.93 -0.79
C LYS D 58 7.98 38.87 -1.00
N LEU D 59 8.09 37.75 -0.29
CA LEU D 59 7.30 36.52 -0.60
C LEU D 59 5.83 36.76 -0.27
N GLN D 60 5.54 37.44 0.83
CA GLN D 60 4.15 37.65 1.30
C GLN D 60 3.44 38.41 0.17
N GLU D 61 4.11 39.40 -0.39
CA GLU D 61 3.50 40.29 -1.42
C GLU D 61 3.37 39.53 -2.74
N ALA D 62 4.39 38.76 -3.10
CA ALA D 62 4.39 37.95 -4.33
C ALA D 62 3.17 37.04 -4.31
N LEU D 63 2.97 36.42 -3.17
CA LEU D 63 1.91 35.43 -2.98
C LEU D 63 0.57 36.11 -3.22
N MET D 64 0.39 37.36 -2.79
CA MET D 64 -0.91 38.06 -2.98
C MET D 64 -1.18 38.21 -4.50
N HIS D 65 -0.16 38.53 -5.30
CA HIS D 65 -0.31 38.81 -6.74
C HIS D 65 -0.49 37.50 -7.52
N TYR D 66 0.18 36.43 -7.11
CA TYR D 66 -0.06 35.12 -7.74
C TYR D 66 -1.55 34.77 -7.52
N LYS D 67 -2.05 34.92 -6.29
CA LYS D 67 -3.46 34.60 -5.96
C LYS D 67 -4.37 35.36 -6.93
N GLU D 68 -4.11 36.64 -7.19
CA GLU D 68 -4.91 37.49 -8.12
C GLU D 68 -4.86 36.88 -9.52
N ALA D 69 -3.66 36.63 -10.04
CA ALA D 69 -3.46 36.07 -11.40
C ALA D 69 -4.36 34.84 -11.56
N ILE D 70 -4.37 33.98 -10.56
CA ILE D 70 -5.14 32.70 -10.57
C ILE D 70 -6.63 33.03 -10.54
N ARG D 71 -7.05 34.00 -9.74
CA ARG D 71 -8.49 34.38 -9.64
C ARG D 71 -8.96 34.86 -11.02
N ILE D 72 -8.12 35.65 -11.66
CA ILE D 72 -8.45 36.28 -12.95
C ILE D 72 -8.45 35.20 -14.04
N SER D 73 -7.45 34.34 -14.06
CA SER D 73 -7.25 33.28 -15.09
C SER D 73 -7.11 31.92 -14.42
N PRO D 74 -8.20 31.18 -14.16
CA PRO D 74 -8.12 29.97 -13.35
C PRO D 74 -7.39 28.80 -14.00
N THR D 75 -7.17 28.86 -15.31
CA THR D 75 -6.45 27.83 -16.10
C THR D 75 -4.95 28.14 -16.15
N PHE D 76 -4.47 29.10 -15.37
CA PHE D 76 -3.09 29.67 -15.43
C PHE D 76 -2.14 28.74 -14.67
N ALA D 77 -1.85 27.58 -15.26
CA ALA D 77 -0.97 26.55 -14.64
C ALA D 77 0.35 27.21 -14.19
N ASP D 78 0.86 28.12 -15.00
CA ASP D 78 2.21 28.69 -14.77
C ASP D 78 2.17 29.44 -13.42
N ALA D 79 1.10 30.17 -13.15
CA ALA D 79 1.02 30.97 -11.92
C ALA D 79 0.87 30.04 -10.72
N TYR D 80 0.14 28.93 -10.86
CA TYR D 80 0.02 27.93 -9.76
C TYR D 80 1.41 27.41 -9.43
N SER D 81 2.19 27.07 -10.45
CA SER D 81 3.55 26.51 -10.29
C SER D 81 4.44 27.50 -9.53
N ASN D 82 4.41 28.78 -9.88
CA ASN D 82 5.31 29.77 -9.25
C ASN D 82 4.78 30.15 -7.87
N MET D 83 3.47 30.19 -7.70
CA MET D 83 2.88 30.41 -6.36
C MET D 83 3.38 29.28 -5.47
N GLY D 84 3.39 28.06 -6.00
CA GLY D 84 3.93 26.90 -5.29
C GLY D 84 5.35 27.15 -4.80
N ASN D 85 6.21 27.63 -5.69
CA ASN D 85 7.63 27.90 -5.34
C ASN D 85 7.69 28.96 -4.23
N THR D 86 6.82 29.97 -4.28
CA THR D 86 6.82 31.05 -3.27
C THR D 86 6.48 30.41 -1.92
N LEU D 87 5.43 29.61 -1.88
CA LEU D 87 5.01 28.88 -0.65
C LEU D 87 6.17 28.01 -0.15
N LYS D 88 6.91 27.36 -1.05
CA LYS D 88 8.03 26.48 -0.66
C LYS D 88 9.11 27.31 0.04
N GLU D 89 9.50 28.44 -0.54
CA GLU D 89 10.49 29.38 0.06
C GLU D 89 9.92 29.87 1.41
N MET D 90 8.61 30.01 1.52
CA MET D 90 7.95 30.45 2.77
C MET D 90 7.80 29.28 3.75
N GLN D 91 8.31 28.07 3.43
CA GLN D 91 8.33 26.90 4.35
C GLN D 91 6.96 26.20 4.43
N ASP D 92 6.03 26.50 3.51
CA ASP D 92 4.68 25.89 3.48
C ASP D 92 4.70 24.80 2.41
N VAL D 93 5.42 23.72 2.67
CA VAL D 93 5.72 22.66 1.65
C VAL D 93 4.37 21.98 1.34
N GLN D 94 3.56 21.77 2.36
CA GLN D 94 2.12 21.40 2.23
C GLN D 94 1.45 22.22 1.12
N GLY D 95 1.47 23.55 1.20
CA GLY D 95 0.73 24.42 0.26
C GLY D 95 1.40 24.45 -1.11
N ALA D 96 2.72 24.35 -1.17
CA ALA D 96 3.46 24.31 -2.44
C ALA D 96 2.98 23.08 -3.21
N LEU D 97 2.95 21.96 -2.50
CA LEU D 97 2.55 20.65 -3.05
C LEU D 97 1.16 20.75 -3.67
N GLN D 98 0.25 21.44 -3.00
CA GLN D 98 -1.14 21.59 -3.48
C GLN D 98 -1.13 22.42 -4.76
N CYS D 99 -0.26 23.42 -4.83
CA CYS D 99 -0.15 24.28 -6.02
C CYS D 99 0.35 23.45 -7.21
N TYR D 100 1.46 22.75 -7.02
CA TYR D 100 2.08 21.93 -8.10
C TYR D 100 1.05 20.91 -8.60
N THR D 101 0.38 20.21 -7.69
CA THR D 101 -0.57 19.15 -8.08
C THR D 101 -1.75 19.78 -8.82
N ARG D 102 -2.19 20.98 -8.42
CA ARG D 102 -3.38 21.60 -9.05
C ARG D 102 -2.98 22.00 -10.48
N ALA D 103 -1.77 22.52 -10.67
CA ALA D 103 -1.23 22.88 -12.00
C ALA D 103 -1.33 21.66 -12.92
N ILE D 104 -0.92 20.50 -12.40
CA ILE D 104 -0.77 19.26 -13.18
C ILE D 104 -2.15 18.72 -13.57
N GLN D 105 -3.15 18.93 -12.72
CA GLN D 105 -4.53 18.46 -13.01
C GLN D 105 -5.14 19.30 -14.13
N ILE D 106 -4.87 20.61 -14.08
CA ILE D 106 -5.42 21.62 -15.00
C ILE D 106 -4.76 21.45 -16.36
N ASN D 107 -3.46 21.19 -16.38
CA ASN D 107 -2.69 21.01 -17.64
C ASN D 107 -1.71 19.85 -17.45
N PRO D 108 -2.17 18.63 -17.79
CA PRO D 108 -1.33 17.43 -17.66
C PRO D 108 0.00 17.50 -18.42
N ALA D 109 0.08 18.37 -19.43
CA ALA D 109 1.22 18.48 -20.35
C ALA D 109 2.21 19.57 -19.89
N PHE D 110 1.98 20.18 -18.72
CA PHE D 110 2.76 21.33 -18.23
C PHE D 110 3.99 20.85 -17.43
N ALA D 111 5.17 20.91 -18.05
CA ALA D 111 6.39 20.26 -17.52
C ALA D 111 6.88 20.90 -16.20
N ASP D 112 6.76 22.21 -16.03
CA ASP D 112 7.43 22.91 -14.91
C ASP D 112 6.85 22.39 -13.59
N ALA D 113 5.55 22.12 -13.56
CA ALA D 113 4.89 21.71 -12.30
C ALA D 113 5.41 20.32 -11.91
N HIS D 114 5.65 19.48 -12.90
CA HIS D 114 6.19 18.11 -12.69
C HIS D 114 7.58 18.25 -12.09
N SER D 115 8.38 19.16 -12.63
CA SER D 115 9.76 19.43 -12.15
C SER D 115 9.70 19.90 -10.70
N ASN D 116 8.79 20.81 -10.41
CA ASN D 116 8.71 21.44 -9.07
C ASN D 116 8.22 20.40 -8.06
N LEU D 117 7.30 19.53 -8.48
CA LEU D 117 6.83 18.39 -7.64
C LEU D 117 8.04 17.52 -7.33
N ALA D 118 8.91 17.29 -8.31
CA ALA D 118 10.12 16.46 -8.13
C ALA D 118 11.03 17.10 -7.07
N SER D 119 11.18 18.42 -7.10
CA SER D 119 12.09 19.13 -6.17
C SER D 119 11.61 18.91 -4.72
N ILE D 120 10.30 18.94 -4.51
CA ILE D 120 9.74 18.72 -3.14
C ILE D 120 10.11 17.31 -2.69
N HIS D 121 9.93 16.33 -3.57
CA HIS D 121 10.31 14.92 -3.29
C HIS D 121 11.81 14.86 -2.98
N LYS D 122 12.63 15.52 -3.80
CA LYS D 122 14.11 15.47 -3.66
C LYS D 122 14.47 16.03 -2.29
N ASP D 123 13.94 17.20 -1.96
CA ASP D 123 14.18 17.90 -0.67
C ASP D 123 13.79 16.97 0.48
N SER D 124 12.79 16.12 0.32
CA SER D 124 12.24 15.30 1.44
C SER D 124 12.97 13.96 1.51
N GLY D 125 13.97 13.75 0.67
CA GLY D 125 14.73 12.49 0.64
C GLY D 125 14.11 11.41 -0.24
N ASN D 126 13.05 11.71 -0.99
CA ASN D 126 12.34 10.68 -1.81
C ASN D 126 12.96 10.64 -3.20
N ILE D 127 14.12 10.02 -3.36
CA ILE D 127 14.92 10.24 -4.59
C ILE D 127 14.25 9.54 -5.76
N PRO D 128 13.76 8.29 -5.62
CA PRO D 128 13.05 7.62 -6.72
C PRO D 128 11.83 8.41 -7.22
N GLU D 129 11.04 8.94 -6.29
CA GLU D 129 9.80 9.72 -6.59
C GLU D 129 10.20 11.00 -7.34
N ALA D 130 11.36 11.55 -6.98
CA ALA D 130 11.90 12.76 -7.65
C ALA D 130 12.31 12.39 -9.07
N ILE D 131 13.08 11.31 -9.21
CA ILE D 131 13.58 10.84 -10.52
C ILE D 131 12.36 10.64 -11.43
N ALA D 132 11.31 10.01 -10.93
CA ALA D 132 10.10 9.72 -11.74
C ALA D 132 9.55 11.04 -12.29
N SER D 133 9.35 12.03 -11.43
CA SER D 133 8.70 13.30 -11.83
C SER D 133 9.65 14.10 -12.73
N TYR D 134 10.96 14.07 -12.50
CA TYR D 134 11.90 14.80 -13.38
C TYR D 134 11.82 14.18 -14.78
N ARG D 135 11.72 12.85 -14.84
CA ARG D 135 11.68 12.11 -16.12
C ARG D 135 10.40 12.52 -16.86
N THR D 136 9.28 12.61 -16.15
CA THR D 136 7.99 13.07 -16.73
C THR D 136 8.19 14.48 -17.31
N ALA D 137 8.83 15.38 -16.57
CA ALA D 137 9.01 16.78 -17.00
C ALA D 137 9.78 16.78 -18.31
N LEU D 138 10.78 15.91 -18.41
CA LEU D 138 11.67 15.88 -19.60
C LEU D 138 11.00 15.17 -20.79
N LYS D 139 10.09 14.21 -20.57
CA LYS D 139 9.27 13.61 -21.67
C LYS D 139 8.43 14.78 -22.22
N LEU D 140 7.87 15.59 -21.31
CA LEU D 140 6.95 16.69 -21.69
C LEU D 140 7.74 17.86 -22.30
N LYS D 141 9.01 18.03 -21.98
CA LYS D 141 9.77 19.22 -22.41
C LYS D 141 11.25 18.89 -22.41
N PRO D 142 11.76 18.30 -23.50
CA PRO D 142 13.10 17.68 -23.47
C PRO D 142 14.23 18.70 -23.34
N ASP D 143 14.03 19.95 -23.76
CA ASP D 143 14.99 21.04 -23.44
C ASP D 143 14.51 21.72 -22.16
N PHE D 144 15.03 21.27 -21.02
CA PHE D 144 14.58 21.73 -19.68
C PHE D 144 15.73 21.60 -18.71
N PRO D 145 16.70 22.54 -18.76
CA PRO D 145 17.91 22.46 -17.94
C PRO D 145 17.73 22.27 -16.42
N ASP D 146 16.78 22.98 -15.82
CA ASP D 146 16.52 22.85 -14.36
C ASP D 146 16.21 21.37 -14.08
N ALA D 147 15.28 20.78 -14.82
CA ALA D 147 14.86 19.36 -14.64
C ALA D 147 16.05 18.45 -14.93
N TYR D 148 16.81 18.72 -15.99
CA TYR D 148 17.90 17.82 -16.41
C TYR D 148 18.96 17.78 -15.31
N CYS D 149 19.34 18.95 -14.79
CA CYS D 149 20.48 19.06 -13.85
C CYS D 149 20.07 18.52 -12.47
N ASN D 150 18.81 18.70 -12.06
CA ASN D 150 18.34 18.13 -10.78
C ASN D 150 18.22 16.62 -10.93
N LEU D 151 17.76 16.13 -12.08
CA LEU D 151 17.74 14.66 -12.31
C LEU D 151 19.19 14.14 -12.21
N ALA D 152 20.15 14.89 -12.72
CA ALA D 152 21.56 14.44 -12.77
C ALA D 152 22.07 14.27 -11.34
N HIS D 153 21.71 15.20 -10.47
CA HIS D 153 22.10 15.15 -9.05
C HIS D 153 21.37 13.98 -8.37
N CYS D 154 20.09 13.75 -8.70
CA CYS D 154 19.34 12.59 -8.15
C CYS D 154 20.08 11.32 -8.53
N LEU D 155 20.47 11.22 -9.80
CA LEU D 155 21.15 10.02 -10.30
C LEU D 155 22.50 9.89 -9.60
N GLN D 156 23.20 11.01 -9.38
CA GLN D 156 24.51 10.95 -8.68
C GLN D 156 24.31 10.34 -7.30
N ILE D 157 23.24 10.75 -6.64
CA ILE D 157 22.95 10.39 -5.21
C ILE D 157 22.78 8.88 -5.10
N VAL D 158 22.14 8.25 -6.06
CA VAL D 158 21.80 6.80 -5.99
C VAL D 158 22.80 6.01 -6.82
N CYS D 159 23.82 6.67 -7.37
CA CYS D 159 24.88 5.99 -8.16
C CYS D 159 24.27 5.27 -9.37
N ASP D 160 23.31 5.89 -10.05
CA ASP D 160 22.84 5.44 -11.39
C ASP D 160 23.76 6.10 -12.40
N TRP D 161 24.67 5.33 -13.00
CA TRP D 161 25.68 5.90 -13.93
C TRP D 161 25.31 5.60 -15.38
N THR D 162 24.03 5.30 -15.68
CA THR D 162 23.52 5.17 -17.06
C THR D 162 23.97 6.40 -17.87
N ASP D 163 24.76 6.17 -18.92
CA ASP D 163 25.23 7.21 -19.88
C ASP D 163 25.98 8.30 -19.13
N TYR D 164 26.79 7.93 -18.13
CA TYR D 164 27.51 8.90 -17.26
C TYR D 164 28.26 9.91 -18.14
N ASP D 165 29.08 9.45 -19.08
CA ASP D 165 30.01 10.34 -19.81
C ASP D 165 29.20 11.31 -20.66
N GLU D 166 28.11 10.82 -21.25
CA GLU D 166 27.26 11.63 -22.15
C GLU D 166 26.60 12.71 -21.27
N ARG D 167 26.17 12.31 -20.07
CA ARG D 167 25.47 13.20 -19.10
C ARG D 167 26.43 14.30 -18.66
N MET D 168 27.64 13.94 -18.24
CA MET D 168 28.65 14.95 -17.83
C MET D 168 28.86 15.93 -18.99
N LYS D 169 28.96 15.42 -20.21
CA LYS D 169 29.20 16.27 -21.42
C LYS D 169 28.04 17.27 -21.51
N LYS D 170 26.83 16.82 -21.25
CA LYS D 170 25.63 17.67 -21.41
C LYS D 170 25.54 18.71 -20.28
N LEU D 171 25.87 18.35 -19.03
CA LEU D 171 25.86 19.33 -17.92
C LEU D 171 26.82 20.47 -18.28
N VAL D 172 28.01 20.12 -18.76
CA VAL D 172 29.00 21.16 -19.14
C VAL D 172 28.35 22.04 -20.21
N SER D 173 27.78 21.40 -21.21
CA SER D 173 27.16 22.09 -22.36
C SER D 173 26.08 23.06 -21.83
N ILE D 174 25.28 22.64 -20.86
CA ILE D 174 24.15 23.46 -20.34
C ILE D 174 24.72 24.68 -19.59
N VAL D 175 25.69 24.44 -18.71
CA VAL D 175 26.27 25.54 -17.91
C VAL D 175 26.90 26.54 -18.87
N ALA D 176 27.58 26.05 -19.91
CA ALA D 176 28.34 26.91 -20.85
C ALA D 176 27.33 27.80 -21.58
N ASP D 177 26.25 27.19 -22.04
CA ASP D 177 25.17 27.90 -22.76
C ASP D 177 24.58 28.94 -21.79
N GLN D 178 24.36 28.58 -20.53
CA GLN D 178 23.63 29.47 -19.60
C GLN D 178 24.52 30.65 -19.20
N LEU D 179 25.83 30.44 -19.07
CA LEU D 179 26.77 31.53 -18.69
C LEU D 179 26.93 32.49 -19.87
N GLU D 180 27.03 31.97 -21.12
CA GLU D 180 27.01 32.84 -22.35
C GLU D 180 25.70 33.65 -22.31
N LYS D 181 24.55 32.98 -22.30
CA LYS D 181 23.21 33.61 -22.54
C LYS D 181 22.74 34.31 -21.25
N ASN D 182 23.57 34.41 -20.21
CA ASN D 182 23.32 35.27 -19.03
C ASN D 182 22.06 34.87 -18.24
N ARG D 183 21.81 33.58 -18.06
CA ARG D 183 20.73 33.06 -17.16
C ARG D 183 21.39 32.55 -15.87
N LEU D 184 20.59 32.30 -14.83
CA LEU D 184 21.04 31.61 -13.60
C LEU D 184 21.33 30.15 -13.95
N PRO D 185 22.56 29.65 -13.80
CA PRO D 185 22.86 28.26 -14.14
C PRO D 185 22.01 27.28 -13.31
N SER D 186 21.54 26.23 -13.98
CA SER D 186 20.75 25.12 -13.41
C SER D 186 21.61 24.22 -12.52
N VAL D 187 22.93 24.27 -12.62
CA VAL D 187 23.78 23.48 -11.69
C VAL D 187 24.00 24.34 -10.45
N HIS D 188 23.72 23.76 -9.29
CA HIS D 188 23.93 24.40 -7.97
C HIS D 188 25.42 24.44 -7.66
N PRO D 189 25.92 25.52 -7.07
CA PRO D 189 27.36 25.64 -6.78
C PRO D 189 27.90 24.47 -5.94
N HIS D 190 27.13 24.01 -4.97
CA HIS D 190 27.56 22.91 -4.07
C HIS D 190 27.74 21.63 -4.89
N HIS D 191 26.90 21.44 -5.91
CA HIS D 191 26.92 20.24 -6.78
C HIS D 191 28.06 20.34 -7.81
N SER D 192 28.44 21.56 -8.17
CA SER D 192 29.38 21.78 -9.30
C SER D 192 30.70 21.07 -9.05
N MET D 193 31.10 20.85 -7.78
N MET D 193 31.05 20.81 -7.79
CA MET D 193 32.34 20.12 -7.42
CA MET D 193 32.34 20.14 -7.46
C MET D 193 32.32 18.69 -8.00
C MET D 193 32.29 18.66 -7.87
N LEU D 194 31.15 18.15 -8.32
CA LEU D 194 30.98 16.71 -8.67
C LEU D 194 31.11 16.48 -10.18
N TYR D 195 30.92 17.53 -10.97
CA TYR D 195 30.88 17.40 -12.45
C TYR D 195 32.16 17.97 -13.03
N PRO D 196 32.65 17.48 -14.19
CA PRO D 196 33.88 18.01 -14.77
C PRO D 196 33.74 19.37 -15.47
N LEU D 197 33.18 20.35 -14.76
CA LEU D 197 33.17 21.77 -15.23
C LEU D 197 34.58 22.34 -15.07
N SER D 198 34.87 23.44 -15.77
CA SER D 198 36.11 24.22 -15.57
C SER D 198 36.04 24.95 -14.23
N HIS D 199 37.19 25.22 -13.64
CA HIS D 199 37.30 26.07 -12.42
C HIS D 199 36.56 27.38 -12.70
N GLY D 200 36.71 27.92 -13.91
CA GLY D 200 36.11 29.21 -14.28
C GLY D 200 34.61 29.16 -14.16
N PHE D 201 34.02 28.06 -14.67
CA PHE D 201 32.55 27.82 -14.68
C PHE D 201 32.05 27.72 -13.24
N ARG D 202 32.73 26.96 -12.41
CA ARG D 202 32.30 26.71 -11.01
C ARG D 202 32.26 28.05 -10.29
N LYS D 203 33.32 28.84 -10.43
CA LYS D 203 33.38 30.17 -9.81
C LYS D 203 32.25 31.05 -10.36
N ALA D 204 31.96 30.96 -11.66
CA ALA D 204 30.90 31.78 -12.30
C ALA D 204 29.53 31.34 -11.76
N ILE D 205 29.35 30.04 -11.54
CA ILE D 205 28.09 29.49 -10.98
C ILE D 205 27.91 30.08 -9.58
N ALA D 206 28.96 30.01 -8.77
CA ALA D 206 28.95 30.57 -7.40
C ALA D 206 28.56 32.04 -7.47
N GLU D 207 29.22 32.80 -8.32
CA GLU D 207 29.06 34.28 -8.39
C GLU D 207 27.59 34.57 -8.68
N ARG D 208 26.95 33.77 -9.52
CA ARG D 208 25.56 34.04 -9.94
C ARG D 208 24.59 33.70 -8.81
N HIS D 209 24.92 32.71 -7.98
CA HIS D 209 24.15 32.39 -6.75
C HIS D 209 24.34 33.51 -5.72
N GLY D 210 25.55 34.02 -5.58
CA GLY D 210 25.81 35.21 -4.74
C GLY D 210 24.94 36.40 -5.16
N ASN D 211 24.75 36.60 -6.47
CA ASN D 211 23.99 37.78 -6.96
C ASN D 211 22.54 37.68 -6.56
N LEU D 212 22.03 36.47 -6.27
CA LEU D 212 20.62 36.34 -5.81
C LEU D 212 20.45 37.08 -4.49
N CYS D 213 21.50 37.11 -3.67
CA CYS D 213 21.50 37.82 -2.38
C CYS D 213 21.40 39.32 -2.64
N LEU D 214 22.14 39.81 -3.63
CA LEU D 214 22.17 41.26 -3.94
C LEU D 214 20.76 41.74 -4.31
N ASP D 215 20.02 41.01 -5.14
CA ASP D 215 18.64 41.43 -5.50
C ASP D 215 17.81 41.58 -4.22
N LYS D 216 17.99 40.67 -3.25
CA LYS D 216 17.11 40.58 -2.05
C LYS D 216 17.49 41.63 -1.02
N ILE D 217 18.72 42.16 -1.04
CA ILE D 217 19.14 43.22 -0.07
C ILE D 217 19.03 44.60 -0.71
N ASN D 218 19.00 44.72 -2.04
CA ASN D 218 18.90 46.05 -2.70
C ASN D 218 17.57 46.69 -2.35
N VAL D 219 16.54 45.87 -2.18
CA VAL D 219 15.17 46.33 -1.82
C VAL D 219 15.19 47.01 -0.45
N LEU D 220 16.18 46.74 0.40
CA LEU D 220 16.21 47.31 1.77
C LEU D 220 16.74 48.73 1.70
N HIS D 221 17.52 49.04 0.64
CA HIS D 221 18.04 50.40 0.36
C HIS D 221 18.83 50.86 1.58
N LYS D 222 19.69 50.00 2.13
CA LYS D 222 20.49 50.39 3.30
C LYS D 222 21.81 50.95 2.79
N PRO D 223 22.35 51.98 3.47
CA PRO D 223 23.66 52.50 3.13
C PRO D 223 24.74 51.57 3.66
N PRO D 224 25.99 51.74 3.21
CA PRO D 224 27.11 51.01 3.79
C PRO D 224 27.19 51.29 5.30
N TYR D 225 27.70 50.32 6.04
CA TYR D 225 27.92 50.45 7.51
C TYR D 225 29.27 51.11 7.74
N GLU D 226 29.38 51.95 8.79
CA GLU D 226 30.69 52.47 9.26
C GLU D 226 31.36 51.34 10.05
N HIS D 227 32.48 50.81 9.59
CA HIS D 227 33.19 49.72 10.30
C HIS D 227 34.18 50.31 11.29
N PRO D 228 34.49 49.58 12.38
CA PRO D 228 35.61 49.96 13.24
C PRO D 228 36.92 50.13 12.46
N LYS D 229 37.73 51.11 12.87
CA LYS D 229 39.06 51.39 12.29
C LYS D 229 40.17 50.90 13.23
N ASP D 230 39.80 50.54 14.46
CA ASP D 230 40.74 50.26 15.57
C ASP D 230 40.12 49.22 16.51
N LEU D 231 40.78 48.88 17.61
CA LEU D 231 40.19 47.95 18.62
C LEU D 231 39.84 48.70 19.91
N LYS D 232 39.69 50.02 19.87
CA LYS D 232 39.60 50.82 21.12
C LYS D 232 38.26 50.56 21.81
N LEU D 233 37.13 50.49 21.08
CA LEU D 233 35.81 50.34 21.76
C LEU D 233 35.63 48.93 22.34
N SER D 234 36.47 47.98 21.94
CA SER D 234 36.41 46.55 22.34
C SER D 234 37.62 46.20 23.21
N ASP D 235 38.30 47.19 23.75
CA ASP D 235 39.29 46.98 24.83
C ASP D 235 40.46 46.12 24.31
N GLY D 236 40.89 46.35 23.07
CA GLY D 236 42.04 45.65 22.46
C GLY D 236 41.67 44.25 22.02
N ARG D 237 40.38 43.91 22.11
CA ARG D 237 39.89 42.58 21.72
C ARG D 237 39.39 42.67 20.29
N LEU D 238 39.80 41.70 19.47
CA LEU D 238 39.24 41.52 18.11
C LEU D 238 37.91 40.78 18.22
N ARG D 239 36.89 41.33 17.59
CA ARG D 239 35.51 40.79 17.72
C ARG D 239 35.23 39.85 16.55
N VAL D 240 35.09 38.57 16.85
CA VAL D 240 34.88 37.55 15.80
C VAL D 240 33.45 37.06 15.88
N GLY D 241 32.77 37.09 14.74
CA GLY D 241 31.38 36.66 14.58
C GLY D 241 31.33 35.40 13.75
N TYR D 242 31.02 34.28 14.38
CA TYR D 242 30.79 32.98 13.71
C TYR D 242 29.30 32.90 13.34
N VAL D 243 28.99 32.81 12.06
CA VAL D 243 27.57 32.72 11.59
C VAL D 243 27.28 31.34 11.01
N SER D 244 26.38 30.60 11.65
CA SER D 244 26.02 29.23 11.21
C SER D 244 24.55 28.93 11.47
N SER D 245 23.97 28.18 10.55
CA SER D 245 22.67 27.49 10.75
C SER D 245 22.86 26.17 11.51
N ASP D 246 24.08 25.88 11.99
CA ASP D 246 24.44 24.50 12.38
C ASP D 246 25.02 24.46 13.80
N PHE D 247 24.71 25.44 14.64
CA PHE D 247 25.00 25.32 16.08
C PHE D 247 23.93 24.39 16.66
N GLY D 248 24.20 23.09 16.60
CA GLY D 248 23.27 22.04 16.98
C GLY D 248 23.81 20.69 16.57
N ASN D 249 22.97 19.66 16.47
CA ASN D 249 23.43 18.32 16.09
C ASN D 249 23.63 18.29 14.58
N HIS D 250 24.76 18.82 14.13
CA HIS D 250 25.10 18.87 12.69
C HIS D 250 26.61 18.71 12.57
N PRO D 251 27.13 18.10 11.48
CA PRO D 251 28.58 17.92 11.30
C PRO D 251 29.46 19.11 11.69
N THR D 252 29.10 20.29 11.22
CA THR D 252 29.84 21.53 11.53
C THR D 252 30.11 21.61 13.03
N SER D 253 29.10 21.38 13.87
CA SER D 253 29.25 21.46 15.34
C SER D 253 30.15 20.33 15.83
N HIS D 254 30.06 19.15 15.20
CA HIS D 254 30.90 17.97 15.54
C HIS D 254 32.36 18.23 15.21
N LEU D 255 32.63 19.25 14.40
CA LEU D 255 33.99 19.68 14.02
C LEU D 255 34.50 20.75 14.97
N MET D 256 33.71 21.79 15.26
CA MET D 256 34.28 23.03 15.84
C MET D 256 33.56 23.48 17.11
N GLN D 257 32.75 22.65 17.77
CA GLN D 257 32.00 23.10 18.98
C GLN D 257 32.97 23.53 20.09
N SER D 258 34.20 23.05 20.11
CA SER D 258 35.14 23.38 21.22
C SER D 258 35.82 24.72 20.97
N ILE D 259 35.78 25.22 19.74
CA ILE D 259 36.66 26.36 19.35
C ILE D 259 36.22 27.66 20.01
N PRO D 260 34.95 28.10 19.94
CA PRO D 260 34.55 29.33 20.60
C PRO D 260 35.08 29.39 22.05
N GLY D 261 35.00 28.28 22.75
CA GLY D 261 35.36 28.24 24.18
C GLY D 261 36.87 28.30 24.38
N MET D 262 37.64 28.07 23.33
CA MET D 262 39.11 27.95 23.44
C MET D 262 39.76 29.26 23.00
N HIS D 263 38.97 30.22 22.54
CA HIS D 263 39.49 31.56 22.18
C HIS D 263 40.03 32.24 23.45
N ASN D 264 41.08 33.02 23.29
CA ASN D 264 41.74 33.73 24.42
C ASN D 264 41.03 35.06 24.65
N PRO D 265 40.39 35.25 25.83
CA PRO D 265 39.60 36.44 26.14
C PRO D 265 40.41 37.74 26.21
N ASP D 266 41.73 37.66 26.33
CA ASP D 266 42.56 38.87 26.41
C ASP D 266 42.53 39.55 25.04
N LYS D 267 42.52 38.79 23.95
CA LYS D 267 42.69 39.33 22.57
C LYS D 267 41.45 39.13 21.70
N PHE D 268 40.52 38.27 22.11
CA PHE D 268 39.36 37.93 21.25
C PHE D 268 38.07 38.04 22.04
N GLU D 269 37.03 38.50 21.36
CA GLU D 269 35.65 38.52 21.89
C GLU D 269 34.78 37.82 20.85
N VAL D 270 34.22 36.67 21.24
CA VAL D 270 33.59 35.70 20.31
C VAL D 270 32.07 35.84 20.34
N PHE D 271 31.49 36.06 19.18
CA PHE D 271 30.03 36.19 18.99
C PHE D 271 29.59 35.01 18.12
N CYS D 272 28.69 34.19 18.59
CA CYS D 272 28.07 33.15 17.74
C CYS D 272 26.69 33.64 17.34
N TYR D 273 26.50 33.81 16.02
CA TYR D 273 25.23 34.21 15.40
C TYR D 273 24.59 32.97 14.82
N ALA D 274 23.57 32.45 15.49
CA ALA D 274 22.85 31.22 15.08
C ALA D 274 21.73 31.59 14.12
N LEU D 275 21.65 30.87 12.99
CA LEU D 275 20.58 31.07 11.99
C LEU D 275 19.48 30.03 12.17
N SER D 276 19.62 29.17 13.17
CA SER D 276 18.72 28.03 13.49
C SER D 276 18.20 28.20 14.91
N PRO D 277 16.96 27.77 15.21
CA PRO D 277 16.50 27.75 16.61
C PRO D 277 17.21 26.61 17.38
N ASP D 278 17.07 26.61 18.69
CA ASP D 278 17.72 25.59 19.57
C ASP D 278 17.11 24.23 19.29
N ASP D 279 17.90 23.24 18.90
CA ASP D 279 17.45 21.84 18.64
C ASP D 279 17.41 21.05 19.96
N GLY D 280 17.74 21.69 21.09
CA GLY D 280 17.79 21.04 22.41
C GLY D 280 19.01 20.16 22.66
N THR D 281 19.91 20.02 21.69
CA THR D 281 21.09 19.13 21.86
C THR D 281 22.20 19.83 22.64
N ASN D 282 23.14 19.05 23.14
CA ASN D 282 24.26 19.54 23.96
C ASN D 282 25.21 20.39 23.10
N PHE D 283 25.26 20.12 21.81
CA PHE D 283 26.11 20.89 20.88
C PHE D 283 25.70 22.35 21.01
N ARG D 284 24.39 22.62 21.02
CA ARG D 284 23.86 24.00 21.07
C ARG D 284 24.15 24.54 22.46
N VAL D 285 23.93 23.71 23.48
CA VAL D 285 24.19 24.08 24.90
C VAL D 285 25.63 24.60 25.05
N LYS D 286 26.58 23.89 24.45
CA LYS D 286 28.01 24.13 24.68
C LYS D 286 28.40 25.44 24.01
N VAL D 287 28.00 25.61 22.75
CA VAL D 287 28.40 26.85 22.03
C VAL D 287 27.76 28.02 22.78
N MET D 288 26.51 27.88 23.22
CA MET D 288 25.79 28.96 23.94
C MET D 288 26.52 29.25 25.24
N ALA D 289 26.99 28.21 25.90
CA ALA D 289 27.60 28.33 27.24
C ALA D 289 28.97 28.98 27.14
N GLU D 290 29.72 28.74 26.06
CA GLU D 290 31.17 29.01 26.01
C GLU D 290 31.50 30.22 25.14
N ALA D 291 30.70 30.55 24.15
CA ALA D 291 30.87 31.81 23.40
C ALA D 291 30.69 32.97 24.37
N ASN D 292 31.48 34.03 24.17
CA ASN D 292 31.33 35.28 24.94
C ASN D 292 29.91 35.81 24.74
N HIS D 293 29.34 35.62 23.55
CA HIS D 293 27.97 36.10 23.20
C HIS D 293 27.33 35.13 22.23
N PHE D 294 26.07 34.83 22.46
CA PHE D 294 25.30 33.96 21.55
C PHE D 294 24.03 34.69 21.15
N ILE D 295 23.82 34.84 19.85
CA ILE D 295 22.69 35.64 19.31
C ILE D 295 21.90 34.76 18.38
N ASP D 296 20.62 34.56 18.71
CA ASP D 296 19.73 33.71 17.89
C ASP D 296 19.14 34.58 16.78
N LEU D 297 19.74 34.57 15.60
CA LEU D 297 19.20 35.38 14.48
C LEU D 297 17.98 34.68 13.88
N SER D 298 17.67 33.43 14.27
CA SER D 298 16.45 32.77 13.74
C SER D 298 15.23 33.60 14.18
N GLN D 299 15.35 34.36 15.27
CA GLN D 299 14.27 35.22 15.84
C GLN D 299 14.19 36.56 15.08
N ILE D 300 15.10 36.80 14.16
CA ILE D 300 15.22 38.10 13.44
C ILE D 300 15.26 37.74 11.96
N PRO D 301 14.10 37.36 11.38
CA PRO D 301 14.08 36.94 9.98
C PRO D 301 14.46 38.03 8.97
N CYS D 302 14.26 39.32 9.28
CA CYS D 302 14.67 40.43 8.37
C CYS D 302 16.20 40.51 8.29
N ASN D 303 16.77 40.33 7.11
CA ASN D 303 18.24 40.44 6.92
C ASN D 303 18.73 41.85 7.27
N GLY D 304 17.89 42.86 7.08
CA GLY D 304 18.24 44.24 7.46
C GLY D 304 18.53 44.31 8.94
N LYS D 305 17.55 43.87 9.76
CA LYS D 305 17.61 44.02 11.23
C LYS D 305 18.72 43.11 11.76
N ALA D 306 18.98 41.97 11.12
CA ALA D 306 19.98 40.99 11.59
C ALA D 306 21.36 41.56 11.30
N ALA D 307 21.58 42.06 10.10
CA ALA D 307 22.83 42.74 9.72
C ALA D 307 23.06 43.89 10.69
N ASP D 308 22.01 44.65 10.99
CA ASP D 308 22.11 45.78 11.94
C ASP D 308 22.65 45.25 13.26
N ARG D 309 22.11 44.13 13.72
CA ARG D 309 22.44 43.54 15.03
C ARG D 309 23.92 43.16 15.06
N ILE D 310 24.39 42.55 13.98
CA ILE D 310 25.83 42.19 13.84
C ILE D 310 26.63 43.48 13.96
N HIS D 311 26.23 44.51 13.23
CA HIS D 311 26.99 45.77 13.14
C HIS D 311 27.05 46.44 14.51
N GLN D 312 25.94 46.42 15.26
CA GLN D 312 25.88 47.04 16.61
C GLN D 312 26.83 46.32 17.55
N ASP D 313 27.00 45.01 17.38
CA ASP D 313 27.88 44.21 18.28
C ASP D 313 29.34 44.59 18.00
N GLY D 314 29.63 45.23 16.86
CA GLY D 314 30.93 45.86 16.55
C GLY D 314 31.94 44.87 15.99
N ILE D 315 31.48 43.92 15.19
CA ILE D 315 32.28 42.78 14.69
C ILE D 315 33.34 43.30 13.72
N HIS D 316 34.57 42.83 13.91
CA HIS D 316 35.74 43.08 13.04
C HIS D 316 35.79 42.01 11.95
N ILE D 317 35.69 40.75 12.34
CA ILE D 317 35.73 39.62 11.37
C ILE D 317 34.46 38.80 11.48
N LEU D 318 33.70 38.73 10.38
CA LEU D 318 32.47 37.92 10.30
C LEU D 318 32.77 36.67 9.46
N VAL D 319 32.43 35.52 9.99
CA VAL D 319 32.90 34.22 9.44
C VAL D 319 31.70 33.43 8.93
N ASN D 320 31.74 33.10 7.65
CA ASN D 320 30.61 32.46 6.93
C ASN D 320 30.83 30.96 6.98
N MET D 321 30.03 30.27 7.78
CA MET D 321 30.22 28.82 7.99
C MET D 321 29.25 28.03 7.12
N ASN D 322 28.50 28.65 6.22
CA ASN D 322 27.46 27.91 5.44
C ASN D 322 27.77 27.91 3.95
N GLY D 323 28.27 29.02 3.41
CA GLY D 323 28.33 29.18 1.95
C GLY D 323 26.99 28.78 1.33
N TYR D 324 26.96 27.93 0.33
CA TYR D 324 25.69 27.60 -0.38
C TYR D 324 25.17 26.28 0.16
N THR D 325 24.84 26.24 1.44
CA THR D 325 24.26 25.03 2.10
C THR D 325 22.86 25.37 2.64
N LYS D 326 22.09 24.35 3.00
CA LYS D 326 20.77 24.50 3.68
C LYS D 326 21.01 25.42 4.87
N GLY D 327 20.19 26.45 5.01
CA GLY D 327 20.11 27.29 6.24
C GLY D 327 20.88 28.59 6.12
N ALA D 328 21.76 28.70 5.13
CA ALA D 328 22.52 29.93 4.81
C ALA D 328 21.62 31.16 4.79
N ARG D 329 22.17 32.30 5.19
CA ARG D 329 21.57 33.63 4.97
C ARG D 329 22.70 34.56 4.51
N ASN D 330 23.13 34.39 3.27
CA ASN D 330 24.33 35.09 2.78
C ASN D 330 23.98 36.57 2.55
N GLU D 331 22.70 36.87 2.45
CA GLU D 331 22.19 38.26 2.46
C GLU D 331 22.91 39.02 3.58
N LEU D 332 23.08 38.40 4.76
CA LEU D 332 23.74 39.03 5.94
C LEU D 332 25.13 39.52 5.52
N PHE D 333 25.85 38.69 4.80
CA PHE D 333 27.24 39.00 4.38
C PHE D 333 27.24 40.01 3.24
N ALA D 334 26.26 39.95 2.35
CA ALA D 334 26.16 40.88 1.20
C ALA D 334 25.96 42.31 1.70
N LEU D 335 25.36 42.47 2.89
CA LEU D 335 25.13 43.80 3.48
C LEU D 335 26.42 44.33 4.12
N ARG D 336 27.48 43.54 4.14
CA ARG D 336 28.83 43.93 4.64
C ARG D 336 28.71 44.67 5.98
N PRO D 337 28.19 44.04 7.07
CA PRO D 337 28.16 44.66 8.39
C PRO D 337 29.52 44.67 9.08
N ALA D 338 30.44 43.86 8.57
CA ALA D 338 31.82 43.80 9.10
C ALA D 338 32.81 44.16 8.01
N PRO D 339 33.97 44.70 8.42
CA PRO D 339 35.01 45.10 7.48
C PRO D 339 35.80 43.96 6.84
N ILE D 340 35.83 42.80 7.51
CA ILE D 340 36.53 41.59 7.01
C ILE D 340 35.56 40.41 7.11
N GLN D 341 35.37 39.69 6.01
CA GLN D 341 34.36 38.62 5.94
C GLN D 341 34.99 37.39 5.29
N ALA D 342 35.03 36.28 6.02
CA ALA D 342 35.82 35.09 5.67
C ALA D 342 34.93 33.87 5.56
N MET D 343 35.15 33.06 4.53
CA MET D 343 34.58 31.70 4.42
C MET D 343 35.40 30.76 5.29
N TRP D 344 34.76 29.87 6.03
CA TRP D 344 35.45 28.91 6.94
C TRP D 344 34.64 27.62 7.13
N LEU D 345 35.29 26.50 6.82
CA LEU D 345 35.02 25.14 7.33
C LEU D 345 33.76 24.49 6.73
N GLY D 346 32.62 25.17 6.73
CA GLY D 346 31.33 24.53 6.44
C GLY D 346 31.08 24.30 4.96
N TYR D 347 31.62 25.14 4.07
CA TYR D 347 31.39 25.02 2.60
C TYR D 347 32.69 24.78 1.88
N PRO D 348 32.82 23.68 1.13
CA PRO D 348 34.05 23.32 0.42
C PRO D 348 34.11 23.87 -1.01
N GLY D 349 34.02 25.20 -1.11
CA GLY D 349 34.11 25.89 -2.40
C GLY D 349 34.11 27.39 -2.24
N THR D 350 34.16 28.09 -3.35
CA THR D 350 34.18 29.57 -3.32
C THR D 350 32.74 30.05 -3.28
N SER D 351 32.54 31.17 -2.59
CA SER D 351 31.30 31.99 -2.66
C SER D 351 31.17 32.60 -4.05
N GLY D 352 32.30 32.87 -4.69
CA GLY D 352 32.36 33.56 -5.99
C GLY D 352 31.93 35.01 -5.87
N ALA D 353 31.77 35.52 -4.65
CA ALA D 353 30.99 36.74 -4.40
C ALA D 353 31.93 37.86 -3.94
N LEU D 354 31.63 39.08 -4.37
CA LEU D 354 32.37 40.32 -4.03
C LEU D 354 32.39 40.52 -2.52
N PHE D 355 31.34 40.10 -1.81
CA PHE D 355 31.10 40.44 -0.39
C PHE D 355 31.89 39.51 0.53
N MET D 356 32.63 38.55 -0.02
CA MET D 356 33.52 37.68 0.78
C MET D 356 34.96 38.07 0.50
N ASP D 357 35.74 38.36 1.53
CA ASP D 357 37.12 38.87 1.38
C ASP D 357 38.10 37.69 1.33
N TYR D 358 38.03 36.77 2.26
CA TYR D 358 39.02 35.67 2.40
C TYR D 358 38.30 34.33 2.43
N ILE D 359 39.01 33.27 2.03
CA ILE D 359 38.64 31.87 2.36
C ILE D 359 39.74 31.27 3.22
N ILE D 360 39.36 30.70 4.36
CA ILE D 360 40.34 30.08 5.28
C ILE D 360 40.56 28.66 4.78
N THR D 361 41.78 28.38 4.38
CA THR D 361 42.16 27.06 3.82
C THR D 361 43.62 26.81 4.19
N ASP D 362 44.37 26.10 3.35
CA ASP D 362 45.79 25.79 3.63
C ASP D 362 46.52 25.47 2.33
N GLN D 363 47.84 25.39 2.36
CA GLN D 363 48.68 25.23 1.15
C GLN D 363 48.37 23.88 0.50
N GLU D 364 48.09 22.83 1.26
CA GLU D 364 47.82 21.49 0.69
C GLU D 364 46.45 21.47 0.02
N THR D 365 45.46 22.09 0.64
CA THR D 365 44.07 22.07 0.14
C THR D 365 43.97 23.00 -1.06
N SER D 366 44.52 24.19 -0.94
CA SER D 366 44.30 25.28 -1.93
C SER D 366 45.66 25.86 -2.30
N PRO D 367 46.52 25.12 -3.03
CA PRO D 367 47.83 25.66 -3.44
C PRO D 367 47.64 26.83 -4.41
N ALA D 368 48.64 27.71 -4.46
CA ALA D 368 48.58 28.95 -5.25
C ALA D 368 48.40 28.59 -6.73
N GLU D 369 48.93 27.43 -7.15
CA GLU D 369 48.78 26.86 -8.52
C GLU D 369 47.29 26.87 -8.94
N VAL D 370 46.33 26.71 -8.02
CA VAL D 370 44.89 26.54 -8.40
C VAL D 370 44.05 27.71 -7.84
N ALA D 371 44.67 28.80 -7.40
CA ALA D 371 43.99 29.99 -6.82
C ALA D 371 42.89 30.53 -7.76
N GLU D 372 42.99 30.33 -9.09
CA GLU D 372 42.02 30.90 -10.06
C GLU D 372 40.59 30.40 -9.72
N GLN D 373 40.43 29.29 -8.97
CA GLN D 373 39.08 28.72 -8.73
C GLN D 373 38.36 29.51 -7.64
N TYR D 374 39.08 30.26 -6.81
CA TYR D 374 38.46 31.02 -5.69
C TYR D 374 38.38 32.50 -6.06
N SER D 375 37.25 33.14 -5.73
CA SER D 375 37.07 34.61 -5.81
C SER D 375 37.72 35.27 -4.59
N GLU D 376 37.85 34.56 -3.48
CA GLU D 376 38.36 35.15 -2.21
C GLU D 376 39.88 35.16 -2.29
N LYS D 377 40.54 35.89 -1.40
CA LYS D 377 42.00 35.73 -1.20
C LYS D 377 42.17 34.50 -0.30
N LEU D 378 43.23 33.74 -0.54
CA LEU D 378 43.57 32.60 0.32
C LEU D 378 44.06 33.13 1.68
N ALA D 379 43.58 32.53 2.77
CA ALA D 379 44.15 32.74 4.11
C ALA D 379 44.56 31.38 4.62
N TYR D 380 45.87 31.12 4.69
CA TYR D 380 46.38 29.78 4.99
C TYR D 380 46.47 29.60 6.51
N MET D 381 45.91 28.49 6.97
CA MET D 381 46.30 27.91 8.27
C MET D 381 47.57 27.11 8.03
N PRO D 382 48.39 26.94 9.09
CA PRO D 382 49.71 26.34 8.94
C PRO D 382 49.72 24.87 8.51
N HIS D 383 48.70 24.11 8.90
CA HIS D 383 48.70 22.64 8.67
C HIS D 383 47.52 22.27 7.77
N THR D 384 46.36 22.02 8.36
CA THR D 384 45.10 21.93 7.60
C THR D 384 44.08 22.90 8.19
N PHE D 385 43.18 23.39 7.35
CA PHE D 385 42.06 24.25 7.79
C PHE D 385 41.06 23.32 8.48
N PHE D 386 41.14 22.03 8.19
CA PHE D 386 40.17 21.06 8.73
C PHE D 386 40.47 20.83 10.20
N ILE D 387 39.42 20.52 10.96
CA ILE D 387 39.48 20.28 12.42
C ILE D 387 38.30 19.40 12.78
N GLY D 388 38.39 18.68 13.88
CA GLY D 388 37.31 17.85 14.42
C GLY D 388 37.34 17.82 15.92
N ASP D 389 36.20 17.57 16.57
CA ASP D 389 36.12 17.63 18.04
C ASP D 389 36.25 16.22 18.62
N HIS D 390 36.87 15.29 17.89
CA HIS D 390 36.85 13.85 18.21
C HIS D 390 37.53 13.60 19.56
N ALA D 391 38.55 14.40 19.89
CA ALA D 391 39.28 14.21 21.17
C ALA D 391 38.32 14.47 22.33
N ASN D 392 37.37 15.38 22.14
CA ASN D 392 36.42 15.76 23.21
C ASN D 392 35.18 14.86 23.18
N MET D 393 34.66 14.57 21.98
CA MET D 393 33.37 13.86 21.82
C MET D 393 33.57 12.38 22.12
N PHE D 394 34.71 11.82 21.73
CA PHE D 394 34.96 10.35 21.69
C PHE D 394 36.28 9.98 22.34
N PRO D 395 36.56 10.44 23.58
CA PRO D 395 37.82 10.11 24.24
C PRO D 395 37.92 8.61 24.57
N HIS D 396 36.78 7.91 24.55
CA HIS D 396 36.76 6.46 24.87
C HIS D 396 37.47 5.69 23.76
N LEU D 397 37.72 6.31 22.61
CA LEU D 397 38.42 5.64 21.50
C LEU D 397 39.91 6.03 21.48
N LYS D 398 40.41 6.77 22.48
CA LYS D 398 41.87 7.07 22.60
C LYS D 398 42.60 5.72 22.80
N LYS D 399 41.96 4.70 23.37
CA LYS D 399 42.60 3.40 23.65
C LYS D 399 41.66 2.25 23.36
N LYS D 400 42.20 1.15 22.84
CA LYS D 400 41.43 -0.09 22.63
C LYS D 400 42.06 -1.23 23.42
N ALA D 401 41.33 -2.32 23.49
CA ALA D 401 41.82 -3.66 23.84
C ALA D 401 41.14 -4.65 22.90
N VAL D 402 41.68 -5.85 22.74
CA VAL D 402 41.03 -6.87 21.89
C VAL D 402 40.89 -8.17 22.66
N ILE D 403 40.16 -9.10 22.07
CA ILE D 403 40.06 -10.49 22.55
C ILE D 403 40.72 -11.39 21.49
N ASP D 404 41.58 -12.31 21.93
CA ASP D 404 42.23 -13.35 21.09
C ASP D 404 41.36 -14.60 21.14
N PHE D 405 40.72 -14.93 20.04
CA PHE D 405 39.61 -15.92 19.99
C PHE D 405 40.01 -17.07 19.06
N LYS D 406 40.81 -16.77 18.03
CA LYS D 406 41.54 -17.76 17.20
C LYS D 406 42.43 -18.58 18.16
N SER D 407 42.86 -17.98 19.28
CA SER D 407 43.75 -18.61 20.30
C SER D 407 45.10 -18.94 19.65
N ASN D 408 45.36 -20.22 19.33
CA ASN D 408 46.54 -20.65 18.52
C ASN D 408 46.27 -20.21 17.08
N GLY D 409 46.58 -18.94 16.76
CA GLY D 409 46.23 -18.24 15.51
C GLY D 409 46.81 -16.83 15.55
N HIS D 410 46.06 -15.81 15.10
CA HIS D 410 46.56 -14.41 15.05
C HIS D 410 46.02 -13.57 16.22
N ILE D 411 46.79 -12.57 16.65
CA ILE D 411 46.36 -11.46 17.54
C ILE D 411 46.04 -10.25 16.66
N TYR D 412 44.78 -10.16 16.24
CA TYR D 412 44.26 -9.08 15.36
C TYR D 412 43.91 -7.83 16.17
N ASP D 413 44.06 -6.64 15.61
CA ASP D 413 43.75 -5.36 16.29
C ASP D 413 42.32 -4.87 15.97
N ASN D 414 41.53 -5.64 15.22
CA ASN D 414 40.29 -5.09 14.64
C ASN D 414 39.24 -6.17 14.35
N ARG D 415 39.20 -7.24 15.10
CA ARG D 415 38.15 -8.27 14.89
C ARG D 415 37.18 -8.23 16.05
N ILE D 416 37.72 -8.13 17.26
CA ILE D 416 36.92 -7.90 18.49
C ILE D 416 37.61 -6.79 19.28
N VAL D 417 36.91 -5.68 19.48
CA VAL D 417 37.49 -4.48 20.09
C VAL D 417 36.67 -4.06 21.31
N LEU D 418 37.38 -3.68 22.36
CA LEU D 418 36.79 -3.06 23.56
C LEU D 418 37.27 -1.61 23.61
N ASN D 419 36.36 -0.69 23.94
CA ASN D 419 36.69 0.73 24.27
C ASN D 419 35.92 1.12 25.51
N GLY D 420 36.49 2.03 26.28
CA GLY D 420 35.86 2.42 27.56
C GLY D 420 36.74 3.33 28.37
N ILE D 421 36.13 4.36 28.94
CA ILE D 421 36.83 5.27 29.88
C ILE D 421 37.34 4.43 31.05
N ASP D 422 36.60 3.40 31.47
CA ASP D 422 37.01 2.52 32.60
C ASP D 422 37.61 1.18 32.11
N LEU D 423 38.15 1.13 30.89
CA LEU D 423 38.70 -0.13 30.34
C LEU D 423 39.89 -0.60 31.20
N LYS D 424 40.84 0.29 31.51
CA LYS D 424 42.05 -0.05 32.30
C LYS D 424 41.61 -0.78 33.58
N ALA D 425 40.61 -0.26 34.29
CA ALA D 425 40.17 -0.87 35.56
C ALA D 425 39.59 -2.27 35.30
N PHE D 426 38.82 -2.44 34.23
CA PHE D 426 38.22 -3.74 33.89
C PHE D 426 39.34 -4.74 33.59
N LEU D 427 40.31 -4.34 32.77
CA LEU D 427 41.49 -5.18 32.44
C LEU D 427 42.26 -5.59 33.72
N ASP D 428 42.41 -4.68 34.67
CA ASP D 428 43.24 -4.94 35.88
C ASP D 428 42.49 -5.91 36.78
N SER D 429 41.21 -6.17 36.51
CA SER D 429 40.38 -7.11 37.30
C SER D 429 40.53 -8.51 36.73
N LEU D 430 41.11 -8.61 35.54
CA LEU D 430 41.22 -9.90 34.83
C LEU D 430 42.48 -10.61 35.28
N PRO D 431 42.48 -11.96 35.25
CA PRO D 431 43.66 -12.74 35.60
C PRO D 431 44.83 -12.54 34.63
N ASP D 432 44.60 -12.71 33.32
CA ASP D 432 45.70 -12.96 32.35
C ASP D 432 45.54 -12.05 31.14
N VAL D 433 46.41 -11.07 30.98
CA VAL D 433 46.26 -10.05 29.90
C VAL D 433 47.61 -9.85 29.23
N LYS D 434 47.84 -10.44 28.07
CA LYS D 434 49.04 -10.15 27.22
C LYS D 434 48.95 -8.66 26.83
N ILE D 435 50.05 -7.95 26.95
CA ILE D 435 50.14 -6.51 26.60
C ILE D 435 51.06 -6.43 25.38
N VAL D 436 50.54 -6.12 24.21
CA VAL D 436 51.34 -6.10 22.96
C VAL D 436 51.95 -4.71 22.74
N LYS D 437 53.24 -4.52 23.04
CA LYS D 437 54.02 -3.26 22.76
C LYS D 437 53.88 -2.97 21.26
N MET D 438 53.99 -1.71 20.83
CA MET D 438 53.56 -1.26 19.48
C MET D 438 54.76 -0.71 18.71
N LYS D 439 55.62 -1.58 18.16
CA LYS D 439 56.94 -1.25 17.53
C LYS D 439 57.77 -0.40 18.51
N ALA D 453 55.40 5.09 25.65
CA ALA D 453 54.92 4.37 24.45
C ALA D 453 53.49 3.83 24.67
N LEU D 454 52.94 3.23 23.60
CA LEU D 454 51.56 2.70 23.47
C LEU D 454 51.57 1.16 23.41
N ASN D 455 50.40 0.54 23.50
CA ASN D 455 50.33 -0.91 23.76
C ASN D 455 48.88 -1.32 23.64
N MET D 456 48.63 -2.56 23.23
CA MET D 456 47.26 -3.05 23.02
C MET D 456 47.07 -4.24 23.96
N PRO D 457 46.29 -4.08 25.03
CA PRO D 457 45.98 -5.24 25.88
C PRO D 457 45.23 -6.29 25.05
N VAL D 458 45.52 -7.56 25.32
CA VAL D 458 44.87 -8.69 24.65
C VAL D 458 44.30 -9.62 25.70
N ILE D 459 42.98 -9.67 25.75
CA ILE D 459 42.25 -10.61 26.64
C ILE D 459 42.32 -11.96 25.96
N PRO D 460 42.85 -13.01 26.62
CA PRO D 460 42.89 -14.34 26.05
C PRO D 460 41.51 -14.97 26.17
N MET D 461 41.32 -16.09 25.49
CA MET D 461 40.00 -16.76 25.39
C MET D 461 39.75 -17.57 26.68
N ASN D 462 39.55 -16.89 27.83
CA ASN D 462 39.11 -17.53 29.09
C ASN D 462 37.58 -17.64 29.04
N THR D 463 36.90 -17.84 30.16
CA THR D 463 35.41 -17.97 30.16
C THR D 463 34.80 -16.55 30.14
N ILE D 464 35.57 -15.54 30.55
CA ILE D 464 35.11 -14.13 30.50
C ILE D 464 35.00 -13.71 29.03
N ALA D 465 36.03 -13.96 28.22
CA ALA D 465 35.97 -13.69 26.77
C ALA D 465 34.72 -14.40 26.20
N GLU D 466 34.46 -15.63 26.62
CA GLU D 466 33.33 -16.43 26.07
C GLU D 466 32.01 -15.73 26.38
N ALA D 467 31.87 -15.15 27.58
CA ALA D 467 30.65 -14.45 28.04
C ALA D 467 30.41 -13.20 27.19
N VAL D 468 31.50 -12.48 26.89
CA VAL D 468 31.46 -11.24 26.05
C VAL D 468 30.97 -11.66 24.66
N ILE D 469 31.63 -12.67 24.11
CA ILE D 469 31.33 -13.18 22.74
C ILE D 469 29.89 -13.69 22.71
N GLU D 470 29.49 -14.41 23.77
CA GLU D 470 28.12 -14.95 23.95
C GLU D 470 27.15 -13.77 23.77
N MET D 471 27.39 -12.67 24.50
CA MET D 471 26.50 -11.49 24.48
C MET D 471 26.37 -11.02 23.02
N ILE D 472 27.49 -10.88 22.35
CA ILE D 472 27.52 -10.37 20.95
C ILE D 472 26.69 -11.29 20.08
N ASN D 473 26.83 -12.61 20.27
CA ASN D 473 26.28 -13.64 19.36
C ASN D 473 24.79 -13.82 19.63
N ARG D 474 24.39 -13.79 20.90
CA ARG D 474 22.94 -13.92 21.27
C ARG D 474 22.25 -12.57 21.02
N GLY D 475 23.00 -11.50 20.76
CA GLY D 475 22.44 -10.16 20.51
C GLY D 475 21.83 -9.52 21.76
N GLN D 476 22.34 -9.85 22.94
CA GLN D 476 21.91 -9.19 24.19
C GLN D 476 22.45 -7.76 24.22
N ILE D 477 21.75 -6.90 24.94
CA ILE D 477 22.05 -5.45 25.10
C ILE D 477 23.41 -5.29 25.79
N GLN D 478 23.61 -6.02 26.88
CA GLN D 478 24.74 -5.77 27.80
C GLN D 478 24.87 -6.90 28.81
N ILE D 479 26.03 -6.98 29.45
CA ILE D 479 26.28 -7.91 30.57
C ILE D 479 27.07 -7.20 31.66
N THR D 480 27.34 -7.93 32.73
CA THR D 480 28.12 -7.43 33.88
C THR D 480 29.24 -8.44 34.13
N ILE D 481 30.46 -7.97 34.35
CA ILE D 481 31.63 -8.85 34.58
C ILE D 481 32.48 -8.16 35.65
N ASN D 482 32.59 -8.78 36.82
CA ASN D 482 33.41 -8.21 37.92
C ASN D 482 32.89 -6.81 38.26
N GLY D 483 31.58 -6.60 38.12
CA GLY D 483 30.90 -5.34 38.48
C GLY D 483 30.93 -4.28 37.38
N PHE D 484 31.72 -4.48 36.31
CA PHE D 484 31.89 -3.48 35.22
C PHE D 484 30.78 -3.66 34.20
N SER D 485 30.26 -2.57 33.63
CA SER D 485 29.17 -2.70 32.63
C SER D 485 29.77 -2.86 31.24
N ILE D 486 29.37 -3.93 30.56
CA ILE D 486 29.84 -4.32 29.20
C ILE D 486 28.66 -4.23 28.24
N SER D 487 28.77 -3.34 27.27
CA SER D 487 27.66 -2.95 26.36
C SER D 487 27.93 -3.53 24.97
N ASN D 488 26.89 -4.10 24.38
CA ASN D 488 26.88 -4.46 22.94
C ASN D 488 26.92 -3.16 22.13
N GLY D 489 27.93 -3.02 21.26
CA GLY D 489 28.11 -1.81 20.44
C GLY D 489 26.99 -1.54 19.44
N LEU D 490 26.04 -2.45 19.29
CA LEU D 490 24.87 -2.25 18.38
C LEU D 490 23.71 -1.66 19.17
N ALA D 491 23.80 -1.61 20.50
CA ALA D 491 22.68 -1.18 21.38
C ALA D 491 22.95 0.17 22.06
N THR D 492 23.92 0.98 21.62
CA THR D 492 24.35 2.16 22.42
C THR D 492 23.11 3.03 22.65
N THR D 493 22.29 3.13 21.62
CA THR D 493 21.08 3.98 21.57
C THR D 493 20.09 3.58 22.70
N GLN D 494 19.93 2.30 22.99
CA GLN D 494 19.02 1.87 24.09
C GLN D 494 19.63 2.13 25.46
N ILE D 495 20.95 2.12 25.57
CA ILE D 495 21.66 2.23 26.87
C ILE D 495 21.80 3.70 27.22
N ASN D 496 22.14 4.55 26.24
CA ASN D 496 22.30 6.01 26.46
C ASN D 496 22.20 6.76 25.13
N ASN D 497 20.99 7.19 24.74
CA ASN D 497 20.75 7.99 23.52
C ASN D 497 21.81 9.10 23.38
N LYS D 498 22.18 9.76 24.47
CA LYS D 498 23.05 10.96 24.41
C LYS D 498 24.46 10.51 24.03
N ALA D 499 24.89 9.34 24.51
CA ALA D 499 26.20 8.74 24.15
C ALA D 499 26.22 8.36 22.67
N ALA D 500 25.09 7.86 22.16
CA ALA D 500 24.95 7.40 20.76
C ALA D 500 25.14 8.57 19.79
N THR D 501 24.61 9.75 20.11
CA THR D 501 24.66 10.93 19.23
C THR D 501 26.00 11.67 19.34
N GLY D 502 26.79 11.40 20.37
CA GLY D 502 28.06 12.13 20.61
C GLY D 502 27.90 13.28 21.58
N GLU D 503 26.68 13.49 22.08
CA GLU D 503 26.35 14.55 23.07
C GLU D 503 26.94 14.20 24.44
N GLU D 504 27.10 12.92 24.75
CA GLU D 504 27.73 12.47 26.01
C GLU D 504 28.84 11.49 25.64
N VAL D 505 29.82 11.40 26.53
CA VAL D 505 30.83 10.32 26.45
C VAL D 505 30.22 9.10 27.09
N PRO D 506 30.29 7.93 26.43
CA PRO D 506 29.73 6.70 27.00
C PRO D 506 30.36 6.39 28.36
N ARG D 507 29.53 5.99 29.31
CA ARG D 507 29.93 5.65 30.69
C ARG D 507 29.98 4.12 30.88
N THR D 508 29.89 3.36 29.79
CA THR D 508 30.02 1.88 29.80
C THR D 508 31.19 1.47 28.93
N ILE D 509 31.55 0.21 29.01
CA ILE D 509 32.59 -0.39 28.13
C ILE D 509 31.88 -0.98 26.93
N ILE D 510 32.33 -0.64 25.74
CA ILE D 510 31.58 -1.03 24.53
C ILE D 510 32.39 -2.06 23.75
N VAL D 511 31.72 -3.13 23.34
CA VAL D 511 32.30 -4.22 22.51
C VAL D 511 31.88 -4.00 21.07
N THR D 512 32.84 -3.97 20.17
CA THR D 512 32.62 -3.78 18.71
C THR D 512 33.29 -4.93 17.97
N THR D 513 32.58 -5.59 17.06
CA THR D 513 33.11 -6.80 16.38
C THR D 513 32.77 -6.84 14.91
N ARG D 514 33.61 -7.52 14.13
CA ARG D 514 33.35 -7.72 12.68
C ARG D 514 32.11 -8.57 12.54
N SER D 515 31.91 -9.53 13.44
CA SER D 515 30.71 -10.39 13.39
C SER D 515 29.42 -9.55 13.36
N GLN D 516 29.40 -8.38 14.01
CA GLN D 516 28.18 -7.52 14.11
C GLN D 516 27.78 -7.02 12.72
N TYR D 517 28.72 -6.81 11.82
CA TYR D 517 28.46 -6.11 10.54
C TYR D 517 28.61 -7.09 9.37
N GLY D 518 28.82 -8.37 9.66
CA GLY D 518 28.98 -9.42 8.64
C GLY D 518 30.30 -9.32 7.89
N LEU D 519 31.31 -8.74 8.52
CA LEU D 519 32.65 -8.60 7.91
C LEU D 519 33.40 -9.90 8.16
N PRO D 520 34.13 -10.42 7.16
CA PRO D 520 34.92 -11.65 7.34
C PRO D 520 36.04 -11.56 8.37
N GLU D 521 36.18 -12.61 9.20
CA GLU D 521 37.16 -12.70 10.32
C GLU D 521 38.59 -12.73 9.77
N ASP D 522 38.79 -13.22 8.55
CA ASP D 522 40.12 -13.63 8.04
C ASP D 522 40.43 -12.88 6.75
N ALA D 523 40.05 -11.62 6.64
CA ALA D 523 40.18 -10.86 5.38
C ALA D 523 40.52 -9.39 5.62
N ILE D 524 41.13 -8.79 4.62
CA ILE D 524 41.35 -7.32 4.60
C ILE D 524 40.00 -6.62 4.37
N VAL D 525 39.67 -5.65 5.21
CA VAL D 525 38.44 -4.82 5.03
C VAL D 525 38.85 -3.41 4.60
N TYR D 526 38.47 -3.06 3.38
CA TYR D 526 38.59 -1.69 2.82
C TYR D 526 37.26 -0.96 3.04
N CYS D 527 37.26 0.15 3.78
CA CYS D 527 36.00 0.88 4.06
C CYS D 527 35.93 2.19 3.25
N ASN D 528 34.71 2.63 3.02
CA ASN D 528 34.36 4.03 2.68
C ASN D 528 32.95 4.33 3.21
N PHE D 529 32.87 5.17 4.22
CA PHE D 529 31.61 5.48 4.92
C PHE D 529 31.05 6.81 4.44
N ASN D 530 31.48 7.29 3.30
CA ASN D 530 30.88 8.51 2.72
C ASN D 530 29.52 8.18 2.14
N GLN D 531 28.77 9.24 1.92
CA GLN D 531 27.56 9.24 1.11
C GLN D 531 27.93 8.83 -0.32
N LEU D 532 27.08 8.00 -0.93
CA LEU D 532 27.44 7.29 -2.17
C LEU D 532 27.60 8.30 -3.30
N TYR D 533 27.04 9.51 -3.20
CA TYR D 533 27.09 10.51 -4.29
C TYR D 533 28.55 10.85 -4.64
N LYS D 534 29.50 10.63 -3.73
CA LYS D 534 30.93 10.95 -3.93
C LYS D 534 31.64 9.90 -4.79
N ILE D 535 30.95 8.80 -5.09
CA ILE D 535 31.51 7.73 -5.95
C ILE D 535 31.14 8.01 -7.40
N ASP D 536 32.10 7.88 -8.32
CA ASP D 536 31.88 7.89 -9.78
C ASP D 536 32.35 6.55 -10.35
N PRO D 537 32.03 6.24 -11.64
CA PRO D 537 32.44 4.97 -12.23
C PRO D 537 33.95 4.72 -12.11
N SER D 538 34.77 5.76 -12.29
CA SER D 538 36.25 5.63 -12.25
C SER D 538 36.69 5.17 -10.86
N THR D 539 36.07 5.74 -9.83
CA THR D 539 36.43 5.40 -8.43
C THR D 539 36.12 3.92 -8.20
N LEU D 540 34.98 3.42 -8.67
CA LEU D 540 34.59 2.02 -8.37
C LEU D 540 35.51 1.09 -9.16
N GLN D 541 35.92 1.50 -10.36
CA GLN D 541 36.92 0.76 -11.15
C GLN D 541 38.20 0.61 -10.31
N MET D 542 38.75 1.73 -9.85
CA MET D 542 39.95 1.74 -8.98
C MET D 542 39.77 0.69 -7.86
N TRP D 543 38.62 0.73 -7.21
CA TRP D 543 38.34 -0.13 -6.03
C TRP D 543 38.30 -1.60 -6.47
N ALA D 544 37.69 -1.83 -7.63
CA ALA D 544 37.60 -3.19 -8.21
C ALA D 544 39.02 -3.70 -8.48
N ASN D 545 39.90 -2.86 -9.03
CA ASN D 545 41.29 -3.26 -9.36
C ASN D 545 41.97 -3.72 -8.08
N ILE D 546 41.75 -2.99 -6.98
CA ILE D 546 42.40 -3.27 -5.67
C ILE D 546 41.88 -4.61 -5.16
N LEU D 547 40.57 -4.80 -5.19
CA LEU D 547 39.95 -6.03 -4.66
C LEU D 547 40.41 -7.24 -5.48
N LYS D 548 40.59 -7.08 -6.79
CA LYS D 548 40.99 -8.17 -7.71
C LYS D 548 42.44 -8.56 -7.35
N ARG D 549 43.26 -7.63 -6.87
CA ARG D 549 44.69 -7.89 -6.58
C ARG D 549 44.88 -8.33 -5.13
N VAL D 550 43.83 -8.32 -4.31
CA VAL D 550 43.98 -8.66 -2.87
C VAL D 550 42.93 -9.69 -2.52
N PRO D 551 43.27 -10.98 -2.75
CA PRO D 551 42.30 -12.04 -2.60
C PRO D 551 41.65 -12.10 -1.21
N ASN D 552 40.33 -12.27 -1.21
CA ASN D 552 39.44 -12.43 -0.02
C ASN D 552 39.06 -11.07 0.58
N SER D 553 39.84 -10.01 0.34
CA SER D 553 39.53 -8.64 0.78
C SER D 553 38.07 -8.31 0.44
N VAL D 554 37.48 -7.39 1.21
CA VAL D 554 36.11 -6.88 0.95
C VAL D 554 36.11 -5.36 1.02
N LEU D 555 35.12 -4.76 0.38
CA LEU D 555 34.84 -3.31 0.43
C LEU D 555 33.62 -3.09 1.31
N TRP D 556 33.73 -2.20 2.28
CA TRP D 556 32.65 -1.91 3.26
C TRP D 556 32.03 -0.56 2.93
N LEU D 557 30.75 -0.52 2.56
CA LEU D 557 30.06 0.73 2.16
C LEU D 557 28.79 0.88 2.99
N LEU D 558 28.16 2.05 2.91
CA LEU D 558 26.92 2.28 3.69
C LEU D 558 25.75 2.45 2.74
N ARG D 559 24.59 2.05 3.22
CA ARG D 559 23.31 2.30 2.53
C ARG D 559 22.99 3.78 2.69
N PHE D 560 23.61 4.63 1.89
CA PHE D 560 23.70 6.08 2.14
C PHE D 560 23.50 6.82 0.84
N PRO D 561 22.34 6.68 0.18
CA PRO D 561 21.20 5.91 0.69
C PRO D 561 21.06 4.47 0.18
N ALA D 562 20.10 3.75 0.74
CA ALA D 562 19.95 2.29 0.51
C ALA D 562 19.72 2.00 -0.97
N VAL D 563 19.00 2.84 -1.68
CA VAL D 563 18.61 2.54 -3.09
C VAL D 563 19.88 2.56 -3.95
N GLY D 564 20.99 3.10 -3.42
CA GLY D 564 22.27 3.10 -4.13
C GLY D 564 22.91 1.72 -4.20
N GLU D 565 22.63 0.87 -3.22
CA GLU D 565 23.30 -0.44 -3.05
C GLU D 565 23.15 -1.28 -4.32
N PRO D 566 21.90 -1.58 -4.79
CA PRO D 566 21.72 -2.45 -5.94
C PRO D 566 22.48 -1.94 -7.17
N ASN D 567 22.50 -0.62 -7.32
CA ASN D 567 23.16 0.06 -8.47
C ASN D 567 24.66 -0.23 -8.41
N ILE D 568 25.27 -0.04 -7.24
CA ILE D 568 26.74 -0.26 -7.08
C ILE D 568 27.01 -1.74 -7.28
N GLN D 569 26.20 -2.63 -6.72
CA GLN D 569 26.45 -4.09 -6.81
C GLN D 569 26.39 -4.49 -8.29
N GLN D 570 25.48 -3.90 -9.05
CA GLN D 570 25.35 -4.20 -10.49
C GLN D 570 26.64 -3.75 -11.19
N TYR D 571 27.08 -2.51 -11.03
CA TYR D 571 28.28 -2.01 -11.75
C TYR D 571 29.49 -2.86 -11.35
N ALA D 572 29.50 -3.35 -10.11
CA ALA D 572 30.62 -4.14 -9.56
C ALA D 572 30.65 -5.52 -10.22
N GLN D 573 29.47 -6.13 -10.43
CA GLN D 573 29.38 -7.47 -11.09
C GLN D 573 29.92 -7.35 -12.51
N ASN D 574 29.54 -6.29 -13.22
CA ASN D 574 30.01 -6.02 -14.60
C ASN D 574 31.53 -5.80 -14.60
N MET D 575 32.13 -5.48 -13.46
CA MET D 575 33.60 -5.28 -13.35
C MET D 575 34.25 -6.59 -12.94
N GLY D 576 33.45 -7.64 -12.67
CA GLY D 576 33.92 -9.01 -12.34
C GLY D 576 34.12 -9.24 -10.83
N LEU D 577 33.51 -8.45 -9.96
CA LEU D 577 33.47 -8.73 -8.50
C LEU D 577 32.18 -9.47 -8.17
N PRO D 578 32.22 -10.68 -7.58
CA PRO D 578 31.02 -11.29 -7.03
C PRO D 578 30.35 -10.40 -5.97
N GLN D 579 29.10 -10.69 -5.63
CA GLN D 579 28.27 -9.89 -4.70
C GLN D 579 28.94 -9.80 -3.33
N ASN D 580 29.49 -10.91 -2.84
CA ASN D 580 29.97 -11.00 -1.44
C ASN D 580 31.27 -10.18 -1.27
N ARG D 581 31.81 -9.56 -2.32
CA ARG D 581 33.08 -8.78 -2.19
C ARG D 581 32.75 -7.39 -1.66
N ILE D 582 31.52 -6.90 -1.83
CA ILE D 582 31.09 -5.58 -1.31
C ILE D 582 30.04 -5.80 -0.21
N ILE D 583 30.33 -5.32 0.99
CA ILE D 583 29.42 -5.48 2.14
C ILE D 583 28.83 -4.12 2.52
N PHE D 584 27.51 -4.04 2.57
CA PHE D 584 26.77 -2.81 2.90
C PHE D 584 26.29 -2.91 4.36
N SER D 585 26.45 -1.82 5.09
CA SER D 585 25.87 -1.66 6.44
C SER D 585 24.96 -0.43 6.45
N PRO D 586 23.95 -0.42 7.34
CA PRO D 586 23.12 0.77 7.49
C PRO D 586 23.93 1.92 8.08
N VAL D 587 23.49 3.13 7.78
CA VAL D 587 23.96 4.33 8.51
C VAL D 587 23.68 4.10 9.99
N ALA D 588 24.59 4.52 10.85
CA ALA D 588 24.49 4.32 12.31
C ALA D 588 24.58 5.65 13.04
N PRO D 589 24.23 5.70 14.35
CA PRO D 589 24.47 6.91 15.13
C PRO D 589 25.96 7.35 15.16
N LYS D 590 26.23 8.63 15.44
CA LYS D 590 27.61 9.18 15.35
C LYS D 590 28.59 8.22 16.03
N GLU D 591 28.32 7.80 17.26
CA GLU D 591 29.38 7.16 18.06
C GLU D 591 29.65 5.76 17.49
N GLU D 592 28.62 5.01 17.12
CA GLU D 592 28.81 3.66 16.51
C GLU D 592 29.56 3.83 15.19
N HIS D 593 29.21 4.86 14.41
CA HIS D 593 29.84 5.14 13.09
C HIS D 593 31.35 5.33 13.25
N VAL D 594 31.78 6.04 14.28
CA VAL D 594 33.21 6.42 14.41
C VAL D 594 33.94 5.21 14.95
N ARG D 595 33.33 4.57 15.96
CA ARG D 595 33.85 3.40 16.69
C ARG D 595 34.06 2.22 15.73
N ARG D 596 33.11 1.94 14.83
CA ARG D 596 33.13 0.70 14.02
C ARG D 596 34.17 0.84 12.89
N GLY D 597 34.65 2.04 12.64
CA GLY D 597 35.84 2.25 11.80
C GLY D 597 37.05 1.48 12.31
N GLN D 598 37.05 1.14 13.60
CA GLN D 598 38.19 0.40 14.21
C GLN D 598 38.29 -1.00 13.59
N LEU D 599 37.20 -1.50 12.97
CA LEU D 599 37.12 -2.86 12.37
C LEU D 599 37.78 -2.89 11.01
N ALA D 600 37.93 -1.76 10.33
CA ALA D 600 38.51 -1.74 8.97
C ALA D 600 40.04 -1.91 9.06
N ASP D 601 40.66 -2.37 7.98
CA ASP D 601 42.13 -2.38 7.85
C ASP D 601 42.53 -1.07 7.20
N VAL D 602 41.86 -0.71 6.12
CA VAL D 602 42.22 0.52 5.36
C VAL D 602 40.94 1.18 4.86
N CYS D 603 40.99 2.50 4.68
CA CYS D 603 39.86 3.24 4.11
C CYS D 603 40.29 3.81 2.75
N LEU D 604 39.46 3.59 1.74
CA LEU D 604 39.70 4.06 0.37
C LEU D 604 38.89 5.34 0.15
N ASP D 605 39.55 6.48 0.18
CA ASP D 605 38.91 7.81 0.02
C ASP D 605 38.43 8.00 -1.42
N THR D 606 37.33 8.70 -1.57
CA THR D 606 36.71 9.05 -2.87
C THR D 606 37.46 10.24 -3.45
N PRO D 607 38.14 10.08 -4.59
CA PRO D 607 38.86 11.19 -5.23
C PRO D 607 37.94 12.29 -5.78
N LEU D 608 36.71 11.95 -6.17
CA LEU D 608 35.88 12.96 -6.87
C LEU D 608 35.61 14.10 -5.90
N CYS D 609 35.09 13.73 -4.72
CA CYS D 609 34.88 14.60 -3.55
C CYS D 609 35.29 13.79 -2.32
N ASN D 610 36.29 14.25 -1.57
CA ASN D 610 36.93 13.47 -0.49
C ASN D 610 35.92 13.34 0.65
N GLY D 611 36.18 12.40 1.55
CA GLY D 611 35.66 12.46 2.92
C GLY D 611 36.17 13.72 3.59
N HIS D 612 35.29 14.49 4.23
CA HIS D 612 35.70 15.69 5.01
C HIS D 612 35.56 15.35 6.49
N THR D 613 34.37 15.55 7.05
CA THR D 613 34.04 15.01 8.38
C THR D 613 34.41 13.52 8.37
N THR D 614 34.03 12.80 7.32
CA THR D 614 34.20 11.33 7.21
C THR D 614 35.68 10.98 7.33
N GLY D 615 36.55 11.81 6.75
CA GLY D 615 38.01 11.62 6.85
C GLY D 615 38.48 11.67 8.29
N MET D 616 38.06 12.70 9.02
CA MET D 616 38.46 12.88 10.44
C MET D 616 37.89 11.70 11.24
N ASP D 617 36.71 11.21 10.87
CA ASP D 617 36.07 10.06 11.59
C ASP D 617 36.93 8.77 11.45
N VAL D 618 37.46 8.44 10.27
CA VAL D 618 38.21 7.16 10.12
C VAL D 618 39.58 7.33 10.77
N LEU D 619 40.19 8.49 10.63
CA LEU D 619 41.54 8.72 11.21
C LEU D 619 41.46 8.62 12.74
N TRP D 620 40.34 9.00 13.35
CA TRP D 620 40.21 8.96 14.83
C TRP D 620 40.22 7.49 15.30
N ALA D 621 39.86 6.54 14.45
CA ALA D 621 39.81 5.11 14.83
C ALA D 621 41.17 4.46 14.56
N GLY D 622 42.11 5.23 14.01
CA GLY D 622 43.47 4.76 13.68
C GLY D 622 43.48 4.01 12.37
N THR D 623 42.56 4.34 11.48
CA THR D 623 42.36 3.59 10.23
C THR D 623 43.04 4.38 9.12
N PRO D 624 44.12 3.84 8.52
CA PRO D 624 44.83 4.56 7.47
C PRO D 624 43.87 4.77 6.30
N MET D 625 44.02 5.92 5.66
CA MET D 625 43.12 6.33 4.57
C MET D 625 43.98 6.68 3.37
N VAL D 626 43.68 6.08 2.23
CA VAL D 626 44.38 6.31 0.94
C VAL D 626 43.59 7.33 0.13
N THR D 627 44.22 8.41 -0.32
CA THR D 627 43.53 9.47 -1.08
C THR D 627 44.34 9.82 -2.32
N MET D 628 43.68 10.34 -3.34
CA MET D 628 44.31 10.89 -4.55
C MET D 628 43.79 12.30 -4.76
N PRO D 629 44.50 13.33 -4.25
CA PRO D 629 43.99 14.70 -4.30
C PRO D 629 43.81 15.16 -5.75
N GLY D 630 42.69 15.80 -6.05
CA GLY D 630 42.39 16.37 -7.38
C GLY D 630 42.75 17.85 -7.43
N GLU D 631 41.92 18.67 -8.06
CA GLU D 631 42.21 20.12 -8.24
C GLU D 631 41.22 20.95 -7.41
N THR D 632 39.97 20.51 -7.25
CA THR D 632 38.96 21.22 -6.41
C THR D 632 39.37 21.17 -4.94
N LEU D 633 39.00 22.19 -4.17
CA LEU D 633 39.12 22.15 -2.69
C LEU D 633 38.58 20.81 -2.19
N ALA D 634 37.37 20.45 -2.61
CA ALA D 634 36.64 19.29 -2.05
C ALA D 634 37.44 18.00 -2.30
N SER D 635 38.28 17.98 -3.32
CA SER D 635 39.05 16.77 -3.72
C SER D 635 40.41 16.74 -3.03
N ARG D 636 40.72 17.68 -2.13
CA ARG D 636 42.12 17.78 -1.63
C ARG D 636 42.16 17.74 -0.10
N VAL D 637 41.01 17.64 0.54
CA VAL D 637 40.90 17.82 2.01
C VAL D 637 41.56 16.60 2.67
N ALA D 638 41.35 15.41 2.14
CA ALA D 638 41.85 14.19 2.78
C ALA D 638 43.38 14.22 2.72
N ALA D 639 43.97 14.67 1.62
CA ALA D 639 45.46 14.80 1.52
C ALA D 639 45.94 15.80 2.59
N SER D 640 45.24 16.91 2.72
CA SER D 640 45.55 17.98 3.71
C SER D 640 45.49 17.37 5.11
N GLN D 641 44.45 16.58 5.39
CA GLN D 641 44.29 15.87 6.69
C GLN D 641 45.51 14.98 6.89
N LEU D 642 45.88 14.21 5.86
CA LEU D 642 46.95 13.21 5.96
C LEU D 642 48.32 13.89 6.07
N THR D 643 48.55 15.02 5.41
CA THR D 643 49.91 15.66 5.53
C THR D 643 50.02 16.21 6.95
N CYS D 644 48.93 16.72 7.54
CA CYS D 644 48.95 17.23 8.93
C CYS D 644 49.17 16.05 9.88
N LEU D 645 48.54 14.92 9.62
CA LEU D 645 48.71 13.68 10.43
C LEU D 645 50.18 13.24 10.36
N GLY D 646 50.81 13.38 9.20
CA GLY D 646 52.21 12.99 8.95
C GLY D 646 52.31 11.63 8.29
N CYS D 647 51.39 11.32 7.38
CA CYS D 647 51.38 10.03 6.64
C CYS D 647 51.40 10.32 5.15
N LEU D 648 52.54 10.80 4.63
CA LEU D 648 52.64 11.21 3.21
C LEU D 648 52.59 9.95 2.33
N GLU D 649 52.78 8.76 2.90
CA GLU D 649 52.82 7.49 2.13
C GLU D 649 51.39 7.05 1.75
N LEU D 650 50.36 7.76 2.19
CA LEU D 650 48.94 7.40 1.91
C LEU D 650 48.38 8.33 0.84
N ILE D 651 49.21 9.22 0.28
CA ILE D 651 48.75 10.21 -0.74
C ILE D 651 49.26 9.81 -2.12
N ALA D 652 48.35 9.60 -3.05
CA ALA D 652 48.68 9.08 -4.40
C ALA D 652 48.71 10.24 -5.41
N LYS D 653 49.75 10.27 -6.26
CA LYS D 653 49.89 11.26 -7.36
C LYS D 653 48.95 10.87 -8.52
N ASN D 654 48.52 9.60 -8.63
CA ASN D 654 47.59 9.15 -9.71
C ASN D 654 46.91 7.83 -9.35
N ARG D 655 46.04 7.31 -10.25
CA ARG D 655 45.19 6.13 -9.96
C ARG D 655 46.10 4.92 -9.76
N GLN D 656 47.15 4.80 -10.57
CA GLN D 656 48.08 3.65 -10.47
C GLN D 656 48.63 3.63 -9.03
N GLU D 657 49.07 4.80 -8.54
CA GLU D 657 49.79 4.90 -7.24
C GLU D 657 48.81 4.56 -6.11
N TYR D 658 47.56 5.01 -6.26
CA TYR D 658 46.46 4.75 -5.29
C TYR D 658 46.30 3.24 -5.16
N GLU D 659 46.07 2.58 -6.30
CA GLU D 659 45.82 1.12 -6.34
C GLU D 659 47.02 0.42 -5.69
N ASP D 660 48.23 0.91 -5.97
CA ASP D 660 49.47 0.20 -5.52
C ASP D 660 49.56 0.29 -3.99
N ILE D 661 49.30 1.48 -3.44
CA ILE D 661 49.39 1.73 -1.98
C ILE D 661 48.37 0.84 -1.29
N ALA D 662 47.13 0.86 -1.78
CA ALA D 662 46.02 0.07 -1.22
C ALA D 662 46.43 -1.40 -1.22
N VAL D 663 46.93 -1.87 -2.36
CA VAL D 663 47.23 -3.30 -2.56
C VAL D 663 48.40 -3.67 -1.64
N LYS D 664 49.39 -2.77 -1.52
CA LYS D 664 50.53 -3.05 -0.62
C LYS D 664 49.99 -3.26 0.80
N LEU D 665 49.08 -2.39 1.26
CA LEU D 665 48.55 -2.42 2.66
C LEU D 665 47.75 -3.71 2.86
N GLY D 666 47.12 -4.21 1.80
CA GLY D 666 46.31 -5.45 1.89
C GLY D 666 47.15 -6.72 1.80
N THR D 667 48.33 -6.67 1.19
CA THR D 667 49.14 -7.90 0.95
C THR D 667 50.27 -7.99 1.98
N ASP D 668 50.88 -6.86 2.35
CA ASP D 668 52.07 -6.85 3.27
C ASP D 668 51.61 -6.55 4.70
N LEU D 669 51.20 -7.59 5.45
CA LEU D 669 50.60 -7.41 6.80
C LEU D 669 51.60 -6.73 7.76
N GLU D 670 52.90 -6.79 7.49
CA GLU D 670 53.92 -6.13 8.35
C GLU D 670 53.85 -4.62 8.11
N TYR D 671 53.74 -4.21 6.84
CA TYR D 671 53.62 -2.78 6.44
C TYR D 671 52.30 -2.23 7.01
N LEU D 672 51.23 -3.00 6.90
CA LEU D 672 49.91 -2.56 7.43
C LEU D 672 50.06 -2.27 8.93
N LYS D 673 50.62 -3.19 9.69
CA LYS D 673 50.82 -3.03 11.14
C LYS D 673 51.59 -1.71 11.36
N LYS D 674 52.64 -1.45 10.58
CA LYS D 674 53.49 -0.24 10.78
C LYS D 674 52.62 0.99 10.56
N VAL D 675 51.88 1.05 9.44
CA VAL D 675 51.12 2.27 9.02
C VAL D 675 49.94 2.48 9.98
N ARG D 676 49.22 1.43 10.34
CA ARG D 676 48.11 1.53 11.32
C ARG D 676 48.65 2.11 12.62
N GLY D 677 49.80 1.63 13.09
CA GLY D 677 50.41 2.13 14.34
C GLY D 677 50.81 3.58 14.21
N LYS D 678 51.17 4.01 13.00
CA LYS D 678 51.60 5.41 12.74
C LYS D 678 50.38 6.32 12.95
N VAL D 679 49.27 5.95 12.30
CA VAL D 679 47.99 6.70 12.33
C VAL D 679 47.49 6.72 13.77
N TRP D 680 47.57 5.59 14.44
CA TRP D 680 47.05 5.42 15.83
C TRP D 680 47.82 6.35 16.78
N LYS D 681 49.12 6.49 16.57
CA LYS D 681 49.93 7.36 17.45
C LYS D 681 49.66 8.82 17.06
N GLN D 682 49.63 9.09 15.75
CA GLN D 682 49.77 10.49 15.29
C GLN D 682 48.43 11.23 15.38
N ARG D 683 47.32 10.51 15.50
CA ARG D 683 46.00 11.15 15.74
C ARG D 683 46.11 11.97 17.03
N ILE D 684 46.86 11.47 18.00
CA ILE D 684 47.12 12.21 19.27
C ILE D 684 48.29 13.17 19.08
N SER D 685 49.41 12.68 18.54
CA SER D 685 50.71 13.39 18.63
C SER D 685 50.75 14.54 17.62
N SER D 686 49.98 14.50 16.55
CA SER D 686 50.03 15.53 15.48
C SER D 686 49.08 16.65 15.83
N PRO D 687 49.05 17.75 15.05
CA PRO D 687 48.08 18.82 15.25
C PRO D 687 46.60 18.51 14.90
N LEU D 688 46.36 17.43 14.16
CA LEU D 688 45.09 17.23 13.39
C LEU D 688 43.85 17.35 14.29
N PHE D 689 43.88 16.72 15.46
CA PHE D 689 42.71 16.69 16.38
C PHE D 689 42.89 17.63 17.57
N ASN D 690 43.91 18.51 17.52
CA ASN D 690 44.23 19.45 18.63
C ASN D 690 43.49 20.77 18.42
N THR D 691 42.34 20.89 19.08
CA THR D 691 41.44 22.06 18.94
C THR D 691 42.13 23.29 19.52
N LYS D 692 42.89 23.16 20.61
CA LYS D 692 43.52 24.33 21.27
C LYS D 692 44.56 24.91 20.31
N GLN D 693 45.44 24.06 19.78
CA GLN D 693 46.45 24.51 18.79
C GLN D 693 45.73 25.12 17.59
N TYR D 694 44.74 24.41 17.03
CA TYR D 694 43.98 24.94 15.87
C TYR D 694 43.48 26.35 16.21
N THR D 695 42.85 26.54 17.36
CA THR D 695 42.21 27.83 17.71
C THR D 695 43.31 28.89 17.75
N MET D 696 44.44 28.56 18.35
CA MET D 696 45.55 29.53 18.52
C MET D 696 46.10 29.93 17.14
N GLU D 697 46.15 29.01 16.17
CA GLU D 697 46.63 29.28 14.80
C GLU D 697 45.62 30.16 14.07
N LEU D 698 44.34 29.87 14.26
CA LEU D 698 43.23 30.66 13.68
C LEU D 698 43.31 32.08 14.26
N GLU D 699 43.73 32.21 15.51
CA GLU D 699 43.87 33.52 16.18
C GLU D 699 45.02 34.29 15.53
N ARG D 700 46.17 33.64 15.32
CA ARG D 700 47.38 34.21 14.64
C ARG D 700 46.90 34.75 13.27
N LEU D 701 46.08 33.96 12.58
CA LEU D 701 45.59 34.31 11.22
C LEU D 701 44.61 35.47 11.33
N TYR D 702 43.72 35.47 12.32
CA TYR D 702 42.71 36.54 12.43
C TYR D 702 43.46 37.87 12.55
N LEU D 703 44.53 37.87 13.34
CA LEU D 703 45.25 39.13 13.67
C LEU D 703 46.00 39.62 12.44
N GLN D 704 46.58 38.73 11.61
CA GLN D 704 47.17 39.14 10.30
C GLN D 704 46.11 39.89 9.51
N MET D 705 44.94 39.27 9.33
CA MET D 705 43.83 39.81 8.53
C MET D 705 43.52 41.23 9.00
N TRP D 706 43.49 41.39 10.32
CA TRP D 706 43.09 42.66 10.96
C TRP D 706 44.20 43.72 10.80
N GLU D 707 45.45 43.39 11.16
CA GLU D 707 46.59 44.33 11.02
C GLU D 707 46.60 44.86 9.59
N HIS D 708 46.41 43.96 8.63
CA HIS D 708 46.40 44.31 7.19
C HIS D 708 45.32 45.36 6.93
N TYR D 709 44.14 45.18 7.50
CA TYR D 709 43.00 46.10 7.31
C TYR D 709 43.26 47.43 8.05
N ALA D 710 43.88 47.37 9.22
CA ALA D 710 44.06 48.54 10.10
C ALA D 710 45.08 49.49 9.46
N ALA D 711 46.06 48.90 8.78
CA ALA D 711 47.08 49.64 7.99
C ALA D 711 46.44 50.23 6.73
N GLY D 712 45.14 50.03 6.51
CA GLY D 712 44.37 50.67 5.41
C GLY D 712 44.55 49.95 4.08
N ASN D 713 44.79 48.64 4.09
CA ASN D 713 44.91 47.83 2.86
C ASN D 713 43.61 47.08 2.58
N LYS D 714 43.26 46.97 1.29
CA LYS D 714 42.25 46.02 0.80
C LYS D 714 42.84 44.62 1.01
N PRO D 715 41.98 43.58 1.14
CA PRO D 715 42.46 42.22 1.41
C PRO D 715 43.42 41.68 0.34
N ASP D 716 44.39 40.88 0.77
CA ASP D 716 45.37 40.21 -0.13
C ASP D 716 45.72 38.83 0.45
N HIS D 717 46.25 37.92 -0.36
CA HIS D 717 46.59 36.53 0.06
C HIS D 717 47.42 36.57 1.34
N MET D 718 47.10 35.70 2.30
CA MET D 718 47.83 35.60 3.60
C MET D 718 48.53 34.25 3.65
N ILE D 719 49.83 34.22 3.35
CA ILE D 719 50.68 32.99 3.26
C ILE D 719 51.83 33.06 4.30
N LYS D 720 51.75 32.32 5.40
CA LYS D 720 52.83 32.18 6.42
C LYS D 720 53.44 33.54 6.75
N PHE E 1 -12.86 -52.82 20.59
CA PHE E 1 -11.66 -52.14 20.02
C PHE E 1 -12.06 -51.26 18.83
N MET E 2 -12.93 -50.28 19.08
CA MET E 2 -13.58 -49.43 18.06
C MET E 2 -12.60 -48.34 17.60
N PRO E 3 -12.66 -47.94 16.30
CA PRO E 3 -11.88 -46.80 15.83
C PRO E 3 -12.63 -45.51 16.24
N LYS E 4 -11.91 -44.38 16.36
CA LYS E 4 -12.51 -43.06 16.68
C LYS E 4 -13.47 -42.66 15.54
N TYR E 5 -13.20 -43.04 14.28
CA TYR E 5 -14.08 -42.75 13.11
C TYR E 5 -14.01 -43.90 12.08
N SER E 6 -14.94 -43.87 11.11
CA SER E 6 -15.08 -44.91 10.06
C SER E 6 -14.37 -44.51 8.76
N ILE E 7 -13.49 -45.38 8.26
CA ILE E 7 -12.80 -45.25 6.94
C ILE E 7 -13.87 -45.39 5.85
N PHE F 1 -45.80 -1.24 -20.95
CA PHE F 1 -44.63 -2.13 -20.74
C PHE F 1 -44.63 -3.23 -21.82
N MET F 2 -44.04 -2.88 -22.97
CA MET F 2 -44.15 -3.63 -24.24
C MET F 2 -43.50 -5.01 -24.10
N PRO F 3 -44.06 -6.06 -24.77
CA PRO F 3 -43.41 -7.38 -24.80
C PRO F 3 -42.17 -7.31 -25.71
N LYS F 4 -41.54 -8.45 -25.98
CA LYS F 4 -40.39 -8.55 -26.91
C LYS F 4 -40.92 -9.03 -28.28
N TYR F 5 -42.19 -9.47 -28.37
CA TYR F 5 -42.84 -9.92 -29.63
C TYR F 5 -44.36 -10.12 -29.42
N SER F 6 -45.08 -10.42 -30.51
CA SER F 6 -46.57 -10.60 -30.63
C SER F 6 -47.03 -11.97 -30.10
N ILE F 7 -48.34 -12.18 -29.95
CA ILE F 7 -48.95 -13.55 -29.83
C ILE F 7 -50.23 -13.56 -30.68
N PHE G 1 19.48 -7.52 18.35
CA PHE G 1 20.73 -6.92 17.81
C PHE G 1 21.70 -8.05 17.44
N MET G 2 21.14 -9.09 16.81
CA MET G 2 21.82 -10.37 16.47
C MET G 2 22.90 -10.05 15.44
N PRO G 3 24.09 -10.66 15.54
CA PRO G 3 25.18 -10.34 14.61
C PRO G 3 24.86 -11.01 13.27
N LYS G 4 25.53 -10.60 12.19
CA LYS G 4 25.38 -11.21 10.85
C LYS G 4 25.89 -12.66 10.91
N TYR G 5 26.76 -13.05 11.86
CA TYR G 5 27.20 -14.46 12.11
C TYR G 5 27.78 -14.68 13.52
N SER G 6 27.99 -15.95 13.88
CA SER G 6 28.58 -16.41 15.16
C SER G 6 30.11 -16.38 15.12
N ILE G 7 30.73 -15.73 16.11
CA ILE G 7 32.19 -15.88 16.42
C ILE G 7 32.38 -17.24 17.08
N PHE H 1 11.04 49.93 -30.46
CA PHE H 1 10.10 49.98 -31.62
C PHE H 1 10.93 49.97 -32.93
N MET H 2 11.89 49.04 -32.91
CA MET H 2 12.92 48.83 -33.95
C MET H 2 12.22 48.32 -35.21
N PRO H 3 12.70 48.69 -36.42
CA PRO H 3 12.21 48.07 -37.64
C PRO H 3 12.82 46.65 -37.77
N LYS H 4 12.53 45.93 -38.84
CA LYS H 4 13.18 44.61 -39.13
C LYS H 4 14.41 44.83 -40.03
N TYR H 5 14.64 46.06 -40.50
CA TYR H 5 15.80 46.45 -41.34
C TYR H 5 15.82 47.98 -41.54
N SER H 6 16.66 48.49 -42.44
CA SER H 6 16.90 49.95 -42.63
C SER H 6 16.55 50.42 -44.05
N ILE H 7 15.90 51.57 -44.17
CA ILE H 7 15.54 52.21 -45.48
C ILE H 7 16.56 53.30 -45.75
#